data_5XTE
#
_entry.id   5XTE
#
_cell.length_a   1
_cell.length_b   1
_cell.length_c   1
_cell.angle_alpha   90
_cell.angle_beta   90
_cell.angle_gamma   90
#
_symmetry.space_group_name_H-M   'P 1'
#
loop_
_entity.id
_entity.type
_entity.pdbx_description
1 polymer 'Cytochrome b-c1 complex subunit 8'
2 polymer 'Cytochrome b-c1 complex subunit Rieske, mitochondrial'
3 polymer 'Cytochrome b-c1 complex subunit Rieske, mitochondrial'
4 polymer 'Cytochrome b-c1 complex subunit 9'
5 polymer 'Cytochrome b-c1 complex subunit 6, mitochondrial'
6 polymer 'Cytochrome b-c1 complex subunit 7'
7 polymer 'Cytochrome b-c1 complex subunit 10'
8 polymer 'Cytochrome c1, heme protein, mitochondrial'
9 polymer 'Cytochrome b'
10 polymer 'Cytochrome b-c1 complex subunit 2, mitochondrial'
11 polymer 'Cytochrome b-c1 complex subunit 1, mitochondrial'
12 non-polymer CARDIOLIPIN
13 non-polymer 'FE2/S2 (INORGANIC) CLUSTER'
14 non-polymer 1,2-dioleoyl-sn-glycero-3-phosphoethanolamine
15 non-polymer 'HEME C'
16 non-polymer 'PROTOPORPHYRIN IX CONTAINING FE'
17 non-polymer (9R,11S)-9-({[(1S)-1-HYDROXYHEXADECYL]OXY}METHYL)-2,2-DIMETHYL-5,7,10-TRIOXA-2LAMBDA~5~-AZA-6LAMBDA~5~-PHOSPHAOCTACOSANE-6,6,11-TRIOL
#
loop_
_entity_poly.entity_id
_entity_poly.type
_entity_poly.pdbx_seq_one_letter_code
_entity_poly.pdbx_strand_id
1 'polypeptide(L)'
;GREFGNLTRMRHVISYSLSPFEQRAYPHVFTKGIPNVLRRIRESFFRVVPQFVVFYLIYTWGTEEFERSKRKNPAAYEND
K
;
A,N
2 'polypeptide(L)' MLSVASRSGPFAPVLSATSRGVAGALRPLVQATVPATPEQPVLDLKRPFLSRESLSG B,O
3 'polypeptide(L)'
;SHTDIKVPDFSEYRRLEVLDSTKSSRESSEARKGFSYLVTGVTTVGVAYAAKNAVTQFVSSMSASADVLALAKIEIKLSD
IPEGKNMAFKWRGKPLFVRHRTQKEIEQEAAVELSQLRDPQHDLDRVKKPEWVILIGVCTHLGCVPIANAGDFGGYYCPC
HGSHYDASGRIRLGPAPLNLEVPTYEFTSDDMVIVG
;
C,P
4 'polypeptide(L)' AAATLTSKLYSLLFRRTSTFALTIIVGVMFFERAFDQGADAIYDHINEGKLWKHIKHKYENK D,Q
5 'polypeptide(L)' EEEEEEEEELVDPLTTVREQCEQLEKCVKARERLELCDERVSSRSHTEEDCTEELFDFLHARDHCVAHKLFNNLK E,R
6 'polypeptide(L)'
;AVSASGKWLDGIRKWYYNAAGFNKLGLMRDDTIYEDEDVKEAIRRLPENLYNDRMFRIKRALDLNLKHQILPKEQWTKYE
EENFYLEPYLKEVIRERKEREEWAKK
;
F,S
7 'polypeptide(L)' VTRFLGPRYRELVKNWVPTAYTWGAVGAVGLVWATDWRLILDWVPYINGKF G,T
8 'polypeptide(L)'
;SDLELHPPSYPWSHRGLLSSLDHTSIRRGFQVYKQVCASCHSMDFVAYRHLVGVCYTEDEAKELAAEVEVQDGPNEDGEM
FMRPGKLFDYFPKPYPNSEAARAANNGALPPDLSYIVRARHGGEDYVFSLLTGYCEPPTGVSLREGLYFNPYFPGQAIAM
APPIYTDVLEFDDGTPATMSQIAKDVCTFLRWASEPEHDHRKRMGLKMLMMMALLVPLVYTIKRHKWSVLKSRKLAYRPP
K
;
H,U
9 'polypeptide(L)'
;TPMRKTNPLMKLINHSFIDLPTPSNISAWWNFGSLLGACLILQITTGLFLAMHYSPDASTAFSSIAHITRDVNYGWIIRY
LHANGASMFFICLFLHIGRGLYYGSFLYSETWNIGIILLLATMATAFMGYVLPWGQMSFWGATVITNLLSAIPYIGTDLV
QWIWGGYSVDSPTLTRFFTFHFILPFIIAALATLHLLFLHETGSNNPLGITSHSDKITFHPYYTIKDALGLLLFLLSLMT
LTLFSPDLLGDPDNYTLANPLNTPPHIKPEWYFLFAYTILRSVPNKLGGVLALLLSILILAMIPILHMSKQQSMMFRPLS
QSLYWLLAADLLILTWIGGQPVSYPFTIIGQVASVLYFTTILILMPTISLIENKMLKW
;
J,V
10 'polypeptide(L)'
;PQDLEFTKLPNGLVIASLENYSPVSRIGLFIKAGSRYEDFSNLGTTHLLRLTSSLTTKGASSFKITRGIEAVGGKLSVTA
TRENMAYTVECLRGDVDILMEFLLNVTTAPEFRRWEVADLQPQLKIDKAVAFQNPQTHVIENLHAAAYRNALANPLYCPD
YRIGKVTSEELHYFVQNHFTSARMALIGLGVSHPVLKQVAEQFLNMRGGLGLSGAKANYRGGEIREQNGDSLVHAAFVAE
SAVAGSAEANAFSVLQHVLGAGPHVKRGSNTTSHLHQAVAKATQQPFDVSAFNASYSDSGLFGIYTISQATAAGDVIKAA
YNQVKTIAQGNLSNTDVQAAKNKLKAGYLMSVESSECFLEEVGSQALVAGSYMPPSTVLQQIDSVANADIINAAKKFVSG
QKSMAASGNLGHTPFVDEL
;
K,W
11 'polypeptide(L)'
;TATFAQALQFVPETQVSLLDNGLRVASEQSSQPTCTVGVWIDVGSRFETEKNNGAGYFLEHLAFKGTKNRPGSALEKEVE
SMGAHLNAYSTREHTAYYIKALSKDLPKAVELLGDIVQNCSLEDSQIEKERDVILREMQENDASMRDVVFNYLHATAFQG
TPLAQAVEGPSENVRKLSRADLTEYLSTHYKAPRMVLAAAGGVEHQQLLDLAQKHLGGIPWTYAEDAVPTLTPCRFTGSE
IRHRDDALPFAHVAIAVEGPGWASPDNVALQVANAIIGHYDCTYGGGVHLSSPLASGAVANKLCQSFQTFSICYAETGLL
GAHFVCDRMKIDDMMFVLQGQWMRLCTSATESEVARGKNILRNALVSHLDGTTPVCEDIGRSLLTYGRRIPLAEWESRIA
EVDASVVREICSKYIYDQCPAVAGYGPIEQLPDYNRIRSGMFWLRF
;
L,Y
#
# COMPACT_ATOMS: atom_id res chain seq x y z
N GLY A 1 -4.78 -5.65 -4.71
CA GLY A 1 -5.49 -5.23 -5.90
C GLY A 1 -5.58 -6.32 -6.95
N ARG A 2 -4.53 -6.45 -7.75
CA ARG A 2 -4.48 -7.44 -8.81
C ARG A 2 -3.73 -8.70 -8.37
N GLU A 3 -4.09 -9.18 -7.18
CA GLU A 3 -3.52 -10.40 -6.61
C GLU A 3 -4.08 -11.62 -7.36
N PHE A 4 -3.42 -12.76 -7.23
CA PHE A 4 -3.81 -13.98 -7.93
C PHE A 4 -5.25 -14.41 -7.66
N GLY A 5 -5.77 -14.05 -6.50
CA GLY A 5 -7.13 -14.45 -6.14
C GLY A 5 -8.17 -13.77 -7.01
N ASN A 6 -7.83 -12.62 -7.58
CA ASN A 6 -8.75 -11.87 -8.42
C ASN A 6 -8.11 -11.31 -9.69
N LEU A 7 -8.12 -12.10 -10.76
CA LEU A 7 -7.74 -11.62 -12.08
C LEU A 7 -8.76 -12.06 -13.13
N THR A 8 -8.29 -12.39 -14.32
CA THR A 8 -9.18 -12.77 -15.41
C THR A 8 -9.93 -14.05 -15.10
N ARG A 9 -11.20 -14.08 -15.47
CA ARG A 9 -11.98 -15.31 -15.41
C ARG A 9 -11.57 -16.24 -16.56
N MET A 10 -11.59 -17.53 -16.29
CA MET A 10 -11.34 -18.52 -17.34
C MET A 10 -12.01 -19.82 -16.92
N ARG A 11 -12.39 -20.64 -17.90
CA ARG A 11 -13.29 -21.75 -17.61
C ARG A 11 -12.90 -23.07 -18.26
N HIS A 12 -12.81 -24.11 -17.42
CA HIS A 12 -12.25 -25.43 -17.75
C HIS A 12 -11.15 -25.43 -18.81
N VAL A 13 -9.94 -25.12 -18.37
CA VAL A 13 -8.75 -25.30 -19.17
C VAL A 13 -7.76 -26.09 -18.34
N ILE A 14 -7.86 -27.41 -18.41
CA ILE A 14 -7.05 -28.31 -17.58
C ILE A 14 -5.57 -28.32 -18.00
N SER A 15 -4.68 -28.53 -17.04
CA SER A 15 -3.24 -28.55 -17.30
C SER A 15 -2.52 -29.59 -16.44
N TYR A 16 -1.32 -29.97 -16.87
CA TYR A 16 -0.59 -31.10 -16.29
C TYR A 16 0.86 -30.72 -16.06
N SER A 17 1.46 -31.17 -14.96
CA SER A 17 2.85 -30.78 -14.65
C SER A 17 3.58 -31.73 -13.72
N LEU A 18 4.73 -32.24 -14.17
CA LEU A 18 5.60 -33.10 -13.34
C LEU A 18 6.43 -32.37 -12.31
N SER A 19 6.81 -33.11 -11.26
CA SER A 19 7.76 -32.61 -10.27
C SER A 19 9.14 -32.45 -10.91
N PRO A 20 9.91 -31.45 -10.46
CA PRO A 20 11.23 -31.21 -11.04
C PRO A 20 12.16 -32.40 -10.91
N PHE A 21 12.01 -33.16 -9.84
CA PHE A 21 12.89 -34.29 -9.56
C PHE A 21 12.50 -35.52 -10.37
N GLU A 22 11.30 -35.49 -10.94
CA GLU A 22 10.79 -36.62 -11.70
C GLU A 22 11.28 -36.62 -13.14
N GLN A 23 11.97 -35.55 -13.53
CA GLN A 23 12.37 -35.40 -14.93
C GLN A 23 13.72 -34.72 -15.09
N ARG A 24 14.42 -35.10 -16.17
CA ARG A 24 15.75 -34.60 -16.51
C ARG A 24 15.77 -33.12 -16.81
N ALA A 25 16.82 -32.42 -16.39
CA ALA A 25 16.94 -30.99 -16.63
C ALA A 25 17.34 -30.70 -18.06
N TYR A 26 17.78 -31.72 -18.79
CA TYR A 26 18.15 -31.56 -20.18
C TYR A 26 17.51 -32.62 -21.06
N PRO A 27 16.19 -32.53 -21.26
CA PRO A 27 15.50 -33.48 -22.14
C PRO A 27 15.97 -33.33 -23.58
N HIS A 28 16.04 -34.44 -24.31
CA HIS A 28 16.34 -34.48 -25.74
C HIS A 28 17.01 -33.23 -26.31
N VAL A 29 18.24 -32.98 -25.87
CA VAL A 29 18.98 -31.77 -26.22
C VAL A 29 19.40 -31.71 -27.68
N PHE A 30 19.88 -32.83 -28.22
CA PHE A 30 20.38 -32.83 -29.59
C PHE A 30 19.30 -33.02 -30.62
N THR A 31 18.37 -33.93 -30.36
CA THR A 31 17.32 -34.24 -31.31
C THR A 31 16.35 -33.08 -31.53
N LYS A 32 16.20 -32.22 -30.52
CA LYS A 32 15.22 -31.14 -30.60
C LYS A 32 15.76 -29.76 -30.22
N GLY A 33 16.74 -29.70 -29.33
CA GLY A 33 17.23 -28.42 -28.84
C GLY A 33 17.92 -27.60 -29.91
N ILE A 34 19.04 -28.11 -30.41
CA ILE A 34 19.83 -27.41 -31.42
C ILE A 34 19.04 -27.05 -32.69
N PRO A 35 18.28 -27.99 -33.27
CA PRO A 35 17.51 -27.59 -34.45
C PRO A 35 16.53 -26.45 -34.17
N ASN A 36 15.99 -26.39 -32.96
CA ASN A 36 15.11 -25.28 -32.60
C ASN A 36 15.85 -23.94 -32.64
N VAL A 37 17.05 -23.91 -32.06
CA VAL A 37 17.83 -22.69 -32.06
C VAL A 37 18.18 -22.31 -33.50
N LEU A 38 18.40 -23.33 -34.33
CA LEU A 38 18.73 -23.07 -35.73
C LEU A 38 17.55 -22.51 -36.52
N ARG A 39 16.36 -23.03 -36.27
CA ARG A 39 15.17 -22.52 -36.91
C ARG A 39 14.94 -21.07 -36.49
N ARG A 40 15.24 -20.78 -35.24
CA ARG A 40 15.04 -19.44 -34.68
C ARG A 40 16.01 -18.46 -35.33
N ILE A 41 17.25 -18.90 -35.49
CA ILE A 41 18.27 -18.10 -36.15
C ILE A 41 17.91 -17.86 -37.61
N ARG A 42 17.36 -18.90 -38.25
CA ARG A 42 16.98 -18.79 -39.65
C ARG A 42 15.81 -17.84 -39.83
N GLU A 43 14.97 -17.73 -38.80
CA GLU A 43 13.87 -16.79 -38.84
C GLU A 43 14.36 -15.35 -38.65
N SER A 44 15.21 -15.13 -37.65
CA SER A 44 15.69 -13.77 -37.38
C SER A 44 16.69 -13.23 -38.40
N PHE A 45 17.35 -14.14 -39.13
CA PHE A 45 18.57 -13.80 -39.87
C PHE A 45 18.39 -12.71 -40.91
N PHE A 46 17.49 -12.94 -41.87
CA PHE A 46 17.27 -12.00 -42.95
C PHE A 46 16.62 -10.71 -42.49
N ARG A 47 15.84 -10.79 -41.42
CA ARG A 47 15.27 -9.59 -40.82
C ARG A 47 16.36 -8.69 -40.25
N VAL A 48 17.35 -9.30 -39.60
CA VAL A 48 18.32 -8.54 -38.81
C VAL A 48 19.59 -8.14 -39.54
N VAL A 49 20.27 -9.11 -40.13
CA VAL A 49 21.62 -8.92 -40.67
C VAL A 49 21.86 -7.81 -41.73
N PRO A 50 21.00 -7.73 -42.77
CA PRO A 50 21.35 -6.88 -43.91
C PRO A 50 21.64 -5.41 -43.59
N GLN A 51 20.93 -4.83 -42.62
CA GLN A 51 21.20 -3.44 -42.26
C GLN A 51 22.59 -3.29 -41.70
N PHE A 52 22.98 -4.27 -40.88
CA PHE A 52 24.31 -4.34 -40.33
C PHE A 52 25.33 -4.54 -41.43
N VAL A 53 24.99 -5.36 -42.41
CA VAL A 53 25.86 -5.54 -43.56
C VAL A 53 25.96 -4.21 -44.28
N VAL A 54 24.85 -3.49 -44.36
CA VAL A 54 24.87 -2.18 -44.99
C VAL A 54 25.77 -1.29 -44.17
N PHE A 55 25.71 -1.40 -42.85
CA PHE A 55 26.52 -0.53 -42.02
C PHE A 55 27.98 -0.79 -42.32
N TYR A 56 28.35 -2.05 -42.48
CA TYR A 56 29.75 -2.38 -42.69
C TYR A 56 30.29 -1.76 -43.96
N LEU A 57 29.49 -1.79 -45.02
CA LEU A 57 29.98 -1.26 -46.28
C LEU A 57 30.28 0.21 -46.11
N ILE A 58 29.40 0.91 -45.41
CA ILE A 58 29.62 2.31 -45.12
C ILE A 58 30.84 2.51 -44.23
N TYR A 59 31.00 1.64 -43.25
CA TYR A 59 32.15 1.76 -42.37
C TYR A 59 33.44 1.58 -43.16
N THR A 60 33.47 0.57 -44.02
CA THR A 60 34.65 0.34 -44.82
C THR A 60 34.89 1.51 -45.76
N TRP A 61 33.82 2.00 -46.38
CA TRP A 61 33.99 3.07 -47.33
C TRP A 61 34.53 4.31 -46.63
N GLY A 62 33.98 4.61 -45.47
CA GLY A 62 34.33 5.87 -44.85
C GLY A 62 35.78 5.93 -44.51
N THR A 63 36.31 4.85 -43.94
CA THR A 63 37.71 4.79 -43.62
C THR A 63 38.56 4.85 -44.88
N GLU A 64 38.15 4.08 -45.89
CA GLU A 64 38.90 4.04 -47.12
C GLU A 64 38.90 5.37 -47.83
N GLU A 65 37.75 6.01 -47.91
CA GLU A 65 37.65 7.30 -48.56
C GLU A 65 38.48 8.31 -47.79
N PHE A 66 38.40 8.24 -46.47
CA PHE A 66 39.21 9.15 -45.66
C PHE A 66 40.69 8.92 -45.93
N GLU A 67 41.05 7.67 -46.21
CA GLU A 67 42.41 7.36 -46.61
C GLU A 67 42.77 8.05 -47.91
N ARG A 68 41.82 8.08 -48.85
CA ARG A 68 42.03 8.81 -50.09
C ARG A 68 42.07 10.31 -49.84
N SER A 69 41.32 10.74 -48.84
CA SER A 69 41.21 12.15 -48.47
C SER A 69 42.50 12.69 -47.88
N LYS A 70 43.27 11.81 -47.24
CA LYS A 70 44.46 12.24 -46.54
C LYS A 70 45.74 11.59 -47.04
N ARG A 71 45.77 10.26 -47.05
CA ARG A 71 46.96 9.51 -47.42
C ARG A 71 47.35 9.78 -48.87
N LYS A 72 46.38 10.17 -49.68
CA LYS A 72 46.70 10.62 -51.04
C LYS A 72 47.13 12.09 -51.04
N ASN A 73 48.02 12.40 -50.10
CA ASN A 73 48.81 13.62 -50.14
C ASN A 73 49.60 13.75 -51.45
N PRO A 74 50.24 12.66 -51.92
CA PRO A 74 51.01 12.80 -53.16
C PRO A 74 50.19 13.26 -54.35
N ALA A 75 48.89 12.98 -54.40
CA ALA A 75 48.06 13.44 -55.51
C ALA A 75 48.06 14.97 -55.63
N ALA A 76 48.15 15.68 -54.51
CA ALA A 76 48.13 17.13 -54.51
C ALA A 76 49.43 17.75 -55.02
N TYR A 77 50.57 17.25 -54.54
CA TYR A 77 51.86 17.68 -55.06
C TYR A 77 51.94 17.28 -56.54
N GLU A 78 51.43 16.09 -56.86
CA GLU A 78 51.40 15.66 -58.24
C GLU A 78 50.61 16.66 -59.08
N ASN A 79 49.59 17.23 -58.46
CA ASN A 79 48.83 18.31 -59.08
C ASN A 79 49.70 19.55 -59.19
N ASP A 80 50.65 19.70 -58.26
CA ASP A 80 51.55 20.84 -58.26
C ASP A 80 52.45 20.82 -59.49
N LYS A 81 52.74 19.64 -60.01
CA LYS A 81 53.46 19.51 -61.26
C LYS A 81 52.58 18.88 -62.34
N MET B 1 -40.96 -48.68 20.15
CA MET B 1 -41.44 -48.81 18.78
C MET B 1 -41.80 -47.44 18.19
N LEU B 2 -42.09 -46.50 19.08
CA LEU B 2 -42.68 -45.23 18.68
C LEU B 2 -41.66 -44.23 18.15
N SER B 3 -40.38 -44.57 18.25
CA SER B 3 -39.33 -43.73 17.70
C SER B 3 -39.47 -43.64 16.18
N VAL B 4 -39.22 -42.45 15.63
CA VAL B 4 -39.41 -42.21 14.21
C VAL B 4 -38.28 -42.80 13.36
N ALA B 5 -37.19 -43.18 14.02
CA ALA B 5 -36.02 -43.72 13.32
C ALA B 5 -36.32 -45.04 12.62
N SER B 6 -37.26 -45.80 13.17
CA SER B 6 -37.64 -47.08 12.61
C SER B 6 -38.58 -46.93 11.42
N ARG B 7 -39.12 -45.73 11.25
CA ARG B 7 -40.10 -45.44 10.23
C ARG B 7 -39.53 -44.53 9.14
N SER B 8 -40.06 -44.64 7.93
CA SER B 8 -39.79 -43.61 6.93
C SER B 8 -40.41 -42.31 7.40
N GLY B 9 -39.68 -41.20 7.30
CA GLY B 9 -40.17 -39.94 7.83
C GLY B 9 -39.13 -38.86 7.99
N PRO B 10 -39.45 -37.82 8.78
CA PRO B 10 -38.60 -36.64 8.98
C PRO B 10 -37.26 -36.98 9.65
N PHE B 11 -36.21 -36.26 9.25
CA PHE B 11 -34.89 -36.46 9.85
C PHE B 11 -34.83 -35.92 11.27
N ALA B 12 -33.96 -36.52 12.07
CA ALA B 12 -33.63 -35.98 13.37
C ALA B 12 -32.15 -35.62 13.36
N PRO B 13 -31.84 -34.33 13.24
CA PRO B 13 -30.46 -33.87 13.08
C PRO B 13 -29.57 -34.24 14.26
N VAL B 14 -28.32 -34.59 13.98
CA VAL B 14 -27.40 -35.05 15.02
C VAL B 14 -26.12 -34.22 14.93
N LEU B 15 -26.20 -32.98 15.39
CA LEU B 15 -25.05 -32.10 15.44
C LEU B 15 -24.06 -32.65 16.47
N SER B 16 -22.76 -32.54 16.18
CA SER B 16 -21.74 -33.07 17.08
C SER B 16 -20.41 -32.35 16.93
N ALA B 17 -19.53 -32.54 17.90
CA ALA B 17 -18.21 -31.93 17.88
C ALA B 17 -17.33 -32.45 16.74
N THR B 18 -17.57 -33.69 16.31
CA THR B 18 -16.74 -34.31 15.28
C THR B 18 -17.53 -35.00 14.18
N SER B 19 -18.23 -36.08 14.53
CA SER B 19 -18.95 -36.89 13.54
C SER B 19 -20.11 -36.16 12.88
N ARG B 20 -20.27 -36.39 11.58
CA ARG B 20 -21.44 -35.87 10.86
C ARG B 20 -22.67 -36.69 11.20
N GLY B 21 -23.83 -36.03 11.21
CA GLY B 21 -25.06 -36.66 11.67
C GLY B 21 -25.94 -37.26 10.61
N VAL B 22 -25.38 -38.14 9.78
CA VAL B 22 -26.19 -38.89 8.83
C VAL B 22 -27.19 -39.76 9.59
N ALA B 23 -28.45 -39.73 9.16
CA ALA B 23 -29.53 -40.43 9.85
C ALA B 23 -30.85 -40.31 9.09
N GLY B 24 -31.94 -40.63 9.77
CA GLY B 24 -33.27 -40.43 9.22
C GLY B 24 -33.71 -41.47 8.20
N ALA B 25 -34.76 -41.14 7.46
CA ALA B 25 -35.34 -42.07 6.50
C ALA B 25 -36.08 -41.35 5.36
N LEU B 26 -36.47 -42.13 4.36
CA LEU B 26 -37.01 -41.60 3.11
C LEU B 26 -38.31 -40.80 3.28
N ARG B 27 -38.48 -39.64 2.63
CA ARG B 27 -37.48 -38.80 1.93
C ARG B 27 -36.53 -39.51 0.95
N PRO B 28 -37.03 -39.87 -0.23
CA PRO B 28 -36.33 -40.79 -1.13
C PRO B 28 -34.97 -40.32 -1.60
N LEU B 29 -34.06 -41.29 -1.65
CA LEU B 29 -32.69 -41.12 -2.13
C LEU B 29 -32.23 -42.47 -2.65
N VAL B 30 -31.09 -42.49 -3.34
CA VAL B 30 -30.53 -43.72 -3.92
C VAL B 30 -31.48 -44.34 -4.94
N GLN B 31 -32.71 -44.62 -4.52
CA GLN B 31 -33.73 -45.09 -5.46
C GLN B 31 -34.02 -44.01 -6.50
N ALA B 32 -33.89 -42.74 -6.11
CA ALA B 32 -34.01 -41.64 -7.05
C ALA B 32 -32.88 -41.64 -8.06
N THR B 33 -31.71 -42.09 -7.62
CA THR B 33 -30.53 -42.10 -8.50
C THR B 33 -30.62 -43.15 -9.60
N VAL B 34 -31.37 -44.22 -9.35
CA VAL B 34 -31.51 -45.29 -10.34
C VAL B 34 -32.10 -44.78 -11.65
N PRO B 35 -33.20 -43.99 -11.60
CA PRO B 35 -33.56 -43.26 -12.82
C PRO B 35 -32.49 -42.26 -13.22
N ALA B 36 -32.33 -42.04 -14.52
CA ALA B 36 -31.27 -41.19 -15.04
C ALA B 36 -31.41 -39.73 -14.59
N THR B 37 -30.27 -39.13 -14.28
CA THR B 37 -30.11 -37.69 -14.03
C THR B 37 -30.98 -37.14 -12.88
N PRO B 38 -30.55 -37.36 -11.62
CA PRO B 38 -30.93 -36.51 -10.49
C PRO B 38 -29.73 -35.66 -10.06
N GLU B 39 -29.51 -34.54 -10.77
CA GLU B 39 -28.23 -33.84 -10.71
C GLU B 39 -27.84 -33.33 -9.32
N GLN B 40 -28.84 -32.90 -8.55
CA GLN B 40 -28.66 -32.43 -7.16
C GLN B 40 -27.77 -31.17 -7.03
N PRO B 41 -28.19 -30.25 -6.16
CA PRO B 41 -27.46 -29.00 -5.88
C PRO B 41 -26.08 -29.27 -5.29
N VAL B 42 -25.11 -28.42 -5.63
CA VAL B 42 -23.73 -28.62 -5.23
C VAL B 42 -23.07 -27.29 -4.82
N LEU B 43 -22.23 -27.35 -3.78
CA LEU B 43 -21.48 -26.20 -3.29
C LEU B 43 -22.29 -24.97 -2.90
N ASP B 44 -23.15 -25.14 -1.90
CA ASP B 44 -23.69 -24.02 -1.15
C ASP B 44 -23.01 -24.03 0.21
N LEU B 45 -21.69 -23.82 0.21
CA LEU B 45 -20.81 -24.08 1.37
C LEU B 45 -21.11 -25.47 1.92
N LYS B 46 -21.37 -26.40 1.01
CA LYS B 46 -21.84 -27.75 1.31
C LYS B 46 -20.85 -28.59 2.12
N ARG B 47 -21.38 -29.34 3.09
CA ARG B 47 -20.57 -30.32 3.81
C ARG B 47 -20.34 -31.55 2.94
N PRO B 48 -19.18 -32.19 3.08
CA PRO B 48 -18.92 -33.41 2.30
C PRO B 48 -19.89 -34.54 2.63
N PHE B 49 -20.24 -35.33 1.62
CA PHE B 49 -21.20 -36.42 1.77
C PHE B 49 -20.56 -37.69 2.33
N LEU B 50 -21.41 -38.66 2.65
CA LEU B 50 -21.01 -40.01 3.06
C LEU B 50 -20.32 -40.05 4.42
N SER B 51 -19.34 -39.17 4.62
CA SER B 51 -18.56 -39.07 5.87
C SER B 51 -17.71 -40.32 6.12
N ARG B 52 -16.55 -40.12 6.74
CA ARG B 52 -15.58 -41.20 6.88
C ARG B 52 -15.98 -42.20 7.96
N GLU B 53 -17.11 -42.86 7.75
CA GLU B 53 -17.57 -43.90 8.66
C GLU B 53 -16.83 -45.22 8.43
N SER B 54 -16.10 -45.30 7.32
CA SER B 54 -15.37 -46.51 6.96
C SER B 54 -13.87 -46.34 7.09
N LEU B 55 -13.43 -45.86 8.25
CA LEU B 55 -12.01 -45.65 8.52
C LEU B 55 -11.22 -46.94 8.48
N SER B 56 -10.03 -46.87 7.88
CA SER B 56 -9.16 -48.03 7.77
C SER B 56 -7.73 -47.59 7.45
N GLY B 57 -6.76 -48.45 7.74
CA GLY B 57 -5.36 -48.16 7.45
C GLY B 57 -5.06 -48.15 5.97
N SER C 1 -16.85 -36.91 -20.12
CA SER C 1 -16.35 -35.59 -19.77
C SER C 1 -15.37 -35.69 -18.61
N HIS C 2 -15.88 -36.04 -17.45
CA HIS C 2 -15.08 -36.27 -16.25
C HIS C 2 -14.04 -37.36 -16.40
N THR C 3 -14.52 -38.61 -16.49
CA THR C 3 -13.68 -39.78 -16.22
C THR C 3 -12.53 -39.88 -17.22
N ASP C 4 -12.66 -39.19 -18.36
CA ASP C 4 -11.52 -39.04 -19.26
C ASP C 4 -10.47 -38.17 -18.57
N ILE C 5 -9.92 -38.71 -17.48
CA ILE C 5 -8.93 -38.03 -16.65
C ILE C 5 -7.53 -38.41 -17.09
N LYS C 6 -7.44 -38.97 -18.29
CA LYS C 6 -6.20 -39.52 -18.80
C LYS C 6 -5.09 -38.47 -18.88
N VAL C 7 -3.90 -38.86 -18.43
CA VAL C 7 -2.73 -37.99 -18.45
C VAL C 7 -1.82 -38.33 -19.62
N PRO C 8 -1.55 -37.35 -20.48
CA PRO C 8 -0.68 -37.55 -21.64
C PRO C 8 0.74 -37.91 -21.22
N ASP C 9 1.40 -38.74 -22.02
CA ASP C 9 2.68 -39.33 -21.62
C ASP C 9 3.77 -38.28 -21.38
N PHE C 10 4.51 -38.46 -20.29
CA PHE C 10 5.66 -37.63 -19.96
C PHE C 10 6.97 -38.39 -20.02
N SER C 11 6.95 -39.58 -20.63
CA SER C 11 8.12 -40.45 -20.65
C SER C 11 9.31 -39.79 -21.35
N GLU C 12 9.01 -38.85 -22.24
CA GLU C 12 10.03 -38.14 -22.98
C GLU C 12 10.94 -37.33 -22.07
N TYR C 13 10.39 -36.88 -20.95
CA TYR C 13 11.12 -36.00 -20.04
C TYR C 13 11.68 -36.73 -18.82
N ARG C 14 11.04 -37.85 -18.46
CA ARG C 14 11.34 -38.51 -17.19
C ARG C 14 12.76 -39.07 -17.13
N ARG C 15 13.33 -39.04 -15.93
CA ARG C 15 14.65 -39.58 -15.68
C ARG C 15 14.66 -41.08 -15.90
N LEU C 16 15.81 -41.64 -16.27
CA LEU C 16 15.92 -43.05 -16.59
C LEU C 16 15.55 -43.97 -15.43
N GLU C 17 15.83 -43.52 -14.21
CA GLU C 17 15.56 -44.34 -13.04
C GLU C 17 14.06 -44.56 -12.83
N VAL C 18 13.26 -43.60 -13.27
CA VAL C 18 11.82 -43.69 -13.15
C VAL C 18 11.16 -43.88 -14.51
N LEU C 19 11.96 -44.18 -15.52
CA LEU C 19 11.48 -44.28 -16.89
C LEU C 19 10.46 -45.40 -17.05
N ASP C 20 10.60 -46.46 -16.26
CA ASP C 20 9.68 -47.59 -16.34
C ASP C 20 8.63 -47.56 -15.22
N SER C 21 7.38 -47.77 -15.62
CA SER C 21 6.25 -47.71 -14.68
C SER C 21 6.25 -48.86 -13.68
N THR C 22 6.87 -49.97 -14.04
CA THR C 22 6.84 -51.16 -13.20
C THR C 22 7.54 -50.96 -11.86
N LYS C 23 8.66 -50.24 -11.86
CA LYS C 23 9.43 -50.05 -10.64
C LYS C 23 8.80 -49.05 -9.66
N SER C 24 8.99 -49.29 -8.37
CA SER C 24 8.64 -48.30 -7.35
C SER C 24 9.61 -47.13 -7.39
N SER C 25 9.09 -45.92 -7.20
CA SER C 25 9.92 -44.72 -7.27
C SER C 25 10.92 -44.57 -6.13
N ARG C 26 10.60 -45.12 -4.96
CA ARG C 26 11.31 -44.77 -3.73
C ARG C 26 12.79 -45.10 -3.78
N GLU C 27 13.12 -46.24 -4.39
CA GLU C 27 14.49 -46.69 -4.44
C GLU C 27 15.33 -45.71 -5.24
N SER C 28 14.71 -45.09 -6.23
CA SER C 28 15.39 -44.10 -7.04
C SER C 28 15.34 -42.71 -6.42
N SER C 29 14.39 -42.51 -5.51
CA SER C 29 14.08 -41.15 -5.05
C SER C 29 15.28 -40.47 -4.44
N GLU C 30 15.88 -41.13 -3.45
CA GLU C 30 17.02 -40.55 -2.74
C GLU C 30 18.18 -40.37 -3.70
N ALA C 31 18.22 -41.16 -4.76
CA ALA C 31 19.25 -40.97 -5.76
C ALA C 31 18.98 -39.70 -6.55
N ARG C 32 17.75 -39.55 -7.05
CA ARG C 32 17.43 -38.43 -7.92
C ARG C 32 17.57 -37.13 -7.16
N LYS C 33 16.93 -37.07 -5.99
CA LYS C 33 17.02 -35.92 -5.12
C LYS C 33 18.45 -35.74 -4.64
N GLY C 34 19.20 -36.84 -4.62
CA GLY C 34 20.56 -36.80 -4.12
C GLY C 34 21.49 -36.25 -5.17
N PHE C 35 21.01 -36.10 -6.40
CA PHE C 35 21.86 -35.55 -7.44
C PHE C 35 21.73 -34.03 -7.48
N SER C 36 20.51 -33.56 -7.69
CA SER C 36 20.28 -32.13 -7.91
C SER C 36 20.69 -31.30 -6.70
N TYR C 37 20.41 -31.78 -5.49
CA TYR C 37 20.82 -31.03 -4.31
C TYR C 37 22.32 -30.88 -4.29
N LEU C 38 23.01 -31.93 -4.72
CA LEU C 38 24.46 -31.90 -4.70
C LEU C 38 24.92 -30.78 -5.59
N VAL C 39 24.24 -30.63 -6.73
CA VAL C 39 24.60 -29.60 -7.67
C VAL C 39 24.44 -28.25 -6.99
N THR C 40 23.31 -28.08 -6.31
CA THR C 40 23.03 -26.80 -5.68
C THR C 40 24.09 -26.56 -4.64
N GLY C 41 24.49 -27.63 -3.97
CA GLY C 41 25.42 -27.50 -2.87
C GLY C 41 26.73 -27.01 -3.43
N VAL C 42 27.11 -27.54 -4.59
CA VAL C 42 28.37 -27.16 -5.18
C VAL C 42 28.32 -25.69 -5.54
N THR C 43 27.17 -25.25 -6.04
CA THR C 43 27.04 -23.85 -6.42
C THR C 43 27.14 -23.02 -5.15
N THR C 44 26.55 -23.53 -4.08
CA THR C 44 26.51 -22.80 -2.83
C THR C 44 27.93 -22.70 -2.31
N VAL C 45 28.78 -23.66 -2.68
CA VAL C 45 30.18 -23.57 -2.31
C VAL C 45 30.86 -22.48 -3.11
N GLY C 46 30.63 -22.48 -4.42
CA GLY C 46 31.41 -21.66 -5.32
C GLY C 46 31.27 -20.19 -4.99
N VAL C 47 30.03 -19.73 -4.92
CA VAL C 47 29.77 -18.34 -4.59
C VAL C 47 30.32 -18.02 -3.21
N ALA C 48 30.21 -18.98 -2.30
CA ALA C 48 30.63 -18.74 -0.92
C ALA C 48 32.12 -18.47 -0.92
N TYR C 49 32.81 -19.07 -1.86
CA TYR C 49 34.22 -18.77 -2.04
C TYR C 49 34.36 -17.35 -2.55
N ALA C 50 33.79 -17.09 -3.72
CA ALA C 50 34.07 -15.85 -4.43
C ALA C 50 33.63 -14.65 -3.61
N ALA C 51 32.53 -14.81 -2.87
CA ALA C 51 32.00 -13.72 -2.10
C ALA C 51 33.00 -13.25 -1.07
N LYS C 52 33.72 -14.17 -0.43
CA LYS C 52 34.68 -13.74 0.58
C LYS C 52 35.76 -12.96 -0.13
N ASN C 53 36.16 -13.45 -1.30
CA ASN C 53 37.24 -12.84 -2.05
C ASN C 53 36.82 -11.47 -2.51
N ALA C 54 35.51 -11.23 -2.53
CA ALA C 54 35.01 -9.90 -2.75
C ALA C 54 35.09 -9.12 -1.44
N VAL C 55 34.39 -9.61 -0.42
CA VAL C 55 34.13 -8.80 0.77
C VAL C 55 35.41 -8.35 1.46
N THR C 56 36.26 -9.31 1.83
CA THR C 56 37.48 -9.00 2.54
C THR C 56 38.35 -8.10 1.68
N GLN C 57 38.25 -8.27 0.37
CA GLN C 57 39.04 -7.46 -0.52
C GLN C 57 38.72 -5.98 -0.32
N PHE C 58 37.43 -5.64 -0.25
CA PHE C 58 37.09 -4.24 -0.04
C PHE C 58 37.59 -3.80 1.32
N VAL C 59 37.54 -4.71 2.29
CA VAL C 59 37.99 -4.38 3.63
C VAL C 59 39.49 -4.10 3.60
N SER C 60 40.19 -4.82 2.72
CA SER C 60 41.62 -4.65 2.60
C SER C 60 41.96 -3.25 2.15
N SER C 61 41.04 -2.61 1.43
CA SER C 61 41.27 -1.26 0.94
C SER C 61 41.35 -0.28 2.10
N MET C 62 40.65 -0.58 3.19
CA MET C 62 40.55 0.36 4.30
C MET C 62 41.62 0.19 5.36
N SER C 63 42.25 -0.97 5.41
CA SER C 63 43.11 -1.33 6.52
C SER C 63 44.32 -0.41 6.66
N ALA C 64 44.86 0.04 5.54
CA ALA C 64 46.03 0.90 5.52
C ALA C 64 46.35 1.36 4.11
N SER C 65 47.63 1.59 3.86
CA SER C 65 48.12 1.94 2.53
C SER C 65 49.61 1.63 2.46
N ALA C 66 50.11 1.38 1.26
CA ALA C 66 51.50 0.97 1.09
C ALA C 66 52.47 2.05 1.55
N ASP C 67 52.08 3.31 1.41
CA ASP C 67 52.92 4.43 1.82
C ASP C 67 52.84 4.72 3.31
N VAL C 68 51.64 4.69 3.86
CA VAL C 68 51.44 4.93 5.28
C VAL C 68 52.13 3.84 6.10
N LEU C 69 52.10 2.63 5.57
CA LEU C 69 52.84 1.52 6.16
C LEU C 69 54.34 1.76 6.02
N ALA C 70 54.73 2.45 4.96
CA ALA C 70 56.14 2.68 4.68
C ALA C 70 56.71 3.86 5.47
N LEU C 71 55.97 4.97 5.51
CA LEU C 71 56.43 6.14 6.25
C LEU C 71 56.53 5.88 7.74
N ALA C 72 55.66 5.01 8.23
CA ALA C 72 55.56 4.74 9.66
C ALA C 72 56.33 3.48 10.07
N LYS C 73 56.46 3.30 11.38
CA LYS C 73 57.11 2.13 11.98
C LYS C 73 58.60 2.05 11.70
N ILE C 74 59.00 2.18 10.43
CA ILE C 74 60.41 2.10 10.09
C ILE C 74 61.20 3.22 10.75
N GLU C 75 62.34 2.84 11.33
CA GLU C 75 63.28 3.80 11.90
C GLU C 75 64.47 3.00 12.40
N ILE C 76 64.92 2.05 11.58
CA ILE C 76 66.08 1.25 11.93
C ILE C 76 67.28 2.16 12.09
N LYS C 77 68.03 1.96 13.16
CA LYS C 77 69.09 2.90 13.54
C LYS C 77 70.27 2.19 14.19
N LEU C 78 71.46 2.70 13.93
CA LEU C 78 72.68 2.10 14.45
C LEU C 78 72.81 2.32 15.96
N SER C 79 73.45 1.36 16.64
CA SER C 79 73.71 1.47 18.07
C SER C 79 75.05 2.15 18.31
N ASP C 80 75.53 2.81 17.26
CA ASP C 80 76.85 3.44 17.27
C ASP C 80 76.91 4.67 18.17
N ILE C 81 75.74 5.12 18.62
CA ILE C 81 75.66 6.35 19.41
C ILE C 81 76.42 6.24 20.74
N PRO C 82 77.34 7.19 20.97
CA PRO C 82 78.18 7.31 22.16
C PRO C 82 77.37 7.54 23.44
N GLU C 83 77.86 7.05 24.57
CA GLU C 83 77.16 7.26 25.84
C GLU C 83 77.05 8.74 26.15
N GLY C 84 75.84 9.16 26.54
CA GLY C 84 75.59 10.52 26.96
C GLY C 84 75.40 11.45 25.76
N LYS C 85 75.57 10.91 24.56
CA LYS C 85 75.40 11.70 23.35
C LYS C 85 74.03 11.42 22.76
N ASN C 86 73.34 12.48 22.36
CA ASN C 86 71.99 12.34 21.86
C ASN C 86 71.90 12.58 20.36
N MET C 87 70.95 11.91 19.72
CA MET C 87 70.64 12.14 18.32
C MET C 87 69.12 12.10 18.11
N ALA C 88 68.58 13.20 17.58
CA ALA C 88 67.17 13.27 17.26
C ALA C 88 66.87 12.51 15.98
N PHE C 89 65.64 11.99 15.87
CA PHE C 89 65.21 11.31 14.66
C PHE C 89 63.72 11.52 14.42
N LYS C 90 63.36 11.81 13.17
CA LYS C 90 61.95 11.94 12.80
C LYS C 90 61.26 10.58 12.87
N TRP C 91 60.05 10.54 13.41
CA TRP C 91 59.31 9.30 13.51
C TRP C 91 57.81 9.55 13.66
N ARG C 92 57.07 9.20 12.61
CA ARG C 92 55.62 9.44 12.53
C ARG C 92 55.30 10.91 12.74
N GLY C 93 56.24 11.77 12.37
CA GLY C 93 56.06 13.21 12.46
C GLY C 93 56.55 13.76 13.78
N LYS C 94 56.64 12.89 14.78
CA LYS C 94 57.17 13.27 16.08
C LYS C 94 58.68 13.26 16.11
N PRO C 95 59.28 14.26 16.78
CA PRO C 95 60.70 14.21 17.13
C PRO C 95 60.97 13.03 18.06
N LEU C 96 62.12 12.39 17.93
CA LEU C 96 62.41 11.21 18.74
C LEU C 96 63.90 11.08 19.03
N PHE C 97 64.31 11.58 20.20
CA PHE C 97 65.70 11.49 20.62
C PHE C 97 66.10 10.07 21.04
N VAL C 98 67.34 9.70 20.76
CA VAL C 98 67.90 8.44 21.24
C VAL C 98 69.28 8.69 21.86
N ARG C 99 69.51 8.13 23.03
CA ARG C 99 70.76 8.38 23.74
C ARG C 99 71.22 7.19 24.60
N HIS C 100 72.42 6.69 24.29
CA HIS C 100 73.07 5.71 25.14
C HIS C 100 73.55 6.47 26.38
N ARG C 101 73.52 5.84 27.55
CA ARG C 101 73.90 6.55 28.77
C ARG C 101 74.82 5.74 29.68
N THR C 102 75.66 6.46 30.42
CA THR C 102 76.62 5.85 31.33
C THR C 102 75.93 5.23 32.54
N GLN C 103 76.56 4.20 33.11
CA GLN C 103 75.98 3.47 34.23
C GLN C 103 75.76 4.34 35.47
N LYS C 104 76.61 5.34 35.66
CA LYS C 104 76.47 6.23 36.80
C LYS C 104 75.18 7.04 36.71
N GLU C 105 74.80 7.40 35.48
CA GLU C 105 73.54 8.08 35.25
C GLU C 105 72.38 7.15 35.55
N ILE C 106 72.57 5.87 35.28
CA ILE C 106 71.58 4.85 35.58
C ILE C 106 71.44 4.76 37.10
N GLU C 107 72.55 4.98 37.79
CA GLU C 107 72.56 4.94 39.25
C GLU C 107 71.82 6.13 39.84
N GLN C 108 72.09 7.33 39.34
CA GLN C 108 71.43 8.52 39.86
C GLN C 108 69.95 8.54 39.49
N GLU C 109 69.60 7.90 38.37
CA GLU C 109 68.19 7.79 37.99
C GLU C 109 67.45 6.78 38.85
N ALA C 110 68.07 5.63 39.09
CA ALA C 110 67.48 4.61 39.93
C ALA C 110 67.40 5.08 41.39
N ALA C 111 68.32 5.97 41.76
CA ALA C 111 68.39 6.48 43.12
C ALA C 111 67.20 7.37 43.46
N VAL C 112 66.56 7.93 42.44
CA VAL C 112 65.46 8.85 42.64
C VAL C 112 64.30 8.17 43.36
N GLU C 113 63.76 8.84 44.36
CA GLU C 113 62.67 8.29 45.15
C GLU C 113 61.41 8.16 44.31
N LEU C 114 60.65 7.10 44.58
CA LEU C 114 59.43 6.81 43.83
C LEU C 114 58.36 7.89 44.02
N SER C 115 58.37 8.53 45.20
CA SER C 115 57.33 9.48 45.55
C SER C 115 57.65 10.92 45.17
N GLN C 116 58.93 11.25 45.09
CA GLN C 116 59.37 12.62 44.83
C GLN C 116 58.98 13.13 43.45
N LEU C 117 58.82 12.21 42.51
CA LEU C 117 58.53 12.57 41.11
C LEU C 117 57.17 13.25 40.95
N ARG C 118 57.13 14.26 40.08
CA ARG C 118 55.87 14.91 39.73
C ARG C 118 54.93 13.93 39.03
N ASP C 119 55.53 13.03 38.27
CA ASP C 119 54.80 11.98 37.57
C ASP C 119 55.49 10.65 37.81
N PRO C 120 55.25 10.04 38.97
CA PRO C 120 56.03 8.87 39.42
C PRO C 120 55.91 7.68 38.47
N GLN C 121 57.01 6.96 38.30
CA GLN C 121 57.10 5.84 37.38
C GLN C 121 58.45 5.15 37.58
N HIS C 122 58.43 3.90 38.02
CA HIS C 122 59.66 3.17 38.32
C HIS C 122 60.52 3.04 37.08
N ASP C 123 61.82 3.30 37.22
CA ASP C 123 62.71 3.40 36.06
C ASP C 123 63.00 2.07 35.39
N LEU C 124 63.31 1.05 36.18
CA LEU C 124 63.62 -0.26 35.64
C LEU C 124 62.38 -0.85 34.96
N ASP C 125 61.22 -0.48 35.49
CA ASP C 125 59.94 -0.89 34.90
C ASP C 125 59.70 -0.22 33.55
N ARG C 126 60.30 0.94 33.34
CA ARG C 126 60.16 1.66 32.08
C ARG C 126 61.02 1.03 30.99
N VAL C 127 62.25 1.51 30.88
CA VAL C 127 63.16 1.06 29.83
C VAL C 127 63.47 -0.43 29.99
N LYS C 128 63.58 -1.13 28.87
CA LYS C 128 63.92 -2.54 28.89
C LYS C 128 65.39 -2.73 29.24
N LYS C 129 66.24 -1.96 28.57
CA LYS C 129 67.67 -1.96 28.85
C LYS C 129 68.12 -0.55 29.21
N PRO C 130 68.48 -0.33 30.49
CA PRO C 130 68.72 0.99 31.09
C PRO C 130 69.76 1.85 30.39
N GLU C 131 70.79 1.22 29.82
CA GLU C 131 71.88 1.97 29.21
C GLU C 131 71.42 2.79 28.00
N TRP C 132 70.39 2.31 27.32
CA TRP C 132 69.79 3.08 26.22
C TRP C 132 68.50 3.75 26.66
N VAL C 133 68.31 4.99 26.24
CA VAL C 133 67.03 5.66 26.44
C VAL C 133 66.54 6.18 25.09
N ILE C 134 65.26 5.95 24.82
CA ILE C 134 64.65 6.38 23.57
C ILE C 134 63.34 7.09 23.88
N LEU C 135 63.20 8.33 23.42
CA LEU C 135 62.06 9.14 23.83
C LEU C 135 61.49 9.99 22.70
N ILE C 136 60.21 10.28 22.79
CA ILE C 136 59.60 11.27 21.90
C ILE C 136 60.20 12.64 22.21
N GLY C 137 60.43 13.42 21.18
CA GLY C 137 61.16 14.68 21.32
C GLY C 137 60.32 15.85 21.78
N VAL C 138 59.02 15.60 21.97
CA VAL C 138 58.11 16.66 22.37
C VAL C 138 57.90 16.74 23.88
N CYS C 139 58.07 17.94 24.44
CA CYS C 139 57.80 18.16 25.86
C CYS C 139 56.31 18.13 26.11
N THR C 140 55.92 17.70 27.31
CA THR C 140 54.53 17.42 27.60
C THR C 140 53.71 18.67 27.93
N HIS C 141 54.38 19.81 28.05
CA HIS C 141 53.69 21.05 28.39
C HIS C 141 52.96 21.62 27.18
N LEU C 142 53.61 22.54 26.47
CA LEU C 142 53.00 23.17 25.31
C LEU C 142 53.63 22.72 23.99
N GLY C 143 54.36 21.61 24.05
CA GLY C 143 54.87 20.96 22.84
C GLY C 143 56.18 21.43 22.27
N CYS C 144 56.86 22.36 22.94
CA CYS C 144 58.19 22.78 22.50
C CYS C 144 59.20 21.65 22.67
N VAL C 145 60.20 21.61 21.79
CA VAL C 145 61.19 20.53 21.82
C VAL C 145 62.38 20.85 22.72
N PRO C 146 62.61 20.02 23.75
CA PRO C 146 63.72 20.16 24.69
C PRO C 146 65.10 20.02 24.04
N ILE C 147 66.08 20.77 24.53
CA ILE C 147 67.45 20.65 24.07
C ILE C 147 68.05 19.32 24.52
N ALA C 148 68.81 18.69 23.63
CA ALA C 148 69.42 17.39 23.93
C ALA C 148 70.51 17.50 24.99
N ASN C 149 70.53 16.52 25.91
CA ASN C 149 71.55 16.40 26.94
C ASN C 149 71.78 17.72 27.69
N ALA C 150 70.75 18.17 28.41
CA ALA C 150 70.82 19.47 29.08
C ALA C 150 69.94 19.49 30.31
N GLY C 151 70.08 20.55 31.11
CA GLY C 151 69.31 20.69 32.33
C GLY C 151 70.08 20.22 33.54
N ASP C 152 69.62 20.65 34.72
CA ASP C 152 70.32 20.40 35.97
C ASP C 152 70.39 18.91 36.32
N PHE C 153 69.36 18.17 35.93
CA PHE C 153 69.24 16.77 36.31
C PHE C 153 69.91 15.84 35.29
N GLY C 154 70.48 16.43 34.25
CA GLY C 154 71.25 15.67 33.28
C GLY C 154 70.44 15.02 32.17
N GLY C 155 69.13 15.25 32.16
CA GLY C 155 68.31 14.72 31.08
C GLY C 155 68.13 15.74 29.98
N TYR C 156 66.93 16.32 29.92
CA TYR C 156 66.62 17.29 28.87
C TYR C 156 66.08 18.57 29.47
N TYR C 157 66.18 19.66 28.72
CA TYR C 157 65.71 20.96 29.17
C TYR C 157 64.94 21.68 28.07
N CYS C 158 63.77 22.21 28.41
CA CYS C 158 62.96 22.92 27.44
C CYS C 158 63.20 24.42 27.50
N PRO C 159 63.71 25.00 26.39
CA PRO C 159 63.96 26.44 26.27
C PRO C 159 62.71 27.29 26.45
N CYS C 160 61.56 26.76 26.03
CA CYS C 160 60.34 27.55 25.95
C CYS C 160 59.87 28.10 27.29
N HIS C 161 60.04 27.32 28.35
CA HIS C 161 59.55 27.73 29.68
C HIS C 161 60.35 27.09 30.82
N GLY C 162 61.54 26.60 30.52
CA GLY C 162 62.44 26.15 31.57
C GLY C 162 62.17 24.77 32.16
N SER C 163 61.34 23.97 31.49
CA SER C 163 61.03 22.63 31.97
C SER C 163 62.26 21.74 32.02
N HIS C 164 62.42 21.01 33.12
CA HIS C 164 63.58 20.15 33.33
C HIS C 164 63.24 18.67 33.19
N TYR C 165 64.24 17.87 32.86
CA TYR C 165 64.07 16.43 32.79
C TYR C 165 65.32 15.67 33.24
N ASP C 166 65.08 14.52 33.85
CA ASP C 166 66.15 13.62 34.28
C ASP C 166 66.59 12.74 33.11
N ALA C 167 67.68 12.00 33.29
CA ALA C 167 68.23 11.18 32.22
C ALA C 167 67.23 10.12 31.76
N SER C 168 66.33 9.73 32.65
CA SER C 168 65.28 8.78 32.32
C SER C 168 64.14 9.46 31.56
N GLY C 169 64.18 10.79 31.49
CA GLY C 169 63.19 11.56 30.76
C GLY C 169 61.95 11.93 31.55
N ARG C 170 61.88 11.50 32.81
CA ARG C 170 60.79 11.87 33.69
C ARG C 170 60.81 13.37 34.00
N ILE C 171 59.63 13.96 34.09
CA ILE C 171 59.52 15.35 34.53
C ILE C 171 60.01 15.44 35.97
N ARG C 172 60.70 16.53 36.29
CA ARG C 172 61.30 16.67 37.60
C ARG C 172 61.07 18.08 38.13
N LEU C 173 61.15 19.05 37.23
CA LEU C 173 60.82 20.44 37.54
C LEU C 173 60.18 21.12 36.33
N GLY C 174 59.59 22.28 36.56
CA GLY C 174 58.92 23.02 35.51
C GLY C 174 57.44 22.73 35.37
N PRO C 175 56.74 23.55 34.56
CA PRO C 175 55.29 23.55 34.36
C PRO C 175 54.72 22.24 33.83
N ALA C 176 55.49 21.49 33.05
CA ALA C 176 54.98 20.29 32.38
C ALA C 176 54.52 19.24 33.38
N PRO C 177 53.32 18.68 33.15
CA PRO C 177 52.70 17.71 34.07
C PRO C 177 53.34 16.32 34.06
N LEU C 178 53.05 15.51 33.04
CA LEU C 178 53.49 14.12 33.02
C LEU C 178 54.83 13.90 32.30
N ASN C 179 55.40 12.71 32.48
CA ASN C 179 56.71 12.34 31.96
C ASN C 179 56.76 12.25 30.44
N LEU C 180 57.95 12.43 29.87
CA LEU C 180 58.14 12.25 28.44
C LEU C 180 57.75 10.84 28.00
N GLU C 181 57.09 10.75 26.86
CA GLU C 181 56.53 9.49 26.38
C GLU C 181 57.60 8.46 26.04
N VAL C 182 57.30 7.21 26.33
CA VAL C 182 58.20 6.10 26.00
C VAL C 182 57.54 5.20 24.96
N PRO C 183 57.99 5.31 23.70
CA PRO C 183 57.47 4.48 22.61
C PRO C 183 57.76 3.00 22.84
N THR C 184 56.84 2.14 22.44
CA THR C 184 57.11 0.71 22.43
C THR C 184 58.16 0.40 21.36
N TYR C 185 59.12 -0.46 21.70
CA TYR C 185 60.14 -0.86 20.74
C TYR C 185 60.86 -2.10 21.23
N GLU C 186 61.66 -2.71 20.35
CA GLU C 186 62.46 -3.87 20.73
C GLU C 186 63.72 -3.96 19.88
N PHE C 187 64.82 -4.39 20.51
CA PHE C 187 66.08 -4.59 19.80
C PHE C 187 66.02 -5.83 18.92
N THR C 188 66.70 -5.77 17.78
CA THR C 188 66.80 -6.93 16.90
C THR C 188 68.25 -7.40 16.87
N SER C 189 68.97 -7.02 15.83
CA SER C 189 70.42 -7.22 15.81
C SER C 189 71.04 -6.26 16.81
N ASP C 190 72.21 -6.60 17.32
CA ASP C 190 72.82 -5.83 18.40
C ASP C 190 73.09 -4.37 17.99
N ASP C 191 73.35 -4.17 16.71
CA ASP C 191 73.63 -2.83 16.19
C ASP C 191 72.38 -2.05 15.75
N MET C 192 71.21 -2.69 15.75
CA MET C 192 70.03 -2.07 15.18
C MET C 192 68.80 -2.17 16.08
N VAL C 193 67.83 -1.30 15.86
CA VAL C 193 66.60 -1.30 16.66
C VAL C 193 65.37 -0.79 15.89
N ILE C 194 64.32 -1.61 15.87
CA ILE C 194 63.02 -1.21 15.37
C ILE C 194 62.39 -0.19 16.31
N VAL C 195 61.76 0.84 15.75
CA VAL C 195 61.14 1.86 16.57
C VAL C 195 59.64 1.98 16.27
N GLY C 196 58.83 1.39 17.16
CA GLY C 196 57.39 1.41 17.00
C GLY C 196 56.72 0.18 17.60
N ALA D 1 20.84 -54.30 -7.61
CA ALA D 1 20.16 -53.80 -6.42
C ALA D 1 21.14 -53.09 -5.48
N ALA D 2 22.37 -52.89 -5.94
CA ALA D 2 23.39 -52.22 -5.15
C ALA D 2 23.02 -50.76 -4.91
N ALA D 3 23.21 -50.30 -3.68
CA ALA D 3 22.87 -48.93 -3.32
C ALA D 3 23.78 -47.92 -4.00
N THR D 4 23.18 -46.83 -4.48
CA THR D 4 23.95 -45.71 -5.00
C THR D 4 24.54 -44.96 -3.80
N LEU D 5 25.69 -44.34 -3.99
CA LEU D 5 26.33 -43.59 -2.92
C LEU D 5 25.47 -42.41 -2.48
N THR D 6 24.71 -41.84 -3.41
CA THR D 6 23.83 -40.72 -3.10
C THR D 6 22.70 -41.13 -2.17
N SER D 7 22.32 -42.40 -2.22
CA SER D 7 21.24 -42.90 -1.38
C SER D 7 21.59 -42.83 0.10
N LYS D 8 22.88 -42.99 0.40
CA LYS D 8 23.35 -42.87 1.77
C LYS D 8 23.81 -41.44 2.08
N LEU D 9 24.34 -40.78 1.06
CA LEU D 9 24.85 -39.43 1.21
C LEU D 9 23.72 -38.46 1.57
N TYR D 10 22.61 -38.59 0.84
CA TYR D 10 21.41 -37.81 1.14
C TYR D 10 20.80 -38.18 2.48
N SER D 11 20.90 -39.46 2.85
CA SER D 11 20.33 -39.93 4.10
C SER D 11 21.09 -39.36 5.29
N LEU D 12 22.37 -39.07 5.07
CA LEU D 12 23.20 -38.52 6.13
C LEU D 12 23.26 -36.99 6.08
N LEU D 13 24.04 -36.46 5.14
CA LEU D 13 24.33 -35.04 5.13
C LEU D 13 23.17 -34.16 4.69
N PHE D 14 22.51 -34.53 3.59
CA PHE D 14 21.56 -33.64 2.95
C PHE D 14 20.15 -33.65 3.54
N ARG D 15 19.85 -34.61 4.40
CA ARG D 15 18.49 -34.75 4.91
C ARG D 15 18.05 -33.55 5.76
N ARG D 16 18.98 -32.95 6.48
CA ARG D 16 18.66 -31.75 7.24
C ARG D 16 19.47 -30.56 6.73
N THR D 17 18.79 -29.42 6.59
CA THR D 17 19.39 -28.25 5.96
C THR D 17 20.54 -27.66 6.75
N SER D 18 20.55 -27.88 8.06
CA SER D 18 21.63 -27.38 8.90
C SER D 18 22.93 -28.13 8.60
N THR D 19 22.84 -29.45 8.54
CA THR D 19 23.98 -30.29 8.18
C THR D 19 24.38 -30.03 6.73
N PHE D 20 23.40 -29.63 5.93
CA PHE D 20 23.63 -29.30 4.53
C PHE D 20 24.49 -28.05 4.42
N ALA D 21 24.12 -27.00 5.15
CA ALA D 21 24.91 -25.79 5.17
C ALA D 21 26.28 -26.04 5.78
N LEU D 22 26.33 -26.95 6.75
CA LEU D 22 27.59 -27.26 7.43
C LEU D 22 28.57 -27.94 6.48
N THR D 23 28.10 -28.96 5.77
CA THR D 23 28.94 -29.66 4.82
C THR D 23 29.30 -28.74 3.66
N ILE D 24 28.43 -27.79 3.36
CA ILE D 24 28.79 -26.77 2.38
C ILE D 24 29.94 -25.91 2.87
N ILE D 25 29.91 -25.53 4.15
CA ILE D 25 30.96 -24.67 4.67
C ILE D 25 32.29 -25.40 4.74
N VAL D 26 32.26 -26.67 5.16
CA VAL D 26 33.49 -27.47 5.20
C VAL D 26 34.01 -27.67 3.77
N GLY D 27 33.07 -27.79 2.84
CA GLY D 27 33.43 -27.96 1.45
C GLY D 27 34.12 -26.72 0.92
N VAL D 28 33.67 -25.55 1.38
CA VAL D 28 34.33 -24.31 1.05
C VAL D 28 35.71 -24.25 1.71
N MET D 29 35.80 -24.82 2.91
CA MET D 29 37.04 -24.86 3.67
C MET D 29 38.13 -25.58 2.91
N PHE D 30 37.80 -26.71 2.32
CA PHE D 30 38.79 -27.47 1.58
C PHE D 30 38.99 -26.91 0.17
N PHE D 31 37.88 -26.54 -0.47
CA PHE D 31 37.92 -26.07 -1.84
C PHE D 31 38.72 -24.80 -1.99
N GLU D 32 38.70 -23.93 -0.98
CA GLU D 32 39.44 -22.68 -1.07
C GLU D 32 40.94 -22.97 -1.17
N ARG D 33 41.43 -23.82 -0.28
CA ARG D 33 42.84 -24.16 -0.21
C ARG D 33 43.28 -24.91 -1.46
N ALA D 34 42.52 -25.94 -1.82
CA ALA D 34 42.89 -26.80 -2.94
C ALA D 34 42.87 -26.03 -4.25
N PHE D 35 41.77 -25.34 -4.50
CA PHE D 35 41.63 -24.59 -5.73
C PHE D 35 42.61 -23.43 -5.83
N ASP D 36 42.93 -22.82 -4.69
CA ASP D 36 43.85 -21.69 -4.72
C ASP D 36 45.26 -22.16 -5.02
N GLN D 37 45.70 -23.22 -4.34
CA GLN D 37 47.05 -23.72 -4.58
C GLN D 37 47.15 -24.30 -5.99
N GLY D 38 46.03 -24.82 -6.50
CA GLY D 38 46.03 -25.39 -7.84
C GLY D 38 46.18 -24.31 -8.90
N ALA D 39 45.36 -23.27 -8.79
CA ALA D 39 45.42 -22.17 -9.76
C ALA D 39 46.77 -21.47 -9.67
N ASP D 40 47.31 -21.38 -8.46
CA ASP D 40 48.63 -20.79 -8.29
C ASP D 40 49.70 -21.64 -8.94
N ALA D 41 49.56 -22.96 -8.82
CA ALA D 41 50.54 -23.86 -9.41
C ALA D 41 50.50 -23.77 -10.93
N ILE D 42 49.29 -23.63 -11.47
CA ILE D 42 49.14 -23.53 -12.92
C ILE D 42 49.76 -22.24 -13.43
N TYR D 43 49.36 -21.11 -12.84
CA TYR D 43 49.85 -19.82 -13.29
C TYR D 43 51.35 -19.71 -13.11
N ASP D 44 51.87 -20.36 -12.07
CA ASP D 44 53.30 -20.45 -11.88
C ASP D 44 53.95 -21.31 -12.96
N HIS D 45 53.19 -22.28 -13.47
CA HIS D 45 53.74 -23.22 -14.44
C HIS D 45 53.82 -22.64 -15.86
N ILE D 46 52.84 -21.84 -16.27
CA ILE D 46 52.87 -21.30 -17.62
C ILE D 46 54.08 -20.40 -17.90
N ASN D 47 54.52 -19.66 -16.89
CA ASN D 47 55.53 -18.63 -17.10
C ASN D 47 56.81 -18.85 -16.29
N GLU D 48 57.38 -20.04 -16.40
CA GLU D 48 58.61 -20.36 -15.67
C GLU D 48 59.76 -19.47 -16.11
N GLY D 49 60.56 -19.03 -15.14
CA GLY D 49 61.72 -18.20 -15.43
C GLY D 49 61.37 -16.72 -15.52
N LYS D 50 60.11 -16.40 -15.31
CA LYS D 50 59.65 -15.03 -15.38
C LYS D 50 59.40 -14.44 -14.01
N LEU D 51 58.64 -15.15 -13.19
CA LEU D 51 58.29 -14.67 -11.86
C LEU D 51 59.53 -14.53 -10.99
N TRP D 52 59.57 -13.45 -10.22
CA TRP D 52 60.75 -13.12 -9.42
C TRP D 52 60.97 -14.07 -8.25
N LYS D 53 59.90 -14.71 -7.79
CA LYS D 53 60.03 -15.64 -6.67
C LYS D 53 60.90 -16.83 -7.08
N HIS D 54 60.88 -17.15 -8.37
CA HIS D 54 61.79 -18.15 -8.92
C HIS D 54 63.16 -17.55 -9.26
N ILE D 55 63.21 -16.22 -9.32
CA ILE D 55 64.45 -15.53 -9.66
C ILE D 55 65.25 -15.26 -8.37
N LYS D 56 64.63 -15.55 -7.23
CA LYS D 56 65.23 -15.26 -5.93
C LYS D 56 66.52 -16.04 -5.70
N HIS D 57 66.71 -17.12 -6.47
CA HIS D 57 67.86 -17.99 -6.30
C HIS D 57 69.21 -17.27 -6.47
N LYS D 58 69.24 -16.21 -7.27
CA LYS D 58 70.49 -15.47 -7.44
C LYS D 58 70.91 -14.79 -6.14
N TYR D 59 69.94 -14.52 -5.28
CA TYR D 59 70.23 -13.93 -3.97
C TYR D 59 69.17 -14.29 -2.93
N GLU D 60 69.38 -15.43 -2.25
CA GLU D 60 68.52 -15.83 -1.14
C GLU D 60 69.26 -16.78 -0.21
N ASN D 61 68.90 -16.72 1.07
CA ASN D 61 69.45 -17.60 2.10
C ASN D 61 70.98 -17.55 2.08
N LYS D 62 71.52 -16.33 2.11
CA LYS D 62 72.97 -16.10 2.07
C LYS D 62 73.59 -16.71 0.81
N GLU E 2 90.99 0.95 -26.27
CA GLU E 2 89.94 -0.05 -26.53
C GLU E 2 90.10 -0.68 -27.91
N GLU E 3 89.24 -1.65 -28.21
CA GLU E 3 89.29 -2.32 -29.50
C GLU E 3 88.00 -2.07 -30.30
N GLU E 4 88.17 -1.57 -31.52
CA GLU E 4 87.05 -1.30 -32.41
C GLU E 4 86.30 -2.57 -32.78
N GLU E 5 87.06 -3.65 -32.97
CA GLU E 5 86.52 -4.96 -33.34
C GLU E 5 85.32 -5.36 -32.49
N GLU E 6 85.52 -5.51 -31.18
CA GLU E 6 84.43 -5.90 -30.31
C GLU E 6 83.22 -5.04 -30.61
N GLU E 7 83.45 -3.75 -30.80
CA GLU E 7 82.38 -2.86 -31.24
C GLU E 7 81.96 -3.35 -32.61
N GLU E 8 82.95 -3.74 -33.40
CA GLU E 8 82.71 -4.33 -34.70
C GLU E 8 81.95 -5.63 -34.49
N GLU E 9 82.33 -6.34 -33.45
CA GLU E 9 81.73 -7.63 -33.13
C GLU E 9 80.25 -7.50 -32.79
N LEU E 10 79.87 -6.47 -32.04
CA LEU E 10 78.49 -6.37 -31.58
C LEU E 10 77.52 -6.25 -32.75
N VAL E 11 77.84 -5.39 -33.73
CA VAL E 11 77.07 -5.35 -34.95
C VAL E 11 75.68 -4.79 -34.65
N ASP E 12 75.01 -5.50 -33.74
CA ASP E 12 73.62 -5.28 -33.32
C ASP E 12 72.74 -6.19 -34.17
N PRO E 13 71.59 -6.68 -33.53
CA PRO E 13 70.75 -7.50 -34.41
C PRO E 13 69.63 -6.70 -35.06
N LEU E 14 69.40 -5.49 -34.58
CA LEU E 14 68.35 -4.66 -35.16
C LEU E 14 68.65 -4.29 -36.60
N THR E 15 69.89 -3.91 -36.86
CA THR E 15 70.28 -3.50 -38.21
C THR E 15 70.21 -4.63 -39.23
N THR E 16 70.70 -5.80 -38.83
CA THR E 16 70.82 -6.90 -39.76
C THR E 16 69.43 -7.31 -40.25
N VAL E 17 68.50 -7.38 -39.31
CA VAL E 17 67.12 -7.69 -39.62
C VAL E 17 66.52 -6.60 -40.49
N ARG E 18 66.89 -5.36 -40.19
CA ARG E 18 66.36 -4.23 -40.92
C ARG E 18 66.84 -4.17 -42.36
N GLU E 19 67.83 -5.00 -42.71
CA GLU E 19 68.30 -5.01 -44.09
C GLU E 19 67.67 -6.16 -44.89
N GLN E 20 67.52 -7.31 -44.23
CA GLN E 20 66.93 -8.48 -44.88
C GLN E 20 65.49 -8.23 -45.29
N CYS E 21 64.76 -7.47 -44.48
CA CYS E 21 63.40 -7.07 -44.83
C CYS E 21 63.41 -6.10 -46.01
N GLU E 22 64.43 -5.25 -46.08
CA GLU E 22 64.58 -4.33 -47.19
C GLU E 22 64.88 -5.09 -48.48
N GLN E 23 65.49 -6.27 -48.33
CA GLN E 23 65.77 -7.12 -49.48
C GLN E 23 64.50 -7.62 -50.16
N LEU E 24 63.41 -7.72 -49.38
CA LEU E 24 62.15 -8.22 -49.90
C LEU E 24 61.49 -7.21 -50.84
N GLU E 25 60.69 -7.73 -51.77
CA GLU E 25 60.20 -6.96 -52.92
C GLU E 25 59.33 -5.76 -52.58
N LYS E 26 58.57 -5.83 -51.48
CA LYS E 26 57.68 -4.74 -51.11
C LYS E 26 58.51 -3.52 -50.72
N CYS E 27 59.50 -3.77 -49.87
CA CYS E 27 60.43 -2.73 -49.47
C CYS E 27 61.26 -2.24 -50.65
N VAL E 28 61.47 -3.11 -51.64
CA VAL E 28 62.25 -2.73 -52.82
C VAL E 28 61.49 -1.75 -53.70
N LYS E 29 60.25 -2.09 -54.03
CA LYS E 29 59.45 -1.22 -54.87
C LYS E 29 59.16 0.08 -54.13
N ALA E 30 58.97 -0.01 -52.82
CA ALA E 30 58.76 1.18 -52.01
C ALA E 30 60.03 2.03 -52.00
N ARG E 31 61.18 1.37 -52.06
CA ARG E 31 62.47 2.04 -52.00
C ARG E 31 62.74 2.79 -53.29
N GLU E 32 62.54 2.13 -54.42
CA GLU E 32 62.77 2.76 -55.71
C GLU E 32 61.76 3.87 -55.98
N ARG E 33 60.53 3.68 -55.52
CA ARG E 33 59.53 4.73 -55.64
C ARG E 33 59.91 5.91 -54.74
N LEU E 34 60.55 5.59 -53.62
CA LEU E 34 60.98 6.62 -52.68
C LEU E 34 62.11 7.45 -53.28
N GLU E 35 63.08 6.77 -53.87
CA GLU E 35 64.20 7.45 -54.52
C GLU E 35 63.71 8.24 -55.71
N LEU E 36 62.66 7.73 -56.35
CA LEU E 36 62.04 8.45 -57.46
C LEU E 36 61.45 9.76 -56.95
N CYS E 37 60.78 9.69 -55.81
CA CYS E 37 60.22 10.90 -55.21
C CYS E 37 61.32 11.86 -54.82
N ASP E 38 62.45 11.32 -54.38
CA ASP E 38 63.57 12.15 -53.97
C ASP E 38 64.14 12.91 -55.14
N GLU E 39 64.37 12.19 -56.24
CA GLU E 39 64.91 12.80 -57.44
C GLU E 39 63.94 13.82 -58.03
N ARG E 40 62.64 13.55 -57.93
CA ARG E 40 61.66 14.51 -58.38
C ARG E 40 61.65 15.76 -57.51
N VAL E 41 61.93 15.60 -56.22
CA VAL E 41 62.04 16.75 -55.33
C VAL E 41 63.27 17.59 -55.67
N SER E 42 64.35 16.90 -56.05
CA SER E 42 65.59 17.59 -56.39
C SER E 42 65.47 18.38 -57.69
N SER E 43 64.50 18.01 -58.52
CA SER E 43 64.40 18.52 -59.88
C SER E 43 64.10 20.02 -59.98
N ARG E 44 63.41 20.60 -59.00
CA ARG E 44 63.02 22.00 -59.10
C ARG E 44 63.35 22.83 -57.86
N SER E 45 63.56 24.12 -58.09
CA SER E 45 64.08 25.03 -57.08
C SER E 45 63.16 25.26 -55.88
N HIS E 46 61.84 25.18 -56.09
CA HIS E 46 60.89 25.55 -55.03
C HIS E 46 59.73 24.57 -54.93
N THR E 47 60.03 23.29 -54.83
CA THR E 47 59.00 22.25 -54.74
C THR E 47 58.24 22.30 -53.42
N GLU E 48 56.93 22.09 -53.51
CA GLU E 48 56.10 21.98 -52.31
C GLU E 48 56.01 20.52 -51.88
N GLU E 49 56.35 19.62 -52.79
CA GLU E 49 56.20 18.20 -52.51
C GLU E 49 57.12 17.73 -51.39
N ASP E 50 56.60 16.80 -50.59
CA ASP E 50 57.36 16.16 -49.52
C ASP E 50 57.29 14.65 -49.71
N CYS E 51 58.45 14.00 -49.65
CA CYS E 51 58.54 12.57 -49.90
C CYS E 51 58.24 11.76 -48.65
N THR E 52 57.95 12.45 -47.56
CA THR E 52 57.73 11.81 -46.26
C THR E 52 56.55 10.84 -46.31
N GLU E 53 55.60 11.13 -47.19
CA GLU E 53 54.44 10.25 -47.36
C GLU E 53 54.85 8.90 -47.92
N GLU E 54 55.63 8.94 -49.01
CA GLU E 54 56.16 7.71 -49.59
C GLU E 54 57.11 7.04 -48.61
N LEU E 55 57.77 7.86 -47.79
CA LEU E 55 58.65 7.32 -46.76
C LEU E 55 57.84 6.50 -45.76
N PHE E 56 56.62 6.96 -45.47
CA PHE E 56 55.72 6.18 -44.63
C PHE E 56 55.24 4.92 -45.34
N ASP E 57 55.03 5.04 -46.65
CA ASP E 57 54.59 3.88 -47.42
C ASP E 57 55.65 2.79 -47.39
N PHE E 58 56.91 3.21 -47.36
CA PHE E 58 58.03 2.28 -47.28
C PHE E 58 58.23 1.74 -45.86
N LEU E 59 58.28 2.64 -44.89
CA LEU E 59 58.57 2.26 -43.51
C LEU E 59 57.48 1.40 -42.88
N HIS E 60 56.23 1.58 -43.32
CA HIS E 60 55.15 0.85 -42.67
C HIS E 60 55.28 -0.64 -42.94
N ALA E 61 55.35 -1.01 -44.21
CA ALA E 61 55.55 -2.40 -44.60
C ALA E 61 56.93 -2.89 -44.19
N ARG E 62 57.89 -1.98 -44.17
CA ARG E 62 59.25 -2.29 -43.72
C ARG E 62 59.25 -2.83 -42.30
N ASP E 63 58.94 -1.95 -41.36
CA ASP E 63 58.97 -2.30 -39.95
C ASP E 63 57.90 -3.32 -39.60
N HIS E 64 56.83 -3.39 -40.40
CA HIS E 64 55.85 -4.46 -40.22
C HIS E 64 56.47 -5.82 -40.51
N CYS E 65 57.24 -5.89 -41.59
CA CYS E 65 57.94 -7.11 -41.92
C CYS E 65 59.03 -7.41 -40.89
N VAL E 66 59.61 -6.35 -40.35
CA VAL E 66 60.65 -6.47 -39.31
C VAL E 66 60.05 -7.02 -38.01
N ALA E 67 58.78 -6.71 -37.78
CA ALA E 67 58.12 -7.04 -36.53
C ALA E 67 58.02 -8.54 -36.30
N HIS E 68 57.90 -9.30 -37.39
CA HIS E 68 57.81 -10.75 -37.30
C HIS E 68 59.13 -11.37 -36.84
N LYS E 69 60.22 -10.68 -37.11
CA LYS E 69 61.55 -11.19 -36.80
C LYS E 69 62.43 -10.14 -36.16
N LEU E 70 62.57 -10.18 -34.85
CA LEU E 70 63.53 -9.35 -34.15
C LEU E 70 63.68 -9.88 -32.74
N PHE E 71 62.56 -10.08 -32.06
CA PHE E 71 62.56 -10.65 -30.72
C PHE E 71 62.83 -12.15 -30.79
N ASN E 72 62.74 -12.71 -31.99
CA ASN E 72 63.21 -14.06 -32.22
C ASN E 72 64.72 -14.16 -32.03
N ASN E 73 65.42 -13.07 -32.33
CA ASN E 73 66.86 -13.01 -32.17
C ASN E 73 67.26 -12.63 -30.75
N LEU E 74 66.54 -11.67 -30.18
CA LEU E 74 66.76 -11.25 -28.80
C LEU E 74 66.22 -12.29 -27.84
N LYS E 75 66.77 -12.33 -26.62
CA LYS E 75 66.26 -13.22 -25.60
C LYS E 75 65.34 -12.47 -24.64
N ALA F 1 -12.25 0.98 -57.67
CA ALA F 1 -11.68 0.53 -58.93
C ALA F 1 -11.16 -0.90 -58.84
N VAL F 2 -11.13 -1.43 -57.62
CA VAL F 2 -10.65 -2.78 -57.39
C VAL F 2 -11.54 -3.83 -58.07
N SER F 3 -10.91 -4.89 -58.58
CA SER F 3 -11.61 -5.98 -59.23
C SER F 3 -10.70 -7.19 -59.32
N ALA F 4 -10.19 -7.46 -60.51
CA ALA F 4 -9.16 -8.48 -60.70
C ALA F 4 -7.89 -8.05 -59.97
N SER F 5 -7.72 -6.73 -59.85
CA SER F 5 -6.64 -6.16 -59.07
C SER F 5 -6.83 -6.44 -57.58
N GLY F 6 -8.09 -6.66 -57.19
CA GLY F 6 -8.39 -6.97 -55.80
C GLY F 6 -7.99 -8.39 -55.47
N LYS F 7 -7.86 -9.21 -56.51
CA LYS F 7 -7.28 -10.54 -56.36
C LYS F 7 -5.78 -10.43 -56.16
N TRP F 8 -5.22 -9.30 -56.57
CA TRP F 8 -3.79 -9.04 -56.42
C TRP F 8 -3.49 -8.40 -55.07
N LEU F 9 -4.46 -7.67 -54.54
CA LEU F 9 -4.33 -7.08 -53.23
C LEU F 9 -4.20 -8.21 -52.24
N ASP F 10 -4.97 -9.25 -52.46
CA ASP F 10 -4.95 -10.43 -51.60
C ASP F 10 -3.63 -11.18 -51.61
N GLY F 11 -2.98 -11.24 -52.76
CA GLY F 11 -1.74 -11.97 -52.84
C GLY F 11 -0.74 -11.36 -51.88
N ILE F 12 -0.68 -10.03 -51.84
CA ILE F 12 0.16 -9.35 -50.86
C ILE F 12 -0.32 -9.55 -49.43
N ARG F 13 -1.63 -9.47 -49.23
CA ARG F 13 -2.19 -9.63 -47.90
C ARG F 13 -1.93 -11.00 -47.34
N LYS F 14 -2.08 -12.03 -48.16
CA LYS F 14 -1.79 -13.37 -47.72
C LYS F 14 -0.32 -13.46 -47.39
N TRP F 15 0.52 -12.83 -48.19
CA TRP F 15 1.95 -12.89 -47.94
C TRP F 15 2.23 -12.29 -46.60
N TYR F 16 1.58 -11.17 -46.32
CA TYR F 16 1.77 -10.50 -45.05
C TYR F 16 1.31 -11.37 -43.91
N TYR F 17 0.18 -12.02 -44.07
CA TYR F 17 -0.39 -12.79 -42.99
C TYR F 17 0.63 -13.84 -42.63
N ASN F 18 1.26 -14.40 -43.65
CA ASN F 18 2.35 -15.34 -43.42
C ASN F 18 3.56 -14.68 -42.76
N ALA F 19 3.90 -13.47 -43.17
CA ALA F 19 5.06 -12.80 -42.59
C ALA F 19 4.84 -12.53 -41.11
N ALA F 20 3.66 -12.07 -40.76
CA ALA F 20 3.32 -11.93 -39.35
C ALA F 20 3.25 -13.34 -38.83
N GLY F 21 3.88 -13.59 -37.70
CA GLY F 21 4.04 -14.95 -37.23
C GLY F 21 2.95 -15.48 -36.33
N PHE F 22 1.95 -14.67 -36.03
CA PHE F 22 1.04 -15.03 -34.95
C PHE F 22 0.31 -16.33 -35.23
N ASN F 23 -0.12 -16.54 -36.45
CA ASN F 23 -0.78 -17.80 -36.81
C ASN F 23 0.10 -18.96 -36.39
N LYS F 24 1.40 -18.76 -36.48
CA LYS F 24 2.35 -19.84 -36.24
C LYS F 24 2.11 -20.40 -34.85
N LEU F 25 1.76 -19.53 -33.93
CA LEU F 25 1.44 -19.94 -32.56
C LEU F 25 -0.04 -20.25 -32.47
N GLY F 26 -0.74 -20.18 -33.59
CA GLY F 26 -2.15 -20.52 -33.63
C GLY F 26 -3.10 -19.40 -33.25
N LEU F 27 -2.57 -18.22 -33.01
CA LEU F 27 -3.40 -17.07 -32.73
C LEU F 27 -4.18 -16.65 -33.97
N MET F 28 -5.44 -16.29 -33.78
CA MET F 28 -6.22 -15.65 -34.83
C MET F 28 -5.81 -14.20 -34.85
N ARG F 29 -6.16 -13.47 -35.90
CA ARG F 29 -5.77 -12.07 -35.97
C ARG F 29 -6.37 -11.30 -34.81
N ASP F 30 -7.63 -11.61 -34.50
CA ASP F 30 -8.37 -10.89 -33.47
C ASP F 30 -7.80 -11.04 -32.06
N ASP F 31 -7.26 -12.21 -31.74
CA ASP F 31 -6.68 -12.44 -30.42
C ASP F 31 -5.54 -11.47 -30.20
N THR F 32 -4.82 -11.17 -31.27
CA THR F 32 -3.63 -10.34 -31.25
C THR F 32 -3.83 -8.89 -30.77
N ILE F 33 -4.95 -8.28 -31.10
CA ILE F 33 -5.10 -6.83 -30.98
C ILE F 33 -4.90 -6.30 -29.57
N TYR F 34 -4.26 -5.13 -29.48
CA TYR F 34 -3.92 -4.46 -28.24
C TYR F 34 -5.17 -4.04 -27.48
N GLU F 35 -5.14 -4.12 -26.15
CA GLU F 35 -6.34 -3.86 -25.38
C GLU F 35 -6.37 -2.45 -24.82
N ASP F 36 -7.05 -1.55 -25.51
CA ASP F 36 -7.37 -0.24 -24.98
C ASP F 36 -8.68 -0.38 -24.25
N GLU F 37 -9.23 0.71 -23.73
CA GLU F 37 -10.48 0.63 -23.02
C GLU F 37 -11.55 0.13 -23.97
N ASP F 38 -11.51 0.59 -25.22
CA ASP F 38 -12.54 0.19 -26.17
C ASP F 38 -12.53 -1.29 -26.43
N VAL F 39 -11.36 -1.89 -26.59
CA VAL F 39 -11.30 -3.32 -26.81
C VAL F 39 -11.83 -4.06 -25.60
N LYS F 40 -11.47 -3.61 -24.41
CA LYS F 40 -11.85 -4.31 -23.21
C LYS F 40 -13.36 -4.33 -23.10
N GLU F 41 -14.01 -3.23 -23.48
CA GLU F 41 -15.46 -3.18 -23.49
C GLU F 41 -16.01 -4.17 -24.51
N ALA F 42 -15.34 -4.30 -25.63
CA ALA F 42 -15.73 -5.24 -26.68
C ALA F 42 -15.66 -6.68 -26.21
N ILE F 43 -14.63 -6.98 -25.43
CA ILE F 43 -14.42 -8.32 -24.90
C ILE F 43 -15.54 -8.74 -23.96
N ARG F 44 -16.05 -7.80 -23.18
CA ARG F 44 -17.08 -8.11 -22.19
C ARG F 44 -18.30 -8.67 -22.89
N ARG F 45 -18.58 -8.12 -24.06
CA ARG F 45 -19.73 -8.49 -24.87
C ARG F 45 -19.73 -9.94 -25.38
N LEU F 46 -18.56 -10.47 -25.70
CA LEU F 46 -18.47 -11.69 -26.48
C LEU F 46 -19.24 -12.83 -25.87
N PRO F 47 -19.92 -13.67 -26.78
CA PRO F 47 -20.70 -14.74 -26.14
C PRO F 47 -19.81 -15.74 -25.45
N GLU F 48 -20.31 -16.33 -24.37
CA GLU F 48 -19.49 -17.11 -23.49
C GLU F 48 -18.71 -18.18 -24.24
N ASN F 49 -19.35 -18.83 -25.21
CA ASN F 49 -18.66 -19.83 -25.98
C ASN F 49 -17.49 -19.23 -26.77
N LEU F 50 -17.72 -18.08 -27.37
CA LEU F 50 -16.68 -17.38 -28.12
C LEU F 50 -15.55 -16.92 -27.23
N TYR F 51 -15.90 -16.42 -26.06
CA TYR F 51 -14.92 -15.85 -25.15
C TYR F 51 -13.95 -16.87 -24.64
N ASN F 52 -14.44 -18.05 -24.32
CA ASN F 52 -13.61 -19.12 -23.79
C ASN F 52 -12.57 -19.59 -24.77
N ASP F 53 -12.93 -19.71 -26.04
CA ASP F 53 -11.98 -20.17 -27.02
C ASP F 53 -10.83 -19.20 -27.07
N ARG F 54 -11.16 -17.92 -27.01
CA ARG F 54 -10.15 -16.89 -27.12
C ARG F 54 -9.17 -17.04 -25.98
N MET F 55 -9.67 -17.33 -24.80
CA MET F 55 -8.81 -17.45 -23.64
C MET F 55 -7.83 -18.59 -23.83
N PHE F 56 -8.32 -19.72 -24.30
CA PHE F 56 -7.45 -20.86 -24.51
C PHE F 56 -6.39 -20.62 -25.57
N ARG F 57 -6.79 -19.99 -26.67
CA ARG F 57 -5.87 -19.78 -27.77
C ARG F 57 -4.72 -18.93 -27.29
N ILE F 58 -5.04 -17.95 -26.47
CA ILE F 58 -4.02 -17.06 -25.92
C ILE F 58 -3.17 -17.79 -24.91
N LYS F 59 -3.78 -18.61 -24.07
CA LYS F 59 -3.03 -19.28 -23.03
C LYS F 59 -2.01 -20.20 -23.66
N ARG F 60 -2.41 -20.88 -24.71
CA ARG F 60 -1.48 -21.75 -25.43
C ARG F 60 -0.36 -20.95 -26.05
N ALA F 61 -0.66 -19.78 -26.61
CA ALA F 61 0.37 -18.99 -27.25
C ALA F 61 1.43 -18.53 -26.27
N LEU F 62 1.01 -18.05 -25.11
CA LEU F 62 1.96 -17.65 -24.09
C LEU F 62 2.74 -18.86 -23.61
N ASP F 63 2.04 -19.97 -23.45
CA ASP F 63 2.66 -21.20 -23.01
C ASP F 63 3.67 -21.70 -24.05
N LEU F 64 3.34 -21.58 -25.31
CA LEU F 64 4.25 -22.00 -26.37
C LEU F 64 5.50 -21.18 -26.26
N ASN F 65 5.32 -19.90 -25.93
CA ASN F 65 6.41 -18.94 -25.92
C ASN F 65 7.56 -19.22 -24.96
N LEU F 66 7.28 -19.65 -23.73
CA LEU F 66 8.37 -19.92 -22.79
C LEU F 66 9.22 -21.05 -23.33
N LYS F 67 8.56 -22.06 -23.89
CA LYS F 67 9.25 -23.15 -24.54
C LYS F 67 10.03 -22.66 -25.75
N HIS F 68 9.46 -21.68 -26.44
CA HIS F 68 10.04 -21.11 -27.66
C HIS F 68 9.69 -21.93 -28.88
N GLN F 69 8.81 -22.91 -28.69
CA GLN F 69 8.36 -23.77 -29.76
C GLN F 69 7.43 -23.08 -30.72
N ILE F 70 7.30 -23.64 -31.92
CA ILE F 70 6.30 -23.21 -32.87
C ILE F 70 5.34 -24.36 -33.20
N LEU F 71 4.06 -24.07 -33.06
CA LEU F 71 2.95 -25.00 -33.21
C LEU F 71 3.22 -25.85 -34.45
N PRO F 72 2.77 -27.12 -34.45
CA PRO F 72 3.00 -28.01 -35.59
C PRO F 72 2.38 -27.52 -36.90
N LYS F 73 3.06 -27.83 -37.99
CA LYS F 73 2.85 -27.20 -39.28
C LYS F 73 1.43 -27.36 -39.81
N GLU F 74 0.82 -28.51 -39.54
CA GLU F 74 -0.57 -28.71 -39.89
C GLU F 74 -1.51 -27.83 -39.07
N GLN F 75 -1.11 -27.55 -37.83
CA GLN F 75 -1.99 -26.86 -36.89
C GLN F 75 -1.94 -25.34 -37.00
N TRP F 76 -1.07 -24.83 -37.88
CA TRP F 76 -1.00 -23.38 -38.08
C TRP F 76 -2.32 -22.89 -38.64
N THR F 77 -2.77 -21.73 -38.17
CA THR F 77 -4.02 -21.16 -38.68
C THR F 77 -3.88 -20.84 -40.16
N LYS F 78 -4.88 -21.24 -40.94
CA LYS F 78 -4.92 -20.93 -42.36
C LYS F 78 -5.49 -19.53 -42.56
N TYR F 79 -5.07 -18.85 -43.61
CA TYR F 79 -5.50 -17.48 -43.84
C TYR F 79 -7.01 -17.35 -44.06
N GLU F 80 -7.58 -18.27 -44.81
CA GLU F 80 -9.01 -18.22 -45.10
C GLU F 80 -9.81 -18.85 -43.97
N GLU F 81 -9.13 -19.58 -43.10
CA GLU F 81 -9.76 -20.24 -41.96
C GLU F 81 -10.31 -19.27 -40.93
N GLU F 82 -9.67 -18.10 -40.79
CA GLU F 82 -9.98 -17.21 -39.66
C GLU F 82 -11.40 -16.66 -39.61
N ASN F 83 -11.97 -16.71 -38.41
CA ASN F 83 -13.11 -15.87 -38.06
C ASN F 83 -12.62 -14.47 -37.74
N PHE F 84 -13.45 -13.47 -38.02
CA PHE F 84 -13.19 -12.12 -37.53
C PHE F 84 -14.25 -11.77 -36.49
N TYR F 85 -14.26 -12.52 -35.41
CA TYR F 85 -15.32 -12.46 -34.41
C TYR F 85 -15.45 -11.12 -33.69
N LEU F 86 -14.33 -10.45 -33.46
CA LEU F 86 -14.33 -9.28 -32.57
C LEU F 86 -14.79 -8.01 -33.29
N GLU F 87 -14.80 -8.04 -34.62
CA GLU F 87 -15.13 -6.85 -35.38
C GLU F 87 -16.52 -6.24 -35.14
N PRO F 88 -17.60 -7.05 -35.16
CA PRO F 88 -18.90 -6.40 -34.93
C PRO F 88 -18.99 -5.69 -33.57
N TYR F 89 -18.36 -6.29 -32.56
CA TYR F 89 -18.43 -5.76 -31.21
C TYR F 89 -17.56 -4.52 -31.07
N LEU F 90 -16.35 -4.60 -31.60
CA LEU F 90 -15.44 -3.47 -31.54
C LEU F 90 -15.95 -2.29 -32.35
N LYS F 91 -16.54 -2.56 -33.51
CA LYS F 91 -17.16 -1.50 -34.29
C LYS F 91 -18.37 -0.91 -33.59
N GLU F 92 -19.09 -1.74 -32.85
CA GLU F 92 -20.23 -1.23 -32.10
C GLU F 92 -19.78 -0.31 -30.96
N VAL F 93 -18.74 -0.72 -30.25
CA VAL F 93 -18.24 0.06 -29.13
C VAL F 93 -17.63 1.37 -29.62
N ILE F 94 -16.87 1.29 -30.71
CA ILE F 94 -16.26 2.48 -31.29
C ILE F 94 -17.34 3.42 -31.82
N ARG F 95 -18.40 2.86 -32.39
CA ARG F 95 -19.49 3.68 -32.88
C ARG F 95 -20.20 4.40 -31.75
N GLU F 96 -20.35 3.70 -30.62
CA GLU F 96 -20.94 4.31 -29.44
C GLU F 96 -20.05 5.42 -28.89
N ARG F 97 -18.74 5.23 -28.97
CA ARG F 97 -17.82 6.22 -28.45
C ARG F 97 -17.85 7.46 -29.32
N LYS F 98 -17.85 7.26 -30.63
CA LYS F 98 -17.88 8.38 -31.58
C LYS F 98 -19.20 9.12 -31.47
N GLU F 99 -20.27 8.40 -31.17
CA GLU F 99 -21.57 9.03 -31.03
C GLU F 99 -21.62 9.87 -29.76
N ARG F 100 -21.08 9.33 -28.66
CA ARG F 100 -21.07 10.09 -27.41
C ARG F 100 -20.16 11.30 -27.51
N GLU F 101 -19.02 11.14 -28.17
CA GLU F 101 -18.08 12.24 -28.37
C GLU F 101 -18.65 13.30 -29.30
N GLU F 102 -19.47 12.87 -30.26
CA GLU F 102 -20.11 13.81 -31.16
C GLU F 102 -21.20 14.59 -30.42
N TRP F 103 -21.93 13.92 -29.56
CA TRP F 103 -22.93 14.59 -28.74
C TRP F 103 -22.29 15.53 -27.73
N ALA F 104 -21.08 15.18 -27.27
CA ALA F 104 -20.43 15.90 -26.19
C ALA F 104 -19.73 17.17 -26.65
N LYS F 105 -19.61 17.35 -27.97
CA LYS F 105 -19.00 18.55 -28.52
C LYS F 105 -20.04 19.56 -28.98
N LYS F 106 -21.31 19.19 -28.85
CA LYS F 106 -22.40 20.03 -29.31
C LYS F 106 -23.52 20.10 -28.28
N VAL G 1 6.57 -14.74 31.46
CA VAL G 1 7.88 -15.39 31.38
C VAL G 1 7.82 -16.75 32.06
N THR G 2 7.10 -16.82 33.18
CA THR G 2 6.99 -18.06 33.94
C THR G 2 6.30 -19.16 33.13
N ARG G 3 5.39 -18.76 32.24
CA ARG G 3 4.62 -19.71 31.45
C ARG G 3 5.46 -20.54 30.49
N PHE G 4 6.57 -19.96 30.03
CA PHE G 4 7.40 -20.62 29.01
C PHE G 4 8.01 -21.92 29.50
N LEU G 5 8.32 -22.01 30.79
CA LEU G 5 8.79 -23.26 31.36
C LEU G 5 7.61 -24.22 31.46
N GLY G 6 7.85 -25.50 31.23
CA GLY G 6 6.78 -26.48 31.31
C GLY G 6 7.14 -27.85 30.77
N PRO G 7 6.26 -28.83 31.02
CA PRO G 7 6.44 -30.24 30.65
C PRO G 7 6.63 -30.49 29.15
N ARG G 8 5.97 -29.71 28.29
CA ARG G 8 6.12 -29.92 26.86
C ARG G 8 7.21 -29.04 26.27
N TYR G 9 7.43 -27.88 26.86
CA TYR G 9 8.49 -26.98 26.37
C TYR G 9 9.87 -27.60 26.55
N ARG G 10 10.04 -28.39 27.60
CA ARG G 10 11.29 -29.12 27.76
C ARG G 10 11.46 -30.09 26.60
N GLU G 11 10.36 -30.73 26.21
CA GLU G 11 10.39 -31.71 25.13
C GLU G 11 10.74 -31.02 23.84
N LEU G 12 10.20 -29.82 23.63
CA LEU G 12 10.40 -29.09 22.39
C LEU G 12 11.83 -28.61 22.26
N VAL G 13 12.35 -28.04 23.35
CA VAL G 13 13.71 -27.55 23.36
C VAL G 13 14.66 -28.72 23.12
N LYS G 14 14.34 -29.86 23.72
CA LYS G 14 15.13 -31.06 23.48
C LYS G 14 15.04 -31.51 22.03
N ASN G 15 13.88 -31.32 21.40
CA ASN G 15 13.74 -31.68 19.99
C ASN G 15 14.60 -30.80 19.09
N TRP G 16 14.77 -29.55 19.49
CA TRP G 16 15.56 -28.62 18.67
C TRP G 16 17.03 -28.49 19.07
N VAL G 17 17.45 -29.22 20.10
CA VAL G 17 18.86 -29.22 20.50
C VAL G 17 19.86 -29.61 19.38
N PRO G 18 19.63 -30.75 18.69
CA PRO G 18 20.62 -31.08 17.65
C PRO G 18 20.77 -30.01 16.58
N THR G 19 19.65 -29.37 16.26
CA THR G 19 19.63 -28.30 15.27
C THR G 19 20.41 -27.12 15.81
N ALA G 20 20.35 -26.93 17.13
CA ALA G 20 20.99 -25.80 17.77
C ALA G 20 22.51 -25.94 17.78
N TYR G 21 22.98 -27.13 18.17
CA TYR G 21 24.41 -27.39 18.07
C TYR G 21 24.91 -27.40 16.63
N THR G 22 24.06 -27.84 15.71
CA THR G 22 24.49 -27.93 14.32
C THR G 22 24.65 -26.53 13.72
N TRP G 23 23.66 -25.66 13.93
CA TRP G 23 23.82 -24.29 13.47
C TRP G 23 24.89 -23.55 14.25
N GLY G 24 25.15 -23.97 15.49
CA GLY G 24 26.23 -23.37 16.24
C GLY G 24 27.55 -23.72 15.59
N ALA G 25 27.65 -24.95 15.10
CA ALA G 25 28.83 -25.38 14.36
C ALA G 25 28.95 -24.61 13.06
N VAL G 26 27.79 -24.31 12.47
CA VAL G 26 27.75 -23.52 11.24
C VAL G 26 28.31 -22.12 11.46
N GLY G 27 27.86 -21.47 12.52
CA GLY G 27 28.31 -20.13 12.83
C GLY G 27 29.77 -20.09 13.24
N ALA G 28 30.20 -21.11 13.98
CA ALA G 28 31.57 -21.16 14.44
C ALA G 28 32.54 -21.37 13.29
N VAL G 29 32.32 -22.42 12.51
CA VAL G 29 33.22 -22.73 11.40
C VAL G 29 33.14 -21.63 10.34
N GLY G 30 31.96 -21.04 10.19
CA GLY G 30 31.78 -19.99 9.22
C GLY G 30 32.53 -18.74 9.65
N LEU G 31 32.56 -18.48 10.95
CA LEU G 31 33.30 -17.34 11.47
C LEU G 31 34.81 -17.56 11.32
N VAL G 32 35.24 -18.78 11.62
CA VAL G 32 36.66 -19.14 11.53
C VAL G 32 37.16 -19.04 10.08
N TRP G 33 36.31 -19.36 9.13
CA TRP G 33 36.70 -19.24 7.73
C TRP G 33 36.60 -17.81 7.20
N ALA G 34 35.55 -17.10 7.57
CA ALA G 34 35.38 -15.72 7.11
C ALA G 34 36.48 -14.80 7.64
N THR G 35 36.94 -15.07 8.87
CA THR G 35 37.95 -14.22 9.49
C THR G 35 39.39 -14.66 9.22
N ASP G 36 39.56 -15.82 8.60
CA ASP G 36 40.88 -16.45 8.45
C ASP G 36 41.57 -16.56 9.82
N TRP G 37 40.79 -16.99 10.81
CA TRP G 37 41.31 -16.99 12.14
C TRP G 37 42.50 -17.88 12.04
N ARG G 38 43.62 -17.39 12.54
CA ARG G 38 44.89 -18.10 12.47
C ARG G 38 45.04 -19.20 13.51
N LEU G 39 44.47 -18.99 14.70
CA LEU G 39 44.75 -19.88 15.82
C LEU G 39 44.27 -21.32 15.57
N ILE G 40 43.00 -21.50 15.24
CA ILE G 40 42.50 -22.83 14.91
C ILE G 40 43.00 -23.33 13.56
N LEU G 41 43.21 -22.41 12.63
CA LEU G 41 43.63 -22.80 11.28
C LEU G 41 45.07 -23.31 11.24
N ASP G 42 45.86 -22.99 12.26
CA ASP G 42 47.17 -23.62 12.41
C ASP G 42 47.05 -25.10 12.72
N TRP G 43 45.95 -25.48 13.36
CA TRP G 43 45.75 -26.86 13.79
C TRP G 43 45.15 -27.77 12.73
N VAL G 44 44.46 -27.20 11.75
CA VAL G 44 43.80 -28.02 10.73
C VAL G 44 44.83 -28.66 9.80
N PRO G 45 44.65 -29.96 9.53
CA PRO G 45 45.63 -30.81 8.84
C PRO G 45 46.06 -30.37 7.44
N TYR G 46 45.17 -29.75 6.66
CA TYR G 46 45.50 -29.47 5.27
C TYR G 46 45.43 -27.98 4.91
N ILE G 47 44.60 -27.24 5.61
CA ILE G 47 44.42 -25.84 5.30
C ILE G 47 45.57 -25.04 5.90
N ASN G 48 46.72 -25.11 5.25
CA ASN G 48 47.93 -24.46 5.75
C ASN G 48 48.73 -23.75 4.67
N GLY G 49 48.02 -23.05 3.79
CA GLY G 49 48.67 -22.25 2.77
C GLY G 49 49.19 -20.97 3.39
N LYS G 50 48.68 -20.68 4.58
CA LYS G 50 49.19 -19.60 5.40
C LYS G 50 50.62 -19.92 5.82
N PHE G 51 51.48 -18.92 5.83
CA PHE G 51 52.88 -19.12 6.20
C PHE G 51 53.20 -18.39 7.50
N SER H 1 51.62 17.87 -39.87
CA SER H 1 51.03 17.75 -41.20
C SER H 1 50.31 16.40 -41.37
N ASP H 2 50.90 15.54 -42.18
CA ASP H 2 50.37 14.19 -42.36
C ASP H 2 50.47 13.42 -41.05
N LEU H 3 49.50 12.56 -40.79
CA LEU H 3 49.48 11.81 -39.53
C LEU H 3 50.68 10.88 -39.44
N GLU H 4 51.14 10.69 -38.22
CA GLU H 4 52.36 9.95 -37.95
C GLU H 4 52.20 8.49 -38.34
N LEU H 5 53.32 7.86 -38.68
CA LEU H 5 53.33 6.46 -39.05
C LEU H 5 52.79 5.62 -37.90
N HIS H 6 51.99 4.61 -38.22
CA HIS H 6 51.42 3.73 -37.21
C HIS H 6 52.38 2.60 -36.90
N PRO H 7 52.81 2.51 -35.63
CA PRO H 7 53.80 1.50 -35.26
C PRO H 7 53.32 0.07 -35.46
N PRO H 8 54.21 -0.81 -35.92
CA PRO H 8 53.98 -2.25 -36.01
C PRO H 8 53.78 -2.90 -34.65
N SER H 9 52.92 -3.90 -34.59
CA SER H 9 52.76 -4.70 -33.38
C SER H 9 53.97 -5.61 -33.18
N TYR H 10 54.30 -5.94 -31.93
CA TYR H 10 55.45 -6.79 -31.64
C TYR H 10 55.09 -8.02 -30.81
N PRO H 11 55.84 -9.11 -31.00
CA PRO H 11 55.62 -10.37 -30.27
C PRO H 11 56.19 -10.36 -28.85
N TRP H 12 55.72 -9.43 -28.04
CA TRP H 12 56.08 -9.32 -26.62
C TRP H 12 55.62 -10.48 -25.74
N SER H 13 56.44 -10.77 -24.74
CA SER H 13 56.20 -11.85 -23.80
C SER H 13 54.93 -11.65 -22.98
N HIS H 14 54.63 -10.40 -22.63
CA HIS H 14 53.50 -10.12 -21.75
C HIS H 14 52.18 -9.90 -22.47
N ARG H 15 52.21 -9.88 -23.80
CA ARG H 15 50.98 -9.62 -24.55
C ARG H 15 50.11 -10.86 -24.63
N GLY H 16 50.65 -11.99 -24.19
CA GLY H 16 49.83 -13.18 -24.05
C GLY H 16 48.79 -12.92 -22.98
N LEU H 17 47.61 -13.51 -23.14
CA LEU H 17 46.48 -13.21 -22.29
C LEU H 17 46.72 -13.62 -20.83
N LEU H 18 47.62 -14.58 -20.65
CA LEU H 18 47.89 -15.11 -19.32
C LEU H 18 49.36 -14.97 -18.93
N SER H 19 50.20 -14.69 -19.91
CA SER H 19 51.64 -14.56 -19.70
C SER H 19 52.01 -13.31 -18.92
N SER H 20 53.04 -13.43 -18.08
CA SER H 20 53.50 -12.34 -17.22
C SER H 20 54.77 -11.65 -17.69
N LEU H 21 55.02 -10.46 -17.13
CA LEU H 21 56.26 -9.72 -17.38
C LEU H 21 57.47 -10.49 -16.89
N ASP H 22 58.56 -10.42 -17.64
CA ASP H 22 59.82 -11.02 -17.21
C ASP H 22 60.63 -10.05 -16.34
N HIS H 23 60.77 -10.40 -15.07
CA HIS H 23 61.35 -9.48 -14.10
C HIS H 23 62.83 -9.16 -14.33
N THR H 24 63.57 -10.07 -14.96
CA THR H 24 64.97 -9.78 -15.24
C THR H 24 65.09 -8.63 -16.22
N SER H 25 64.16 -8.58 -17.17
CA SER H 25 64.10 -7.47 -18.11
C SER H 25 63.73 -6.18 -17.42
N ILE H 26 62.91 -6.28 -16.38
CA ILE H 26 62.52 -5.11 -15.60
C ILE H 26 63.72 -4.59 -14.82
N ARG H 27 64.54 -5.52 -14.34
CA ARG H 27 65.74 -5.15 -13.62
C ARG H 27 66.71 -4.45 -14.53
N ARG H 28 67.00 -5.07 -15.67
CA ARG H 28 67.97 -4.51 -16.61
C ARG H 28 67.47 -3.18 -17.18
N GLY H 29 66.15 -3.06 -17.31
CA GLY H 29 65.55 -1.84 -17.81
C GLY H 29 65.61 -0.73 -16.79
N PHE H 30 65.48 -1.08 -15.53
CA PHE H 30 65.67 -0.11 -14.46
C PHE H 30 67.12 0.34 -14.41
N GLN H 31 68.02 -0.59 -14.69
CA GLN H 31 69.44 -0.27 -14.72
C GLN H 31 69.76 0.61 -15.92
N VAL H 32 68.91 0.57 -16.94
CA VAL H 32 69.01 1.53 -18.02
C VAL H 32 68.44 2.88 -17.58
N TYR H 33 67.36 2.83 -16.81
CA TYR H 33 66.68 4.05 -16.37
C TYR H 33 67.55 4.89 -15.45
N LYS H 34 68.38 4.24 -14.62
CA LYS H 34 69.15 4.96 -13.62
C LYS H 34 70.18 5.92 -14.22
N GLN H 35 70.67 5.60 -15.41
CA GLN H 35 71.67 6.44 -16.04
C GLN H 35 71.11 7.26 -17.19
N VAL H 36 70.84 6.62 -18.31
CA VAL H 36 70.49 7.35 -19.53
C VAL H 36 69.18 8.13 -19.38
N CYS H 37 68.24 7.57 -18.62
CA CYS H 37 66.93 8.18 -18.47
C CYS H 37 66.88 9.21 -17.36
N ALA H 38 67.44 8.86 -16.21
CA ALA H 38 67.22 9.57 -14.96
C ALA H 38 67.76 11.00 -15.00
N SER H 39 68.73 11.23 -15.87
CA SER H 39 69.35 12.54 -15.97
C SER H 39 68.35 13.61 -16.40
N CYS H 40 67.34 13.21 -17.17
CA CYS H 40 66.39 14.17 -17.71
C CYS H 40 64.94 13.68 -17.77
N HIS H 41 64.58 12.78 -16.86
CA HIS H 41 63.19 12.32 -16.77
C HIS H 41 62.74 11.97 -15.35
N SER H 42 61.71 12.65 -14.90
CA SER H 42 61.09 12.38 -13.60
C SER H 42 60.24 11.12 -13.62
N MET H 43 60.12 10.47 -12.47
CA MET H 43 59.07 9.49 -12.24
C MET H 43 58.43 9.79 -10.89
N ASP H 44 57.38 10.60 -10.93
CA ASP H 44 56.79 11.20 -9.73
C ASP H 44 56.20 10.18 -8.78
N PHE H 45 55.73 9.05 -9.30
CA PHE H 45 54.85 8.20 -8.52
C PHE H 45 55.48 6.87 -8.10
N VAL H 46 56.75 6.67 -8.45
CA VAL H 46 57.43 5.45 -8.04
C VAL H 46 58.45 5.68 -6.93
N ALA H 47 58.30 4.95 -5.84
CA ALA H 47 59.23 5.01 -4.72
C ALA H 47 60.33 3.96 -4.87
N TYR H 48 61.35 4.04 -4.03
CA TYR H 48 62.39 3.02 -4.00
C TYR H 48 61.89 1.71 -3.42
N ARG H 49 60.74 1.75 -2.76
CA ARG H 49 59.99 0.51 -2.52
C ARG H 49 59.42 0.07 -3.86
N HIS H 50 58.29 -0.64 -3.85
CA HIS H 50 57.72 -1.21 -5.09
C HIS H 50 58.68 -2.21 -5.73
N LEU H 51 59.92 -1.79 -5.91
CA LEU H 51 60.98 -2.63 -6.46
C LEU H 51 61.26 -3.82 -5.55
N VAL H 52 60.92 -3.67 -4.27
CA VAL H 52 61.26 -4.65 -3.26
C VAL H 52 60.65 -6.04 -3.52
N GLY H 53 59.44 -6.07 -4.06
CA GLY H 53 58.81 -7.34 -4.34
C GLY H 53 58.87 -7.79 -5.80
N VAL H 54 59.27 -6.89 -6.68
CA VAL H 54 59.23 -7.19 -8.10
C VAL H 54 60.59 -7.61 -8.66
N CYS H 55 61.67 -7.08 -8.10
CA CYS H 55 63.01 -7.35 -8.62
C CYS H 55 64.05 -7.33 -7.52
N TYR H 56 64.49 -6.14 -7.14
CA TYR H 56 65.50 -6.00 -6.09
C TYR H 56 64.96 -6.48 -4.76
N THR H 57 65.83 -7.13 -4.00
CA THR H 57 65.54 -7.56 -2.64
C THR H 57 65.53 -6.35 -1.71
N GLU H 58 64.84 -6.47 -0.58
CA GLU H 58 64.67 -5.35 0.34
C GLU H 58 65.99 -4.78 0.83
N ASP H 59 66.96 -5.64 1.07
CA ASP H 59 68.27 -5.20 1.51
C ASP H 59 68.99 -4.48 0.38
N GLU H 60 68.88 -5.03 -0.82
CA GLU H 60 69.47 -4.41 -1.99
C GLU H 60 68.78 -3.08 -2.30
N ALA H 61 67.49 -3.01 -2.01
CA ALA H 61 66.75 -1.76 -2.14
C ALA H 61 67.24 -0.73 -1.13
N LYS H 62 67.59 -1.19 0.06
CA LYS H 62 68.15 -0.31 1.08
C LYS H 62 69.50 0.23 0.64
N GLU H 63 70.30 -0.66 0.05
CA GLU H 63 71.61 -0.26 -0.45
C GLU H 63 71.51 0.68 -1.65
N LEU H 64 70.43 0.54 -2.40
CA LEU H 64 70.23 1.34 -3.61
C LEU H 64 69.66 2.72 -3.31
N ALA H 65 68.79 2.80 -2.32
CA ALA H 65 68.15 4.05 -1.95
C ALA H 65 69.14 5.09 -1.43
N ALA H 66 70.25 4.61 -0.85
CA ALA H 66 71.24 5.48 -0.24
C ALA H 66 72.23 6.06 -1.24
N GLU H 67 72.16 5.60 -2.48
CA GLU H 67 73.15 6.00 -3.48
C GLU H 67 72.91 7.38 -4.05
N VAL H 68 71.78 7.99 -3.70
CA VAL H 68 71.51 9.36 -4.11
C VAL H 68 70.88 10.18 -2.97
N GLU H 69 71.46 11.34 -2.69
CA GLU H 69 70.99 12.20 -1.61
C GLU H 69 69.65 12.85 -1.94
N VAL H 70 68.83 13.06 -0.93
CA VAL H 70 67.50 13.65 -1.12
C VAL H 70 67.23 14.81 -0.17
N GLN H 71 66.45 15.78 -0.65
CA GLN H 71 66.07 16.94 0.14
C GLN H 71 65.19 16.51 1.33
N ASP H 72 65.32 17.23 2.45
CA ASP H 72 64.56 16.91 3.64
C ASP H 72 64.13 18.19 4.35
N GLY H 73 63.23 18.06 5.31
CA GLY H 73 62.70 19.20 6.05
C GLY H 73 63.74 19.75 7.01
N PRO H 74 63.47 20.94 7.55
CA PRO H 74 64.43 21.74 8.34
C PRO H 74 64.90 21.08 9.63
N ASN H 75 66.16 21.32 9.97
CA ASN H 75 66.71 20.97 11.27
C ASN H 75 66.56 22.16 12.21
N GLU H 76 67.63 22.54 12.90
CA GLU H 76 67.65 23.83 13.57
C GLU H 76 67.60 24.92 12.51
N ASP H 77 66.84 25.97 12.77
CA ASP H 77 66.51 26.97 11.75
C ASP H 77 65.87 26.27 10.55
N GLY H 78 66.02 26.88 9.37
CA GLY H 78 65.59 26.23 8.15
C GLY H 78 66.69 25.33 7.66
N GLU H 79 67.59 25.89 6.85
CA GLU H 79 68.82 25.24 6.42
C GLU H 79 68.63 24.00 5.55
N MET H 80 67.51 23.29 5.74
CA MET H 80 67.06 22.17 4.91
C MET H 80 68.17 21.19 4.49
N PHE H 81 68.63 20.39 5.45
CA PHE H 81 69.69 19.42 5.21
C PHE H 81 69.20 18.30 4.28
N MET H 82 70.12 17.72 3.52
CA MET H 82 69.77 16.64 2.59
C MET H 82 70.13 15.26 3.14
N ARG H 83 69.13 14.38 3.21
CA ARG H 83 69.32 13.00 3.65
C ARG H 83 69.99 12.14 2.59
N PRO H 84 70.71 11.09 3.03
CA PRO H 84 71.24 10.07 2.12
C PRO H 84 70.13 9.35 1.33
N GLY H 85 68.95 9.21 1.91
CA GLY H 85 67.82 8.60 1.22
C GLY H 85 67.34 7.30 1.84
N LYS H 86 66.06 7.00 1.61
CA LYS H 86 65.42 5.80 2.16
C LYS H 86 64.40 5.21 1.18
N LEU H 87 63.82 4.08 1.56
CA LEU H 87 62.94 3.32 0.67
C LEU H 87 61.66 4.06 0.28
N PHE H 88 61.14 4.90 1.15
CA PHE H 88 59.89 5.59 0.87
C PHE H 88 60.08 6.80 -0.03
N ASP H 89 61.34 7.16 -0.26
CA ASP H 89 61.66 8.26 -1.16
C ASP H 89 61.32 7.91 -2.60
N TYR H 90 60.85 8.90 -3.35
CA TYR H 90 60.53 8.71 -4.76
C TYR H 90 61.76 8.98 -5.62
N PHE H 91 61.69 8.63 -6.90
CA PHE H 91 62.80 8.87 -7.80
C PHE H 91 63.06 10.36 -7.93
N PRO H 92 64.34 10.75 -7.88
CA PRO H 92 64.76 12.16 -7.81
C PRO H 92 64.31 12.98 -9.00
N LYS H 93 63.94 14.23 -8.76
CA LYS H 93 63.63 15.16 -9.84
C LYS H 93 64.90 15.58 -10.57
N PRO H 94 64.93 15.39 -11.89
CA PRO H 94 66.02 15.91 -12.71
C PRO H 94 66.16 17.42 -12.59
N TYR H 95 65.03 18.11 -12.41
CA TYR H 95 65.03 19.56 -12.29
C TYR H 95 64.11 20.00 -11.15
N PRO H 96 64.44 21.12 -10.49
CA PRO H 96 63.60 21.66 -9.41
C PRO H 96 62.18 22.00 -9.85
N ASN H 97 62.03 22.42 -11.11
CA ASN H 97 60.74 22.80 -11.65
C ASN H 97 60.72 22.68 -13.17
N SER H 98 59.52 22.65 -13.74
CA SER H 98 59.36 22.41 -15.17
C SER H 98 60.03 23.48 -16.03
N GLU H 99 60.03 24.72 -15.55
CA GLU H 99 60.58 25.82 -16.32
C GLU H 99 62.08 25.65 -16.53
N ALA H 100 62.76 25.11 -15.52
CA ALA H 100 64.18 24.82 -15.65
C ALA H 100 64.40 23.70 -16.66
N ALA H 101 63.48 22.73 -16.66
CA ALA H 101 63.56 21.63 -17.60
C ALA H 101 63.39 22.10 -19.03
N ARG H 102 62.56 23.12 -19.21
CA ARG H 102 62.41 23.75 -20.51
C ARG H 102 63.66 24.52 -20.88
N ALA H 103 64.26 25.18 -19.89
CA ALA H 103 65.48 25.95 -20.14
C ALA H 103 66.64 25.04 -20.55
N ALA H 104 66.62 23.82 -20.03
CA ALA H 104 67.69 22.86 -20.33
C ALA H 104 67.45 22.14 -21.65
N ASN H 105 66.28 22.32 -22.22
CA ASN H 105 65.89 21.56 -23.41
C ASN H 105 65.27 22.40 -24.50
N ASN H 106 65.77 23.62 -24.67
CA ASN H 106 65.30 24.53 -25.71
C ASN H 106 63.80 24.77 -25.64
N GLY H 107 63.27 24.80 -24.43
CA GLY H 107 61.87 25.08 -24.20
C GLY H 107 61.02 23.83 -24.13
N ALA H 108 61.53 22.72 -24.66
CA ALA H 108 60.83 21.46 -24.61
C ALA H 108 60.78 20.91 -23.18
N LEU H 109 59.64 20.34 -22.80
CA LEU H 109 59.50 19.72 -21.50
C LEU H 109 59.40 18.20 -21.61
N PRO H 110 60.40 17.49 -21.07
CA PRO H 110 60.35 16.03 -21.07
C PRO H 110 59.24 15.50 -20.17
N PRO H 111 58.30 14.74 -20.75
CA PRO H 111 57.13 14.19 -20.05
C PRO H 111 57.51 13.22 -18.95
N ASP H 112 56.73 13.18 -17.88
CA ASP H 112 56.90 12.19 -16.82
C ASP H 112 56.71 10.80 -17.40
N LEU H 113 57.60 9.88 -17.03
CA LEU H 113 57.58 8.53 -17.56
C LEU H 113 56.74 7.56 -16.72
N SER H 114 56.18 8.06 -15.63
CA SER H 114 55.42 7.22 -14.72
C SER H 114 54.18 6.63 -15.36
N TYR H 115 53.62 7.32 -16.35
CA TYR H 115 52.48 6.81 -17.10
C TYR H 115 52.63 7.05 -18.59
N ILE H 116 53.86 7.16 -19.05
CA ILE H 116 54.12 7.48 -20.45
C ILE H 116 53.63 6.37 -21.38
N VAL H 117 53.60 5.14 -20.90
CA VAL H 117 53.17 4.01 -21.72
C VAL H 117 51.67 3.99 -21.97
N ARG H 118 50.88 4.08 -20.91
CA ARG H 118 49.43 3.95 -21.02
C ARG H 118 48.77 5.24 -21.47
N ALA H 119 49.56 6.30 -21.57
CA ALA H 119 49.05 7.56 -22.08
C ALA H 119 49.00 7.55 -23.60
N ARG H 120 50.15 7.32 -24.23
CA ARG H 120 50.25 7.37 -25.68
C ARG H 120 49.43 6.29 -26.38
N HIS H 121 48.79 6.65 -27.50
CA HIS H 121 48.07 5.66 -28.29
C HIS H 121 49.00 4.62 -28.87
N GLY H 122 48.56 3.37 -28.83
CA GLY H 122 49.38 2.26 -29.24
C GLY H 122 50.26 1.84 -28.07
N GLY H 123 50.16 2.57 -26.98
CA GLY H 123 50.85 2.24 -25.75
C GLY H 123 52.35 2.18 -25.88
N GLU H 124 52.95 1.16 -25.25
CA GLU H 124 54.40 0.98 -25.26
C GLU H 124 54.95 0.70 -26.66
N ASP H 125 54.07 0.23 -27.53
CA ASP H 125 54.44 -0.02 -28.93
C ASP H 125 54.89 1.30 -29.56
N TYR H 126 54.27 2.39 -29.12
CA TYR H 126 54.70 3.71 -29.58
C TYR H 126 56.12 4.01 -29.14
N VAL H 127 56.49 3.51 -27.97
CA VAL H 127 57.77 3.84 -27.34
C VAL H 127 58.98 3.16 -27.99
N PHE H 128 58.92 1.84 -28.15
CA PHE H 128 60.07 1.10 -28.67
C PHE H 128 60.41 1.61 -30.05
N SER H 129 59.39 1.70 -30.90
CA SER H 129 59.58 2.17 -32.25
C SER H 129 60.08 3.60 -32.25
N LEU H 130 59.69 4.37 -31.24
CA LEU H 130 60.13 5.76 -31.15
C LEU H 130 61.64 5.80 -30.91
N LEU H 131 62.16 4.81 -30.18
CA LEU H 131 63.57 4.78 -29.83
C LEU H 131 64.38 4.11 -30.93
N THR H 132 63.82 3.01 -31.45
CA THR H 132 64.48 2.21 -32.47
C THR H 132 64.62 2.99 -33.77
N GLY H 133 63.70 3.92 -34.02
CA GLY H 133 63.63 4.61 -35.28
C GLY H 133 64.16 6.04 -35.31
N TYR H 134 65.21 6.26 -36.09
CA TYR H 134 65.72 7.60 -36.38
C TYR H 134 66.23 7.72 -37.81
N CYS H 135 65.30 7.70 -38.77
CA CYS H 135 65.65 7.85 -40.17
C CYS H 135 66.24 9.23 -40.44
N GLU H 136 67.19 9.29 -41.36
CA GLU H 136 67.77 10.56 -41.78
C GLU H 136 66.68 11.37 -42.48
N PRO H 137 66.74 12.71 -42.36
CA PRO H 137 65.64 13.54 -42.85
C PRO H 137 65.40 13.39 -44.35
N PRO H 138 64.12 13.38 -44.75
CA PRO H 138 63.66 13.29 -46.13
C PRO H 138 64.10 14.48 -46.98
N THR H 139 64.36 14.24 -48.26
CA THR H 139 64.65 15.33 -49.18
C THR H 139 63.41 16.20 -49.31
N GLY H 140 63.62 17.52 -49.39
CA GLY H 140 62.52 18.44 -49.59
C GLY H 140 61.84 18.90 -48.31
N VAL H 141 62.30 18.40 -47.17
CA VAL H 141 61.82 18.92 -45.90
C VAL H 141 63.01 19.36 -45.06
N SER H 142 62.84 20.46 -44.34
CA SER H 142 63.92 21.02 -43.53
C SER H 142 63.40 21.46 -42.17
N LEU H 143 64.29 21.46 -41.18
CA LEU H 143 63.90 21.74 -39.81
C LEU H 143 65.08 22.24 -38.99
N ARG H 144 64.79 22.83 -37.84
CA ARG H 144 65.81 23.46 -36.99
C ARG H 144 66.81 22.43 -36.50
N GLU H 145 68.08 22.83 -36.38
CA GLU H 145 69.15 21.93 -35.99
C GLU H 145 68.90 21.35 -34.60
N GLY H 146 68.20 22.09 -33.75
CA GLY H 146 67.87 21.61 -32.42
C GLY H 146 66.83 20.51 -32.49
N LEU H 147 65.98 20.58 -33.51
CA LEU H 147 64.99 19.53 -33.76
C LEU H 147 65.65 18.31 -34.36
N TYR H 148 65.10 17.13 -34.09
CA TYR H 148 65.62 15.89 -34.64
C TYR H 148 64.47 15.09 -35.26
N PHE H 149 64.74 14.48 -36.42
CA PHE H 149 63.68 13.85 -37.20
C PHE H 149 63.40 12.42 -36.78
N ASN H 150 62.37 12.23 -35.96
CA ASN H 150 61.87 10.90 -35.65
C ASN H 150 60.46 10.78 -36.20
N PRO H 151 60.28 9.95 -37.24
CA PRO H 151 59.01 9.85 -37.98
C PRO H 151 57.82 9.43 -37.12
N TYR H 152 58.05 8.61 -36.11
CA TYR H 152 56.94 8.13 -35.28
C TYR H 152 56.43 9.20 -34.32
N PHE H 153 57.21 10.24 -34.10
CA PHE H 153 56.75 11.37 -33.31
C PHE H 153 55.72 12.14 -34.13
N PRO H 154 54.58 12.48 -33.51
CA PRO H 154 53.48 13.12 -34.25
C PRO H 154 53.85 14.44 -34.90
N GLY H 155 54.74 15.20 -34.27
CA GLY H 155 55.24 16.42 -34.86
C GLY H 155 56.34 16.14 -35.86
N GLN H 156 56.79 14.89 -35.89
CA GLN H 156 57.80 14.43 -36.84
C GLN H 156 59.09 15.25 -36.74
N ALA H 157 59.35 15.76 -35.54
CA ALA H 157 60.55 16.56 -35.29
C ALA H 157 60.79 16.66 -33.79
N ILE H 158 61.10 15.53 -33.16
CA ILE H 158 61.24 15.48 -31.71
C ILE H 158 62.47 16.27 -31.24
N ALA H 159 62.31 16.99 -30.15
CA ALA H 159 63.39 17.77 -29.57
C ALA H 159 64.45 16.88 -28.94
N MET H 160 64.06 15.67 -28.56
CA MET H 160 64.99 14.74 -27.92
C MET H 160 66.10 14.32 -28.87
N ALA H 161 67.33 14.33 -28.35
CA ALA H 161 68.46 13.76 -29.07
C ALA H 161 68.38 12.25 -28.93
N PRO H 162 68.80 11.51 -29.98
CA PRO H 162 68.76 10.04 -29.95
C PRO H 162 69.43 9.49 -28.70
N PRO H 163 68.63 9.13 -27.69
CA PRO H 163 69.06 8.81 -26.33
C PRO H 163 70.06 7.67 -26.22
N ILE H 164 69.95 6.68 -27.10
CA ILE H 164 70.73 5.46 -26.94
C ILE H 164 71.39 4.96 -28.22
N TYR H 165 72.50 4.24 -28.03
CA TYR H 165 73.25 3.57 -29.08
C TYR H 165 73.96 2.40 -28.42
N THR H 166 74.64 1.56 -29.18
CA THR H 166 75.24 0.36 -28.60
C THR H 166 76.29 0.69 -27.55
N ASP H 167 76.27 -0.07 -26.45
CA ASP H 167 77.17 0.11 -25.32
C ASP H 167 77.19 1.52 -24.73
N VAL H 168 76.03 2.16 -24.64
CA VAL H 168 75.89 3.35 -23.83
C VAL H 168 76.00 2.96 -22.35
N LEU H 169 75.64 1.71 -22.06
CA LEU H 169 75.62 1.23 -20.70
C LEU H 169 75.94 -0.26 -20.65
N GLU H 170 76.56 -0.70 -19.55
CA GLU H 170 76.96 -2.09 -19.40
C GLU H 170 76.13 -2.78 -18.33
N PHE H 171 75.29 -3.73 -18.75
CA PHE H 171 74.41 -4.45 -17.84
C PHE H 171 75.19 -5.29 -16.84
N ASP H 172 74.74 -5.29 -15.60
CA ASP H 172 75.37 -6.09 -14.55
C ASP H 172 75.16 -7.58 -14.81
N ASP H 173 74.09 -7.88 -15.53
CA ASP H 173 73.71 -9.25 -15.85
C ASP H 173 74.74 -9.87 -16.78
N GLY H 174 75.49 -9.02 -17.48
CA GLY H 174 76.52 -9.48 -18.39
C GLY H 174 75.99 -9.77 -19.78
N THR H 175 74.70 -9.52 -19.97
CA THR H 175 74.07 -9.68 -21.28
C THR H 175 74.58 -8.61 -22.24
N PRO H 176 74.64 -8.92 -23.54
CA PRO H 176 75.16 -7.96 -24.52
C PRO H 176 74.32 -6.68 -24.56
N ALA H 177 74.96 -5.55 -24.78
CA ALA H 177 74.30 -4.25 -24.66
C ALA H 177 73.92 -3.65 -26.00
N THR H 178 73.23 -4.42 -26.84
CA THR H 178 72.70 -3.89 -28.08
C THR H 178 71.64 -2.85 -27.78
N MET H 179 71.57 -1.80 -28.59
CA MET H 179 70.58 -0.75 -28.41
C MET H 179 69.16 -1.30 -28.52
N SER H 180 69.00 -2.39 -29.27
CA SER H 180 67.71 -3.06 -29.36
C SER H 180 67.33 -3.69 -28.05
N GLN H 181 68.27 -4.39 -27.43
CA GLN H 181 68.05 -5.01 -26.13
C GLN H 181 67.83 -3.95 -25.08
N ILE H 182 68.50 -2.82 -25.25
CA ILE H 182 68.36 -1.70 -24.32
C ILE H 182 66.96 -1.12 -24.39
N ALA H 183 66.50 -0.83 -25.60
CA ALA H 183 65.17 -0.25 -25.79
C ALA H 183 64.09 -1.24 -25.36
N LYS H 184 64.37 -2.52 -25.55
CA LYS H 184 63.42 -3.56 -25.15
C LYS H 184 63.28 -3.59 -23.63
N ASP H 185 64.41 -3.56 -22.93
CA ASP H 185 64.39 -3.56 -21.48
C ASP H 185 63.76 -2.27 -20.95
N VAL H 186 63.96 -1.18 -21.66
CA VAL H 186 63.35 0.09 -21.27
C VAL H 186 61.85 0.00 -21.37
N CYS H 187 61.35 -0.49 -22.50
CA CYS H 187 59.90 -0.59 -22.68
C CYS H 187 59.27 -1.57 -21.70
N THR H 188 60.01 -2.61 -21.34
CA THR H 188 59.49 -3.57 -20.37
C THR H 188 59.39 -2.91 -19.01
N PHE H 189 60.45 -2.22 -18.60
CA PHE H 189 60.44 -1.55 -17.31
C PHE H 189 59.42 -0.43 -17.22
N LEU H 190 59.22 0.30 -18.31
CA LEU H 190 58.22 1.36 -18.31
C LEU H 190 56.83 0.76 -18.26
N ARG H 191 56.66 -0.38 -18.93
CA ARG H 191 55.38 -1.06 -18.93
C ARG H 191 55.04 -1.51 -17.52
N TRP H 192 56.04 -2.00 -16.80
CA TRP H 192 55.82 -2.32 -15.39
C TRP H 192 55.57 -1.07 -14.56
N ALA H 193 56.23 0.02 -14.94
CA ALA H 193 56.12 1.26 -14.21
C ALA H 193 54.70 1.80 -14.27
N SER H 194 54.02 1.54 -15.38
CA SER H 194 52.67 2.03 -15.52
C SER H 194 51.61 1.01 -15.08
N GLU H 195 52.00 -0.26 -15.02
CA GLU H 195 51.10 -1.31 -14.53
C GLU H 195 51.77 -2.24 -13.52
N PRO H 196 51.95 -1.78 -12.27
CA PRO H 196 52.48 -2.61 -11.20
C PRO H 196 51.62 -3.85 -10.93
N GLU H 197 50.32 -3.72 -11.16
CA GLU H 197 49.37 -4.78 -10.81
C GLU H 197 49.24 -5.90 -11.84
N HIS H 198 49.97 -5.79 -12.95
CA HIS H 198 49.81 -6.69 -14.09
C HIS H 198 49.93 -8.17 -13.74
N ASP H 199 50.99 -8.52 -13.03
CA ASP H 199 51.28 -9.91 -12.72
C ASP H 199 50.21 -10.53 -11.82
N HIS H 200 49.62 -9.71 -10.97
CA HIS H 200 48.59 -10.19 -10.07
C HIS H 200 47.26 -10.27 -10.81
N ARG H 201 47.05 -9.32 -11.70
CA ARG H 201 45.83 -9.24 -12.47
C ARG H 201 45.67 -10.44 -13.42
N LYS H 202 46.77 -10.90 -13.99
CA LYS H 202 46.69 -12.09 -14.84
C LYS H 202 46.32 -13.33 -14.03
N ARG H 203 46.88 -13.38 -12.82
CA ARG H 203 46.68 -14.44 -11.85
C ARG H 203 45.23 -14.56 -11.36
N MET H 204 44.62 -13.42 -11.10
CA MET H 204 43.22 -13.33 -10.70
C MET H 204 42.29 -13.53 -11.91
N GLY H 205 42.79 -13.22 -13.10
CA GLY H 205 42.03 -13.50 -14.30
C GLY H 205 41.93 -14.99 -14.57
N LEU H 206 43.02 -15.71 -14.28
CA LEU H 206 43.00 -17.16 -14.42
C LEU H 206 42.02 -17.77 -13.42
N LYS H 207 42.14 -17.33 -12.18
CA LYS H 207 41.32 -17.88 -11.11
C LYS H 207 39.84 -17.58 -11.33
N MET H 208 39.54 -16.39 -11.85
CA MET H 208 38.15 -16.08 -12.18
C MET H 208 37.66 -16.88 -13.39
N LEU H 209 38.53 -17.17 -14.35
CA LEU H 209 38.08 -18.01 -15.46
C LEU H 209 37.74 -19.40 -14.97
N MET H 210 38.51 -19.91 -14.03
CA MET H 210 38.23 -21.24 -13.52
C MET H 210 36.95 -21.27 -12.68
N MET H 211 36.79 -20.31 -11.77
CA MET H 211 35.57 -20.27 -10.98
C MET H 211 34.32 -20.01 -11.81
N MET H 212 34.46 -19.20 -12.85
CA MET H 212 33.32 -18.82 -13.65
C MET H 212 32.90 -19.97 -14.55
N ALA H 213 33.89 -20.62 -15.16
CA ALA H 213 33.63 -21.80 -15.97
C ALA H 213 33.04 -22.91 -15.12
N LEU H 214 33.45 -22.97 -13.86
CA LEU H 214 32.87 -23.93 -12.93
C LEU H 214 31.42 -23.58 -12.57
N LEU H 215 31.11 -22.29 -12.50
CA LEU H 215 29.81 -21.87 -11.99
C LEU H 215 28.68 -21.74 -13.00
N VAL H 216 28.98 -21.27 -14.22
CA VAL H 216 27.91 -21.04 -15.20
C VAL H 216 27.06 -22.28 -15.50
N PRO H 217 27.69 -23.42 -15.84
CA PRO H 217 26.86 -24.61 -16.08
C PRO H 217 26.01 -25.00 -14.88
N LEU H 218 26.52 -24.80 -13.67
CA LEU H 218 25.80 -25.21 -12.47
C LEU H 218 24.55 -24.39 -12.23
N VAL H 219 24.70 -23.07 -12.30
CA VAL H 219 23.57 -22.18 -12.11
C VAL H 219 22.57 -22.39 -13.23
N TYR H 220 23.06 -22.63 -14.43
CA TYR H 220 22.17 -22.89 -15.54
C TYR H 220 21.36 -24.15 -15.29
N THR H 221 22.01 -25.18 -14.78
CA THR H 221 21.29 -26.41 -14.43
C THR H 221 20.28 -26.21 -13.32
N ILE H 222 20.58 -25.29 -12.40
CA ILE H 222 19.61 -24.99 -11.35
C ILE H 222 18.39 -24.33 -11.97
N LYS H 223 18.63 -23.44 -12.93
CA LYS H 223 17.53 -22.75 -13.58
C LYS H 223 16.70 -23.71 -14.41
N ARG H 224 17.35 -24.65 -15.09
CA ARG H 224 16.65 -25.64 -15.87
C ARG H 224 15.82 -26.50 -14.92
N HIS H 225 16.39 -26.74 -13.75
CA HIS H 225 15.74 -27.57 -12.74
C HIS H 225 14.48 -26.92 -12.19
N LYS H 226 14.47 -25.60 -12.10
CA LYS H 226 13.28 -24.91 -11.63
C LYS H 226 12.24 -24.69 -12.72
N TRP H 227 12.72 -24.36 -13.92
CA TRP H 227 11.85 -24.03 -15.05
C TRP H 227 11.30 -25.25 -15.76
N SER H 228 11.81 -26.42 -15.41
CA SER H 228 11.39 -27.64 -16.09
C SER H 228 9.90 -27.91 -15.90
N VAL H 229 9.35 -27.50 -14.77
CA VAL H 229 7.94 -27.70 -14.51
C VAL H 229 7.10 -26.92 -15.53
N LEU H 230 7.61 -25.75 -15.92
CA LEU H 230 6.90 -24.92 -16.87
C LEU H 230 7.11 -25.40 -18.29
N LYS H 231 8.35 -25.74 -18.63
CA LYS H 231 8.65 -26.22 -19.97
C LYS H 231 7.98 -27.55 -20.30
N SER H 232 7.81 -28.40 -19.30
CA SER H 232 7.27 -29.74 -19.53
C SER H 232 5.74 -29.82 -19.45
N ARG H 233 5.08 -28.74 -19.05
CA ARG H 233 3.64 -28.83 -18.79
C ARG H 233 2.84 -28.89 -20.08
N LYS H 234 1.68 -29.54 -20.00
CA LYS H 234 0.86 -29.81 -21.18
C LYS H 234 -0.60 -29.48 -20.93
N LEU H 235 -0.95 -28.21 -21.08
CA LEU H 235 -2.32 -27.77 -20.87
C LEU H 235 -3.27 -28.29 -21.95
N ALA H 236 -4.53 -28.47 -21.58
CA ALA H 236 -5.55 -29.00 -22.49
C ALA H 236 -6.88 -28.29 -22.29
N TYR H 237 -7.78 -28.44 -23.25
CA TYR H 237 -9.05 -27.70 -23.24
C TYR H 237 -10.22 -28.66 -23.39
N ARG H 238 -11.13 -28.65 -22.42
CA ARG H 238 -12.22 -29.62 -22.40
C ARG H 238 -13.60 -29.00 -22.18
N PRO H 239 -14.13 -28.33 -23.22
CA PRO H 239 -15.47 -27.73 -23.20
C PRO H 239 -16.56 -28.78 -23.03
N PRO H 240 -17.65 -28.43 -22.31
CA PRO H 240 -18.80 -29.32 -22.12
C PRO H 240 -19.45 -29.73 -23.43
N LYS H 241 -19.39 -28.86 -24.43
CA LYS H 241 -19.99 -29.12 -25.74
C LYS H 241 -19.37 -30.32 -26.42
N THR I 1 -1.84 -18.02 7.66
CA THR I 1 -1.35 -16.65 7.70
C THR I 1 0.17 -16.60 7.88
N PRO I 2 0.91 -16.57 6.77
CA PRO I 2 2.37 -16.48 6.77
C PRO I 2 2.86 -15.18 7.40
N MET I 3 4.02 -15.25 8.06
CA MET I 3 4.57 -14.12 8.80
C MET I 3 4.80 -12.92 7.89
N ARG I 4 5.09 -13.20 6.62
CA ARG I 4 5.34 -12.16 5.63
C ARG I 4 4.13 -11.28 5.35
N LYS I 5 2.92 -11.85 5.45
CA LYS I 5 1.71 -11.09 5.16
C LYS I 5 1.19 -10.28 6.34
N THR I 6 1.73 -10.52 7.53
CA THR I 6 1.32 -9.76 8.71
C THR I 6 2.25 -8.59 8.97
N ASN I 7 3.53 -8.77 8.69
CA ASN I 7 4.52 -7.75 8.97
C ASN I 7 4.47 -6.64 7.92
N PRO I 8 4.28 -5.38 8.36
CA PRO I 8 4.18 -4.24 7.45
C PRO I 8 5.39 -4.05 6.55
N LEU I 9 6.59 -4.37 7.04
CA LEU I 9 7.76 -4.32 6.19
C LEU I 9 7.77 -5.48 5.20
N MET I 10 7.41 -6.67 5.67
CA MET I 10 7.43 -7.85 4.83
C MET I 10 6.38 -7.81 3.73
N LYS I 11 5.31 -7.05 3.94
CA LYS I 11 4.29 -6.92 2.92
C LYS I 11 4.85 -6.26 1.67
N LEU I 12 5.77 -5.32 1.86
CA LEU I 12 6.40 -4.67 0.73
C LEU I 12 7.33 -5.62 0.01
N ILE I 13 8.08 -6.40 0.78
CA ILE I 13 8.95 -7.41 0.21
C ILE I 13 8.12 -8.50 -0.45
N ASN I 14 6.95 -8.76 0.12
CA ASN I 14 6.08 -9.79 -0.41
C ASN I 14 5.45 -9.40 -1.75
N HIS I 15 4.96 -8.17 -1.84
CA HIS I 15 4.36 -7.70 -3.08
C HIS I 15 5.40 -7.33 -4.13
N SER I 16 6.39 -6.52 -3.76
CA SER I 16 7.37 -6.05 -4.73
C SER I 16 8.32 -7.15 -5.22
N PHE I 17 8.49 -8.21 -4.44
CA PHE I 17 9.43 -9.26 -4.80
C PHE I 17 8.78 -10.64 -4.91
N ILE I 18 8.51 -11.24 -3.76
CA ILE I 18 8.19 -12.66 -3.69
C ILE I 18 6.90 -13.09 -4.40
N ASP I 19 5.87 -12.25 -4.41
CA ASP I 19 4.58 -12.71 -4.92
C ASP I 19 3.91 -11.88 -6.03
N LEU I 20 4.57 -10.88 -6.58
CA LEU I 20 3.93 -10.16 -7.68
C LEU I 20 3.88 -11.04 -8.91
N PRO I 21 2.70 -11.13 -9.54
CA PRO I 21 2.54 -11.91 -10.77
C PRO I 21 3.38 -11.34 -11.90
N THR I 22 3.92 -12.22 -12.74
CA THR I 22 4.67 -11.81 -13.93
C THR I 22 4.20 -12.65 -15.10
N PRO I 23 4.32 -12.13 -16.33
CA PRO I 23 4.00 -12.97 -17.47
C PRO I 23 4.89 -14.19 -17.49
N SER I 24 4.34 -15.33 -17.89
CA SER I 24 5.11 -16.56 -17.94
C SER I 24 6.18 -16.51 -19.02
N ASN I 25 5.86 -15.86 -20.14
CA ASN I 25 6.64 -15.97 -21.37
C ASN I 25 7.74 -14.93 -21.51
N ILE I 26 8.09 -14.27 -20.42
CA ILE I 26 9.15 -13.27 -20.41
C ILE I 26 10.50 -13.82 -20.88
N SER I 27 11.22 -13.05 -21.68
CA SER I 27 12.50 -13.48 -22.23
C SER I 27 13.67 -12.86 -21.50
N ALA I 28 14.84 -12.99 -22.09
CA ALA I 28 16.10 -12.53 -21.50
C ALA I 28 16.17 -11.03 -21.30
N TRP I 29 15.50 -10.27 -22.17
CA TRP I 29 15.68 -8.82 -22.18
C TRP I 29 15.17 -8.16 -20.89
N TRP I 30 14.10 -8.73 -20.35
CA TRP I 30 13.48 -8.20 -19.14
C TRP I 30 14.38 -8.35 -17.92
N ASN I 31 15.40 -9.17 -18.03
CA ASN I 31 16.40 -9.26 -16.98
C ASN I 31 17.17 -7.95 -16.81
N PHE I 32 17.41 -7.26 -17.92
CA PHE I 32 18.33 -6.12 -17.89
C PHE I 32 17.93 -5.02 -16.93
N GLY I 33 16.62 -4.82 -16.77
CA GLY I 33 16.15 -3.78 -15.88
C GLY I 33 16.63 -4.08 -14.47
N SER I 34 16.47 -5.32 -14.06
CA SER I 34 16.91 -5.70 -12.73
C SER I 34 18.41 -5.52 -12.62
N LEU I 35 19.10 -5.79 -13.73
CA LEU I 35 20.55 -5.70 -13.74
C LEU I 35 20.94 -4.27 -13.47
N LEU I 36 20.14 -3.34 -13.97
CA LEU I 36 20.46 -1.93 -13.81
C LEU I 36 20.50 -1.63 -12.33
N GLY I 37 19.55 -2.20 -11.59
CA GLY I 37 19.47 -1.91 -10.17
C GLY I 37 20.75 -2.43 -9.55
N ALA I 38 21.14 -3.64 -9.95
CA ALA I 38 22.34 -4.24 -9.39
C ALA I 38 23.54 -3.39 -9.75
N CYS I 39 23.54 -2.86 -10.97
CA CYS I 39 24.69 -2.08 -11.41
C CYS I 39 24.80 -0.86 -10.52
N LEU I 40 23.65 -0.32 -10.16
CA LEU I 40 23.64 0.89 -9.36
C LEU I 40 24.22 0.53 -8.00
N ILE I 41 23.82 -0.64 -7.50
CA ILE I 41 24.28 -1.10 -6.21
C ILE I 41 25.79 -1.32 -6.27
N LEU I 42 26.28 -1.67 -7.46
CA LEU I 42 27.71 -1.84 -7.64
C LEU I 42 28.38 -0.49 -7.86
N GLN I 43 27.72 0.42 -8.57
CA GLN I 43 28.32 1.72 -8.85
C GLN I 43 28.43 2.57 -7.60
N ILE I 44 27.57 2.30 -6.63
CA ILE I 44 27.61 3.02 -5.39
C ILE I 44 28.76 2.53 -4.52
N THR I 45 28.64 1.31 -4.02
CA THR I 45 29.56 0.79 -3.02
C THR I 45 31.00 0.85 -3.49
N THR I 46 31.25 0.36 -4.70
CA THR I 46 32.59 0.41 -5.26
C THR I 46 33.08 1.84 -5.26
N GLY I 47 32.26 2.73 -5.80
CA GLY I 47 32.65 4.11 -5.94
C GLY I 47 32.82 4.71 -4.58
N LEU I 48 32.06 4.21 -3.61
CA LEU I 48 32.12 4.76 -2.27
C LEU I 48 33.53 4.59 -1.72
N PHE I 49 34.16 3.44 -2.00
CA PHE I 49 35.51 3.24 -1.50
C PHE I 49 36.49 4.18 -2.17
N LEU I 50 36.23 4.53 -3.42
CA LEU I 50 37.11 5.48 -4.10
C LEU I 50 37.02 6.82 -3.38
N ALA I 51 35.84 7.11 -2.84
CA ALA I 51 35.64 8.37 -2.15
C ALA I 51 36.50 8.45 -0.90
N MET I 52 36.89 7.28 -0.38
CA MET I 52 37.70 7.25 0.82
C MET I 52 39.13 7.68 0.55
N HIS I 53 39.51 7.73 -0.72
CA HIS I 53 40.89 8.05 -1.05
C HIS I 53 41.03 9.26 -1.99
N TYR I 54 40.04 9.46 -2.85
CA TYR I 54 40.09 10.57 -3.79
C TYR I 54 40.03 11.92 -3.09
N SER I 55 40.85 12.86 -3.53
CA SER I 55 40.86 14.22 -3.00
C SER I 55 40.53 15.24 -4.10
N PRO I 56 39.32 15.83 -4.04
CA PRO I 56 38.82 16.68 -5.13
C PRO I 56 39.42 18.09 -5.15
N ASP I 57 40.68 18.18 -5.55
CA ASP I 57 41.33 19.48 -5.78
C ASP I 57 42.03 19.45 -7.13
N ALA I 58 42.30 20.63 -7.69
CA ALA I 58 42.91 20.73 -9.02
C ALA I 58 44.30 20.11 -9.05
N SER I 59 44.98 20.11 -7.91
CA SER I 59 46.33 19.60 -7.84
C SER I 59 46.39 18.16 -7.35
N THR I 60 45.69 17.89 -6.24
CA THR I 60 45.84 16.63 -5.55
C THR I 60 45.01 15.47 -6.12
N ALA I 61 44.11 15.76 -7.05
CA ALA I 61 43.19 14.74 -7.54
C ALA I 61 43.91 13.61 -8.28
N PHE I 62 44.72 13.99 -9.26
CA PHE I 62 45.41 13.02 -10.10
C PHE I 62 46.39 12.19 -9.27
N SER I 63 47.10 12.86 -8.36
CA SER I 63 48.02 12.18 -7.48
C SER I 63 47.29 11.23 -6.54
N SER I 64 46.08 11.61 -6.14
CA SER I 64 45.25 10.74 -5.32
C SER I 64 44.82 9.52 -6.13
N ILE I 65 44.66 9.69 -7.43
CA ILE I 65 44.33 8.56 -8.29
C ILE I 65 45.50 7.60 -8.40
N ALA I 66 46.71 8.15 -8.52
CA ALA I 66 47.89 7.30 -8.52
C ALA I 66 47.99 6.58 -7.18
N HIS I 67 47.60 7.29 -6.13
CA HIS I 67 47.56 6.72 -4.79
C HIS I 67 46.58 5.56 -4.71
N ILE I 68 45.47 5.66 -5.44
CA ILE I 68 44.47 4.60 -5.40
C ILE I 68 44.96 3.41 -6.19
N THR I 69 45.50 3.67 -7.37
CA THR I 69 45.97 2.61 -8.25
C THR I 69 47.17 1.87 -7.69
N ARG I 70 47.97 2.53 -6.86
CA ARG I 70 49.18 1.90 -6.35
C ARG I 70 49.21 1.67 -4.84
N ASP I 71 49.39 2.74 -4.07
CA ASP I 71 49.62 2.58 -2.65
C ASP I 71 48.44 1.96 -1.91
N VAL I 72 47.23 2.26 -2.34
CA VAL I 72 46.04 1.67 -1.73
C VAL I 72 45.96 0.18 -2.07
N ASN I 73 45.59 -0.65 -1.10
CA ASN I 73 45.41 -2.07 -1.36
C ASN I 73 44.25 -2.31 -2.31
N TYR I 74 44.47 -3.15 -3.31
CA TYR I 74 43.42 -3.57 -4.25
C TYR I 74 42.65 -2.40 -4.84
N GLY I 75 43.28 -1.23 -4.92
CA GLY I 75 42.58 -0.04 -5.34
C GLY I 75 42.28 0.00 -6.82
N TRP I 76 43.20 -0.53 -7.61
CA TRP I 76 43.04 -0.53 -9.05
C TRP I 76 41.88 -1.39 -9.50
N ILE I 77 41.62 -2.46 -8.77
CA ILE I 77 40.47 -3.31 -9.07
C ILE I 77 39.18 -2.56 -8.84
N ILE I 78 39.18 -1.74 -7.80
CA ILE I 78 38.02 -0.92 -7.50
C ILE I 78 37.82 0.15 -8.56
N ARG I 79 38.92 0.79 -8.95
CA ARG I 79 38.84 1.86 -9.93
C ARG I 79 38.39 1.35 -11.29
N TYR I 80 38.79 0.11 -11.63
CA TYR I 80 38.43 -0.45 -12.92
C TYR I 80 37.05 -1.11 -12.92
N LEU I 81 36.67 -1.73 -11.81
CA LEU I 81 35.31 -2.24 -11.70
C LEU I 81 34.32 -1.10 -11.72
N HIS I 82 34.78 0.06 -11.24
CA HIS I 82 33.94 1.23 -11.20
C HIS I 82 33.83 1.85 -12.59
N ALA I 83 34.97 2.21 -13.16
CA ALA I 83 35.00 2.87 -14.45
C ALA I 83 34.44 2.01 -15.58
N ASN I 84 34.66 0.70 -15.52
CA ASN I 84 34.05 -0.19 -16.49
C ASN I 84 32.63 -0.56 -16.10
N GLY I 85 32.33 -0.44 -14.82
CA GLY I 85 31.00 -0.74 -14.34
C GLY I 85 30.01 0.29 -14.84
N ALA I 86 30.50 1.52 -15.04
CA ALA I 86 29.65 2.56 -15.61
C ALA I 86 29.30 2.25 -17.05
N SER I 87 30.29 1.81 -17.82
CA SER I 87 30.05 1.46 -19.21
C SER I 87 29.12 0.25 -19.33
N MET I 88 29.26 -0.69 -18.39
CA MET I 88 28.33 -1.80 -18.35
C MET I 88 26.93 -1.29 -18.03
N PHE I 89 26.87 -0.26 -17.19
CA PHE I 89 25.61 0.31 -16.79
C PHE I 89 24.91 0.92 -18.00
N PHE I 90 25.69 1.54 -18.89
CA PHE I 90 25.12 2.07 -20.14
C PHE I 90 24.82 1.02 -21.21
N ILE I 91 25.54 -0.10 -21.20
CA ILE I 91 25.17 -1.20 -22.08
C ILE I 91 23.81 -1.73 -21.69
N CYS I 92 23.67 -2.04 -20.40
CA CYS I 92 22.43 -2.57 -19.88
C CYS I 92 21.32 -1.54 -20.04
N LEU I 93 21.67 -0.26 -19.95
CA LEU I 93 20.64 0.77 -20.04
C LEU I 93 20.14 0.96 -21.47
N PHE I 94 21.07 1.01 -22.43
CA PHE I 94 20.69 1.13 -23.83
C PHE I 94 19.88 -0.07 -24.30
N LEU I 95 20.28 -1.27 -23.87
CA LEU I 95 19.48 -2.44 -24.24
C LEU I 95 18.13 -2.39 -23.56
N HIS I 96 18.11 -1.85 -22.34
CA HIS I 96 16.88 -1.76 -21.58
C HIS I 96 15.87 -0.80 -22.19
N ILE I 97 16.38 0.26 -22.82
CA ILE I 97 15.51 1.20 -23.53
C ILE I 97 15.10 0.59 -24.86
N GLY I 98 16.03 -0.16 -25.45
CA GLY I 98 15.78 -0.73 -26.76
C GLY I 98 14.65 -1.75 -26.75
N ARG I 99 14.58 -2.57 -25.69
CA ARG I 99 13.49 -3.53 -25.62
C ARG I 99 12.16 -2.80 -25.47
N GLY I 100 12.20 -1.64 -24.83
CA GLY I 100 10.99 -0.87 -24.64
C GLY I 100 10.54 -0.28 -25.95
N LEU I 101 11.51 0.11 -26.78
CA LEU I 101 11.19 0.60 -28.11
C LEU I 101 10.68 -0.53 -28.99
N TYR I 102 11.06 -1.75 -28.67
CA TYR I 102 10.71 -2.87 -29.53
C TYR I 102 9.35 -3.46 -29.16
N TYR I 103 9.20 -3.88 -27.91
CA TYR I 103 8.03 -4.63 -27.48
C TYR I 103 6.83 -3.76 -27.09
N GLY I 104 6.95 -2.45 -27.28
CA GLY I 104 5.86 -1.54 -27.02
C GLY I 104 5.54 -1.38 -25.54
N SER I 105 6.59 -1.36 -24.73
CA SER I 105 6.45 -1.16 -23.30
C SER I 105 6.24 0.31 -22.99
N PHE I 106 6.33 1.15 -24.02
CA PHE I 106 6.21 2.59 -23.86
C PHE I 106 4.77 3.02 -23.63
N LEU I 107 3.83 2.12 -23.84
CA LEU I 107 2.42 2.42 -23.62
C LEU I 107 2.15 2.66 -22.13
N TYR I 108 3.03 2.15 -21.28
CA TYR I 108 3.01 2.52 -19.87
C TYR I 108 3.66 3.88 -19.74
N SER I 109 2.94 4.91 -20.17
CA SER I 109 3.54 6.21 -20.45
C SER I 109 4.17 6.90 -19.25
N GLU I 110 3.59 6.75 -18.06
CA GLU I 110 4.12 7.44 -16.91
C GLU I 110 5.45 6.82 -16.50
N THR I 111 5.49 5.49 -16.51
CA THR I 111 6.72 4.76 -16.23
C THR I 111 7.76 5.08 -17.29
N TRP I 112 7.30 5.29 -18.51
CA TRP I 112 8.18 5.64 -19.61
C TRP I 112 8.85 6.97 -19.36
N ASN I 113 8.05 7.96 -18.96
CA ASN I 113 8.58 9.30 -18.73
C ASN I 113 9.53 9.33 -17.54
N ILE I 114 9.17 8.60 -16.48
CA ILE I 114 10.06 8.53 -15.32
C ILE I 114 11.37 7.89 -15.74
N GLY I 115 11.29 6.91 -16.64
CA GLY I 115 12.49 6.26 -17.12
C GLY I 115 13.36 7.24 -17.87
N ILE I 116 12.73 8.13 -18.63
CA ILE I 116 13.47 9.15 -19.35
C ILE I 116 14.19 10.07 -18.37
N ILE I 117 13.52 10.40 -17.27
CA ILE I 117 14.13 11.27 -16.27
C ILE I 117 15.34 10.58 -15.62
N LEU I 118 15.23 9.27 -15.43
CA LEU I 118 16.35 8.48 -14.94
C LEU I 118 17.49 8.48 -15.95
N LEU I 119 17.13 8.54 -17.24
CA LEU I 119 18.13 8.57 -18.28
C LEU I 119 18.93 9.86 -18.23
N LEU I 120 18.22 10.99 -18.14
CA LEU I 120 18.92 12.27 -18.05
C LEU I 120 19.75 12.40 -16.79
N ALA I 121 19.23 11.91 -15.67
CA ALA I 121 19.99 11.96 -14.42
C ALA I 121 21.24 11.10 -14.52
N THR I 122 21.11 9.98 -15.23
CA THR I 122 22.26 9.10 -15.41
C THR I 122 23.30 9.78 -16.27
N MET I 123 22.87 10.51 -17.30
CA MET I 123 23.81 11.24 -18.12
C MET I 123 24.54 12.34 -17.37
N ALA I 124 23.84 13.12 -16.57
CA ALA I 124 24.51 14.15 -15.79
C ALA I 124 25.46 13.51 -14.78
N THR I 125 25.06 12.36 -14.26
CA THR I 125 25.88 11.66 -13.27
C THR I 125 27.20 11.19 -13.85
N ALA I 126 27.13 10.44 -14.94
CA ALA I 126 28.34 9.91 -15.57
C ALA I 126 29.21 11.03 -16.12
N PHE I 127 28.58 12.09 -16.61
CA PHE I 127 29.35 13.21 -17.14
C PHE I 127 30.10 13.94 -16.06
N MET I 128 29.44 14.26 -14.96
CA MET I 128 30.12 14.95 -13.88
C MET I 128 31.16 14.05 -13.25
N GLY I 129 30.94 12.74 -13.32
CA GLY I 129 31.91 11.80 -12.79
C GLY I 129 33.15 11.64 -13.64
N TYR I 130 33.03 11.81 -14.95
CA TYR I 130 34.17 11.64 -15.83
C TYR I 130 35.19 12.77 -15.65
N VAL I 131 34.72 13.91 -15.15
CA VAL I 131 35.59 15.06 -14.88
C VAL I 131 36.53 14.83 -13.68
N LEU I 132 36.10 13.97 -12.77
CA LEU I 132 36.85 13.71 -11.52
C LEU I 132 38.30 13.28 -11.71
N PRO I 133 38.59 12.38 -12.67
CA PRO I 133 39.99 12.00 -12.83
C PRO I 133 40.91 13.18 -13.13
N TRP I 134 40.38 14.21 -13.78
CA TRP I 134 41.12 15.43 -14.03
C TRP I 134 42.35 15.11 -14.88
N GLY I 135 42.12 14.24 -15.85
CA GLY I 135 43.14 13.92 -16.83
C GLY I 135 43.04 14.91 -17.97
N GLN I 136 43.82 14.69 -19.02
CA GLN I 136 43.84 15.60 -20.14
C GLN I 136 42.48 15.66 -20.82
N MET I 137 41.86 14.50 -20.99
CA MET I 137 40.57 14.40 -21.64
C MET I 137 39.45 15.02 -20.82
N SER I 138 39.58 14.95 -19.50
CA SER I 138 38.50 15.37 -18.60
C SER I 138 38.33 16.88 -18.58
N PHE I 139 39.45 17.58 -18.48
CA PHE I 139 39.43 19.04 -18.41
C PHE I 139 38.83 19.65 -19.67
N TRP I 140 39.12 19.04 -20.81
CA TRP I 140 38.65 19.60 -22.08
C TRP I 140 37.28 19.08 -22.45
N GLY I 141 36.92 17.91 -21.94
CA GLY I 141 35.59 17.40 -22.14
C GLY I 141 34.62 18.29 -21.39
N ALA I 142 34.94 18.55 -20.13
CA ALA I 142 34.12 19.45 -19.33
C ALA I 142 34.18 20.86 -19.88
N THR I 143 35.33 21.24 -20.43
CA THR I 143 35.50 22.58 -20.97
C THR I 143 34.56 22.79 -22.16
N VAL I 144 34.57 21.87 -23.10
CA VAL I 144 33.76 22.02 -24.30
C VAL I 144 32.28 21.86 -23.99
N ILE I 145 31.94 20.81 -23.25
CA ILE I 145 30.53 20.53 -22.97
C ILE I 145 29.91 21.64 -22.13
N THR I 146 30.70 22.26 -21.24
CA THR I 146 30.17 23.39 -20.50
C THR I 146 30.18 24.66 -21.37
N ASN I 147 31.05 24.69 -22.37
CA ASN I 147 31.03 25.80 -23.33
C ASN I 147 29.81 25.75 -24.22
N LEU I 148 29.17 24.58 -24.30
CA LEU I 148 27.90 24.48 -25.01
C LEU I 148 26.79 25.35 -24.44
N LEU I 149 26.84 25.59 -23.14
CA LEU I 149 25.85 26.40 -22.45
C LEU I 149 26.02 27.86 -22.83
N SER I 150 27.16 28.15 -23.45
CA SER I 150 27.47 29.49 -23.90
C SER I 150 26.42 29.89 -24.92
N ALA I 151 25.92 28.90 -25.64
CA ALA I 151 25.00 29.11 -26.75
C ALA I 151 23.69 29.79 -26.37
N ILE I 152 23.13 29.49 -25.20
CA ILE I 152 21.81 30.03 -24.88
C ILE I 152 21.86 31.55 -24.98
N PRO I 153 20.79 32.15 -25.66
CA PRO I 153 21.07 33.53 -26.08
C PRO I 153 21.28 34.60 -25.02
N TYR I 154 20.43 34.64 -24.00
CA TYR I 154 20.51 35.72 -23.02
C TYR I 154 21.27 35.31 -21.76
N ILE I 155 20.94 34.15 -21.24
CA ILE I 155 21.61 33.61 -20.07
C ILE I 155 23.07 33.38 -20.40
N GLY I 156 23.31 32.94 -21.63
CA GLY I 156 24.59 32.45 -22.12
C GLY I 156 25.74 32.35 -21.13
N THR I 157 26.73 33.21 -21.27
CA THR I 157 27.96 33.09 -20.50
C THR I 157 27.75 33.16 -18.99
N ASP I 158 26.80 33.99 -18.55
CA ASP I 158 26.60 34.17 -17.13
C ASP I 158 26.26 32.83 -16.50
N LEU I 159 25.45 32.05 -17.19
CA LEU I 159 25.12 30.71 -16.72
C LEU I 159 26.35 29.81 -16.68
N VAL I 160 27.20 29.89 -17.70
CA VAL I 160 28.38 29.04 -17.77
C VAL I 160 29.34 29.33 -16.62
N GLN I 161 29.55 30.61 -16.33
CA GLN I 161 30.39 31.01 -15.22
C GLN I 161 29.78 30.56 -13.89
N TRP I 162 28.46 30.51 -13.83
CA TRP I 162 27.81 30.03 -12.61
C TRP I 162 28.05 28.54 -12.38
N ILE I 163 28.22 27.78 -13.46
CA ILE I 163 28.60 26.37 -13.31
C ILE I 163 30.09 26.21 -13.00
N TRP I 164 30.92 26.97 -13.69
CA TRP I 164 32.35 26.89 -13.47
C TRP I 164 32.73 27.32 -12.07
N GLY I 165 32.03 28.31 -11.52
CA GLY I 165 32.39 28.88 -10.24
C GLY I 165 33.55 29.82 -10.44
N GLY I 166 33.80 30.17 -11.70
CA GLY I 166 34.92 31.01 -12.07
C GLY I 166 34.93 31.23 -13.56
N TYR I 167 36.01 31.82 -14.06
CA TYR I 167 36.11 32.13 -15.48
C TYR I 167 36.63 30.97 -16.31
N SER I 168 37.02 29.88 -15.64
CA SER I 168 37.47 28.69 -16.31
C SER I 168 37.30 27.47 -15.41
N VAL I 169 37.36 26.29 -16.00
CA VAL I 169 37.36 25.06 -15.21
C VAL I 169 38.58 25.06 -14.29
N ASP I 170 38.38 24.70 -13.03
CA ASP I 170 39.45 24.78 -12.05
C ASP I 170 39.07 23.92 -10.84
N SER I 171 39.78 24.07 -9.73
CA SER I 171 39.50 23.29 -8.53
C SER I 171 38.07 23.44 -7.98
N PRO I 172 37.54 24.68 -7.85
CA PRO I 172 36.18 24.72 -7.30
C PRO I 172 35.17 23.94 -8.13
N THR I 173 35.36 23.95 -9.45
CA THR I 173 34.47 23.22 -10.34
C THR I 173 34.60 21.71 -10.13
N LEU I 174 35.84 21.27 -9.92
CA LEU I 174 36.10 19.85 -9.69
C LEU I 174 35.45 19.41 -8.40
N THR I 175 35.42 20.32 -7.42
CA THR I 175 34.77 20.00 -6.16
C THR I 175 33.25 19.99 -6.33
N ARG I 176 32.75 20.90 -7.17
CA ARG I 176 31.32 20.95 -7.49
C ARG I 176 30.91 19.59 -8.01
N PHE I 177 31.60 19.15 -9.05
CA PHE I 177 31.29 17.90 -9.71
C PHE I 177 31.52 16.72 -8.79
N PHE I 178 32.45 16.84 -7.85
CA PHE I 178 32.60 15.76 -6.89
C PHE I 178 31.35 15.63 -6.03
N THR I 179 30.79 16.77 -5.61
CA THR I 179 29.59 16.70 -4.78
C THR I 179 28.37 16.24 -5.54
N PHE I 180 28.13 16.82 -6.72
CA PHE I 180 26.95 16.46 -7.49
C PHE I 180 27.01 15.03 -7.96
N HIS I 181 28.17 14.62 -8.44
CA HIS I 181 28.34 13.24 -8.86
C HIS I 181 28.23 12.33 -7.66
N PHE I 182 28.53 12.84 -6.47
CA PHE I 182 28.36 12.01 -5.29
C PHE I 182 26.88 11.89 -4.91
N ILE I 183 26.08 12.92 -5.21
CA ILE I 183 24.70 12.94 -4.72
C ILE I 183 23.63 12.40 -5.69
N LEU I 184 23.82 12.59 -6.99
CA LEU I 184 22.81 12.19 -7.97
C LEU I 184 22.37 10.71 -7.94
N PRO I 185 23.32 9.76 -7.84
CA PRO I 185 22.86 8.37 -7.90
C PRO I 185 21.84 8.01 -6.81
N PHE I 186 21.97 8.64 -5.65
CA PHE I 186 21.04 8.36 -4.56
C PHE I 186 19.67 8.96 -4.84
N ILE I 187 19.61 9.96 -5.71
CA ILE I 187 18.34 10.44 -6.22
C ILE I 187 17.80 9.44 -7.24
N ILE I 188 18.72 8.88 -8.01
CA ILE I 188 18.36 7.93 -9.07
C ILE I 188 17.72 6.69 -8.46
N ALA I 189 18.14 6.32 -7.26
CA ALA I 189 17.54 5.17 -6.59
C ALA I 189 16.09 5.44 -6.19
N ALA I 190 15.82 6.63 -5.68
CA ALA I 190 14.47 6.98 -5.25
C ALA I 190 13.55 7.09 -6.46
N LEU I 191 14.04 7.72 -7.52
CA LEU I 191 13.26 7.81 -8.74
C LEU I 191 13.04 6.43 -9.34
N ALA I 192 13.98 5.52 -9.15
CA ALA I 192 13.80 4.14 -9.57
C ALA I 192 12.70 3.47 -8.77
N THR I 193 12.59 3.83 -7.49
CA THR I 193 11.50 3.30 -6.67
C THR I 193 10.17 3.83 -7.16
N LEU I 194 10.14 5.09 -7.60
CA LEU I 194 8.94 5.63 -8.23
C LEU I 194 8.65 4.89 -9.53
N HIS I 195 9.71 4.48 -10.20
CA HIS I 195 9.64 3.87 -11.51
C HIS I 195 8.91 2.53 -11.37
N LEU I 196 9.39 1.72 -10.44
CA LEU I 196 8.74 0.46 -10.13
C LEU I 196 7.34 0.68 -9.55
N LEU I 197 7.16 1.80 -8.84
CA LEU I 197 5.87 2.12 -8.27
C LEU I 197 4.80 2.39 -9.31
N PHE I 198 5.17 3.03 -10.41
CA PHE I 198 4.23 3.20 -11.51
C PHE I 198 4.18 1.96 -12.38
N LEU I 199 5.16 1.07 -12.24
CA LEU I 199 5.14 -0.15 -13.04
C LEU I 199 4.27 -1.28 -12.47
N HIS I 200 4.36 -1.51 -11.16
CA HIS I 200 3.76 -2.71 -10.57
C HIS I 200 2.24 -2.70 -10.41
N GLU I 201 1.62 -1.52 -10.53
CA GLU I 201 0.17 -1.47 -10.39
C GLU I 201 -0.55 -1.85 -11.68
N THR I 202 0.22 -2.09 -12.74
CA THR I 202 -0.36 -2.49 -14.02
C THR I 202 0.14 -3.88 -14.43
N GLY I 203 1.35 -4.21 -14.02
CA GLY I 203 1.95 -5.50 -14.31
C GLY I 203 2.92 -5.44 -15.46
N SER I 204 3.86 -6.39 -15.48
CA SER I 204 4.89 -6.41 -16.50
C SER I 204 4.32 -6.79 -17.87
N ASN I 205 4.90 -6.22 -18.91
CA ASN I 205 4.53 -6.52 -20.28
C ASN I 205 5.12 -7.86 -20.71
N ASN I 206 4.51 -8.48 -21.73
CA ASN I 206 5.01 -9.73 -22.30
C ASN I 206 5.37 -9.55 -23.78
N PRO I 207 6.32 -10.35 -24.29
CA PRO I 207 6.81 -10.15 -25.65
C PRO I 207 5.73 -10.25 -26.73
N LEU I 208 4.73 -11.10 -26.55
CA LEU I 208 3.65 -11.17 -27.52
C LEU I 208 2.85 -9.88 -27.57
N GLY I 209 2.74 -9.22 -26.42
CA GLY I 209 1.99 -7.99 -26.31
C GLY I 209 0.54 -8.20 -25.94
N ILE I 210 0.08 -9.45 -26.04
CA ILE I 210 -1.26 -9.81 -25.58
C ILE I 210 -1.29 -9.83 -24.04
N THR I 211 -2.42 -9.43 -23.45
CA THR I 211 -2.55 -9.47 -21.99
C THR I 211 -2.41 -10.92 -21.53
N SER I 212 -1.71 -11.12 -20.43
CA SER I 212 -1.34 -12.46 -20.01
C SER I 212 -1.81 -12.83 -18.61
N HIS I 213 -2.97 -12.31 -18.21
CA HIS I 213 -3.52 -12.60 -16.90
C HIS I 213 -3.84 -14.08 -16.72
N SER I 214 -4.11 -14.75 -17.82
CA SER I 214 -4.43 -16.17 -17.80
C SER I 214 -3.27 -17.04 -17.34
N ASP I 215 -2.05 -16.53 -17.50
CA ASP I 215 -0.88 -17.35 -17.19
C ASP I 215 0.17 -16.56 -16.39
N LYS I 216 -0.27 -15.87 -15.34
CA LYS I 216 0.66 -15.16 -14.47
C LYS I 216 1.40 -16.14 -13.59
N ILE I 217 2.58 -15.74 -13.12
CA ILE I 217 3.43 -16.60 -12.29
C ILE I 217 4.07 -15.82 -11.16
N THR I 218 4.17 -16.41 -9.98
CA THR I 218 4.86 -15.81 -8.86
C THR I 218 6.33 -15.58 -9.18
N PHE I 219 6.83 -14.41 -8.82
CA PHE I 219 8.16 -13.96 -9.21
C PHE I 219 9.32 -14.81 -8.66
N HIS I 220 9.16 -15.33 -7.45
CA HIS I 220 10.28 -15.89 -6.69
C HIS I 220 10.99 -17.09 -7.32
N PRO I 221 10.34 -18.28 -7.34
CA PRO I 221 11.11 -19.51 -7.59
C PRO I 221 11.85 -19.47 -8.92
N TYR I 222 11.24 -18.78 -9.88
CA TYR I 222 11.70 -18.77 -11.24
C TYR I 222 12.57 -17.57 -11.55
N TYR I 223 12.05 -16.38 -11.30
CA TYR I 223 12.79 -15.19 -11.72
C TYR I 223 13.87 -14.76 -10.75
N THR I 224 13.88 -15.28 -9.52
CA THR I 224 15.02 -14.99 -8.67
C THR I 224 16.26 -15.72 -9.19
N ILE I 225 16.08 -16.94 -9.66
CA ILE I 225 17.20 -17.71 -10.20
C ILE I 225 17.52 -17.33 -11.64
N LYS I 226 16.50 -16.87 -12.39
CA LYS I 226 16.76 -16.41 -13.74
C LYS I 226 17.55 -15.10 -13.69
N ASP I 227 17.09 -14.19 -12.84
CA ASP I 227 17.80 -12.94 -12.64
C ASP I 227 19.16 -13.17 -12.00
N ALA I 228 19.27 -14.21 -11.17
CA ALA I 228 20.57 -14.57 -10.61
C ALA I 228 21.52 -15.03 -11.70
N LEU I 229 20.99 -15.75 -12.68
CA LEU I 229 21.79 -16.15 -13.82
C LEU I 229 22.23 -14.92 -14.61
N GLY I 230 21.35 -13.93 -14.65
CA GLY I 230 21.70 -12.69 -15.32
C GLY I 230 22.76 -11.90 -14.59
N LEU I 231 22.71 -11.93 -13.26
CA LEU I 231 23.71 -11.26 -12.46
C LEU I 231 25.06 -11.95 -12.64
N LEU I 232 25.02 -13.27 -12.79
CA LEU I 232 26.25 -14.02 -12.92
C LEU I 232 26.88 -13.77 -14.28
N LEU I 233 26.06 -13.72 -15.32
CA LEU I 233 26.58 -13.41 -16.65
C LEU I 233 27.10 -11.97 -16.72
N PHE I 234 26.44 -11.09 -15.98
CA PHE I 234 26.86 -9.70 -15.92
C PHE I 234 28.22 -9.58 -15.26
N LEU I 235 28.39 -10.30 -14.16
CA LEU I 235 29.67 -10.32 -13.47
C LEU I 235 30.72 -11.00 -14.34
N LEU I 236 30.29 -11.92 -15.20
CA LEU I 236 31.21 -12.56 -16.12
C LEU I 236 31.78 -11.50 -17.06
N SER I 237 30.89 -10.77 -17.72
CA SER I 237 31.34 -9.78 -18.70
C SER I 237 32.15 -8.66 -18.05
N LEU I 238 31.73 -8.25 -16.86
CA LEU I 238 32.41 -7.14 -16.18
C LEU I 238 33.79 -7.55 -15.67
N MET I 239 33.85 -8.68 -14.97
CA MET I 239 35.12 -9.17 -14.43
C MET I 239 36.11 -9.55 -15.53
N THR I 240 35.62 -10.06 -16.66
CA THR I 240 36.53 -10.31 -17.77
C THR I 240 37.04 -8.99 -18.34
N LEU I 241 36.12 -8.05 -18.53
CA LEU I 241 36.46 -6.78 -19.14
C LEU I 241 37.47 -5.99 -18.30
N THR I 242 37.38 -6.14 -16.98
CA THR I 242 38.28 -5.43 -16.09
C THR I 242 39.60 -6.16 -15.85
N LEU I 243 39.52 -7.47 -15.65
CA LEU I 243 40.72 -8.24 -15.32
C LEU I 243 41.55 -8.72 -16.51
N PHE I 244 41.06 -8.55 -17.73
CA PHE I 244 41.87 -8.95 -18.88
C PHE I 244 42.32 -7.79 -19.73
N SER I 245 41.38 -6.98 -20.20
CA SER I 245 41.77 -5.77 -20.93
C SER I 245 40.99 -4.57 -20.42
N PRO I 246 41.39 -4.05 -19.26
CA PRO I 246 40.70 -2.95 -18.56
C PRO I 246 40.60 -1.66 -19.38
N ASP I 247 41.59 -1.40 -20.22
CA ASP I 247 41.69 -0.10 -20.89
C ASP I 247 41.23 -0.07 -22.34
N LEU I 248 40.76 -1.19 -22.89
CA LEU I 248 40.34 -1.19 -24.29
C LEU I 248 39.15 -0.28 -24.46
N LEU I 249 38.29 -0.24 -23.44
CA LEU I 249 37.07 0.52 -23.50
C LEU I 249 37.31 1.91 -22.93
N GLY I 250 38.45 2.06 -22.28
CA GLY I 250 38.89 3.34 -21.77
C GLY I 250 39.62 4.13 -22.84
N ASP I 251 39.97 5.37 -22.52
CA ASP I 251 40.67 6.22 -23.47
C ASP I 251 42.09 6.53 -23.02
N PRO I 252 43.07 6.07 -23.80
CA PRO I 252 44.49 6.46 -23.66
C PRO I 252 44.68 7.94 -23.97
N ASP I 253 45.68 8.56 -23.35
CA ASP I 253 45.96 9.99 -23.42
C ASP I 253 44.97 10.73 -22.53
N ASN I 254 44.38 10.00 -21.60
CA ASN I 254 43.63 10.60 -20.50
C ASN I 254 44.58 10.69 -19.31
N TYR I 255 45.54 9.78 -19.27
CA TYR I 255 46.45 9.68 -18.13
C TYR I 255 47.38 10.87 -17.96
N THR I 256 47.66 11.58 -19.06
CA THR I 256 48.48 12.78 -18.94
C THR I 256 47.74 13.82 -18.12
N LEU I 257 48.46 14.51 -17.25
CA LEU I 257 47.86 15.49 -16.36
C LEU I 257 47.34 16.67 -17.17
N ALA I 258 46.24 17.26 -16.73
CA ALA I 258 45.56 18.29 -17.51
C ALA I 258 46.42 19.52 -17.74
N ASN I 259 46.46 19.97 -18.98
CA ASN I 259 47.12 21.22 -19.35
C ASN I 259 46.14 22.21 -19.93
N PRO I 260 45.83 23.27 -19.18
CA PRO I 260 45.00 24.35 -19.71
C PRO I 260 45.67 24.97 -20.93
N LEU I 261 47.00 24.96 -20.90
CA LEU I 261 47.82 25.53 -21.96
C LEU I 261 47.76 24.73 -23.26
N ASN I 262 47.40 23.45 -23.17
CA ASN I 262 47.49 22.56 -24.32
C ASN I 262 46.20 21.76 -24.57
N THR I 263 45.81 21.71 -25.84
CA THR I 263 44.63 20.95 -26.28
C THR I 263 45.03 19.64 -26.95
N PRO I 264 44.52 18.51 -26.43
CA PRO I 264 44.84 17.21 -27.01
C PRO I 264 44.36 17.09 -28.47
N PRO I 265 45.12 16.39 -29.32
CA PRO I 265 44.92 16.33 -30.76
C PRO I 265 43.57 15.82 -31.23
N HIS I 266 42.96 14.86 -30.54
CA HIS I 266 41.72 14.27 -31.03
C HIS I 266 40.50 14.71 -30.22
N ILE I 267 40.69 14.84 -28.91
CA ILE I 267 39.64 15.19 -27.94
C ILE I 267 38.21 14.72 -28.27
N LYS I 268 37.83 13.58 -27.71
CA LYS I 268 36.46 13.10 -27.86
C LYS I 268 35.86 12.68 -26.53
N PRO I 269 34.54 12.83 -26.39
CA PRO I 269 33.77 12.31 -25.26
C PRO I 269 33.79 10.78 -25.24
N GLU I 270 33.69 10.18 -24.05
CA GLU I 270 33.63 8.74 -23.95
C GLU I 270 32.36 8.23 -24.64
N TRP I 271 32.40 7.00 -25.12
CA TRP I 271 31.52 6.54 -26.19
C TRP I 271 30.02 6.63 -25.91
N TYR I 272 29.61 6.42 -24.66
CA TYR I 272 28.19 6.38 -24.39
C TYR I 272 27.45 7.74 -24.50
N PHE I 273 28.15 8.86 -24.34
CA PHE I 273 27.55 10.14 -24.72
C PHE I 273 27.73 10.39 -26.21
N LEU I 274 28.74 9.74 -26.76
CA LEU I 274 29.37 10.18 -28.00
C LEU I 274 28.47 10.24 -29.23
N PHE I 275 27.46 9.39 -29.33
CA PHE I 275 26.61 9.43 -30.51
C PHE I 275 25.93 10.79 -30.57
N ALA I 276 25.53 11.29 -29.40
CA ALA I 276 24.81 12.56 -29.34
C ALA I 276 25.75 13.66 -29.80
N TYR I 277 27.04 13.43 -29.60
CA TYR I 277 28.04 14.42 -29.95
C TYR I 277 27.99 14.70 -31.45
N THR I 278 27.68 13.68 -32.24
CA THR I 278 27.63 13.89 -33.69
C THR I 278 26.53 14.87 -34.03
N ILE I 279 25.42 14.75 -33.30
CA ILE I 279 24.25 15.55 -33.57
C ILE I 279 24.63 17.00 -33.29
N LEU I 280 25.61 17.19 -32.41
CA LEU I 280 26.21 18.50 -32.22
C LEU I 280 27.07 18.88 -33.41
N ARG I 281 28.07 18.05 -33.68
CA ARG I 281 29.15 18.42 -34.60
C ARG I 281 28.66 18.50 -36.03
N SER I 282 27.60 17.77 -36.35
CA SER I 282 27.08 17.77 -37.71
C SER I 282 26.26 19.02 -37.99
N VAL I 283 25.45 19.43 -37.02
CA VAL I 283 24.56 20.57 -37.20
C VAL I 283 25.30 21.91 -37.16
N PRO I 284 25.11 22.74 -38.20
CA PRO I 284 25.60 24.11 -38.29
C PRO I 284 24.97 25.03 -37.25
N ASN I 285 25.69 26.08 -36.85
CA ASN I 285 25.25 27.06 -35.85
C ASN I 285 25.29 26.46 -34.45
N LYS I 286 25.83 27.24 -33.52
CA LYS I 286 26.14 26.79 -32.18
C LYS I 286 24.90 26.41 -31.35
N LEU I 287 23.78 27.07 -31.62
CA LEU I 287 22.57 26.86 -30.83
C LEU I 287 21.73 25.70 -31.34
N GLY I 288 21.76 25.50 -32.65
CA GLY I 288 20.92 24.48 -33.26
C GLY I 288 21.38 23.08 -32.91
N GLY I 289 22.68 22.94 -32.67
CA GLY I 289 23.20 21.66 -32.24
C GLY I 289 22.84 21.39 -30.80
N VAL I 290 22.62 22.45 -30.03
CA VAL I 290 22.18 22.30 -28.66
C VAL I 290 20.72 21.87 -28.62
N LEU I 291 19.89 22.53 -29.41
CA LEU I 291 18.49 22.14 -29.47
C LEU I 291 18.32 20.73 -30.03
N ALA I 292 19.14 20.38 -31.01
CA ALA I 292 19.13 19.03 -31.54
C ALA I 292 19.61 18.03 -30.49
N LEU I 293 20.54 18.47 -29.66
CA LEU I 293 21.02 17.64 -28.55
C LEU I 293 19.92 17.39 -27.53
N LEU I 294 19.04 18.37 -27.36
CA LEU I 294 17.94 18.20 -26.43
C LEU I 294 16.88 17.29 -27.03
N LEU I 295 16.54 17.53 -28.29
CA LEU I 295 15.51 16.75 -28.96
C LEU I 295 15.92 15.29 -29.10
N SER I 296 17.22 15.06 -29.20
CA SER I 296 17.73 13.70 -29.41
C SER I 296 17.36 12.77 -28.26
N ILE I 297 17.30 13.31 -27.06
CA ILE I 297 16.96 12.52 -25.89
C ILE I 297 15.49 12.69 -25.52
N LEU I 298 14.96 13.88 -25.80
CA LEU I 298 13.58 14.21 -25.42
C LEU I 298 12.53 13.67 -26.38
N ILE I 299 12.93 13.13 -27.52
CA ILE I 299 11.91 12.61 -28.43
C ILE I 299 11.21 11.48 -27.73
N LEU I 300 11.98 10.69 -26.99
CA LEU I 300 11.46 9.46 -26.42
C LEU I 300 10.10 9.68 -25.78
N ALA I 301 9.91 10.86 -25.19
CA ALA I 301 8.61 11.22 -24.64
C ALA I 301 7.58 11.40 -25.75
N MET I 302 8.04 11.87 -26.90
CA MET I 302 7.15 12.10 -28.03
C MET I 302 6.74 10.79 -28.69
N ILE I 303 7.57 9.76 -28.53
CA ILE I 303 7.32 8.48 -29.20
C ILE I 303 5.95 7.81 -28.89
N PRO I 304 5.54 7.72 -27.62
CA PRO I 304 4.23 7.09 -27.37
C PRO I 304 3.07 7.79 -28.08
N ILE I 305 3.15 9.10 -28.24
CA ILE I 305 2.13 9.85 -28.94
C ILE I 305 2.07 9.45 -30.42
N LEU I 306 3.21 9.06 -30.95
CA LEU I 306 3.34 8.78 -32.38
C LEU I 306 2.88 7.38 -32.75
N HIS I 307 2.54 6.56 -31.75
CA HIS I 307 2.11 5.19 -31.99
C HIS I 307 0.82 5.20 -32.81
N MET I 308 0.76 4.34 -33.83
CA MET I 308 -0.41 4.30 -34.70
C MET I 308 -0.89 2.88 -34.95
N SER I 309 -0.01 1.92 -34.74
CA SER I 309 -0.35 0.51 -34.90
C SER I 309 -1.43 0.10 -33.91
N LYS I 310 -2.34 -0.76 -34.34
CA LYS I 310 -3.41 -1.21 -33.48
C LYS I 310 -2.92 -2.31 -32.54
N GLN I 311 -1.71 -2.80 -32.80
CA GLN I 311 -1.11 -3.83 -31.96
C GLN I 311 -0.22 -3.20 -30.90
N GLN I 312 0.87 -3.90 -30.58
CA GLN I 312 1.81 -3.43 -29.59
C GLN I 312 3.21 -3.97 -29.88
N SER I 313 3.36 -5.28 -29.74
CA SER I 313 4.66 -5.92 -29.94
C SER I 313 5.16 -5.78 -31.36
N MET I 314 6.47 -5.60 -31.50
CA MET I 314 7.09 -5.41 -32.81
C MET I 314 7.17 -6.73 -33.57
N MET I 315 7.08 -7.84 -32.85
CA MET I 315 7.37 -9.15 -33.42
C MET I 315 6.38 -9.58 -34.51
N PHE I 316 5.16 -9.06 -34.43
CA PHE I 316 4.14 -9.36 -35.41
C PHE I 316 4.11 -8.34 -36.56
N ARG I 317 5.06 -7.42 -36.55
CA ARG I 317 5.12 -6.36 -37.55
C ARG I 317 6.52 -6.22 -38.15
N PRO I 318 6.88 -7.16 -39.04
CA PRO I 318 8.24 -7.27 -39.59
C PRO I 318 8.72 -6.01 -40.33
N LEU I 319 7.80 -5.32 -41.00
CA LEU I 319 8.18 -4.13 -41.76
C LEU I 319 8.69 -3.05 -40.81
N SER I 320 8.09 -2.99 -39.62
CA SER I 320 8.58 -2.11 -38.58
C SER I 320 9.91 -2.61 -38.03
N GLN I 321 10.08 -3.92 -38.00
CA GLN I 321 11.32 -4.50 -37.48
C GLN I 321 12.51 -4.10 -38.33
N SER I 322 12.27 -4.02 -39.64
CA SER I 322 13.33 -3.64 -40.56
C SER I 322 13.78 -2.22 -40.30
N LEU I 323 12.82 -1.33 -40.06
CA LEU I 323 13.13 0.05 -39.70
C LEU I 323 13.79 0.15 -38.33
N TYR I 324 13.48 -0.81 -37.47
CA TYR I 324 14.01 -0.78 -36.11
C TYR I 324 15.48 -1.13 -36.12
N TRP I 325 15.82 -2.23 -36.78
CA TRP I 325 17.22 -2.61 -36.84
C TRP I 325 17.98 -1.64 -37.74
N LEU I 326 17.27 -1.03 -38.69
CA LEU I 326 17.86 0.03 -39.50
C LEU I 326 18.27 1.20 -38.62
N LEU I 327 17.39 1.53 -37.68
CA LEU I 327 17.66 2.63 -36.76
C LEU I 327 18.81 2.29 -35.81
N ALA I 328 18.90 1.03 -35.40
CA ALA I 328 20.00 0.62 -34.53
C ALA I 328 21.33 0.72 -35.27
N ALA I 329 21.30 0.31 -36.53
CA ALA I 329 22.48 0.43 -37.37
C ALA I 329 22.84 1.90 -37.52
N ASP I 330 21.83 2.75 -37.59
CA ASP I 330 22.05 4.19 -37.67
C ASP I 330 22.73 4.71 -36.40
N LEU I 331 22.38 4.11 -35.26
CA LEU I 331 23.00 4.51 -34.01
C LEU I 331 24.47 4.12 -34.00
N LEU I 332 24.76 2.93 -34.51
CA LEU I 332 26.16 2.50 -34.62
C LEU I 332 26.91 3.43 -35.55
N ILE I 333 26.20 3.91 -36.57
CA ILE I 333 26.79 4.85 -37.52
C ILE I 333 27.15 6.14 -36.80
N LEU I 334 26.24 6.62 -35.95
CA LEU I 334 26.50 7.83 -35.18
C LEU I 334 27.68 7.65 -34.23
N THR I 335 27.82 6.45 -33.68
CA THR I 335 28.91 6.23 -32.73
C THR I 335 30.25 6.21 -33.46
N TRP I 336 30.32 5.47 -34.55
CA TRP I 336 31.56 5.40 -35.29
C TRP I 336 31.93 6.75 -35.89
N ILE I 337 30.94 7.53 -36.31
CA ILE I 337 31.21 8.88 -36.78
C ILE I 337 31.71 9.78 -35.66
N GLY I 338 31.20 9.58 -34.46
CA GLY I 338 31.59 10.42 -33.34
C GLY I 338 32.93 10.02 -32.80
N GLY I 339 33.41 8.85 -33.24
CA GLY I 339 34.72 8.39 -32.85
C GLY I 339 35.81 8.89 -33.78
N GLN I 340 35.44 9.77 -34.71
CA GLN I 340 36.36 10.16 -35.78
C GLN I 340 36.55 11.68 -35.93
N PRO I 341 37.75 12.08 -36.37
CA PRO I 341 38.13 13.48 -36.67
C PRO I 341 37.32 14.10 -37.79
N VAL I 342 37.08 15.41 -37.71
CA VAL I 342 36.28 16.11 -38.71
C VAL I 342 36.90 16.02 -40.11
N SER I 343 36.05 15.70 -41.08
CA SER I 343 36.43 15.66 -42.50
C SER I 343 35.14 15.50 -43.29
N TYR I 344 35.17 15.84 -44.57
CA TYR I 344 33.95 15.75 -45.38
C TYR I 344 33.33 14.33 -45.39
N PRO I 345 34.15 13.26 -45.61
CA PRO I 345 33.47 11.95 -45.64
C PRO I 345 32.74 11.63 -44.35
N PHE I 346 33.26 12.09 -43.22
CA PHE I 346 32.62 11.81 -41.94
C PHE I 346 31.43 12.73 -41.72
N THR I 347 31.59 14.01 -42.04
CA THR I 347 30.53 14.99 -41.84
C THR I 347 29.30 14.72 -42.70
N ILE I 348 29.50 14.22 -43.91
CA ILE I 348 28.38 13.92 -44.79
C ILE I 348 27.56 12.79 -44.21
N ILE I 349 28.25 11.74 -43.80
CA ILE I 349 27.62 10.57 -43.23
C ILE I 349 26.96 10.96 -41.91
N GLY I 350 27.50 11.96 -41.24
CA GLY I 350 26.90 12.46 -40.01
C GLY I 350 25.61 13.23 -40.25
N GLN I 351 25.58 13.99 -41.34
CA GLN I 351 24.38 14.72 -41.72
C GLN I 351 23.28 13.72 -42.04
N VAL I 352 23.63 12.77 -42.90
CA VAL I 352 22.66 11.77 -43.34
C VAL I 352 22.18 10.92 -42.19
N ALA I 353 23.10 10.52 -41.32
CA ALA I 353 22.75 9.67 -40.18
C ALA I 353 21.87 10.40 -39.18
N SER I 354 22.09 11.70 -39.02
CA SER I 354 21.28 12.46 -38.08
C SER I 354 19.85 12.64 -38.62
N VAL I 355 19.77 13.11 -39.87
CA VAL I 355 18.46 13.35 -40.46
C VAL I 355 17.68 12.06 -40.57
N LEU I 356 18.38 10.97 -40.87
CA LEU I 356 17.73 9.67 -40.93
C LEU I 356 17.28 9.24 -39.54
N TYR I 357 18.08 9.59 -38.53
CA TYR I 357 17.75 9.24 -37.16
C TYR I 357 16.46 9.90 -36.72
N PHE I 358 16.21 11.12 -37.21
CA PHE I 358 14.95 11.76 -36.86
C PHE I 358 13.78 11.33 -37.74
N THR I 359 14.03 11.15 -39.04
CA THR I 359 12.97 10.75 -39.95
C THR I 359 12.42 9.36 -39.64
N THR I 360 13.29 8.45 -39.20
CA THR I 360 12.84 7.10 -38.87
C THR I 360 11.90 7.05 -37.67
N ILE I 361 12.11 7.97 -36.72
CA ILE I 361 11.30 7.96 -35.51
C ILE I 361 10.13 8.94 -35.57
N LEU I 362 10.13 9.83 -36.56
CA LEU I 362 9.01 10.75 -36.73
C LEU I 362 8.13 10.36 -37.92
N ILE I 363 8.71 10.35 -39.11
CA ILE I 363 7.95 10.19 -40.33
C ILE I 363 7.67 8.73 -40.70
N LEU I 364 8.74 7.94 -40.82
CA LEU I 364 8.61 6.61 -41.40
C LEU I 364 7.76 5.64 -40.59
N MET I 365 8.02 5.55 -39.29
CA MET I 365 7.40 4.53 -38.46
C MET I 365 5.85 4.58 -38.41
N PRO I 366 5.25 5.76 -38.14
CA PRO I 366 3.79 5.80 -38.11
C PRO I 366 3.12 5.39 -39.43
N THR I 367 3.75 5.72 -40.54
CA THR I 367 3.16 5.47 -41.84
C THR I 367 3.10 3.99 -42.15
N ILE I 368 4.20 3.30 -41.90
CA ILE I 368 4.23 1.85 -42.10
C ILE I 368 3.41 1.16 -41.01
N SER I 369 3.21 1.83 -39.87
CA SER I 369 2.27 1.31 -38.89
C SER I 369 0.86 1.32 -39.48
N LEU I 370 0.55 2.37 -40.23
CA LEU I 370 -0.74 2.47 -40.90
C LEU I 370 -0.87 1.44 -42.02
N ILE I 371 0.21 1.27 -42.77
CA ILE I 371 0.22 0.33 -43.88
C ILE I 371 0.01 -1.08 -43.35
N GLU I 372 0.67 -1.39 -42.25
CA GLU I 372 0.48 -2.68 -41.58
C GLU I 372 -0.92 -2.80 -41.01
N ASN I 373 -1.50 -1.67 -40.61
CA ASN I 373 -2.88 -1.69 -40.16
C ASN I 373 -3.83 -2.04 -41.31
N LYS I 374 -3.45 -1.65 -42.53
CA LYS I 374 -4.32 -1.89 -43.67
C LYS I 374 -4.06 -3.24 -44.35
N MET I 375 -2.86 -3.78 -44.17
CA MET I 375 -2.54 -5.10 -44.71
C MET I 375 -3.37 -6.19 -44.02
N LEU I 376 -3.74 -5.94 -42.76
CA LEU I 376 -4.53 -6.90 -42.00
C LEU I 376 -6.01 -6.51 -41.95
N LYS I 377 -6.40 -5.56 -42.79
CA LYS I 377 -7.79 -5.15 -42.91
C LYS I 377 -8.40 -4.66 -41.59
N TRP I 378 -7.83 -3.59 -41.06
CA TRP I 378 -8.36 -2.93 -39.87
C TRP I 378 -9.10 -1.65 -40.23
N PRO J 1 -26.36 -62.12 27.25
CA PRO J 1 -26.24 -62.45 28.68
C PRO J 1 -26.74 -61.33 29.58
N GLN J 2 -27.46 -60.38 29.00
CA GLN J 2 -27.99 -59.26 29.77
C GLN J 2 -29.19 -58.61 29.08
N ASP J 3 -30.16 -58.19 29.88
CA ASP J 3 -31.31 -57.43 29.39
C ASP J 3 -31.43 -56.16 30.21
N LEU J 4 -31.97 -55.11 29.59
CA LEU J 4 -31.99 -53.79 30.23
C LEU J 4 -32.85 -53.74 31.49
N GLU J 5 -32.35 -53.01 32.48
CA GLU J 5 -33.06 -52.86 33.75
C GLU J 5 -33.75 -51.51 33.84
N PHE J 6 -35.03 -51.49 33.48
CA PHE J 6 -35.82 -50.27 33.58
C PHE J 6 -35.96 -49.86 35.04
N THR J 7 -35.96 -48.55 35.31
CA THR J 7 -36.03 -48.06 36.68
C THR J 7 -36.52 -46.61 36.69
N LYS J 8 -37.23 -46.23 37.75
CA LYS J 8 -37.60 -44.84 37.95
C LYS J 8 -36.99 -44.29 39.23
N LEU J 9 -37.33 -43.04 39.55
CA LEU J 9 -36.84 -42.39 40.74
C LEU J 9 -37.99 -41.72 41.50
N PRO J 10 -37.81 -41.52 42.82
CA PRO J 10 -38.75 -40.72 43.60
C PRO J 10 -38.88 -39.32 43.01
N ASN J 11 -37.79 -38.82 42.44
CA ASN J 11 -37.79 -37.56 41.71
C ASN J 11 -38.65 -37.63 40.45
N GLY J 12 -38.88 -38.86 39.97
CA GLY J 12 -39.69 -39.09 38.79
C GLY J 12 -38.91 -39.24 37.50
N LEU J 13 -37.59 -39.05 37.57
CA LEU J 13 -36.74 -39.21 36.40
C LEU J 13 -36.53 -40.69 36.06
N VAL J 14 -36.87 -41.05 34.82
CA VAL J 14 -36.69 -42.41 34.34
C VAL J 14 -35.21 -42.71 34.13
N ILE J 15 -34.78 -43.92 34.49
CA ILE J 15 -33.42 -44.34 34.23
C ILE J 15 -33.41 -45.78 33.77
N ALA J 16 -32.42 -46.14 32.97
CA ALA J 16 -32.31 -47.50 32.47
C ALA J 16 -30.91 -47.79 31.97
N SER J 17 -30.54 -49.06 31.92
CA SER J 17 -29.22 -49.46 31.44
C SER J 17 -29.23 -50.85 30.86
N LEU J 18 -28.43 -51.06 29.83
CA LEU J 18 -28.25 -52.38 29.25
C LEU J 18 -26.78 -52.67 29.08
N GLU J 19 -26.24 -53.49 29.98
CA GLU J 19 -24.82 -53.80 29.95
C GLU J 19 -24.42 -54.52 28.68
N ASN J 20 -23.32 -54.06 28.10
CA ASN J 20 -22.72 -54.73 26.95
C ASN J 20 -21.29 -55.06 27.29
N TYR J 21 -20.52 -55.43 26.28
CA TYR J 21 -19.11 -55.67 26.50
C TYR J 21 -18.28 -55.05 25.39
N SER J 22 -18.90 -54.14 24.63
CA SER J 22 -18.16 -53.30 23.70
C SER J 22 -17.35 -52.27 24.47
N PRO J 23 -16.09 -52.06 24.06
CA PRO J 23 -15.21 -51.11 24.75
C PRO J 23 -15.72 -49.67 24.82
N VAL J 24 -16.48 -49.19 23.85
CA VAL J 24 -17.03 -47.83 23.95
C VAL J 24 -18.34 -47.76 24.72
N SER J 25 -18.26 -47.26 25.95
CA SER J 25 -19.43 -46.87 26.72
C SER J 25 -20.14 -45.73 26.01
N ARG J 26 -21.46 -45.74 26.07
CA ARG J 26 -22.27 -44.80 25.30
C ARG J 26 -23.54 -44.43 26.04
N ILE J 27 -23.55 -43.28 26.70
CA ILE J 27 -24.72 -42.90 27.48
C ILE J 27 -25.45 -41.73 26.84
N GLY J 28 -26.76 -41.71 27.01
CA GLY J 28 -27.58 -40.67 26.43
C GLY J 28 -28.61 -40.17 27.41
N LEU J 29 -28.91 -38.89 27.33
CA LEU J 29 -29.89 -38.27 28.20
C LEU J 29 -30.94 -37.56 27.39
N PHE J 30 -32.17 -38.07 27.42
CA PHE J 30 -33.22 -37.53 26.57
C PHE J 30 -34.18 -36.67 27.37
N ILE J 31 -34.71 -35.65 26.70
CA ILE J 31 -35.65 -34.72 27.30
C ILE J 31 -36.87 -34.61 26.39
N LYS J 32 -38.04 -34.41 26.97
CA LYS J 32 -39.27 -34.32 26.20
C LYS J 32 -39.36 -32.99 25.45
N ALA J 33 -38.52 -32.03 25.84
CA ALA J 33 -38.51 -30.72 25.18
C ALA J 33 -38.18 -30.87 23.70
N GLY J 34 -38.87 -30.11 22.86
CA GLY J 34 -38.73 -30.25 21.42
C GLY J 34 -39.20 -29.02 20.67
N SER J 35 -39.32 -29.12 19.36
CA SER J 35 -39.68 -27.96 18.54
C SER J 35 -41.17 -27.65 18.56
N ARG J 36 -41.98 -28.58 19.08
CA ARG J 36 -43.42 -28.37 19.13
C ARG J 36 -43.81 -27.52 20.34
N TYR J 37 -42.87 -27.33 21.25
CA TYR J 37 -43.14 -26.62 22.50
C TYR J 37 -42.95 -25.11 22.44
N GLU J 38 -42.42 -24.59 21.33
CA GLU J 38 -42.42 -23.15 21.12
C GLU J 38 -43.81 -22.62 20.83
N ASP J 39 -44.06 -21.38 21.25
CA ASP J 39 -45.20 -20.62 20.77
C ASP J 39 -44.68 -19.55 19.82
N PHE J 40 -45.54 -18.62 19.44
CA PHE J 40 -45.13 -17.55 18.53
C PHE J 40 -44.11 -16.59 19.15
N SER J 41 -44.13 -16.46 20.47
CA SER J 41 -43.27 -15.50 21.15
C SER J 41 -41.78 -15.84 21.01
N ASN J 42 -41.47 -17.13 20.95
CA ASN J 42 -40.10 -17.58 20.71
C ASN J 42 -40.08 -18.73 19.73
N LEU J 43 -39.18 -18.67 18.76
CA LEU J 43 -39.19 -19.68 17.71
C LEU J 43 -37.79 -19.85 17.15
N GLY J 44 -37.42 -21.10 16.87
CA GLY J 44 -36.07 -21.41 16.43
C GLY J 44 -35.15 -21.49 17.63
N THR J 45 -35.74 -21.41 18.82
CA THR J 45 -34.98 -21.40 20.06
C THR J 45 -34.22 -22.70 20.30
N THR J 46 -34.87 -23.83 20.03
CA THR J 46 -34.22 -25.12 20.17
C THR J 46 -33.11 -25.33 19.15
N HIS J 47 -33.28 -24.76 17.95
CA HIS J 47 -32.29 -24.92 16.91
C HIS J 47 -30.97 -24.28 17.31
N LEU J 48 -31.05 -23.23 18.12
CA LEU J 48 -29.86 -22.63 18.69
C LEU J 48 -29.44 -23.41 19.91
N LEU J 49 -30.43 -23.89 20.65
CA LEU J 49 -30.20 -24.53 21.93
C LEU J 49 -29.35 -25.79 21.80
N ARG J 50 -29.49 -26.48 20.67
CA ARG J 50 -28.65 -27.64 20.43
C ARG J 50 -27.25 -27.25 19.95
N LEU J 51 -27.15 -26.10 19.31
CA LEU J 51 -25.85 -25.55 18.94
C LEU J 51 -25.06 -25.04 20.13
N THR J 52 -25.77 -24.72 21.20
CA THR J 52 -25.14 -24.10 22.38
C THR J 52 -24.51 -25.11 23.33
N SER J 53 -24.58 -26.39 22.97
CA SER J 53 -24.08 -27.45 23.84
C SER J 53 -22.58 -27.32 24.12
N SER J 54 -21.84 -26.75 23.18
CA SER J 54 -20.40 -26.60 23.34
C SER J 54 -20.01 -25.38 24.17
N LEU J 55 -20.99 -24.53 24.48
CA LEU J 55 -20.74 -23.31 25.24
C LEU J 55 -20.39 -23.56 26.70
N THR J 56 -19.67 -22.61 27.29
CA THR J 56 -19.33 -22.66 28.71
C THR J 56 -20.56 -22.63 29.61
N THR J 57 -20.50 -23.38 30.69
CA THR J 57 -21.57 -23.41 31.68
C THR J 57 -21.02 -22.93 33.01
N LYS J 58 -21.85 -22.97 34.04
CA LYS J 58 -21.41 -22.56 35.37
C LYS J 58 -20.29 -23.45 35.89
N GLY J 59 -20.31 -24.72 35.48
CA GLY J 59 -19.35 -25.69 35.99
C GLY J 59 -18.11 -25.88 35.14
N ALA J 60 -18.10 -25.35 33.92
CA ALA J 60 -16.96 -25.56 33.04
C ALA J 60 -16.85 -24.52 31.94
N SER J 61 -15.60 -24.20 31.57
CA SER J 61 -15.32 -23.34 30.44
C SER J 61 -15.53 -24.10 29.13
N SER J 62 -15.88 -23.38 28.07
CA SER J 62 -16.07 -24.01 26.77
C SER J 62 -14.77 -24.62 26.27
N PHE J 63 -13.65 -23.97 26.63
CA PHE J 63 -12.35 -24.50 26.25
C PHE J 63 -12.11 -25.81 26.97
N LYS J 64 -12.57 -25.88 28.22
CA LYS J 64 -12.43 -27.08 29.02
C LYS J 64 -13.28 -28.22 28.49
N ILE J 65 -14.50 -27.90 28.06
CA ILE J 65 -15.40 -28.92 27.53
C ILE J 65 -14.90 -29.45 26.21
N THR J 66 -14.54 -28.54 25.31
CA THR J 66 -14.08 -28.94 23.99
C THR J 66 -12.76 -29.68 24.06
N ARG J 67 -11.74 -29.02 24.60
CA ARG J 67 -10.42 -29.63 24.67
C ARG J 67 -10.41 -30.85 25.56
N GLY J 68 -11.29 -30.88 26.56
CA GLY J 68 -11.37 -32.02 27.45
C GLY J 68 -11.97 -33.23 26.77
N ILE J 69 -13.11 -33.05 26.13
CA ILE J 69 -13.76 -34.15 25.44
C ILE J 69 -12.90 -34.67 24.29
N GLU J 70 -12.26 -33.75 23.57
CA GLU J 70 -11.37 -34.16 22.49
C GLU J 70 -10.12 -34.85 23.01
N ALA J 71 -9.61 -34.41 24.17
CA ALA J 71 -8.44 -35.04 24.76
C ALA J 71 -8.77 -36.46 25.20
N VAL J 72 -10.00 -36.65 25.64
CA VAL J 72 -10.48 -37.98 25.98
C VAL J 72 -10.58 -38.86 24.72
N GLY J 73 -10.84 -38.21 23.59
CA GLY J 73 -11.07 -38.92 22.35
C GLY J 73 -12.52 -39.33 22.19
N GLY J 74 -13.33 -39.00 23.20
CA GLY J 74 -14.75 -39.27 23.14
C GLY J 74 -15.45 -38.15 22.37
N LYS J 75 -16.77 -38.22 22.26
CA LYS J 75 -17.49 -37.18 21.55
C LYS J 75 -18.94 -37.03 22.00
N LEU J 76 -19.45 -35.82 21.84
CA LEU J 76 -20.82 -35.50 22.24
C LEU J 76 -21.65 -35.09 21.02
N SER J 77 -22.93 -35.46 21.04
CA SER J 77 -23.83 -35.12 19.95
C SER J 77 -25.21 -34.80 20.51
N VAL J 78 -25.92 -33.90 19.84
CA VAL J 78 -27.23 -33.49 20.31
C VAL J 78 -28.29 -33.77 19.25
N THR J 79 -28.86 -34.97 19.30
CA THR J 79 -29.95 -35.33 18.41
C THR J 79 -31.17 -34.47 18.76
N ALA J 80 -31.99 -34.13 17.77
CA ALA J 80 -33.17 -33.33 18.04
C ALA J 80 -34.33 -33.66 17.11
N THR J 81 -35.54 -33.59 17.64
CA THR J 81 -36.75 -33.85 16.87
C THR J 81 -37.94 -33.15 17.50
N ARG J 82 -39.06 -33.13 16.78
CA ARG J 82 -40.22 -32.35 17.18
C ARG J 82 -40.79 -32.80 18.51
N GLU J 83 -40.69 -34.09 18.81
CA GLU J 83 -41.20 -34.62 20.06
C GLU J 83 -40.18 -34.60 21.18
N ASN J 84 -38.90 -34.77 20.84
CA ASN J 84 -37.85 -34.99 21.83
C ASN J 84 -36.55 -34.29 21.50
N MET J 85 -35.80 -33.91 22.54
CA MET J 85 -34.43 -33.46 22.35
C MET J 85 -33.49 -34.40 23.08
N ALA J 86 -32.62 -35.06 22.33
CA ALA J 86 -31.87 -36.18 22.83
C ALA J 86 -30.37 -35.93 22.89
N TYR J 87 -29.85 -35.61 24.07
CA TYR J 87 -28.40 -35.49 24.22
C TYR J 87 -27.77 -36.88 24.24
N THR J 88 -26.55 -36.97 23.75
CA THR J 88 -25.87 -38.26 23.65
C THR J 88 -24.36 -38.05 23.75
N VAL J 89 -23.66 -39.00 24.37
CA VAL J 89 -22.21 -38.92 24.45
C VAL J 89 -21.56 -40.31 24.49
N GLU J 90 -20.44 -40.42 23.79
CA GLU J 90 -19.71 -41.68 23.64
C GLU J 90 -18.29 -41.53 24.14
N CYS J 91 -17.79 -42.57 24.80
CA CYS J 91 -16.44 -42.53 25.35
C CYS J 91 -15.92 -43.93 25.59
N LEU J 92 -14.61 -44.02 25.86
CA LEU J 92 -14.02 -45.26 26.31
C LEU J 92 -14.50 -45.55 27.73
N ARG J 93 -14.54 -46.84 28.09
CA ARG J 93 -15.18 -47.25 29.35
C ARG J 93 -14.61 -46.64 30.62
N GLY J 94 -13.31 -46.34 30.64
CA GLY J 94 -12.71 -45.77 31.83
C GLY J 94 -12.97 -44.29 31.97
N ASP J 95 -13.45 -43.68 30.88
CA ASP J 95 -13.59 -42.23 30.80
C ASP J 95 -14.96 -41.69 31.24
N VAL J 96 -15.87 -42.61 31.55
CA VAL J 96 -17.29 -42.25 31.69
C VAL J 96 -17.55 -41.11 32.66
N ASP J 97 -17.03 -41.26 33.88
CA ASP J 97 -17.32 -40.33 34.95
C ASP J 97 -16.85 -38.93 34.59
N ILE J 98 -15.87 -38.85 33.70
CA ILE J 98 -15.45 -37.57 33.19
C ILE J 98 -16.54 -36.97 32.30
N LEU J 99 -16.86 -37.64 31.20
CA LEU J 99 -17.72 -37.02 30.19
C LEU J 99 -19.13 -36.78 30.68
N MET J 100 -19.63 -37.66 31.54
CA MET J 100 -20.95 -37.48 32.10
C MET J 100 -20.97 -36.24 32.97
N GLU J 101 -19.83 -35.93 33.59
CA GLU J 101 -19.73 -34.73 34.41
C GLU J 101 -19.95 -33.50 33.55
N PHE J 102 -19.58 -33.60 32.27
CA PHE J 102 -19.93 -32.55 31.32
C PHE J 102 -21.39 -32.64 30.95
N LEU J 103 -21.85 -33.87 30.68
CA LEU J 103 -23.17 -34.11 30.13
C LEU J 103 -24.24 -33.40 30.95
N LEU J 104 -24.40 -33.85 32.19
CA LEU J 104 -25.43 -33.29 33.04
C LEU J 104 -25.21 -31.80 33.20
N ASN J 105 -23.94 -31.40 33.24
CA ASN J 105 -23.64 -30.00 33.46
C ASN J 105 -24.29 -29.19 32.35
N VAL J 106 -24.11 -29.65 31.11
CA VAL J 106 -24.60 -28.92 29.95
C VAL J 106 -26.11 -28.78 30.02
N THR J 107 -26.76 -29.75 30.65
CA THR J 107 -28.20 -29.71 30.76
C THR J 107 -28.71 -29.33 32.15
N THR J 108 -27.83 -29.14 33.13
CA THR J 108 -28.33 -28.78 34.47
C THR J 108 -28.31 -27.28 34.69
N ALA J 109 -27.13 -26.69 34.69
CA ALA J 109 -27.04 -25.25 34.88
C ALA J 109 -26.15 -24.62 33.82
N PRO J 110 -26.63 -24.56 32.58
CA PRO J 110 -25.93 -23.83 31.53
C PRO J 110 -25.89 -22.34 31.83
N GLU J 111 -24.81 -21.67 31.45
CA GLU J 111 -24.74 -20.22 31.55
C GLU J 111 -24.66 -19.66 30.15
N PHE J 112 -25.78 -19.15 29.65
CA PHE J 112 -25.83 -18.64 28.29
C PHE J 112 -25.21 -17.26 28.23
N ARG J 113 -23.90 -17.23 28.07
CA ARG J 113 -23.17 -15.98 27.88
C ARG J 113 -23.72 -15.29 26.64
N ARG J 114 -24.24 -14.09 26.80
CA ARG J 114 -24.95 -13.45 25.71
C ARG J 114 -24.08 -13.17 24.49
N TRP J 115 -22.82 -12.82 24.71
CA TRP J 115 -21.92 -12.57 23.60
C TRP J 115 -21.61 -13.84 22.82
N GLU J 116 -21.48 -14.97 23.52
CA GLU J 116 -21.21 -16.23 22.86
C GLU J 116 -22.41 -16.66 22.02
N VAL J 117 -23.60 -16.39 22.54
CA VAL J 117 -24.83 -16.71 21.84
C VAL J 117 -24.97 -15.85 20.58
N ALA J 118 -24.63 -14.57 20.71
CA ALA J 118 -24.67 -13.67 19.57
C ALA J 118 -23.64 -14.11 18.54
N ASP J 119 -22.54 -14.67 19.02
CA ASP J 119 -21.52 -15.23 18.14
C ASP J 119 -22.01 -16.48 17.43
N LEU J 120 -22.92 -17.21 18.07
CA LEU J 120 -23.47 -18.43 17.46
C LEU J 120 -24.68 -18.19 16.57
N GLN J 121 -25.28 -17.00 16.63
CA GLN J 121 -26.39 -16.69 15.74
C GLN J 121 -26.08 -16.81 14.24
N PRO J 122 -24.92 -16.29 13.78
CA PRO J 122 -24.61 -16.47 12.35
C PRO J 122 -24.53 -17.93 11.93
N GLN J 123 -24.12 -18.80 12.84
CA GLN J 123 -24.00 -20.23 12.56
C GLN J 123 -25.34 -20.83 12.13
N LEU J 124 -26.43 -20.21 12.58
CA LEU J 124 -27.77 -20.71 12.28
C LEU J 124 -28.02 -20.72 10.78
N LYS J 125 -27.49 -19.73 10.06
CA LYS J 125 -27.67 -19.67 8.62
C LYS J 125 -26.95 -20.81 7.94
N ILE J 126 -25.78 -21.15 8.46
CA ILE J 126 -24.96 -22.21 7.88
C ILE J 126 -25.62 -23.56 8.08
N ASP J 127 -26.04 -23.82 9.32
CA ASP J 127 -26.67 -25.10 9.64
C ASP J 127 -27.99 -25.25 8.91
N LYS J 128 -28.77 -24.18 8.86
CA LYS J 128 -30.05 -24.21 8.17
C LYS J 128 -29.85 -24.41 6.67
N ALA J 129 -28.75 -23.87 6.15
CA ALA J 129 -28.48 -23.98 4.72
C ALA J 129 -28.03 -25.39 4.33
N VAL J 130 -27.09 -25.94 5.08
CA VAL J 130 -26.62 -27.29 4.80
C VAL J 130 -27.71 -28.32 5.06
N ALA J 131 -28.61 -28.02 6.00
CA ALA J 131 -29.72 -28.92 6.27
C ALA J 131 -30.68 -28.97 5.09
N PHE J 132 -30.78 -27.86 4.35
CA PHE J 132 -31.65 -27.79 3.18
C PHE J 132 -30.95 -28.15 1.89
N GLN J 133 -29.72 -28.66 2.00
CA GLN J 133 -28.99 -29.12 0.83
C GLN J 133 -29.79 -30.25 0.20
N ASN J 134 -30.53 -30.98 1.02
CA ASN J 134 -31.52 -31.93 0.56
C ASN J 134 -32.89 -31.28 0.52
N PRO J 135 -33.49 -31.22 -0.67
CA PRO J 135 -34.79 -30.58 -0.91
C PRO J 135 -35.92 -31.19 -0.09
N GLN J 136 -35.84 -32.47 0.21
CA GLN J 136 -36.91 -33.17 0.90
C GLN J 136 -37.15 -32.58 2.28
N THR J 137 -36.08 -32.13 2.94
CA THR J 137 -36.22 -31.49 4.23
C THR J 137 -36.98 -30.18 4.06
N HIS J 138 -36.70 -29.49 2.96
CA HIS J 138 -37.37 -28.25 2.64
C HIS J 138 -38.83 -28.51 2.34
N VAL J 139 -39.14 -29.72 1.91
CA VAL J 139 -40.51 -30.09 1.60
C VAL J 139 -41.30 -30.45 2.85
N ILE J 140 -40.71 -31.26 3.73
CA ILE J 140 -41.43 -31.77 4.89
C ILE J 140 -41.47 -30.80 6.06
N GLU J 141 -40.34 -30.16 6.37
CA GLU J 141 -40.37 -29.07 7.35
C GLU J 141 -40.94 -27.85 6.65
N ASN J 142 -42.19 -28.00 6.22
CA ASN J 142 -42.93 -27.04 5.45
C ASN J 142 -44.31 -27.67 5.27
N LEU J 143 -44.28 -28.96 4.97
CA LEU J 143 -45.49 -29.77 4.92
C LEU J 143 -46.16 -29.87 6.29
N HIS J 144 -45.36 -29.95 7.34
CA HIS J 144 -45.92 -29.95 8.66
C HIS J 144 -46.61 -28.62 8.90
N ALA J 145 -45.97 -27.54 8.46
CA ALA J 145 -46.58 -26.23 8.59
C ALA J 145 -47.90 -26.20 7.83
N ALA J 146 -47.95 -26.97 6.75
CA ALA J 146 -49.15 -27.04 5.93
C ALA J 146 -50.24 -27.95 6.52
N ALA J 147 -49.86 -28.80 7.46
CA ALA J 147 -50.82 -29.76 8.00
C ALA J 147 -51.43 -29.34 9.33
N TYR J 148 -50.71 -28.54 10.11
CA TYR J 148 -51.09 -28.24 11.49
C TYR J 148 -51.30 -26.76 11.79
N ARG J 149 -52.41 -26.47 12.46
CA ARG J 149 -52.67 -25.12 12.91
C ARG J 149 -51.64 -24.66 13.93
N ASN J 150 -51.25 -25.58 14.80
CA ASN J 150 -50.67 -25.22 16.09
C ASN J 150 -49.26 -25.77 16.36
N ALA J 151 -49.16 -26.73 17.27
CA ALA J 151 -47.89 -27.08 17.91
C ALA J 151 -46.82 -27.66 16.98
N LEU J 152 -47.20 -28.66 16.18
CA LEU J 152 -46.24 -29.35 15.34
C LEU J 152 -45.90 -28.55 14.09
N ALA J 153 -46.65 -27.48 13.86
CA ALA J 153 -46.40 -26.61 12.72
C ALA J 153 -45.03 -25.96 12.80
N ASN J 154 -44.52 -25.81 14.01
CA ASN J 154 -43.25 -25.13 14.24
C ASN J 154 -42.06 -25.89 13.64
N PRO J 155 -41.28 -25.21 12.78
CA PRO J 155 -40.10 -25.77 12.12
C PRO J 155 -38.99 -26.20 13.09
N LEU J 156 -38.30 -27.28 12.75
CA LEU J 156 -37.11 -27.68 13.50
C LEU J 156 -36.02 -26.63 13.38
N TYR J 157 -36.01 -25.95 12.23
CA TYR J 157 -34.98 -24.96 11.94
C TYR J 157 -35.51 -23.56 12.20
N CYS J 158 -34.63 -22.64 12.59
CA CYS J 158 -35.02 -21.27 12.87
C CYS J 158 -35.44 -20.56 11.60
N PRO J 159 -36.57 -19.85 11.65
CA PRO J 159 -37.04 -19.00 10.55
C PRO J 159 -36.04 -17.88 10.30
N ASP J 160 -35.90 -17.46 9.05
CA ASP J 160 -34.82 -16.55 8.67
C ASP J 160 -34.85 -15.21 9.42
N TYR J 161 -36.05 -14.71 9.73
CA TYR J 161 -36.14 -13.43 10.42
C TYR J 161 -35.67 -13.51 11.87
N ARG J 162 -35.74 -14.71 12.46
CA ARG J 162 -35.31 -14.90 13.85
C ARG J 162 -33.83 -15.22 14.01
N ILE J 163 -33.11 -15.40 12.91
CA ILE J 163 -31.72 -15.85 12.99
C ILE J 163 -30.85 -14.86 13.76
N GLY J 164 -31.10 -13.57 13.59
CA GLY J 164 -30.29 -12.56 14.25
C GLY J 164 -30.82 -12.03 15.57
N LYS J 165 -31.95 -12.53 16.04
CA LYS J 165 -32.59 -11.90 17.20
C LYS J 165 -32.93 -12.82 18.36
N VAL J 166 -32.50 -14.08 18.30
CA VAL J 166 -32.70 -14.99 19.43
C VAL J 166 -31.87 -14.49 20.60
N THR J 167 -32.44 -14.49 21.80
CA THR J 167 -31.75 -13.97 22.97
C THR J 167 -31.53 -15.05 24.02
N SER J 168 -30.50 -14.86 24.84
CA SER J 168 -30.18 -15.82 25.88
C SER J 168 -31.29 -15.97 26.92
N GLU J 169 -32.05 -14.90 27.14
CA GLU J 169 -33.13 -14.93 28.12
C GLU J 169 -34.23 -15.90 27.71
N GLU J 170 -34.47 -15.99 26.41
CA GLU J 170 -35.42 -16.94 25.87
C GLU J 170 -34.91 -18.36 26.08
N LEU J 171 -33.59 -18.49 26.03
CA LEU J 171 -32.96 -19.78 26.24
C LEU J 171 -33.14 -20.21 27.67
N HIS J 172 -32.91 -19.29 28.61
CA HIS J 172 -33.12 -19.63 30.01
C HIS J 172 -34.59 -19.98 30.25
N TYR J 173 -35.49 -19.19 29.69
CA TYR J 173 -36.91 -19.41 29.92
C TYR J 173 -37.31 -20.80 29.44
N PHE J 174 -36.83 -21.15 28.25
CA PHE J 174 -37.15 -22.46 27.69
C PHE J 174 -36.50 -23.57 28.50
N VAL J 175 -35.35 -23.29 29.09
CA VAL J 175 -34.64 -24.28 29.88
C VAL J 175 -35.30 -24.59 31.22
N GLN J 176 -35.63 -23.59 32.02
CA GLN J 176 -36.32 -23.95 33.27
C GLN J 176 -37.75 -24.38 32.99
N ASN J 177 -38.33 -23.98 31.86
CA ASN J 177 -39.68 -24.44 31.55
C ASN J 177 -39.79 -25.80 30.85
N HIS J 178 -38.67 -26.36 30.40
CA HIS J 178 -38.76 -27.61 29.63
C HIS J 178 -37.71 -28.68 29.91
N PHE J 179 -36.66 -28.35 30.64
CA PHE J 179 -35.73 -29.37 31.09
C PHE J 179 -36.11 -29.86 32.49
N THR J 180 -37.41 -30.08 32.66
CA THR J 180 -37.95 -30.62 33.90
C THR J 180 -37.53 -32.06 34.12
N SER J 181 -37.28 -32.42 35.37
CA SER J 181 -36.83 -33.78 35.70
C SER J 181 -37.86 -34.84 35.33
N ALA J 182 -39.13 -34.49 35.38
CA ALA J 182 -40.18 -35.42 34.99
C ALA J 182 -40.14 -35.74 33.50
N ARG J 183 -39.69 -34.76 32.72
CA ARG J 183 -39.61 -34.92 31.27
C ARG J 183 -38.38 -35.71 30.83
N MET J 184 -37.41 -35.83 31.72
CA MET J 184 -36.12 -36.40 31.37
C MET J 184 -36.04 -37.91 31.60
N ALA J 185 -35.15 -38.56 30.86
CA ALA J 185 -34.88 -39.97 31.05
C ALA J 185 -33.44 -40.28 30.63
N LEU J 186 -32.81 -41.22 31.33
CA LEU J 186 -31.40 -41.47 31.08
C LEU J 186 -31.14 -42.92 30.72
N ILE J 187 -30.27 -43.13 29.73
CA ILE J 187 -29.98 -44.46 29.21
C ILE J 187 -28.47 -44.68 29.13
N GLY J 188 -28.03 -45.90 29.42
CA GLY J 188 -26.63 -46.25 29.29
C GLY J 188 -26.46 -47.55 28.55
N LEU J 189 -25.20 -47.88 28.21
CA LEU J 189 -24.91 -49.12 27.50
C LEU J 189 -23.72 -49.84 28.11
N GLY J 190 -22.52 -49.32 27.86
CA GLY J 190 -21.33 -49.92 28.42
C GLY J 190 -21.32 -49.74 29.93
N VAL J 191 -21.91 -48.65 30.38
CA VAL J 191 -22.05 -48.38 31.80
C VAL J 191 -23.05 -49.34 32.43
N SER J 192 -22.71 -49.87 33.61
CA SER J 192 -23.63 -50.73 34.36
C SER J 192 -24.72 -49.90 35.05
N HIS J 193 -25.87 -50.52 35.25
CA HIS J 193 -26.99 -49.89 35.96
C HIS J 193 -26.67 -49.44 37.40
N PRO J 194 -26.06 -50.32 38.23
CA PRO J 194 -25.85 -49.91 39.63
C PRO J 194 -25.00 -48.65 39.82
N VAL J 195 -24.04 -48.42 38.94
CA VAL J 195 -23.24 -47.21 39.07
C VAL J 195 -24.01 -46.02 38.51
N LEU J 196 -24.95 -46.29 37.61
CA LEU J 196 -25.86 -45.23 37.16
C LEU J 196 -26.76 -44.80 38.29
N LYS J 197 -27.03 -45.71 39.23
CA LYS J 197 -27.84 -45.37 40.39
C LYS J 197 -27.21 -44.25 41.21
N GLN J 198 -25.88 -44.13 41.13
CA GLN J 198 -25.17 -43.12 41.90
C GLN J 198 -24.70 -41.93 41.05
N VAL J 199 -24.23 -42.18 39.84
CA VAL J 199 -23.82 -41.08 38.97
C VAL J 199 -25.01 -40.25 38.51
N ALA J 200 -26.18 -40.87 38.44
CA ALA J 200 -27.40 -40.12 38.10
C ALA J 200 -28.00 -39.47 39.35
N GLU J 201 -27.45 -39.81 40.51
CA GLU J 201 -27.93 -39.26 41.78
C GLU J 201 -27.67 -37.76 41.85
N GLN J 202 -26.69 -37.29 41.09
CA GLN J 202 -26.28 -35.90 41.10
C GLN J 202 -27.39 -34.97 40.65
N PHE J 203 -28.27 -35.46 39.78
CA PHE J 203 -29.29 -34.61 39.20
C PHE J 203 -30.50 -34.41 40.10
N LEU J 204 -30.61 -35.23 41.15
CA LEU J 204 -31.81 -35.21 41.99
C LEU J 204 -32.00 -33.86 42.66
N ASN J 205 -30.90 -33.21 43.02
CA ASN J 205 -30.97 -31.87 43.57
C ASN J 205 -31.48 -30.85 42.55
N MET J 206 -31.09 -31.04 41.29
CA MET J 206 -31.54 -30.17 40.21
C MET J 206 -33.01 -30.34 39.86
N ARG J 207 -33.68 -29.22 39.64
CA ARG J 207 -34.96 -29.11 38.94
C ARG J 207 -36.12 -29.99 39.45
N GLY J 208 -37.21 -29.35 39.85
CA GLY J 208 -38.38 -30.06 40.32
C GLY J 208 -39.24 -30.59 39.18
N GLY J 209 -40.29 -31.33 39.52
CA GLY J 209 -41.11 -31.99 38.52
C GLY J 209 -42.15 -31.13 37.82
N LEU J 210 -42.73 -31.68 36.76
CA LEU J 210 -43.74 -31.01 35.92
C LEU J 210 -43.21 -29.79 35.17
N GLY J 211 -43.54 -29.70 33.89
CA GLY J 211 -43.06 -28.60 33.05
C GLY J 211 -44.12 -27.58 32.68
N LEU J 212 -44.40 -27.46 31.39
CA LEU J 212 -45.40 -26.51 30.90
C LEU J 212 -46.49 -27.25 30.10
N SER J 213 -46.07 -27.98 29.07
CA SER J 213 -46.94 -28.87 28.29
C SER J 213 -48.20 -28.21 27.72
N GLY J 214 -48.01 -27.12 26.99
CA GLY J 214 -49.13 -26.46 26.34
C GLY J 214 -49.46 -27.06 24.98
N ALA J 215 -50.41 -26.44 24.29
CA ALA J 215 -50.77 -26.75 22.90
C ALA J 215 -51.39 -28.15 22.69
N LYS J 216 -51.83 -28.40 21.46
CA LYS J 216 -52.52 -29.63 21.12
C LYS J 216 -52.29 -30.04 19.66
N ALA J 217 -51.89 -29.07 18.84
CA ALA J 217 -51.59 -29.29 17.42
C ALA J 217 -52.80 -29.78 16.62
N ASN J 218 -53.71 -28.87 16.31
CA ASN J 218 -54.86 -29.16 15.46
C ASN J 218 -54.46 -29.27 14.00
N TYR J 219 -55.19 -30.08 13.24
CA TYR J 219 -54.93 -30.29 11.82
C TYR J 219 -55.46 -29.14 10.95
N ARG J 220 -54.84 -28.93 9.79
CA ARG J 220 -55.37 -28.01 8.78
C ARG J 220 -55.05 -28.52 7.37
N GLY J 221 -55.94 -28.25 6.43
CA GLY J 221 -55.84 -28.80 5.09
C GLY J 221 -55.12 -27.95 4.06
N GLY J 222 -54.47 -26.87 4.49
CA GLY J 222 -53.92 -25.92 3.55
C GLY J 222 -52.74 -26.40 2.73
N GLU J 223 -52.58 -25.81 1.54
CA GLU J 223 -51.44 -26.06 0.67
C GLU J 223 -50.29 -25.11 0.93
N ILE J 224 -49.09 -25.48 0.51
CA ILE J 224 -47.98 -24.54 0.42
C ILE J 224 -47.19 -24.80 -0.85
N ARG J 225 -47.61 -24.16 -1.94
CA ARG J 225 -46.87 -24.23 -3.18
C ARG J 225 -45.67 -23.27 -3.05
N GLU J 226 -44.57 -23.54 -3.75
CA GLU J 226 -43.39 -22.68 -3.63
C GLU J 226 -42.92 -22.08 -4.95
N GLN J 227 -42.98 -22.85 -6.04
CA GLN J 227 -42.57 -22.38 -7.35
C GLN J 227 -41.10 -21.97 -7.41
N ASN J 228 -40.26 -22.90 -7.85
CA ASN J 228 -38.84 -22.63 -8.03
C ASN J 228 -38.38 -23.00 -9.45
N GLY J 229 -37.11 -22.76 -9.73
CA GLY J 229 -36.56 -23.07 -11.04
C GLY J 229 -36.16 -24.53 -11.19
N ASP J 230 -36.25 -25.29 -10.10
CA ASP J 230 -35.88 -26.70 -10.11
C ASP J 230 -36.80 -27.48 -11.06
N SER J 231 -36.22 -28.41 -11.82
CA SER J 231 -36.98 -29.21 -12.76
C SER J 231 -37.68 -30.38 -12.09
N LEU J 232 -37.00 -31.01 -11.13
CA LEU J 232 -37.56 -32.17 -10.46
C LEU J 232 -38.46 -31.75 -9.31
N VAL J 233 -39.74 -31.55 -9.63
CA VAL J 233 -40.72 -31.18 -8.62
C VAL J 233 -40.92 -32.29 -7.59
N HIS J 234 -41.02 -31.88 -6.33
CA HIS J 234 -41.36 -32.76 -5.22
C HIS J 234 -42.84 -32.56 -4.89
N ALA J 235 -43.47 -33.53 -4.24
CA ALA J 235 -44.87 -33.39 -3.85
C ALA J 235 -45.22 -34.30 -2.69
N ALA J 236 -46.25 -33.94 -1.93
CA ALA J 236 -46.61 -34.76 -0.77
C ALA J 236 -48.06 -34.64 -0.31
N PHE J 237 -48.94 -35.48 -0.84
CA PHE J 237 -50.27 -35.63 -0.28
C PHE J 237 -50.20 -36.18 1.13
N VAL J 238 -51.02 -35.65 2.03
CA VAL J 238 -51.04 -36.10 3.42
C VAL J 238 -52.44 -36.05 4.00
N ALA J 239 -52.78 -37.06 4.79
CA ALA J 239 -54.02 -37.07 5.54
C ALA J 239 -53.74 -37.53 6.97
N GLU J 240 -54.56 -37.07 7.90
CA GLU J 240 -54.36 -37.34 9.31
C GLU J 240 -54.49 -38.83 9.61
N SER J 241 -53.67 -39.32 10.52
CA SER J 241 -53.72 -40.73 10.88
C SER J 241 -53.45 -40.92 12.37
N ALA J 242 -54.19 -41.85 12.98
CA ALA J 242 -54.08 -42.11 14.40
C ALA J 242 -52.72 -42.70 14.75
N VAL J 243 -52.15 -42.21 15.85
CA VAL J 243 -50.85 -42.65 16.32
C VAL J 243 -50.73 -41.94 17.68
N ALA J 244 -49.94 -42.42 18.64
CA ALA J 244 -49.06 -43.56 18.51
C ALA J 244 -49.34 -44.66 19.53
N GLY J 245 -48.90 -45.87 19.18
CA GLY J 245 -49.03 -47.03 20.04
C GLY J 245 -50.36 -47.72 19.85
N SER J 246 -51.21 -47.10 19.02
CA SER J 246 -52.48 -47.69 18.64
C SER J 246 -52.23 -48.78 17.61
N ALA J 247 -53.11 -49.78 17.57
CA ALA J 247 -53.04 -50.82 16.55
C ALA J 247 -53.29 -50.23 15.17
N GLU J 248 -54.04 -49.14 15.12
CA GLU J 248 -54.33 -48.47 13.86
C GLU J 248 -53.05 -47.90 13.27
N ALA J 249 -52.14 -47.48 14.14
CA ALA J 249 -50.83 -47.02 13.68
C ALA J 249 -50.06 -48.16 13.05
N ASN J 250 -50.26 -49.36 13.59
CA ASN J 250 -49.66 -50.55 13.02
C ASN J 250 -50.27 -50.80 11.65
N ALA J 251 -51.55 -50.47 11.54
CA ALA J 251 -52.26 -50.63 10.28
C ALA J 251 -51.72 -49.69 9.22
N PHE J 252 -51.41 -48.45 9.61
CA PHE J 252 -50.75 -47.53 8.68
C PHE J 252 -49.31 -47.90 8.38
N SER J 253 -48.66 -48.60 9.30
CA SER J 253 -47.28 -49.02 9.07
C SER J 253 -47.26 -50.12 8.01
N VAL J 254 -48.11 -51.12 8.20
CA VAL J 254 -48.23 -52.19 7.24
C VAL J 254 -48.73 -51.59 5.93
N LEU J 255 -49.56 -50.55 6.04
CA LEU J 255 -50.07 -49.87 4.87
C LEU J 255 -48.97 -49.18 4.08
N GLN J 256 -47.99 -48.58 4.73
CA GLN J 256 -46.95 -47.93 3.95
C GLN J 256 -46.04 -48.98 3.34
N HIS J 257 -45.80 -50.07 4.09
CA HIS J 257 -44.91 -51.10 3.58
C HIS J 257 -45.49 -52.00 2.50
N VAL J 258 -46.82 -52.03 2.39
CA VAL J 258 -47.46 -52.62 1.22
C VAL J 258 -47.14 -51.77 -0.01
N LEU J 259 -47.02 -50.47 0.23
CA LEU J 259 -46.92 -49.49 -0.84
C LEU J 259 -45.47 -49.19 -1.23
N GLY J 260 -44.53 -49.98 -0.71
CA GLY J 260 -43.14 -49.85 -1.10
C GLY J 260 -42.42 -48.65 -0.52
N ALA J 261 -42.78 -48.28 0.69
CA ALA J 261 -42.17 -47.14 1.37
C ALA J 261 -40.69 -47.35 1.66
N GLY J 262 -40.29 -48.60 1.83
CA GLY J 262 -38.93 -48.91 2.22
C GLY J 262 -38.01 -49.37 1.10
N PRO J 263 -36.80 -48.80 1.05
CA PRO J 263 -35.75 -49.16 0.10
C PRO J 263 -35.28 -50.60 0.26
N HIS J 264 -34.93 -51.27 -0.83
CA HIS J 264 -34.42 -52.64 -0.76
C HIS J 264 -33.24 -52.86 -1.72
N VAL J 265 -33.48 -53.56 -2.81
CA VAL J 265 -32.42 -53.86 -3.78
C VAL J 265 -31.88 -52.61 -4.47
N LYS J 266 -30.56 -52.52 -4.56
CA LYS J 266 -29.92 -51.42 -5.28
C LYS J 266 -30.00 -51.62 -6.79
N ARG J 267 -30.07 -50.51 -7.52
CA ARG J 267 -30.05 -50.51 -8.98
C ARG J 267 -31.14 -51.38 -9.61
N GLY J 268 -32.31 -51.40 -9.00
CA GLY J 268 -33.41 -52.20 -9.52
C GLY J 268 -34.77 -51.61 -9.18
N SER J 269 -35.71 -51.73 -10.11
CA SER J 269 -37.06 -51.25 -9.88
C SER J 269 -37.73 -52.05 -8.76
N ASN J 270 -38.48 -51.35 -7.91
CA ASN J 270 -39.12 -51.98 -6.78
C ASN J 270 -40.41 -52.66 -7.25
N THR J 271 -40.26 -53.83 -7.85
CA THR J 271 -41.36 -54.50 -8.53
C THR J 271 -42.53 -54.87 -7.63
N THR J 272 -42.24 -55.24 -6.39
CA THR J 272 -43.30 -55.61 -5.46
C THR J 272 -44.08 -54.39 -5.00
N SER J 273 -43.47 -53.20 -5.08
CA SER J 273 -44.14 -51.98 -4.69
C SER J 273 -45.27 -51.67 -5.66
N HIS J 274 -46.43 -51.29 -5.11
CA HIS J 274 -47.55 -50.92 -5.95
C HIS J 274 -47.35 -49.56 -6.61
N LEU J 275 -46.68 -48.65 -5.91
CA LEU J 275 -46.52 -47.28 -6.39
C LEU J 275 -45.49 -47.14 -7.50
N HIS J 276 -44.33 -47.76 -7.33
CA HIS J 276 -43.29 -47.67 -8.36
C HIS J 276 -43.77 -48.28 -9.67
N GLN J 277 -44.56 -49.35 -9.57
CA GLN J 277 -45.10 -49.98 -10.76
C GLN J 277 -46.26 -49.20 -11.33
N ALA J 278 -47.06 -48.59 -10.48
CA ALA J 278 -48.17 -47.76 -10.93
C ALA J 278 -47.66 -46.54 -11.69
N VAL J 279 -46.49 -46.05 -11.31
CA VAL J 279 -45.92 -44.88 -11.96
C VAL J 279 -45.06 -45.27 -13.16
N ALA J 280 -44.43 -46.44 -13.10
CA ALA J 280 -43.48 -46.85 -14.13
C ALA J 280 -44.14 -47.00 -15.50
N LYS J 281 -45.39 -47.44 -15.50
CA LYS J 281 -46.15 -47.55 -16.74
C LYS J 281 -46.99 -46.31 -16.97
N ALA J 282 -46.97 -45.39 -16.02
CA ALA J 282 -47.68 -44.12 -16.17
C ALA J 282 -46.80 -43.07 -16.84
N THR J 283 -45.52 -43.09 -16.50
CA THR J 283 -44.55 -42.13 -17.01
C THR J 283 -43.17 -42.78 -17.19
N GLN J 284 -42.26 -42.06 -17.84
CA GLN J 284 -40.90 -42.56 -18.05
C GLN J 284 -40.16 -42.63 -16.72
N GLN J 285 -38.99 -43.28 -16.74
CA GLN J 285 -38.26 -43.63 -15.52
C GLN J 285 -37.92 -42.49 -14.53
N PRO J 286 -37.50 -41.29 -15.01
CA PRO J 286 -37.07 -40.34 -13.97
C PRO J 286 -38.17 -39.95 -12.97
N PHE J 287 -38.32 -40.77 -11.94
CA PHE J 287 -39.22 -40.48 -10.83
C PHE J 287 -38.79 -41.29 -9.62
N ASP J 288 -39.38 -40.98 -8.47
CA ASP J 288 -39.18 -41.80 -7.28
C ASP J 288 -40.31 -41.52 -6.29
N VAL J 289 -41.19 -42.50 -6.14
CA VAL J 289 -42.38 -42.34 -5.31
C VAL J 289 -42.34 -43.30 -4.13
N SER J 290 -42.77 -42.84 -2.96
CA SER J 290 -42.79 -43.70 -1.78
C SER J 290 -43.76 -43.20 -0.72
N ALA J 291 -44.30 -44.12 0.05
CA ALA J 291 -45.24 -43.79 1.12
C ALA J 291 -44.52 -43.09 2.28
N PHE J 292 -45.26 -42.27 3.00
CA PHE J 292 -44.71 -41.48 4.10
C PHE J 292 -45.63 -41.55 5.32
N ASN J 293 -45.09 -41.96 6.46
CA ASN J 293 -45.84 -42.01 7.70
C ASN J 293 -45.09 -41.38 8.86
N ALA J 294 -45.75 -40.44 9.55
CA ALA J 294 -45.13 -39.78 10.68
C ALA J 294 -45.92 -40.03 11.96
N SER J 295 -45.20 -40.34 13.03
CA SER J 295 -45.78 -40.70 14.31
C SER J 295 -45.54 -39.66 15.40
N TYR J 296 -46.61 -39.01 15.86
CA TYR J 296 -46.53 -38.02 16.93
C TYR J 296 -47.64 -38.26 17.94
N SER J 297 -47.35 -38.02 19.21
CA SER J 297 -48.24 -38.44 20.30
C SER J 297 -49.63 -37.81 20.23
N ASP J 298 -49.72 -36.59 19.73
CA ASP J 298 -51.02 -35.93 19.60
C ASP J 298 -51.79 -36.50 18.40
N SER J 299 -51.11 -36.56 17.26
CA SER J 299 -51.68 -37.10 16.04
C SER J 299 -50.58 -37.33 15.02
N GLY J 300 -50.81 -38.24 14.08
CA GLY J 300 -49.81 -38.53 13.07
C GLY J 300 -50.27 -38.22 11.67
N LEU J 301 -49.41 -38.50 10.70
CA LEU J 301 -49.69 -38.18 9.32
C LEU J 301 -49.38 -39.37 8.42
N PHE J 302 -50.11 -39.47 7.30
CA PHE J 302 -49.81 -40.51 6.33
C PHE J 302 -50.14 -40.05 4.92
N GLY J 303 -49.28 -40.35 3.97
CA GLY J 303 -49.52 -40.00 2.59
C GLY J 303 -48.32 -40.19 1.70
N ILE J 304 -48.58 -40.26 0.39
CA ILE J 304 -47.52 -40.47 -0.58
C ILE J 304 -46.60 -39.26 -0.72
N TYR J 305 -45.33 -39.52 -1.00
CA TYR J 305 -44.37 -38.49 -1.32
C TYR J 305 -43.77 -38.84 -2.68
N THR J 306 -43.61 -37.84 -3.54
CA THR J 306 -43.17 -38.10 -4.90
C THR J 306 -42.07 -37.16 -5.38
N ILE J 307 -41.13 -37.68 -6.15
CA ILE J 307 -40.20 -36.87 -6.90
C ILE J 307 -40.40 -37.14 -8.38
N SER J 308 -40.55 -36.11 -9.18
CA SER J 308 -40.86 -36.32 -10.59
C SER J 308 -40.49 -35.15 -11.47
N GLN J 309 -40.44 -35.39 -12.78
CA GLN J 309 -40.27 -34.31 -13.74
C GLN J 309 -41.49 -33.40 -13.67
N ALA J 310 -41.27 -32.10 -13.86
CA ALA J 310 -42.33 -31.13 -13.68
C ALA J 310 -43.50 -31.36 -14.63
N THR J 311 -43.20 -31.80 -15.85
CA THR J 311 -44.24 -32.11 -16.82
C THR J 311 -45.05 -33.32 -16.42
N ALA J 312 -44.39 -34.30 -15.80
CA ALA J 312 -45.01 -35.58 -15.53
C ALA J 312 -45.71 -35.69 -14.18
N ALA J 313 -45.55 -34.68 -13.33
CA ALA J 313 -45.97 -34.79 -11.94
C ALA J 313 -47.47 -35.00 -11.78
N GLY J 314 -48.25 -34.40 -12.68
CA GLY J 314 -49.69 -34.49 -12.58
C GLY J 314 -50.17 -35.89 -12.85
N ASP J 315 -49.46 -36.60 -13.72
CA ASP J 315 -49.80 -37.98 -14.00
C ASP J 315 -49.31 -38.88 -12.88
N VAL J 316 -48.12 -38.57 -12.36
CA VAL J 316 -47.48 -39.40 -11.36
C VAL J 316 -48.22 -39.42 -10.03
N ILE J 317 -48.49 -38.25 -9.48
CA ILE J 317 -49.12 -38.21 -8.16
C ILE J 317 -50.55 -38.75 -8.21
N LYS J 318 -51.24 -38.54 -9.32
CA LYS J 318 -52.59 -39.07 -9.48
C LYS J 318 -52.58 -40.57 -9.64
N ALA J 319 -51.59 -41.10 -10.36
CA ALA J 319 -51.48 -42.54 -10.51
C ALA J 319 -51.18 -43.17 -9.16
N ALA J 320 -50.29 -42.52 -8.41
CA ALA J 320 -49.89 -43.01 -7.10
C ALA J 320 -51.04 -42.96 -6.10
N TYR J 321 -51.93 -41.98 -6.27
CA TYR J 321 -53.08 -41.86 -5.37
C TYR J 321 -54.15 -42.88 -5.74
N ASN J 322 -54.34 -43.09 -7.04
CA ASN J 322 -55.27 -44.09 -7.51
C ASN J 322 -54.86 -45.48 -7.08
N GLN J 323 -53.54 -45.69 -7.00
CA GLN J 323 -53.01 -46.96 -6.52
C GLN J 323 -53.41 -47.21 -5.07
N VAL J 324 -53.53 -46.12 -4.31
CA VAL J 324 -54.03 -46.23 -2.93
C VAL J 324 -55.52 -46.47 -2.96
N LYS J 325 -56.21 -45.83 -3.89
CA LYS J 325 -57.66 -45.95 -3.99
C LYS J 325 -58.09 -47.37 -4.31
N THR J 326 -57.28 -48.10 -5.08
CA THR J 326 -57.61 -49.48 -5.40
C THR J 326 -57.60 -50.35 -4.14
N ILE J 327 -56.67 -50.08 -3.25
CA ILE J 327 -56.63 -50.74 -1.96
C ILE J 327 -57.80 -50.26 -1.09
N ALA J 328 -58.20 -49.01 -1.31
CA ALA J 328 -59.33 -48.44 -0.60
C ALA J 328 -60.62 -49.13 -1.03
N GLN J 329 -60.60 -49.73 -2.21
CA GLN J 329 -61.74 -50.49 -2.71
C GLN J 329 -61.82 -51.86 -2.05
N GLY J 330 -60.79 -52.20 -1.27
CA GLY J 330 -60.71 -53.50 -0.64
C GLY J 330 -60.06 -54.54 -1.53
N ASN J 331 -59.58 -54.10 -2.68
CA ASN J 331 -58.91 -55.02 -3.59
C ASN J 331 -57.45 -55.12 -3.21
N LEU J 332 -57.15 -56.08 -2.34
CA LEU J 332 -55.79 -56.27 -1.85
C LEU J 332 -55.44 -57.75 -1.71
N SER J 333 -54.36 -58.16 -2.37
CA SER J 333 -53.92 -59.54 -2.35
C SER J 333 -53.40 -59.96 -0.98
N ASN J 334 -53.60 -61.23 -0.64
CA ASN J 334 -53.14 -61.77 0.63
C ASN J 334 -51.62 -61.84 0.79
N THR J 335 -50.91 -62.01 -0.32
CA THR J 335 -49.47 -62.27 -0.26
C THR J 335 -48.64 -61.03 0.03
N ASP J 336 -48.96 -59.93 -0.62
CA ASP J 336 -48.17 -58.71 -0.48
C ASP J 336 -48.26 -58.17 0.94
N VAL J 337 -49.36 -58.48 1.61
CA VAL J 337 -49.51 -58.14 3.02
C VAL J 337 -48.49 -58.91 3.85
N GLN J 338 -48.30 -60.17 3.52
CA GLN J 338 -47.34 -61.00 4.23
C GLN J 338 -45.93 -60.50 3.98
N ALA J 339 -45.66 -60.14 2.74
CA ALA J 339 -44.35 -59.64 2.36
C ALA J 339 -44.07 -58.31 3.06
N ALA J 340 -45.11 -57.51 3.25
CA ALA J 340 -44.97 -56.22 3.90
C ALA J 340 -44.73 -56.38 5.38
N LYS J 341 -45.45 -57.30 6.00
CA LYS J 341 -45.27 -57.58 7.42
C LYS J 341 -43.85 -58.09 7.66
N ASN J 342 -43.36 -58.85 6.70
CA ASN J 342 -41.98 -59.32 6.76
C ASN J 342 -40.98 -58.18 6.61
N LYS J 343 -41.32 -57.22 5.75
CA LYS J 343 -40.47 -56.03 5.59
C LYS J 343 -40.44 -55.19 6.85
N LEU J 344 -41.55 -55.14 7.57
CA LEU J 344 -41.58 -54.51 8.88
C LEU J 344 -40.78 -55.24 9.93
N LYS J 345 -40.79 -56.57 9.89
CA LYS J 345 -40.02 -57.31 10.87
C LYS J 345 -38.53 -57.11 10.64
N ALA J 346 -38.09 -57.31 9.41
CA ALA J 346 -36.68 -57.15 9.07
C ALA J 346 -36.25 -55.70 9.24
N GLY J 347 -37.17 -54.79 8.98
CA GLY J 347 -36.86 -53.37 9.06
C GLY J 347 -36.67 -52.93 10.49
N TYR J 348 -37.62 -53.29 11.35
CA TYR J 348 -37.53 -52.91 12.74
C TYR J 348 -36.33 -53.57 13.40
N LEU J 349 -36.03 -54.79 12.97
CA LEU J 349 -34.83 -55.45 13.50
C LEU J 349 -33.56 -54.75 13.03
N MET J 350 -33.57 -54.24 11.80
CA MET J 350 -32.44 -53.45 11.32
C MET J 350 -32.27 -52.13 12.06
N SER J 351 -33.38 -51.54 12.48
CA SER J 351 -33.30 -50.27 13.20
C SER J 351 -32.79 -50.50 14.60
N VAL J 352 -33.32 -51.53 15.26
CA VAL J 352 -32.89 -51.87 16.61
C VAL J 352 -31.44 -52.37 16.64
N GLU J 353 -30.99 -52.97 15.54
CA GLU J 353 -29.73 -53.71 15.54
C GLU J 353 -28.50 -52.88 15.89
N SER J 354 -28.35 -51.72 15.25
CA SER J 354 -27.23 -50.84 15.57
C SER J 354 -27.41 -50.26 16.96
N SER J 355 -26.31 -50.18 17.72
CA SER J 355 -26.36 -49.76 19.11
C SER J 355 -26.81 -48.31 19.33
N GLU J 356 -26.46 -47.44 18.39
CA GLU J 356 -26.77 -46.02 18.55
C GLU J 356 -28.25 -45.80 18.27
N CYS J 357 -28.75 -46.38 17.18
CA CYS J 357 -30.17 -46.32 16.88
C CYS J 357 -30.94 -47.08 17.94
N PHE J 358 -30.30 -48.09 18.53
CA PHE J 358 -30.90 -48.81 19.65
C PHE J 358 -31.05 -47.91 20.87
N LEU J 359 -30.09 -47.01 21.05
CA LEU J 359 -30.15 -46.08 22.17
C LEU J 359 -31.24 -45.05 21.92
N GLU J 360 -31.35 -44.61 20.67
CA GLU J 360 -32.41 -43.69 20.30
C GLU J 360 -33.77 -44.35 20.50
N GLU J 361 -33.80 -45.66 20.25
CA GLU J 361 -35.03 -46.43 20.34
C GLU J 361 -35.47 -46.58 21.79
N VAL J 362 -34.55 -47.06 22.63
CA VAL J 362 -34.86 -47.30 24.02
C VAL J 362 -35.19 -46.01 24.73
N GLY J 363 -34.52 -44.93 24.36
CA GLY J 363 -34.79 -43.66 25.01
C GLY J 363 -36.08 -43.01 24.58
N SER J 364 -36.28 -42.91 23.27
CA SER J 364 -37.48 -42.28 22.73
C SER J 364 -38.71 -43.07 23.17
N GLN J 365 -38.53 -44.38 23.32
CA GLN J 365 -39.60 -45.21 23.84
C GLN J 365 -39.77 -45.00 25.34
N ALA J 366 -38.66 -44.78 26.04
CA ALA J 366 -38.70 -44.60 27.49
C ALA J 366 -39.45 -43.33 27.88
N LEU J 367 -39.37 -42.32 27.04
CA LEU J 367 -40.09 -41.07 27.34
C LEU J 367 -41.59 -41.21 27.19
N VAL J 368 -42.02 -41.72 26.04
CA VAL J 368 -43.43 -41.82 25.71
C VAL J 368 -44.18 -42.88 26.51
N ALA J 369 -43.46 -43.88 27.01
CA ALA J 369 -44.12 -45.06 27.57
C ALA J 369 -43.89 -45.22 29.07
N GLY J 370 -42.62 -45.19 29.49
CA GLY J 370 -42.30 -45.50 30.86
C GLY J 370 -42.31 -47.00 31.10
N SER J 371 -42.26 -47.76 30.01
CA SER J 371 -42.20 -49.21 30.09
C SER J 371 -41.58 -49.78 28.82
N TYR J 372 -40.36 -50.28 28.91
CA TYR J 372 -39.67 -50.80 27.74
C TYR J 372 -40.37 -52.02 27.17
N MET J 373 -40.49 -52.05 25.85
CA MET J 373 -41.15 -53.14 25.15
C MET J 373 -40.18 -53.87 24.23
N PRO J 374 -39.84 -55.12 24.58
CA PRO J 374 -38.88 -55.93 23.84
C PRO J 374 -39.38 -56.20 22.42
N PRO J 375 -38.46 -56.29 21.45
CA PRO J 375 -38.87 -56.32 20.04
C PRO J 375 -39.80 -57.47 19.69
N SER J 376 -39.66 -58.62 20.33
CA SER J 376 -40.57 -59.72 20.03
C SER J 376 -42.00 -59.34 20.40
N THR J 377 -42.16 -58.58 21.49
CA THR J 377 -43.48 -58.12 21.91
C THR J 377 -44.04 -57.19 20.85
N VAL J 378 -43.15 -56.46 20.20
CA VAL J 378 -43.54 -55.66 19.04
C VAL J 378 -43.99 -56.58 17.91
N LEU J 379 -43.32 -57.71 17.76
CA LEU J 379 -43.66 -58.67 16.72
C LEU J 379 -45.01 -59.34 16.90
N GLN J 380 -45.45 -59.58 18.13
CA GLN J 380 -46.82 -60.09 18.28
C GLN J 380 -47.86 -59.07 17.85
N GLN J 381 -47.66 -57.80 18.20
CA GLN J 381 -48.58 -56.76 17.74
C GLN J 381 -48.53 -56.55 16.24
N ILE J 382 -47.36 -56.74 15.65
CA ILE J 382 -47.19 -56.41 14.24
C ILE J 382 -47.66 -57.58 13.41
N ASP J 383 -47.71 -58.76 14.02
CA ASP J 383 -48.30 -59.93 13.40
C ASP J 383 -49.81 -59.92 13.61
N SER J 384 -50.24 -59.20 14.64
CA SER J 384 -51.64 -59.19 15.04
C SER J 384 -52.55 -58.53 14.01
N VAL J 385 -51.99 -57.67 13.17
CA VAL J 385 -52.78 -56.84 12.27
C VAL J 385 -53.59 -57.66 11.26
N ALA J 386 -54.86 -57.31 11.10
CA ALA J 386 -55.74 -57.96 10.14
C ALA J 386 -55.83 -57.15 8.86
N ASN J 387 -56.21 -57.81 7.77
CA ASN J 387 -56.34 -57.14 6.47
C ASN J 387 -57.42 -56.05 6.49
N ALA J 388 -58.48 -56.30 7.25
CA ALA J 388 -59.59 -55.36 7.33
C ALA J 388 -59.19 -54.03 7.96
N ASP J 389 -58.27 -54.08 8.92
CA ASP J 389 -57.78 -52.87 9.56
C ASP J 389 -57.00 -52.06 8.54
N ILE J 390 -56.33 -52.75 7.63
CA ILE J 390 -55.56 -52.10 6.58
C ILE J 390 -56.50 -51.45 5.56
N ILE J 391 -57.55 -52.17 5.21
CA ILE J 391 -58.53 -51.62 4.26
C ILE J 391 -59.20 -50.39 4.86
N ASN J 392 -59.52 -50.47 6.15
CA ASN J 392 -60.11 -49.34 6.85
C ASN J 392 -59.13 -48.17 6.93
N ALA J 393 -57.85 -48.50 6.99
CA ALA J 393 -56.81 -47.48 7.04
C ALA J 393 -56.76 -46.73 5.72
N ALA J 394 -56.77 -47.48 4.61
CA ALA J 394 -56.77 -46.85 3.30
C ALA J 394 -58.05 -46.05 3.07
N LYS J 395 -59.16 -46.55 3.59
CA LYS J 395 -60.43 -45.82 3.50
C LYS J 395 -60.35 -44.53 4.28
N LYS J 396 -59.61 -44.55 5.38
CA LYS J 396 -59.44 -43.35 6.19
C LYS J 396 -58.56 -42.33 5.48
N PHE J 397 -57.50 -42.82 4.85
CA PHE J 397 -56.63 -41.93 4.08
C PHE J 397 -57.34 -41.32 2.88
N VAL J 398 -58.25 -42.07 2.27
CA VAL J 398 -58.95 -41.54 1.10
C VAL J 398 -60.07 -40.58 1.51
N SER J 399 -60.80 -40.94 2.55
CA SER J 399 -61.93 -40.13 3.00
C SER J 399 -61.52 -38.77 3.57
N GLY J 400 -60.32 -38.69 4.14
CA GLY J 400 -59.89 -37.48 4.82
C GLY J 400 -59.50 -36.35 3.89
N GLN J 401 -59.49 -35.14 4.45
CA GLN J 401 -59.02 -33.93 3.79
C GLN J 401 -57.50 -33.96 3.59
N LYS J 402 -57.00 -33.41 2.49
CA LYS J 402 -55.57 -33.53 2.20
C LYS J 402 -54.78 -32.25 2.40
N SER J 403 -53.79 -32.31 3.29
CA SER J 403 -52.72 -31.32 3.31
C SER J 403 -51.73 -31.65 2.20
N MET J 404 -51.03 -30.66 1.70
CA MET J 404 -50.06 -30.91 0.64
C MET J 404 -48.94 -29.87 0.62
N ALA J 405 -47.74 -30.32 0.25
CA ALA J 405 -46.61 -29.43 0.02
C ALA J 405 -45.90 -29.88 -1.24
N ALA J 406 -45.32 -28.93 -1.97
CA ALA J 406 -44.75 -29.23 -3.27
C ALA J 406 -43.76 -28.18 -3.77
N SER J 407 -42.48 -28.35 -3.44
CA SER J 407 -41.43 -27.53 -4.02
C SER J 407 -41.19 -27.93 -5.47
N GLY J 408 -40.71 -26.99 -6.28
CA GLY J 408 -40.38 -27.31 -7.66
C GLY J 408 -40.93 -26.33 -8.67
N ASN J 409 -40.84 -26.70 -9.94
CA ASN J 409 -41.31 -25.83 -11.02
C ASN J 409 -42.82 -25.63 -10.95
N LEU J 410 -43.53 -26.65 -10.48
CA LEU J 410 -44.98 -26.58 -10.29
C LEU J 410 -45.75 -26.12 -11.53
N GLY J 411 -45.24 -26.44 -12.71
CA GLY J 411 -45.88 -26.03 -13.94
C GLY J 411 -47.05 -26.91 -14.34
N HIS J 412 -47.20 -28.04 -13.65
CA HIS J 412 -48.24 -29.00 -14.02
C HIS J 412 -48.86 -29.70 -12.82
N THR J 413 -48.31 -29.50 -11.64
CA THR J 413 -48.82 -30.16 -10.44
C THR J 413 -50.20 -29.65 -10.02
N PRO J 414 -51.13 -30.58 -9.87
CA PRO J 414 -52.50 -30.25 -9.46
C PRO J 414 -52.56 -29.80 -8.01
N PHE J 415 -53.44 -28.85 -7.72
CA PHE J 415 -53.62 -28.36 -6.36
C PHE J 415 -54.35 -29.38 -5.52
N VAL J 416 -54.18 -29.33 -4.20
CA VAL J 416 -54.90 -30.26 -3.35
C VAL J 416 -56.37 -29.93 -3.52
N ASP J 417 -57.15 -31.01 -3.67
CA ASP J 417 -58.62 -31.12 -3.94
C ASP J 417 -58.91 -31.16 -5.44
N GLU J 418 -57.90 -30.82 -6.25
CA GLU J 418 -58.02 -30.89 -7.70
C GLU J 418 -57.48 -32.22 -8.24
N LEU J 419 -56.92 -33.06 -7.36
CA LEU J 419 -56.37 -34.35 -7.70
C LEU J 419 -56.15 -35.14 -6.41
N THR K 1 -17.61 -54.66 35.91
CA THR K 1 -18.09 -53.46 35.24
C THR K 1 -17.19 -53.09 34.07
N ALA K 2 -17.30 -51.83 33.62
CA ALA K 2 -16.56 -51.35 32.47
C ALA K 2 -15.04 -51.40 32.67
N THR K 3 -14.33 -51.93 31.66
CA THR K 3 -12.86 -51.94 31.64
C THR K 3 -12.40 -52.38 30.24
N PHE K 4 -11.25 -51.90 29.79
CA PHE K 4 -10.73 -52.27 28.47
C PHE K 4 -10.36 -53.75 28.34
N ALA K 5 -9.60 -54.25 29.30
CA ALA K 5 -8.87 -55.51 29.15
C ALA K 5 -9.80 -56.69 28.95
N GLN K 6 -10.95 -56.66 29.62
CA GLN K 6 -11.93 -57.73 29.49
C GLN K 6 -12.79 -57.52 28.25
N ALA K 7 -13.19 -56.26 28.05
CA ALA K 7 -14.11 -55.92 26.98
C ALA K 7 -13.52 -56.22 25.61
N LEU K 8 -12.21 -56.12 25.49
CA LEU K 8 -11.54 -56.51 24.26
C LEU K 8 -11.64 -58.01 24.04
N GLN K 9 -11.69 -58.75 25.15
CA GLN K 9 -11.68 -60.21 25.09
C GLN K 9 -13.07 -60.81 24.89
N PHE K 10 -14.09 -60.07 25.27
CA PHE K 10 -15.46 -60.54 25.05
C PHE K 10 -15.83 -60.57 23.57
N VAL K 11 -15.14 -59.79 22.75
CA VAL K 11 -15.40 -59.81 21.32
C VAL K 11 -14.99 -61.17 20.75
N PRO K 12 -15.93 -61.86 20.10
CA PRO K 12 -15.72 -63.22 19.58
C PRO K 12 -14.64 -63.30 18.53
N GLU K 13 -13.89 -64.41 18.53
CA GLU K 13 -12.94 -64.69 17.46
C GLU K 13 -13.69 -65.13 16.21
N THR K 14 -13.12 -64.87 15.05
CA THR K 14 -13.80 -65.19 13.80
C THR K 14 -13.25 -66.45 13.16
N GLN K 15 -14.10 -67.47 13.07
CA GLN K 15 -13.70 -68.74 12.47
C GLN K 15 -13.47 -68.57 10.98
N VAL K 16 -12.50 -69.30 10.44
CA VAL K 16 -12.16 -69.20 9.02
C VAL K 16 -12.00 -70.59 8.39
N SER K 17 -13.09 -71.13 7.86
CA SER K 17 -13.05 -72.42 7.17
C SER K 17 -12.47 -72.31 5.77
N LEU K 18 -11.88 -73.41 5.30
CA LEU K 18 -11.29 -73.46 3.97
C LEU K 18 -11.89 -74.57 3.12
N LEU K 19 -12.67 -74.20 2.11
CA LEU K 19 -13.23 -75.15 1.17
C LEU K 19 -12.17 -75.71 0.24
N ASP K 20 -12.40 -76.91 -0.28
CA ASP K 20 -11.42 -77.61 -1.11
C ASP K 20 -11.07 -76.85 -2.38
N ASN K 21 -12.01 -76.03 -2.86
CA ASN K 21 -11.78 -75.23 -4.05
C ASN K 21 -10.99 -73.97 -3.73
N GLY K 22 -10.71 -73.78 -2.44
CA GLY K 22 -9.92 -72.64 -1.99
C GLY K 22 -10.72 -71.43 -1.55
N LEU K 23 -12.03 -71.49 -1.70
CA LEU K 23 -12.89 -70.42 -1.21
C LEU K 23 -12.77 -70.33 0.30
N ARG K 24 -12.65 -69.11 0.82
CA ARG K 24 -12.43 -68.90 2.25
C ARG K 24 -13.72 -68.52 2.97
N VAL K 25 -14.33 -69.49 3.63
CA VAL K 25 -15.50 -69.22 4.47
C VAL K 25 -15.04 -68.56 5.77
N ALA K 26 -15.85 -67.67 6.33
CA ALA K 26 -15.52 -67.05 7.61
C ALA K 26 -16.77 -66.58 8.34
N SER K 27 -16.70 -66.50 9.66
CA SER K 27 -17.88 -66.07 10.43
C SER K 27 -17.55 -65.55 11.83
N GLU K 28 -18.44 -64.72 12.36
CA GLU K 28 -18.34 -64.18 13.70
C GLU K 28 -19.67 -64.26 14.44
N GLN K 29 -19.73 -65.09 15.47
CA GLN K 29 -20.96 -65.36 16.19
C GLN K 29 -21.46 -64.16 17.00
N SER K 30 -22.78 -64.05 17.11
CA SER K 30 -23.44 -63.02 17.90
C SER K 30 -24.82 -63.50 18.31
N SER K 31 -25.47 -62.78 19.22
CA SER K 31 -26.79 -63.18 19.70
C SER K 31 -27.91 -62.25 19.22
N GLN K 32 -27.96 -62.02 17.92
CA GLN K 32 -29.02 -61.18 17.34
C GLN K 32 -29.65 -61.83 16.11
N PRO K 33 -30.97 -61.64 15.92
CA PRO K 33 -31.70 -62.26 14.81
C PRO K 33 -31.18 -61.90 13.42
N THR K 34 -30.72 -60.67 13.25
CA THR K 34 -30.27 -60.19 11.96
C THR K 34 -28.87 -60.72 11.64
N CYS K 35 -28.58 -60.92 10.36
CA CYS K 35 -27.22 -61.25 9.94
C CYS K 35 -27.01 -60.89 8.47
N THR K 36 -25.81 -60.45 8.14
CA THR K 36 -25.47 -60.14 6.76
C THR K 36 -24.49 -61.15 6.19
N VAL K 37 -24.70 -61.53 4.94
CA VAL K 37 -23.86 -62.52 4.29
C VAL K 37 -23.37 -61.98 2.96
N GLY K 38 -22.06 -62.02 2.73
CA GLY K 38 -21.51 -61.43 1.53
C GLY K 38 -20.29 -62.11 0.96
N VAL K 39 -20.01 -61.84 -0.30
CA VAL K 39 -18.82 -62.38 -0.97
C VAL K 39 -17.92 -61.25 -1.43
N TRP K 40 -16.87 -61.00 -0.67
CA TRP K 40 -15.90 -59.97 -1.02
C TRP K 40 -14.84 -60.51 -1.96
N ILE K 41 -15.12 -60.47 -3.25
CA ILE K 41 -14.19 -60.91 -4.26
C ILE K 41 -12.97 -59.99 -4.29
N ASP K 42 -11.79 -60.56 -4.52
CA ASP K 42 -10.54 -59.79 -4.52
C ASP K 42 -10.42 -58.95 -5.78
N VAL K 43 -11.23 -59.25 -6.79
CA VAL K 43 -11.16 -58.54 -8.06
C VAL K 43 -11.52 -57.06 -7.93
N GLY K 44 -10.79 -56.19 -8.64
CA GLY K 44 -11.03 -54.76 -8.58
C GLY K 44 -10.79 -54.02 -9.88
N SER K 45 -10.85 -52.70 -9.84
CA SER K 45 -10.65 -51.86 -11.02
C SER K 45 -9.18 -51.82 -11.46
N ARG K 46 -8.31 -52.24 -10.56
CA ARG K 46 -6.87 -52.22 -10.81
C ARG K 46 -6.47 -53.21 -11.90
N PHE K 47 -7.24 -54.29 -12.03
CA PHE K 47 -6.91 -55.37 -12.96
C PHE K 47 -7.23 -55.11 -14.44
N GLU K 48 -8.24 -54.30 -14.74
CA GLU K 48 -8.63 -54.11 -16.13
C GLU K 48 -7.60 -53.36 -16.97
N THR K 49 -7.49 -53.79 -18.22
CA THR K 49 -6.74 -53.05 -19.23
C THR K 49 -7.63 -51.94 -19.77
N GLU K 50 -7.06 -51.05 -20.57
CA GLU K 50 -7.83 -49.98 -21.18
C GLU K 50 -8.90 -50.52 -22.12
N LYS K 51 -8.67 -51.75 -22.61
CA LYS K 51 -9.62 -52.40 -23.50
C LYS K 51 -10.95 -52.72 -22.83
N ASN K 52 -10.93 -52.93 -21.52
CA ASN K 52 -12.12 -53.35 -20.80
C ASN K 52 -12.28 -52.70 -19.43
N ASN K 53 -12.05 -51.39 -19.38
CA ASN K 53 -11.96 -50.67 -18.12
C ASN K 53 -13.26 -50.69 -17.32
N GLY K 54 -14.39 -50.67 -18.02
CA GLY K 54 -15.67 -50.52 -17.37
C GLY K 54 -16.35 -51.80 -16.93
N ALA K 55 -15.69 -52.93 -17.12
CA ALA K 55 -16.32 -54.23 -16.95
C ALA K 55 -16.86 -54.51 -15.55
N GLY K 56 -16.04 -54.27 -14.54
CA GLY K 56 -16.41 -54.63 -13.19
C GLY K 56 -17.53 -53.80 -12.62
N TYR K 57 -17.52 -52.51 -12.96
CA TYR K 57 -18.54 -51.58 -12.50
C TYR K 57 -19.88 -51.85 -13.19
N PHE K 58 -19.80 -52.19 -14.46
CA PHE K 58 -20.96 -52.44 -15.28
C PHE K 58 -21.65 -53.73 -14.85
N LEU K 59 -20.83 -54.74 -14.58
CA LEU K 59 -21.31 -55.99 -14.03
C LEU K 59 -21.82 -55.77 -12.61
N GLU K 60 -21.25 -54.79 -11.93
CA GLU K 60 -21.74 -54.41 -10.60
C GLU K 60 -23.15 -53.86 -10.72
N HIS K 61 -23.45 -53.19 -11.83
CA HIS K 61 -24.81 -52.77 -12.11
C HIS K 61 -25.76 -53.89 -12.55
N LEU K 62 -25.25 -54.91 -13.23
CA LEU K 62 -26.16 -55.97 -13.66
C LEU K 62 -25.82 -57.37 -13.15
N ALA K 63 -25.25 -57.43 -11.95
CA ALA K 63 -24.94 -58.69 -11.29
C ALA K 63 -26.19 -59.49 -10.98
N PHE K 64 -27.31 -58.79 -10.81
CA PHE K 64 -28.55 -59.43 -10.36
C PHE K 64 -29.79 -58.90 -11.04
N LYS K 65 -29.62 -58.21 -12.16
CA LYS K 65 -30.74 -57.81 -12.99
C LYS K 65 -31.37 -59.04 -13.65
N GLY K 66 -30.57 -60.10 -13.78
CA GLY K 66 -31.04 -61.35 -14.32
C GLY K 66 -30.04 -62.47 -14.07
N THR K 67 -30.49 -63.71 -14.22
CA THR K 67 -29.62 -64.86 -14.00
C THR K 67 -30.20 -66.12 -14.65
N LYS K 68 -29.34 -67.09 -14.92
CA LYS K 68 -29.74 -68.30 -15.66
C LYS K 68 -30.75 -69.16 -14.90
N ASN K 69 -30.65 -69.19 -13.58
CA ASN K 69 -31.51 -70.07 -12.79
C ASN K 69 -32.95 -69.59 -12.72
N ARG K 70 -33.13 -68.30 -12.46
CA ARG K 70 -34.46 -67.71 -12.34
C ARG K 70 -34.48 -66.35 -13.06
N PRO K 71 -35.68 -65.92 -13.50
CA PRO K 71 -35.76 -64.57 -14.05
C PRO K 71 -35.36 -63.52 -13.02
N GLY K 72 -34.72 -62.45 -13.45
CA GLY K 72 -34.17 -61.48 -12.53
C GLY K 72 -35.22 -60.73 -11.74
N SER K 73 -36.33 -60.42 -12.41
CA SER K 73 -37.43 -59.75 -11.74
C SER K 73 -38.03 -60.63 -10.65
N ALA K 74 -38.04 -61.94 -10.90
CA ALA K 74 -38.49 -62.90 -9.90
C ALA K 74 -37.50 -62.96 -8.74
N LEU K 75 -36.23 -62.73 -9.05
CA LEU K 75 -35.19 -62.75 -8.04
C LEU K 75 -35.33 -61.57 -7.10
N GLU K 76 -35.50 -60.38 -7.68
CA GLU K 76 -35.68 -59.18 -6.88
C GLU K 76 -37.00 -59.25 -6.13
N LYS K 77 -37.99 -59.91 -6.74
CA LYS K 77 -39.28 -60.13 -6.10
C LYS K 77 -39.11 -61.02 -4.89
N GLU K 78 -38.19 -61.97 -4.99
CA GLU K 78 -37.93 -62.91 -3.91
C GLU K 78 -37.20 -62.21 -2.76
N VAL K 79 -36.18 -61.43 -3.10
CA VAL K 79 -35.41 -60.73 -2.08
C VAL K 79 -36.26 -59.69 -1.37
N GLU K 80 -37.12 -59.02 -2.12
CA GLU K 80 -38.08 -58.09 -1.55
C GLU K 80 -39.11 -58.81 -0.69
N SER K 81 -39.46 -60.03 -1.09
CA SER K 81 -40.38 -60.84 -0.28
C SER K 81 -39.74 -61.23 1.05
N MET K 82 -38.42 -61.40 1.05
CA MET K 82 -37.73 -61.79 2.27
C MET K 82 -37.51 -60.63 3.22
N GLY K 83 -37.69 -59.41 2.71
CA GLY K 83 -37.41 -58.22 3.49
C GLY K 83 -35.93 -57.88 3.44
N ALA K 84 -35.16 -58.69 2.71
CA ALA K 84 -33.72 -58.53 2.63
C ALA K 84 -33.32 -57.31 1.82
N HIS K 85 -32.15 -56.76 2.14
CA HIS K 85 -31.64 -55.59 1.45
C HIS K 85 -30.30 -55.89 0.78
N LEU K 86 -30.34 -56.58 -0.35
CA LEU K 86 -29.10 -56.92 -1.04
C LEU K 86 -28.45 -55.62 -1.52
N ASN K 87 -27.13 -55.60 -1.49
CA ASN K 87 -26.38 -54.40 -1.85
C ASN K 87 -25.01 -54.79 -2.39
N ALA K 88 -24.39 -53.89 -3.13
CA ALA K 88 -23.14 -54.21 -3.80
C ALA K 88 -22.27 -52.98 -4.00
N TYR K 89 -20.97 -53.20 -4.19
CA TYR K 89 -20.10 -52.11 -4.58
C TYR K 89 -18.84 -52.65 -5.24
N SER K 90 -18.07 -51.77 -5.86
CA SER K 90 -16.86 -52.16 -6.54
C SER K 90 -15.80 -51.07 -6.43
N THR K 91 -14.83 -51.31 -5.58
CA THR K 91 -13.74 -50.39 -5.31
C THR K 91 -12.65 -50.64 -6.36
N ARG K 92 -11.60 -49.82 -6.35
CA ARG K 92 -10.45 -50.01 -7.22
C ARG K 92 -9.76 -51.35 -6.97
N GLU K 93 -9.96 -51.92 -5.78
CA GLU K 93 -9.25 -53.14 -5.40
C GLU K 93 -10.15 -54.28 -4.92
N HIS K 94 -11.40 -53.99 -4.57
CA HIS K 94 -12.24 -55.00 -3.95
C HIS K 94 -13.72 -54.96 -4.36
N THR K 95 -14.13 -55.89 -5.22
CA THR K 95 -15.54 -56.05 -5.57
C THR K 95 -16.28 -56.69 -4.40
N ALA K 96 -17.57 -56.39 -4.22
CA ALA K 96 -18.31 -56.96 -3.10
C ALA K 96 -19.83 -56.99 -3.30
N TYR K 97 -20.43 -58.08 -2.81
CA TYR K 97 -21.88 -58.25 -2.78
C TYR K 97 -22.25 -58.67 -1.37
N TYR K 98 -23.45 -58.30 -0.90
CA TYR K 98 -23.91 -58.80 0.40
C TYR K 98 -25.41 -58.69 0.58
N ILE K 99 -25.93 -59.48 1.51
CA ILE K 99 -27.37 -59.50 1.82
C ILE K 99 -27.58 -58.97 3.23
N LYS K 100 -28.82 -58.72 3.59
CA LYS K 100 -29.15 -58.12 4.88
C LYS K 100 -30.51 -58.63 5.37
N ALA K 101 -30.50 -59.72 6.13
CA ALA K 101 -31.74 -60.40 6.50
C ALA K 101 -31.64 -61.17 7.81
N LEU K 102 -32.78 -61.67 8.28
CA LEU K 102 -32.87 -62.44 9.52
C LEU K 102 -32.10 -63.76 9.43
N SER K 103 -31.64 -64.25 10.57
CA SER K 103 -30.97 -65.55 10.63
C SER K 103 -31.91 -66.67 10.21
N LYS K 104 -33.21 -66.48 10.45
CA LYS K 104 -34.21 -67.45 10.05
C LYS K 104 -34.22 -67.62 8.54
N ASP K 105 -33.85 -66.56 7.85
CA ASP K 105 -33.82 -66.53 6.40
C ASP K 105 -32.43 -66.89 5.87
N LEU K 106 -31.51 -67.24 6.76
CA LEU K 106 -30.10 -67.38 6.41
C LEU K 106 -29.79 -68.32 5.24
N PRO K 107 -30.30 -69.57 5.27
CA PRO K 107 -29.95 -70.43 4.13
C PRO K 107 -30.37 -69.88 2.77
N LYS K 108 -31.53 -69.25 2.73
CA LYS K 108 -32.12 -68.84 1.46
C LYS K 108 -31.25 -67.80 0.77
N ALA K 109 -30.61 -66.97 1.57
CA ALA K 109 -29.70 -65.97 1.06
C ALA K 109 -28.44 -66.60 0.47
N VAL K 110 -27.94 -67.64 1.13
CA VAL K 110 -26.61 -68.14 0.78
C VAL K 110 -26.57 -68.68 -0.63
N GLU K 111 -27.57 -69.51 -0.97
CA GLU K 111 -27.65 -70.08 -2.30
C GLU K 111 -27.84 -68.99 -3.33
N LEU K 112 -28.47 -67.89 -2.92
CA LEU K 112 -28.68 -66.79 -3.84
C LEU K 112 -27.33 -66.24 -4.29
N LEU K 113 -26.38 -66.18 -3.35
CA LEU K 113 -25.05 -65.71 -3.69
C LEU K 113 -24.43 -66.69 -4.67
N GLY K 114 -24.76 -67.97 -4.46
CA GLY K 114 -24.17 -69.04 -5.24
C GLY K 114 -24.76 -69.02 -6.63
N ASP K 115 -25.79 -68.21 -6.79
CA ASP K 115 -26.31 -67.92 -8.11
C ASP K 115 -25.54 -66.73 -8.65
N ILE K 116 -25.59 -65.63 -7.91
CA ILE K 116 -25.21 -64.32 -8.42
C ILE K 116 -23.74 -64.30 -8.84
N VAL K 117 -22.92 -65.07 -8.15
CA VAL K 117 -21.52 -65.18 -8.51
C VAL K 117 -21.30 -66.20 -9.62
N GLN K 118 -21.96 -67.36 -9.52
CA GLN K 118 -21.61 -68.47 -10.41
C GLN K 118 -22.19 -68.32 -11.80
N ASN K 119 -23.43 -67.88 -11.89
CA ASN K 119 -24.10 -67.80 -13.18
C ASN K 119 -25.18 -66.73 -13.24
N CYS K 120 -25.07 -65.88 -14.25
CA CYS K 120 -26.06 -64.83 -14.48
C CYS K 120 -26.21 -64.60 -15.98
N SER K 121 -27.42 -64.82 -16.49
CA SER K 121 -27.68 -64.63 -17.90
C SER K 121 -27.49 -63.17 -18.25
N LEU K 122 -26.88 -62.90 -19.40
CA LEU K 122 -26.56 -61.55 -19.79
C LEU K 122 -27.27 -61.16 -21.08
N GLU K 123 -28.59 -61.02 -21.00
CA GLU K 123 -29.39 -60.70 -22.17
C GLU K 123 -28.96 -59.38 -22.77
N ASP K 124 -28.85 -59.34 -24.09
CA ASP K 124 -28.31 -58.18 -24.77
C ASP K 124 -29.18 -56.93 -24.62
N SER K 125 -30.48 -57.12 -24.46
CA SER K 125 -31.37 -55.99 -24.24
C SER K 125 -31.09 -55.34 -22.88
N GLN K 126 -30.78 -56.17 -21.89
CA GLN K 126 -30.49 -55.70 -20.55
C GLN K 126 -29.20 -54.90 -20.54
N ILE K 127 -28.20 -55.44 -21.21
CA ILE K 127 -26.90 -54.78 -21.31
C ILE K 127 -27.04 -53.49 -22.10
N GLU K 128 -27.89 -53.52 -23.12
CA GLU K 128 -28.11 -52.35 -23.96
C GLU K 128 -28.81 -51.26 -23.16
N LYS K 129 -29.65 -51.66 -22.22
CA LYS K 129 -30.30 -50.72 -21.33
C LYS K 129 -29.28 -50.12 -20.37
N GLU K 130 -28.44 -50.99 -19.82
CA GLU K 130 -27.43 -50.56 -18.87
C GLU K 130 -26.44 -49.63 -19.55
N ARG K 131 -26.32 -49.73 -20.88
CA ARG K 131 -25.46 -48.84 -21.62
C ARG K 131 -25.89 -47.39 -21.42
N ASP K 132 -27.09 -47.05 -21.86
CA ASP K 132 -27.54 -45.66 -21.76
C ASP K 132 -27.74 -45.26 -20.31
N VAL K 133 -28.09 -46.23 -19.45
CA VAL K 133 -28.20 -45.92 -18.04
C VAL K 133 -26.88 -45.43 -17.47
N ILE K 134 -25.80 -46.16 -17.74
CA ILE K 134 -24.48 -45.73 -17.30
C ILE K 134 -24.06 -44.45 -18.01
N LEU K 135 -24.42 -44.30 -19.28
CA LEU K 135 -24.03 -43.11 -20.03
C LEU K 135 -24.64 -41.85 -19.44
N ARG K 136 -25.83 -41.99 -18.87
CA ARG K 136 -26.48 -40.86 -18.24
C ARG K 136 -26.02 -40.70 -16.79
N GLU K 137 -25.64 -41.81 -16.17
CA GLU K 137 -25.03 -41.78 -14.83
C GLU K 137 -23.72 -41.01 -14.89
N MET K 138 -23.04 -41.10 -16.03
CA MET K 138 -21.82 -40.35 -16.26
C MET K 138 -22.14 -38.87 -16.22
N GLN K 139 -23.32 -38.51 -16.71
CA GLN K 139 -23.79 -37.13 -16.67
C GLN K 139 -24.26 -36.77 -15.27
N GLU K 140 -24.56 -37.79 -14.47
CA GLU K 140 -25.05 -37.58 -13.11
C GLU K 140 -23.93 -37.20 -12.17
N ASN K 141 -22.96 -38.09 -12.02
CA ASN K 141 -21.96 -37.96 -10.97
C ASN K 141 -20.93 -36.86 -11.22
N ASP K 142 -20.86 -36.33 -12.43
CA ASP K 142 -19.94 -35.25 -12.74
C ASP K 142 -20.25 -34.00 -11.94
N ALA K 143 -21.53 -33.81 -11.64
CA ALA K 143 -21.98 -32.63 -10.91
C ALA K 143 -21.40 -32.61 -9.50
N SER K 144 -21.19 -33.80 -8.95
CA SER K 144 -20.60 -33.95 -7.62
C SER K 144 -19.11 -33.62 -7.60
N MET K 145 -18.64 -33.06 -6.49
CA MET K 145 -17.22 -32.83 -6.29
C MET K 145 -16.59 -34.02 -5.60
N ARG K 146 -15.51 -33.75 -4.87
CA ARG K 146 -14.84 -34.75 -4.04
C ARG K 146 -14.36 -35.92 -4.88
N ASP K 147 -15.29 -36.78 -5.31
CA ASP K 147 -14.94 -37.99 -6.04
C ASP K 147 -14.21 -37.65 -7.33
N VAL K 148 -14.60 -36.54 -7.95
CA VAL K 148 -13.94 -36.08 -9.15
C VAL K 148 -12.49 -35.69 -8.85
N VAL K 149 -12.31 -35.00 -7.74
CA VAL K 149 -11.00 -34.49 -7.34
C VAL K 149 -10.06 -35.60 -6.90
N PHE K 150 -10.59 -36.63 -6.24
CA PHE K 150 -9.81 -37.82 -5.96
C PHE K 150 -9.46 -38.57 -7.24
N ASN K 151 -10.36 -38.56 -8.22
CA ASN K 151 -10.05 -39.23 -9.48
C ASN K 151 -8.92 -38.52 -10.21
N TYR K 152 -8.91 -37.19 -10.18
CA TYR K 152 -7.75 -36.48 -10.69
C TYR K 152 -6.53 -36.78 -9.84
N LEU K 153 -6.72 -37.00 -8.55
CA LEU K 153 -5.58 -37.29 -7.68
C LEU K 153 -4.93 -38.63 -8.01
N HIS K 154 -5.74 -39.62 -8.38
CA HIS K 154 -5.20 -40.92 -8.79
C HIS K 154 -4.56 -40.83 -10.17
N ALA K 155 -5.23 -40.12 -11.08
CA ALA K 155 -4.70 -39.96 -12.43
C ALA K 155 -3.37 -39.24 -12.37
N THR K 156 -3.23 -38.36 -11.40
CA THR K 156 -2.00 -37.65 -11.15
C THR K 156 -0.93 -38.55 -10.57
N ALA K 157 -1.30 -39.25 -9.49
CA ALA K 157 -0.35 -40.00 -8.71
C ALA K 157 0.23 -41.18 -9.47
N PHE K 158 -0.54 -41.75 -10.40
CA PHE K 158 -0.12 -43.01 -10.99
C PHE K 158 0.07 -42.97 -12.50
N GLN K 159 -0.77 -42.20 -13.19
CA GLN K 159 -0.61 -41.97 -14.64
C GLN K 159 -0.58 -43.26 -15.46
N GLY K 160 0.61 -43.79 -15.71
CA GLY K 160 0.77 -44.96 -16.55
C GLY K 160 0.46 -46.26 -15.85
N THR K 161 0.31 -46.18 -14.53
CA THR K 161 -0.02 -47.34 -13.71
C THR K 161 -1.45 -47.81 -13.97
N PRO K 162 -1.68 -49.13 -13.94
CA PRO K 162 -3.05 -49.66 -14.05
C PRO K 162 -3.97 -49.13 -12.96
N LEU K 163 -3.41 -48.85 -11.80
CA LEU K 163 -4.21 -48.35 -10.68
C LEU K 163 -4.84 -46.99 -11.00
N ALA K 164 -4.22 -46.25 -11.91
CA ALA K 164 -4.60 -44.86 -12.18
C ALA K 164 -6.02 -44.64 -12.72
N GLN K 165 -6.52 -45.54 -13.55
CA GLN K 165 -7.84 -45.29 -14.16
C GLN K 165 -9.01 -45.53 -13.20
N ALA K 166 -10.07 -44.75 -13.42
CA ALA K 166 -11.25 -44.75 -12.57
C ALA K 166 -12.07 -46.03 -12.70
N VAL K 167 -12.79 -46.36 -11.65
CA VAL K 167 -13.61 -47.57 -11.63
C VAL K 167 -14.72 -47.53 -12.68
N GLU K 168 -15.29 -46.35 -12.90
CA GLU K 168 -16.38 -46.20 -13.87
C GLU K 168 -15.90 -46.44 -15.30
N GLY K 169 -14.66 -46.07 -15.57
CA GLY K 169 -14.09 -46.25 -16.89
C GLY K 169 -14.46 -45.09 -17.78
N PRO K 170 -13.72 -44.91 -18.88
CA PRO K 170 -13.98 -43.81 -19.82
C PRO K 170 -15.35 -43.92 -20.46
N SER K 171 -15.99 -42.77 -20.70
CA SER K 171 -17.31 -42.78 -21.32
C SER K 171 -17.26 -43.34 -22.74
N GLU K 172 -16.12 -43.14 -23.40
CA GLU K 172 -15.93 -43.68 -24.74
C GLU K 172 -15.92 -45.19 -24.72
N ASN K 173 -15.43 -45.75 -23.62
CA ASN K 173 -15.27 -47.18 -23.49
C ASN K 173 -16.56 -47.91 -23.16
N VAL K 174 -17.35 -47.36 -22.25
CA VAL K 174 -18.51 -48.04 -21.70
C VAL K 174 -19.58 -48.35 -22.75
N ARG K 175 -19.69 -47.50 -23.77
CA ARG K 175 -20.64 -47.75 -24.84
C ARG K 175 -20.12 -48.81 -25.80
N LYS K 176 -18.83 -49.12 -25.69
CA LYS K 176 -18.18 -50.04 -26.62
C LYS K 176 -18.11 -51.47 -26.07
N LEU K 177 -18.33 -51.65 -24.77
CA LEU K 177 -18.24 -52.98 -24.17
C LEU K 177 -19.27 -53.95 -24.74
N SER K 178 -18.80 -55.15 -25.03
CA SER K 178 -19.64 -56.22 -25.56
C SER K 178 -19.91 -57.27 -24.50
N ARG K 179 -20.92 -58.10 -24.71
CA ARG K 179 -21.24 -59.17 -23.79
C ARG K 179 -20.09 -60.18 -23.70
N ALA K 180 -19.42 -60.38 -24.81
CA ALA K 180 -18.31 -61.32 -24.87
C ALA K 180 -17.14 -60.86 -24.00
N ASP K 181 -16.94 -59.55 -23.93
CA ASP K 181 -15.90 -58.98 -23.10
C ASP K 181 -16.25 -59.18 -21.63
N LEU K 182 -17.55 -59.17 -21.32
CA LEU K 182 -18.00 -59.36 -19.96
C LEU K 182 -17.85 -60.81 -19.53
N THR K 183 -18.19 -61.73 -20.43
CA THR K 183 -18.00 -63.16 -20.12
C THR K 183 -16.52 -63.46 -20.00
N GLU K 184 -15.71 -62.71 -20.75
CA GLU K 184 -14.27 -62.85 -20.66
C GLU K 184 -13.79 -62.41 -19.28
N TYR K 185 -14.34 -61.30 -18.83
CA TYR K 185 -13.97 -60.73 -17.53
C TYR K 185 -14.39 -61.66 -16.40
N LEU K 186 -15.57 -62.24 -16.55
CA LEU K 186 -16.13 -63.13 -15.55
C LEU K 186 -15.33 -64.42 -15.47
N SER K 187 -15.08 -65.02 -16.64
CA SER K 187 -14.37 -66.28 -16.70
C SER K 187 -12.94 -66.12 -16.21
N THR K 188 -12.35 -64.95 -16.47
CA THR K 188 -10.96 -64.73 -16.08
C THR K 188 -10.76 -64.13 -14.70
N HIS K 189 -11.83 -63.73 -14.02
CA HIS K 189 -11.65 -63.13 -12.69
C HIS K 189 -12.42 -63.77 -11.55
N TYR K 190 -13.75 -63.66 -11.54
CA TYR K 190 -14.52 -64.07 -10.38
C TYR K 190 -14.42 -65.57 -10.12
N LYS K 191 -13.47 -65.96 -9.26
CA LYS K 191 -13.36 -67.34 -8.82
C LYS K 191 -12.51 -67.46 -7.56
N ALA K 192 -12.65 -68.58 -6.87
CA ALA K 192 -11.82 -68.90 -5.72
C ALA K 192 -10.41 -69.18 -6.21
N PRO K 193 -9.40 -68.98 -5.34
CA PRO K 193 -9.46 -68.59 -3.93
C PRO K 193 -9.57 -67.09 -3.69
N ARG K 194 -9.75 -66.29 -4.74
CA ARG K 194 -9.92 -64.85 -4.56
C ARG K 194 -11.17 -64.55 -3.76
N MET K 195 -12.18 -65.39 -3.93
CA MET K 195 -13.44 -65.24 -3.22
C MET K 195 -13.30 -65.54 -1.74
N VAL K 196 -14.06 -64.82 -0.92
CA VAL K 196 -14.07 -65.04 0.53
C VAL K 196 -15.47 -64.86 1.08
N LEU K 197 -16.16 -65.97 1.33
CA LEU K 197 -17.47 -65.88 1.95
C LEU K 197 -17.33 -65.42 3.39
N ALA K 198 -18.22 -64.54 3.83
CA ALA K 198 -18.19 -64.07 5.21
C ALA K 198 -19.59 -63.75 5.67
N ALA K 199 -19.87 -64.01 6.94
CA ALA K 199 -21.21 -63.81 7.47
C ALA K 199 -21.20 -63.56 8.96
N ALA K 200 -20.73 -62.40 9.37
CA ALA K 200 -20.79 -62.01 10.77
C ALA K 200 -22.24 -61.70 11.13
N GLY K 201 -22.59 -61.90 12.40
CA GLY K 201 -23.93 -61.66 12.87
C GLY K 201 -24.46 -62.83 13.66
N GLY K 202 -25.72 -63.18 13.43
CA GLY K 202 -26.35 -64.27 14.14
C GLY K 202 -26.04 -65.62 13.52
N VAL K 203 -25.29 -65.60 12.42
CA VAL K 203 -24.98 -66.82 11.69
C VAL K 203 -24.15 -67.78 12.53
N GLU K 204 -24.67 -68.99 12.75
CA GLU K 204 -23.89 -70.06 13.35
C GLU K 204 -22.92 -70.53 12.28
N HIS K 205 -21.69 -70.89 12.67
CA HIS K 205 -20.66 -71.13 11.67
C HIS K 205 -20.89 -72.37 10.81
N GLN K 206 -21.26 -73.48 11.45
CA GLN K 206 -21.32 -74.75 10.75
C GLN K 206 -22.37 -74.75 9.64
N GLN K 207 -23.47 -74.05 9.87
CA GLN K 207 -24.52 -73.93 8.87
C GLN K 207 -23.98 -73.17 7.68
N LEU K 208 -23.19 -72.14 7.96
CA LEU K 208 -22.58 -71.32 6.93
C LEU K 208 -21.61 -72.15 6.13
N LEU K 209 -20.97 -73.11 6.79
CA LEU K 209 -20.00 -73.96 6.14
C LEU K 209 -20.67 -74.97 5.20
N ASP K 210 -21.75 -75.57 5.67
CA ASP K 210 -22.48 -76.54 4.86
C ASP K 210 -23.09 -75.86 3.65
N LEU K 211 -23.71 -74.72 3.91
CA LEU K 211 -24.34 -73.92 2.85
C LEU K 211 -23.29 -73.41 1.88
N ALA K 212 -22.08 -73.21 2.38
CA ALA K 212 -20.98 -72.77 1.53
C ALA K 212 -20.54 -73.88 0.61
N GLN K 213 -20.43 -75.09 1.16
CA GLN K 213 -20.00 -76.21 0.34
C GLN K 213 -21.03 -76.53 -0.74
N LYS K 214 -22.30 -76.52 -0.35
CA LYS K 214 -23.38 -76.96 -1.24
C LYS K 214 -23.53 -76.14 -2.51
N HIS K 215 -23.26 -74.84 -2.42
CA HIS K 215 -23.54 -73.94 -3.52
C HIS K 215 -22.28 -73.27 -4.02
N LEU K 216 -21.47 -72.82 -3.07
CA LEU K 216 -20.21 -72.16 -3.40
C LEU K 216 -19.09 -73.18 -3.58
N GLY K 217 -19.40 -74.46 -3.41
CA GLY K 217 -18.39 -75.47 -3.63
C GLY K 217 -18.15 -75.72 -5.10
N GLY K 218 -19.04 -75.22 -5.94
CA GLY K 218 -18.97 -75.42 -7.38
C GLY K 218 -18.04 -74.49 -8.15
N ILE K 219 -17.53 -73.45 -7.51
CA ILE K 219 -16.67 -72.49 -8.20
C ILE K 219 -15.31 -73.08 -8.55
N PRO K 220 -14.95 -73.02 -9.84
CA PRO K 220 -13.65 -73.48 -10.36
C PRO K 220 -12.50 -72.67 -9.78
N TRP K 221 -11.36 -73.32 -9.56
CA TRP K 221 -10.18 -72.64 -9.04
C TRP K 221 -9.04 -72.65 -10.05
N THR K 222 -9.35 -73.07 -11.28
CA THR K 222 -8.32 -73.20 -12.31
C THR K 222 -8.54 -72.28 -13.51
N TYR K 223 -7.57 -71.40 -13.76
CA TYR K 223 -7.60 -70.52 -14.92
C TYR K 223 -7.41 -71.29 -16.23
N ALA K 224 -8.11 -70.85 -17.27
CA ALA K 224 -7.95 -71.42 -18.60
C ALA K 224 -6.61 -71.00 -19.22
N GLU K 225 -6.02 -71.92 -19.98
CA GLU K 225 -4.73 -71.73 -20.65
C GLU K 225 -3.62 -71.26 -19.71
N ASP K 226 -3.81 -71.47 -18.41
CA ASP K 226 -2.87 -70.99 -17.39
C ASP K 226 -2.56 -69.50 -17.55
N ALA K 227 -3.53 -68.73 -18.03
CA ALA K 227 -3.33 -67.30 -18.23
C ALA K 227 -3.59 -66.54 -16.93
N VAL K 228 -2.76 -66.77 -15.93
CA VAL K 228 -2.91 -66.11 -14.65
C VAL K 228 -2.57 -64.62 -14.77
N PRO K 229 -3.51 -63.76 -14.37
CA PRO K 229 -3.27 -62.30 -14.35
C PRO K 229 -2.58 -61.85 -13.07
N THR K 230 -1.26 -62.01 -13.01
CA THR K 230 -0.52 -61.62 -11.82
C THR K 230 -0.58 -60.12 -11.58
N LEU K 231 -0.68 -59.73 -10.31
CA LEU K 231 -0.69 -58.33 -9.92
C LEU K 231 0.70 -57.72 -10.13
N THR K 232 0.75 -56.42 -10.39
CA THR K 232 2.01 -55.76 -10.70
C THR K 232 2.27 -54.55 -9.82
N PRO K 233 3.56 -54.26 -9.56
CA PRO K 233 4.01 -53.11 -8.78
C PRO K 233 3.64 -51.77 -9.41
N CYS K 234 3.38 -50.77 -8.57
CA CYS K 234 2.83 -49.50 -9.04
C CYS K 234 3.72 -48.31 -8.73
N ARG K 235 4.17 -47.61 -9.76
CA ARG K 235 4.99 -46.42 -9.61
C ARG K 235 4.17 -45.23 -9.12
N PHE K 236 4.78 -44.36 -8.33
CA PHE K 236 4.13 -43.13 -7.88
C PHE K 236 4.77 -41.93 -8.56
N THR K 237 3.99 -40.87 -8.76
CA THR K 237 4.50 -39.65 -9.38
C THR K 237 4.20 -38.39 -8.58
N GLY K 238 5.05 -37.38 -8.73
CA GLY K 238 4.91 -36.13 -8.03
C GLY K 238 4.21 -35.05 -8.84
N SER K 239 3.56 -35.44 -9.92
CA SER K 239 2.96 -34.47 -10.83
C SER K 239 1.76 -33.76 -10.23
N GLU K 240 1.07 -32.97 -11.05
CA GLU K 240 -0.18 -32.34 -10.62
C GLU K 240 -1.14 -32.13 -11.77
N ILE K 241 -2.44 -32.18 -11.47
CA ILE K 241 -3.47 -31.77 -12.41
C ILE K 241 -4.14 -30.50 -11.90
N ARG K 242 -4.41 -29.58 -12.81
CA ARG K 242 -4.94 -28.29 -12.41
C ARG K 242 -6.08 -27.84 -13.33
N HIS K 243 -7.21 -28.54 -13.24
CA HIS K 243 -8.43 -28.12 -13.91
C HIS K 243 -8.88 -26.83 -13.26
N ARG K 244 -9.50 -25.92 -14.02
CA ARG K 244 -9.85 -24.63 -13.42
C ARG K 244 -11.36 -24.43 -13.34
N ASP K 245 -11.96 -23.80 -14.35
CA ASP K 245 -13.39 -23.46 -14.32
C ASP K 245 -13.71 -22.52 -13.16
N ASP K 246 -13.68 -21.21 -13.44
CA ASP K 246 -13.78 -20.18 -12.40
C ASP K 246 -15.19 -19.90 -11.90
N ALA K 247 -16.21 -20.42 -12.57
CA ALA K 247 -17.58 -20.10 -12.20
C ALA K 247 -18.04 -20.79 -10.90
N LEU K 248 -17.31 -21.80 -10.47
CA LEU K 248 -17.69 -22.51 -9.25
C LEU K 248 -17.50 -21.67 -7.98
N PRO K 249 -18.39 -21.87 -7.01
CA PRO K 249 -18.37 -21.17 -5.72
C PRO K 249 -17.08 -21.40 -4.93
N PHE K 250 -16.47 -22.58 -5.06
CA PHE K 250 -15.31 -22.91 -4.25
C PHE K 250 -14.26 -23.71 -5.02
N ALA K 251 -12.99 -23.48 -4.72
CA ALA K 251 -11.94 -24.40 -5.12
C ALA K 251 -11.99 -25.62 -4.21
N HIS K 252 -11.51 -26.76 -4.70
CA HIS K 252 -11.70 -28.00 -3.97
C HIS K 252 -10.41 -28.82 -4.02
N VAL K 253 -9.36 -28.32 -3.38
CA VAL K 253 -8.00 -28.86 -3.50
C VAL K 253 -7.81 -30.21 -2.78
N ALA K 254 -6.99 -31.08 -3.35
CA ALA K 254 -6.58 -32.31 -2.67
C ALA K 254 -5.11 -32.62 -2.91
N ILE K 255 -4.34 -32.71 -1.83
CA ILE K 255 -2.90 -32.99 -1.92
C ILE K 255 -2.56 -34.32 -1.25
N ALA K 256 -1.56 -35.02 -1.77
CA ALA K 256 -1.22 -36.33 -1.22
C ALA K 256 0.24 -36.74 -1.46
N VAL K 257 0.86 -37.33 -0.44
CA VAL K 257 2.18 -37.92 -0.58
C VAL K 257 2.09 -39.44 -0.63
N GLU K 258 3.13 -40.07 -1.15
CA GLU K 258 3.20 -41.53 -1.22
C GLU K 258 3.13 -42.17 0.16
N GLY K 259 2.32 -43.22 0.27
CA GLY K 259 2.13 -43.90 1.52
C GLY K 259 2.46 -45.38 1.46
N PRO K 260 2.64 -45.99 2.64
CA PRO K 260 2.95 -47.40 2.84
C PRO K 260 1.83 -48.31 2.36
N GLY K 261 2.18 -49.50 1.91
CA GLY K 261 1.18 -50.44 1.41
C GLY K 261 0.28 -50.90 2.53
N TRP K 262 -0.79 -51.60 2.17
CA TRP K 262 -1.86 -51.93 3.10
C TRP K 262 -1.35 -52.76 4.27
N ALA K 263 -0.29 -53.54 4.03
CA ALA K 263 0.21 -54.50 5.01
C ALA K 263 1.55 -54.11 5.63
N SER K 264 1.68 -52.88 6.11
CA SER K 264 2.88 -52.48 6.83
C SER K 264 2.54 -51.75 8.14
N PRO K 265 3.40 -51.91 9.17
CA PRO K 265 3.17 -51.33 10.50
C PRO K 265 3.02 -49.82 10.52
N ASP K 266 3.74 -49.15 9.62
CA ASP K 266 3.90 -47.70 9.70
C ASP K 266 2.57 -46.98 9.63
N ASN K 267 1.63 -47.60 8.92
CA ASN K 267 0.33 -46.99 8.68
C ASN K 267 -0.32 -46.63 10.00
N VAL K 268 -0.10 -47.49 11.00
CA VAL K 268 -0.73 -47.29 12.29
C VAL K 268 -0.30 -45.95 12.86
N ALA K 269 1.01 -45.70 12.88
CA ALA K 269 1.49 -44.44 13.43
C ALA K 269 0.97 -43.29 12.60
N LEU K 270 0.86 -43.54 11.30
CA LEU K 270 0.41 -42.48 10.39
C LEU K 270 -1.02 -42.11 10.72
N GLN K 271 -1.79 -43.10 11.16
CA GLN K 271 -3.19 -42.83 11.47
C GLN K 271 -3.23 -41.85 12.62
N VAL K 272 -2.31 -42.02 13.57
CA VAL K 272 -2.28 -41.15 14.73
C VAL K 272 -1.96 -39.75 14.29
N ALA K 273 -1.07 -39.64 13.30
CA ALA K 273 -0.70 -38.33 12.80
C ALA K 273 -1.90 -37.67 12.15
N ASN K 274 -2.73 -38.48 11.50
CA ASN K 274 -3.92 -37.95 10.86
C ASN K 274 -4.91 -37.49 11.91
N ALA K 275 -4.86 -38.13 13.08
CA ALA K 275 -5.71 -37.72 14.18
C ALA K 275 -5.28 -36.35 14.68
N ILE K 276 -4.00 -36.04 14.51
CA ILE K 276 -3.49 -34.76 14.99
C ILE K 276 -3.84 -33.63 14.04
N ILE K 277 -3.70 -33.89 12.74
CA ILE K 277 -4.02 -32.88 11.74
C ILE K 277 -5.52 -32.58 11.79
N GLY K 278 -6.31 -33.61 12.09
CA GLY K 278 -7.73 -33.47 12.38
C GLY K 278 -8.66 -33.03 11.27
N HIS K 279 -9.69 -33.82 11.01
CA HIS K 279 -10.75 -33.44 10.08
C HIS K 279 -11.69 -32.41 10.70
N TYR K 280 -12.33 -31.59 9.87
CA TYR K 280 -13.19 -30.51 10.37
C TYR K 280 -14.24 -30.02 9.37
N ASP K 281 -15.32 -29.45 9.91
CA ASP K 281 -16.34 -28.78 9.11
C ASP K 281 -16.82 -27.55 9.87
N CYS K 282 -17.13 -26.47 9.14
CA CYS K 282 -17.53 -25.20 9.76
C CYS K 282 -18.96 -25.21 10.27
N THR K 283 -19.72 -26.23 9.89
CA THR K 283 -21.08 -26.39 10.37
C THR K 283 -21.09 -26.63 11.89
N TYR K 284 -19.99 -27.18 12.39
CA TYR K 284 -19.86 -27.48 13.81
C TYR K 284 -19.71 -26.23 14.67
N GLY K 285 -20.21 -26.31 15.90
CA GLY K 285 -19.99 -25.27 16.89
C GLY K 285 -18.68 -25.48 17.63
N GLY K 286 -17.98 -26.55 17.26
CA GLY K 286 -16.73 -26.91 17.88
C GLY K 286 -15.53 -26.24 17.26
N GLY K 287 -15.77 -25.37 16.29
CA GLY K 287 -14.71 -24.72 15.55
C GLY K 287 -14.00 -23.61 16.30
N VAL K 288 -13.94 -22.43 15.68
CA VAL K 288 -13.22 -21.28 16.22
C VAL K 288 -11.75 -21.73 16.41
N HIS K 289 -11.11 -21.38 17.52
CA HIS K 289 -9.73 -21.78 17.76
C HIS K 289 -9.69 -23.20 18.34
N LEU K 290 -10.86 -23.72 18.65
CA LEU K 290 -11.00 -25.03 19.25
C LEU K 290 -10.80 -26.15 18.22
N SER K 291 -10.76 -27.38 18.71
CA SER K 291 -10.57 -28.59 17.90
C SER K 291 -9.19 -28.66 17.26
N SER K 292 -9.14 -29.16 16.03
CA SER K 292 -7.88 -29.42 15.33
C SER K 292 -7.11 -28.13 15.05
N PRO K 293 -5.77 -28.19 15.20
CA PRO K 293 -4.94 -27.02 14.88
C PRO K 293 -5.10 -26.57 13.43
N LEU K 294 -5.30 -27.52 12.52
CA LEU K 294 -5.60 -27.18 11.14
C LEU K 294 -7.00 -26.58 11.05
N ALA K 295 -7.88 -26.99 11.96
CA ALA K 295 -9.21 -26.41 12.06
C ALA K 295 -9.14 -25.06 12.77
N SER K 296 -8.23 -24.95 13.73
CA SER K 296 -8.03 -23.70 14.44
C SER K 296 -7.49 -22.65 13.48
N GLY K 297 -6.74 -23.10 12.48
CA GLY K 297 -6.30 -22.23 11.41
C GLY K 297 -7.41 -22.03 10.41
N ALA K 298 -8.26 -23.05 10.26
CA ALA K 298 -9.39 -22.99 9.35
C ALA K 298 -10.40 -21.95 9.79
N VAL K 299 -10.49 -21.72 11.09
CA VAL K 299 -11.41 -20.74 11.63
C VAL K 299 -10.72 -19.89 12.69
N ALA K 300 -10.20 -18.75 12.26
CA ALA K 300 -9.61 -17.75 13.13
C ALA K 300 -9.72 -16.41 12.42
N ASN K 301 -9.05 -16.33 11.28
CA ASN K 301 -9.32 -15.31 10.28
C ASN K 301 -10.30 -15.89 9.27
N LYS K 302 -10.83 -17.07 9.59
CA LYS K 302 -11.74 -17.83 8.75
C LYS K 302 -11.09 -18.29 7.46
N LEU K 303 -10.56 -19.51 7.47
CA LEU K 303 -10.01 -20.10 6.25
C LEU K 303 -10.88 -21.23 5.72
N CYS K 304 -10.48 -22.46 5.97
CA CYS K 304 -11.10 -23.63 5.35
C CYS K 304 -12.58 -23.72 5.70
N GLN K 305 -13.40 -24.02 4.68
CA GLN K 305 -14.83 -24.16 4.88
C GLN K 305 -15.17 -25.57 5.36
N SER K 306 -14.45 -26.54 4.82
CA SER K 306 -14.52 -27.93 5.26
C SER K 306 -13.35 -28.71 4.70
N PHE K 307 -12.83 -29.66 5.48
CA PHE K 307 -11.69 -30.44 5.03
C PHE K 307 -11.56 -31.75 5.79
N GLN K 308 -10.69 -32.62 5.29
CA GLN K 308 -10.45 -33.91 5.93
C GLN K 308 -9.05 -34.43 5.58
N THR K 309 -8.42 -35.06 6.55
CA THR K 309 -7.12 -35.69 6.33
C THR K 309 -7.30 -37.18 6.07
N PHE K 310 -6.79 -37.66 4.95
CA PHE K 310 -7.03 -39.05 4.55
C PHE K 310 -5.75 -39.84 4.34
N SER K 311 -5.86 -41.15 4.48
CA SER K 311 -4.74 -42.04 4.24
C SER K 311 -5.21 -43.27 3.47
N ILE K 312 -5.52 -43.06 2.20
CA ILE K 312 -5.96 -44.15 1.32
C ILE K 312 -4.83 -45.17 1.20
N CYS K 313 -5.16 -46.45 1.23
CA CYS K 313 -4.10 -47.46 1.14
C CYS K 313 -4.48 -48.62 0.25
N TYR K 314 -3.51 -49.05 -0.55
CA TYR K 314 -3.66 -50.22 -1.40
C TYR K 314 -2.53 -51.17 -1.04
N ALA K 315 -2.45 -52.30 -1.72
CA ALA K 315 -1.29 -53.17 -1.56
C ALA K 315 -0.06 -52.45 -2.08
N GLU K 316 1.08 -52.68 -1.43
CA GLU K 316 2.35 -52.09 -1.84
C GLU K 316 2.41 -50.56 -1.73
N THR K 317 1.44 -49.87 -2.31
CA THR K 317 1.46 -48.40 -2.34
C THR K 317 0.22 -47.78 -1.73
N GLY K 318 0.31 -46.49 -1.41
CA GLY K 318 -0.79 -45.76 -0.81
C GLY K 318 -0.68 -44.25 -0.97
N LEU K 319 -1.60 -43.53 -0.33
CA LEU K 319 -1.65 -42.08 -0.40
C LEU K 319 -2.01 -41.46 0.95
N LEU K 320 -1.00 -40.93 1.64
CA LEU K 320 -1.23 -40.04 2.77
C LEU K 320 -1.65 -38.70 2.20
N GLY K 321 -2.38 -37.89 2.96
CA GLY K 321 -2.66 -36.55 2.47
C GLY K 321 -3.83 -35.83 3.08
N ALA K 322 -4.19 -34.73 2.45
CA ALA K 322 -5.24 -33.85 2.95
C ALA K 322 -6.12 -33.37 1.82
N HIS K 323 -7.31 -32.91 2.18
CA HIS K 323 -8.33 -32.49 1.23
C HIS K 323 -9.16 -31.34 1.76
N PHE K 324 -9.21 -30.21 1.04
CA PHE K 324 -9.98 -29.08 1.55
C PHE K 324 -10.75 -28.26 0.51
N VAL K 325 -11.97 -27.90 0.88
CA VAL K 325 -12.77 -26.91 0.18
C VAL K 325 -12.20 -25.54 0.52
N CYS K 326 -12.36 -24.57 -0.36
CA CYS K 326 -11.83 -23.24 -0.08
C CYS K 326 -12.44 -22.12 -0.93
N ASP K 327 -12.43 -20.93 -0.34
CA ASP K 327 -12.79 -19.71 -1.05
C ASP K 327 -11.65 -19.33 -1.98
N ARG K 328 -11.95 -18.55 -3.01
CA ARG K 328 -10.97 -18.21 -4.03
C ARG K 328 -9.76 -17.48 -3.47
N MET K 329 -10.01 -16.63 -2.48
CA MET K 329 -8.99 -15.70 -1.98
C MET K 329 -8.06 -16.30 -0.92
N LYS K 330 -8.38 -17.48 -0.44
CA LYS K 330 -7.69 -18.02 0.72
C LYS K 330 -6.92 -19.30 0.42
N ILE K 331 -6.94 -19.70 -0.85
CA ILE K 331 -6.46 -21.01 -1.27
C ILE K 331 -4.98 -21.20 -0.94
N ASP K 332 -4.23 -20.11 -0.99
CA ASP K 332 -2.82 -20.18 -0.62
C ASP K 332 -2.67 -20.32 0.89
N ASP K 333 -3.42 -19.53 1.65
CA ASP K 333 -3.19 -19.47 3.08
C ASP K 333 -3.45 -20.81 3.75
N MET K 334 -4.48 -21.50 3.28
CA MET K 334 -4.86 -22.78 3.85
C MET K 334 -3.77 -23.80 3.59
N MET K 335 -3.04 -23.61 2.48
CA MET K 335 -1.92 -24.48 2.19
C MET K 335 -0.81 -24.23 3.20
N PHE K 336 -0.56 -22.95 3.48
CA PHE K 336 0.57 -22.59 4.33
C PHE K 336 0.39 -23.17 5.71
N VAL K 337 -0.85 -23.22 6.16
CA VAL K 337 -1.16 -23.82 7.44
C VAL K 337 -0.94 -25.32 7.36
N LEU K 338 -1.49 -25.93 6.30
CA LEU K 338 -1.53 -27.37 6.19
C LEU K 338 -0.15 -27.98 6.24
N GLN K 339 0.72 -27.52 5.35
CA GLN K 339 2.06 -28.07 5.28
C GLN K 339 2.78 -27.82 6.58
N GLY K 340 2.46 -26.70 7.24
CA GLY K 340 3.13 -26.36 8.46
C GLY K 340 2.82 -27.41 9.49
N GLN K 341 1.58 -27.88 9.48
CA GLN K 341 1.17 -28.89 10.45
C GLN K 341 1.99 -30.14 10.23
N TRP K 342 2.20 -30.49 8.95
CA TRP K 342 2.99 -31.65 8.63
C TRP K 342 4.38 -31.45 9.17
N MET K 343 4.91 -30.25 8.95
CA MET K 343 6.28 -29.98 9.35
C MET K 343 6.36 -30.07 10.86
N ARG K 344 5.28 -29.69 11.53
CA ARG K 344 5.29 -29.68 12.98
C ARG K 344 5.40 -31.10 13.51
N LEU K 345 4.83 -32.05 12.77
CA LEU K 345 4.90 -33.44 13.18
C LEU K 345 6.19 -34.08 12.67
N CYS K 346 6.85 -33.40 11.73
CA CYS K 346 8.10 -33.92 11.19
C CYS K 346 9.27 -33.57 12.09
N THR K 347 9.02 -32.72 13.08
CA THR K 347 10.06 -32.25 13.97
C THR K 347 9.58 -32.23 15.42
N SER K 348 8.87 -31.16 15.79
CA SER K 348 8.44 -30.97 17.17
C SER K 348 7.11 -31.64 17.47
N ALA K 349 7.16 -32.93 17.78
CA ALA K 349 5.94 -33.68 18.15
C ALA K 349 5.86 -33.91 19.65
N THR K 350 5.07 -33.09 20.34
CA THR K 350 4.88 -33.22 21.78
C THR K 350 4.07 -34.48 22.12
N GLU K 351 4.38 -35.07 23.27
CA GLU K 351 3.78 -36.34 23.68
C GLU K 351 2.27 -36.31 23.91
N SER K 352 1.78 -35.20 24.47
CA SER K 352 0.36 -35.12 24.82
C SER K 352 -0.53 -35.12 23.60
N GLU K 353 -0.08 -34.46 22.54
CA GLU K 353 -0.84 -34.41 21.30
C GLU K 353 -0.90 -35.80 20.68
N VAL K 354 0.20 -36.53 20.80
CA VAL K 354 0.27 -37.91 20.33
C VAL K 354 -0.68 -38.78 21.15
N ALA K 355 -0.81 -38.47 22.42
CA ALA K 355 -1.72 -39.22 23.28
C ALA K 355 -3.16 -38.99 22.86
N ARG K 356 -3.48 -37.74 22.59
CA ARG K 356 -4.82 -37.38 22.17
C ARG K 356 -5.13 -38.05 20.84
N GLY K 357 -4.12 -38.14 19.98
CA GLY K 357 -4.29 -38.78 18.69
C GLY K 357 -4.50 -40.27 18.82
N LYS K 358 -3.81 -40.89 19.77
CA LYS K 358 -4.00 -42.31 20.01
C LYS K 358 -5.40 -42.59 20.56
N ASN K 359 -5.89 -41.72 21.43
CA ASN K 359 -7.24 -41.91 21.95
C ASN K 359 -8.29 -41.73 20.86
N ILE K 360 -8.09 -40.75 19.99
CA ILE K 360 -9.01 -40.53 18.89
C ILE K 360 -8.99 -41.71 17.92
N LEU K 361 -7.81 -42.28 17.71
CA LEU K 361 -7.67 -43.39 16.79
C LEU K 361 -8.32 -44.65 17.33
N ARG K 362 -8.16 -44.87 18.64
CA ARG K 362 -8.80 -46.01 19.28
C ARG K 362 -10.31 -45.87 19.22
N ASN K 363 -10.79 -44.66 19.49
CA ASN K 363 -12.22 -44.41 19.49
C ASN K 363 -12.77 -44.62 18.08
N ALA K 364 -11.96 -44.30 17.09
CA ALA K 364 -12.37 -44.48 15.70
C ALA K 364 -12.47 -45.96 15.33
N LEU K 365 -11.42 -46.71 15.64
CA LEU K 365 -11.38 -48.13 15.31
C LEU K 365 -12.46 -48.91 16.04
N VAL K 366 -12.84 -48.48 17.23
CA VAL K 366 -13.91 -49.17 17.92
C VAL K 366 -15.28 -48.73 17.40
N SER K 367 -15.47 -47.43 17.21
CA SER K 367 -16.76 -46.91 16.78
C SER K 367 -17.15 -47.39 15.40
N HIS K 368 -16.16 -47.67 14.56
CA HIS K 368 -16.45 -48.16 13.21
C HIS K 368 -17.17 -49.50 13.20
N LEU K 369 -16.89 -50.34 14.19
CA LEU K 369 -17.28 -51.75 14.14
C LEU K 369 -18.63 -52.08 14.76
N ASP K 370 -19.37 -51.08 15.21
CA ASP K 370 -20.73 -51.33 15.66
C ASP K 370 -21.61 -51.73 14.49
N GLY K 371 -22.53 -52.67 14.71
CA GLY K 371 -23.41 -53.14 13.66
C GLY K 371 -22.89 -54.37 12.93
N THR K 372 -23.77 -55.03 12.19
CA THR K 372 -23.42 -56.27 11.51
C THR K 372 -22.70 -56.04 10.18
N THR K 373 -23.19 -55.10 9.39
CA THR K 373 -22.57 -54.80 8.10
C THR K 373 -21.10 -54.37 8.24
N PRO K 374 -20.80 -53.42 9.14
CA PRO K 374 -19.38 -53.03 9.26
C PRO K 374 -18.44 -54.18 9.62
N VAL K 375 -18.87 -55.12 10.44
CA VAL K 375 -17.98 -56.21 10.84
C VAL K 375 -17.91 -57.30 9.77
N CYS K 376 -18.94 -57.43 8.95
CA CYS K 376 -18.87 -58.34 7.82
C CYS K 376 -17.90 -57.79 6.80
N GLU K 377 -18.04 -56.51 6.52
CA GLU K 377 -17.14 -55.83 5.60
C GLU K 377 -15.73 -55.86 6.17
N ASP K 378 -15.64 -55.86 7.50
CA ASP K 378 -14.36 -55.92 8.18
C ASP K 378 -13.70 -57.27 7.96
N ILE K 379 -14.46 -58.35 8.17
CA ILE K 379 -13.92 -59.69 8.01
C ILE K 379 -13.51 -59.92 6.56
N GLY K 380 -14.32 -59.41 5.64
CA GLY K 380 -14.06 -59.58 4.23
C GLY K 380 -12.80 -58.85 3.81
N ARG K 381 -12.82 -57.53 4.01
CA ARG K 381 -11.70 -56.70 3.57
C ARG K 381 -10.40 -57.05 4.29
N SER K 382 -10.50 -57.53 5.53
CA SER K 382 -9.31 -57.95 6.24
C SER K 382 -8.76 -59.26 5.70
N LEU K 383 -9.64 -60.21 5.40
CA LEU K 383 -9.20 -61.47 4.80
C LEU K 383 -8.64 -61.33 3.39
N LEU K 384 -9.11 -60.32 2.65
CA LEU K 384 -8.63 -60.15 1.28
C LEU K 384 -7.18 -59.68 1.16
N THR K 385 -6.64 -59.07 2.22
CA THR K 385 -5.27 -58.59 2.12
C THR K 385 -4.39 -59.11 3.25
N TYR K 386 -4.70 -58.75 4.49
CA TYR K 386 -3.91 -59.18 5.63
C TYR K 386 -3.91 -60.70 5.80
N GLY K 387 -5.04 -61.31 5.45
CA GLY K 387 -5.35 -62.63 5.99
C GLY K 387 -5.85 -62.31 7.38
N ARG K 388 -6.08 -63.33 8.20
CA ARG K 388 -6.49 -63.10 9.59
C ARG K 388 -7.72 -62.21 9.69
N ARG K 389 -7.88 -61.56 10.83
CA ARG K 389 -8.84 -60.46 10.94
C ARG K 389 -8.18 -59.34 11.74
N ILE K 390 -6.96 -59.62 12.18
CA ILE K 390 -6.18 -58.74 13.07
C ILE K 390 -7.07 -58.14 14.18
N PRO K 391 -7.20 -58.88 15.29
CA PRO K 391 -8.13 -58.63 16.40
C PRO K 391 -7.87 -57.32 17.13
N LEU K 392 -8.93 -56.73 17.66
CA LEU K 392 -8.88 -55.38 18.22
C LEU K 392 -7.91 -55.25 19.38
N ALA K 393 -7.75 -56.32 20.15
CA ALA K 393 -6.80 -56.30 21.26
C ALA K 393 -5.39 -56.11 20.71
N GLU K 394 -5.13 -56.75 19.57
CA GLU K 394 -3.85 -56.57 18.89
C GLU K 394 -3.73 -55.16 18.36
N TRP K 395 -4.86 -54.56 17.99
CA TRP K 395 -4.84 -53.18 17.54
C TRP K 395 -4.42 -52.24 18.64
N GLU K 396 -5.04 -52.34 19.81
CA GLU K 396 -4.63 -51.47 20.91
C GLU K 396 -3.22 -51.79 21.37
N SER K 397 -2.81 -53.05 21.26
CA SER K 397 -1.44 -53.39 21.62
C SER K 397 -0.45 -52.74 20.67
N ARG K 398 -0.87 -52.54 19.43
CA ARG K 398 0.01 -51.94 18.42
C ARG K 398 -0.09 -50.41 18.42
N ILE K 399 -1.19 -49.89 18.95
CA ILE K 399 -1.39 -48.44 19.06
C ILE K 399 -0.71 -47.90 20.31
N ALA K 400 -0.76 -48.68 21.39
CA ALA K 400 -0.12 -48.27 22.64
C ALA K 400 1.39 -48.21 22.47
N GLU K 401 1.91 -49.01 21.55
CA GLU K 401 3.33 -49.03 21.25
C GLU K 401 3.81 -47.72 20.65
N VAL K 402 2.90 -47.00 20.00
CA VAL K 402 3.22 -45.74 19.34
C VAL K 402 3.73 -44.69 20.33
N ASP K 403 4.74 -43.94 19.91
CA ASP K 403 5.35 -42.91 20.74
C ASP K 403 5.67 -41.72 19.86
N ALA K 404 5.86 -40.54 20.48
CA ALA K 404 6.05 -39.32 19.72
C ALA K 404 7.28 -39.37 18.84
N SER K 405 8.33 -40.05 19.32
CA SER K 405 9.53 -40.24 18.51
C SER K 405 9.25 -41.12 17.30
N VAL K 406 8.40 -42.12 17.48
CA VAL K 406 8.03 -43.00 16.37
C VAL K 406 7.21 -42.21 15.36
N VAL K 407 6.34 -41.35 15.87
CA VAL K 407 5.48 -40.53 15.02
C VAL K 407 6.33 -39.58 14.19
N ARG K 408 7.25 -38.88 14.83
CA ARG K 408 8.09 -37.94 14.12
C ARG K 408 9.02 -38.68 13.15
N GLU K 409 9.39 -39.91 13.50
CA GLU K 409 10.31 -40.68 12.68
C GLU K 409 9.66 -41.14 11.40
N ILE K 410 8.45 -41.69 11.52
CA ILE K 410 7.72 -42.18 10.36
C ILE K 410 7.19 -41.02 9.50
N CYS K 411 6.70 -39.98 10.16
CA CYS K 411 6.23 -38.82 9.42
C CYS K 411 7.38 -38.13 8.69
N SER K 412 8.56 -38.12 9.29
CA SER K 412 9.73 -37.64 8.56
C SER K 412 10.06 -38.58 7.42
N LYS K 413 9.81 -39.88 7.64
CA LYS K 413 10.11 -40.89 6.63
C LYS K 413 9.24 -40.77 5.38
N TYR K 414 8.01 -40.28 5.54
CA TYR K 414 7.08 -40.26 4.41
C TYR K 414 6.63 -38.86 3.97
N ILE K 415 6.64 -37.92 4.89
CA ILE K 415 6.15 -36.58 4.58
C ILE K 415 7.28 -35.60 4.26
N TYR K 416 8.30 -35.58 5.10
CA TYR K 416 9.34 -34.57 4.97
C TYR K 416 10.09 -34.68 3.65
N ASP K 417 10.26 -33.54 2.99
CA ASP K 417 11.06 -33.41 1.78
C ASP K 417 10.71 -34.46 0.72
N GLN K 418 9.42 -34.78 0.61
CA GLN K 418 8.94 -35.67 -0.44
C GLN K 418 8.20 -34.85 -1.49
N CYS K 419 8.03 -35.40 -2.69
CA CYS K 419 7.34 -34.67 -3.74
C CYS K 419 5.85 -34.97 -3.71
N PRO K 420 5.04 -33.94 -3.42
CA PRO K 420 3.58 -33.99 -3.36
C PRO K 420 2.92 -34.26 -4.71
N ALA K 421 1.78 -34.95 -4.68
CA ALA K 421 0.89 -35.04 -5.82
C ALA K 421 -0.30 -34.14 -5.56
N VAL K 422 -0.71 -33.36 -6.56
CA VAL K 422 -1.75 -32.37 -6.36
C VAL K 422 -2.87 -32.49 -7.37
N ALA K 423 -4.10 -32.41 -6.89
CA ALA K 423 -5.27 -32.37 -7.76
C ALA K 423 -6.18 -31.23 -7.33
N GLY K 424 -6.30 -30.21 -8.17
CA GLY K 424 -7.10 -29.05 -7.85
C GLY K 424 -8.18 -28.76 -8.87
N TYR K 425 -9.42 -29.09 -8.53
CA TYR K 425 -10.55 -28.72 -9.36
C TYR K 425 -11.01 -27.34 -8.88
N GLY K 426 -11.23 -26.41 -9.80
CA GLY K 426 -11.23 -25.00 -9.47
C GLY K 426 -12.50 -24.40 -8.90
N PRO K 427 -12.62 -23.05 -8.92
CA PRO K 427 -11.70 -22.05 -9.46
C PRO K 427 -10.34 -22.00 -8.79
N ILE K 428 -9.29 -21.77 -9.55
CA ILE K 428 -7.94 -21.76 -9.00
C ILE K 428 -7.04 -20.76 -9.71
N GLU K 429 -6.27 -20.02 -8.92
CA GLU K 429 -5.24 -19.15 -9.46
C GLU K 429 -4.28 -18.77 -8.35
N GLN K 430 -4.83 -18.59 -7.15
CA GLN K 430 -4.01 -18.27 -5.99
C GLN K 430 -3.32 -19.51 -5.42
N LEU K 431 -3.74 -20.69 -5.87
CA LEU K 431 -3.10 -21.93 -5.46
C LEU K 431 -1.66 -21.90 -5.96
N PRO K 432 -0.69 -22.16 -5.08
CA PRO K 432 0.72 -22.02 -5.39
C PRO K 432 1.19 -22.92 -6.52
N ASP K 433 2.12 -22.43 -7.32
CA ASP K 433 2.71 -23.23 -8.39
C ASP K 433 3.50 -24.35 -7.74
N TYR K 434 3.68 -25.46 -8.44
CA TYR K 434 4.13 -26.69 -7.81
C TYR K 434 5.49 -26.56 -7.13
N ASN K 435 6.35 -25.70 -7.65
CA ASN K 435 7.63 -25.45 -7.00
C ASN K 435 7.48 -24.81 -5.62
N ARG K 436 6.49 -23.95 -5.47
CA ARG K 436 6.22 -23.33 -4.17
C ARG K 436 5.75 -24.35 -3.15
N ILE K 437 5.02 -25.35 -3.64
CA ILE K 437 4.53 -26.42 -2.79
C ILE K 437 5.66 -27.38 -2.40
N ARG K 438 6.45 -27.76 -3.40
CA ARG K 438 7.56 -28.66 -3.20
C ARG K 438 8.60 -28.04 -2.26
N SER K 439 8.75 -26.73 -2.38
CA SER K 439 9.65 -26.02 -1.48
C SER K 439 8.93 -25.75 -0.16
N GLY K 440 7.62 -25.91 -0.18
CA GLY K 440 6.82 -25.76 1.02
C GLY K 440 6.83 -27.04 1.83
N MET K 441 7.43 -28.08 1.27
CA MET K 441 7.51 -29.38 1.94
C MET K 441 8.64 -29.49 2.97
N PHE K 442 9.51 -28.48 3.04
CA PHE K 442 10.62 -28.53 3.99
C PHE K 442 11.02 -27.16 4.55
N TRP K 443 11.36 -27.13 5.84
CA TRP K 443 11.86 -25.93 6.50
C TRP K 443 13.36 -25.70 6.28
N LEU K 444 13.75 -24.43 6.25
CA LEU K 444 15.18 -24.09 6.25
C LEU K 444 15.71 -23.92 7.67
N ARG K 445 14.82 -23.98 8.66
CA ARG K 445 15.27 -23.84 10.03
C ARG K 445 15.73 -25.16 10.63
N PHE K 446 15.25 -26.27 10.07
CA PHE K 446 15.52 -27.59 10.62
C PHE K 446 16.51 -28.37 9.78
N GLY L 1 -6.72 -0.67 6.37
CA GLY L 1 -8.15 -0.81 6.59
C GLY L 1 -8.63 -0.01 7.79
N ARG L 2 -8.11 1.20 7.93
CA ARG L 2 -8.48 2.07 9.04
C ARG L 2 -8.91 3.45 8.54
N GLU L 3 -9.59 3.45 7.40
CA GLU L 3 -10.18 4.67 6.84
C GLU L 3 -11.35 5.06 7.72
N PHE L 4 -11.80 6.31 7.63
CA PHE L 4 -12.78 6.86 8.56
C PHE L 4 -14.09 6.07 8.60
N GLY L 5 -14.45 5.42 7.50
CA GLY L 5 -15.64 4.57 7.52
C GLY L 5 -15.37 3.24 8.20
N ASN L 6 -14.10 2.88 8.31
CA ASN L 6 -13.70 1.61 8.91
C ASN L 6 -13.50 1.66 10.41
N LEU L 7 -13.59 2.85 11.00
CA LEU L 7 -13.23 3.04 12.40
C LEU L 7 -14.30 2.53 13.37
N THR L 8 -14.14 2.90 14.64
CA THR L 8 -14.97 2.37 15.72
C THR L 8 -16.45 2.71 15.58
N ARG L 9 -17.29 1.76 15.97
CA ARG L 9 -18.72 2.00 16.07
C ARG L 9 -19.03 2.90 17.26
N MET L 10 -20.01 3.78 17.08
CA MET L 10 -20.41 4.72 18.12
C MET L 10 -21.82 5.20 17.79
N ARG L 11 -22.59 5.60 18.80
CA ARG L 11 -24.02 5.77 18.58
C ARG L 11 -24.66 6.97 19.32
N HIS L 12 -25.46 7.73 18.58
CA HIS L 12 -26.01 9.04 19.00
C HIS L 12 -25.14 9.88 19.93
N VAL L 13 -24.00 10.33 19.40
CA VAL L 13 -23.23 11.38 20.04
C VAL L 13 -23.27 12.60 19.13
N ILE L 14 -24.33 13.38 19.25
CA ILE L 14 -24.53 14.56 18.41
C ILE L 14 -23.51 15.66 18.70
N SER L 15 -23.06 16.35 17.66
CA SER L 15 -22.05 17.39 17.82
C SER L 15 -22.38 18.64 17.03
N TYR L 16 -22.14 19.79 17.65
CA TYR L 16 -22.44 21.09 17.06
C TYR L 16 -21.16 21.83 16.69
N SER L 17 -21.24 22.76 15.75
CA SER L 17 -20.05 23.46 15.28
C SER L 17 -20.36 24.83 14.69
N LEU L 18 -19.32 25.58 14.32
CA LEU L 18 -19.49 26.85 13.62
C LEU L 18 -18.44 27.07 12.55
N SER L 19 -18.78 27.88 11.57
CA SER L 19 -17.81 28.28 10.55
C SER L 19 -16.79 29.20 11.19
N PRO L 20 -15.51 29.06 10.79
CA PRO L 20 -14.44 29.91 11.32
C PRO L 20 -14.70 31.38 11.05
N PHE L 21 -15.34 31.67 9.92
CA PHE L 21 -15.63 33.04 9.53
C PHE L 21 -16.75 33.64 10.40
N GLU L 22 -17.53 32.76 11.02
CA GLU L 22 -18.65 33.19 11.84
C GLU L 22 -18.23 33.55 13.26
N GLN L 23 -16.97 33.33 13.59
CA GLN L 23 -16.50 33.53 14.95
C GLN L 23 -15.06 34.07 15.01
N ARG L 24 -14.81 34.96 15.96
CA ARG L 24 -13.53 35.64 16.08
C ARG L 24 -12.42 34.72 16.58
N ALA L 25 -11.20 35.00 16.13
CA ALA L 25 -10.05 34.15 16.42
C ALA L 25 -9.66 34.14 17.90
N TYR L 26 -10.00 35.19 18.64
CA TYR L 26 -9.59 35.27 20.03
C TYR L 26 -10.74 35.62 20.97
N PRO L 27 -11.70 34.70 21.14
CA PRO L 27 -12.78 34.92 22.11
C PRO L 27 -12.27 34.97 23.54
N HIS L 28 -12.90 35.82 24.37
CA HIS L 28 -12.74 35.79 25.84
C HIS L 28 -11.33 35.51 26.34
N VAL L 29 -10.33 36.13 25.73
CA VAL L 29 -8.94 35.90 26.12
C VAL L 29 -8.64 36.39 27.52
N PHE L 30 -8.97 37.66 27.78
CA PHE L 30 -8.68 38.28 29.06
C PHE L 30 -9.47 37.67 30.21
N THR L 31 -10.65 37.17 29.91
CA THR L 31 -11.57 36.70 30.94
C THR L 31 -11.48 35.20 31.21
N LYS L 32 -11.13 34.43 30.18
CA LYS L 32 -11.15 32.97 30.30
C LYS L 32 -9.81 32.31 29.96
N GLY L 33 -9.02 32.96 29.12
CA GLY L 33 -7.78 32.37 28.65
C GLY L 33 -6.67 32.37 29.69
N ILE L 34 -6.32 33.56 30.15
CA ILE L 34 -5.27 33.71 31.16
C ILE L 34 -5.54 32.91 32.44
N PRO L 35 -6.75 33.00 33.02
CA PRO L 35 -6.97 32.14 34.20
C PRO L 35 -6.79 30.65 33.92
N ASN L 36 -7.13 30.20 32.72
CA ASN L 36 -6.93 28.81 32.33
C ASN L 36 -5.44 28.46 32.28
N VAL L 37 -4.65 29.33 31.69
CA VAL L 37 -3.22 29.10 31.62
C VAL L 37 -2.64 29.07 33.03
N LEU L 38 -3.21 29.90 33.90
CA LEU L 38 -2.80 29.93 35.30
C LEU L 38 -3.13 28.66 36.06
N ARG L 39 -4.33 28.10 35.88
CA ARG L 39 -4.63 26.85 36.58
C ARG L 39 -3.74 25.74 36.03
N ARG L 40 -3.40 25.83 34.75
CA ARG L 40 -2.52 24.83 34.15
C ARG L 40 -1.14 24.88 34.79
N ILE L 41 -0.59 26.09 34.89
CA ILE L 41 0.73 26.25 35.46
C ILE L 41 0.71 25.85 36.95
N ARG L 42 -0.37 26.18 37.63
CA ARG L 42 -0.51 25.84 39.05
C ARG L 42 -0.59 24.33 39.26
N GLU L 43 -1.17 23.61 38.30
CA GLU L 43 -1.11 22.16 38.34
C GLU L 43 0.32 21.65 38.08
N SER L 44 1.04 22.35 37.20
CA SER L 44 2.38 21.91 36.81
C SER L 44 3.48 22.12 37.87
N PHE L 45 3.34 23.17 38.69
CA PHE L 45 4.41 23.55 39.63
C PHE L 45 5.07 22.43 40.40
N PHE L 46 4.41 21.96 41.45
CA PHE L 46 5.04 21.07 42.41
C PHE L 46 5.48 19.76 41.75
N ARG L 47 4.78 19.35 40.70
CA ARG L 47 5.20 18.18 39.95
C ARG L 47 6.47 18.44 39.14
N VAL L 48 6.77 19.70 38.82
CA VAL L 48 7.95 19.95 37.98
C VAL L 48 9.13 20.67 38.68
N VAL L 49 8.90 21.91 39.13
CA VAL L 49 9.96 22.83 39.54
C VAL L 49 10.96 22.39 40.65
N PRO L 50 10.47 21.84 41.78
CA PRO L 50 11.37 21.70 42.93
C PRO L 50 12.60 20.86 42.66
N GLN L 51 12.47 19.85 41.79
CA GLN L 51 13.59 18.99 41.46
C GLN L 51 14.65 19.76 40.68
N PHE L 52 14.20 20.69 39.84
CA PHE L 52 15.11 21.62 39.19
C PHE L 52 15.77 22.53 40.20
N VAL L 53 15.03 22.87 41.25
CA VAL L 53 15.62 23.67 42.32
C VAL L 53 16.75 22.88 43.00
N VAL L 54 16.53 21.57 43.12
CA VAL L 54 17.55 20.68 43.66
C VAL L 54 18.75 20.65 42.75
N PHE L 55 18.50 20.74 41.44
CA PHE L 55 19.61 20.88 40.50
C PHE L 55 20.39 22.16 40.72
N TYR L 56 19.67 23.24 41.03
CA TYR L 56 20.34 24.51 41.30
C TYR L 56 21.19 24.41 42.55
N LEU L 57 20.69 23.66 43.53
CA LEU L 57 21.41 23.51 44.79
C LEU L 57 22.68 22.71 44.61
N ILE L 58 22.58 21.57 43.93
CA ILE L 58 23.75 20.74 43.69
C ILE L 58 24.76 21.47 42.80
N TYR L 59 24.25 22.29 41.89
CA TYR L 59 25.11 23.08 41.03
C TYR L 59 25.92 24.11 41.80
N THR L 60 25.22 24.94 42.58
CA THR L 60 25.91 25.98 43.34
C THR L 60 26.83 25.37 44.39
N TRP L 61 26.42 24.26 44.98
CA TRP L 61 27.26 23.62 45.98
C TRP L 61 28.51 23.01 45.37
N GLY L 62 28.38 22.47 44.16
CA GLY L 62 29.52 21.89 43.49
C GLY L 62 30.50 22.94 43.01
N THR L 63 29.96 24.07 42.56
CA THR L 63 30.81 25.17 42.12
C THR L 63 31.53 25.79 43.31
N GLU L 64 30.80 26.01 44.39
CA GLU L 64 31.39 26.55 45.61
C GLU L 64 32.40 25.61 46.23
N GLU L 65 32.19 24.30 46.06
CA GLU L 65 33.10 23.32 46.64
C GLU L 65 34.38 23.20 45.83
N PHE L 66 34.26 23.21 44.51
CA PHE L 66 35.44 23.17 43.66
C PHE L 66 36.26 24.44 43.85
N GLU L 67 35.57 25.57 43.82
CA GLU L 67 36.21 26.87 43.99
C GLU L 67 36.81 26.99 45.39
N ARG L 68 36.19 26.31 46.36
CA ARG L 68 36.69 26.32 47.72
C ARG L 68 37.96 25.52 47.85
N SER L 69 37.94 24.28 47.36
CA SER L 69 39.11 23.43 47.47
C SER L 69 40.28 24.02 46.69
N LYS L 70 39.97 24.65 45.57
CA LYS L 70 41.03 25.15 44.69
C LYS L 70 41.77 26.33 45.30
N ARG L 71 41.03 27.31 45.81
CA ARG L 71 41.65 28.50 46.37
C ARG L 71 42.05 28.35 47.83
N LYS L 72 41.48 27.38 48.52
CA LYS L 72 41.93 27.08 49.88
C LYS L 72 43.08 26.09 49.86
N ASN L 73 43.38 25.54 48.68
CA ASN L 73 44.54 24.67 48.55
C ASN L 73 45.84 25.41 48.91
N PRO L 74 46.08 26.62 48.34
CA PRO L 74 47.21 27.39 48.89
C PRO L 74 47.00 27.75 50.37
N ALA L 75 45.75 27.97 50.76
CA ALA L 75 45.44 28.21 52.17
C ALA L 75 45.69 26.95 52.99
N ALA L 76 45.53 25.79 52.36
CA ALA L 76 45.91 24.52 52.96
C ALA L 76 47.43 24.46 53.11
N TYR L 77 48.15 25.11 52.20
CA TYR L 77 49.59 25.25 52.36
C TYR L 77 49.90 26.23 53.48
N GLU L 78 48.95 27.14 53.74
CA GLU L 78 49.13 28.16 54.76
C GLU L 78 49.00 27.58 56.16
N ASN L 79 47.98 26.76 56.38
CA ASN L 79 47.83 26.10 57.67
C ASN L 79 48.91 25.03 57.84
N ASP L 80 49.42 24.54 56.72
CA ASP L 80 50.56 23.63 56.71
C ASP L 80 51.82 24.29 57.24
N LYS L 81 51.93 25.60 57.02
CA LYS L 81 53.12 26.34 57.40
C LYS L 81 52.89 27.85 57.30
N MET M 1 -64.19 0.84 -17.03
CA MET M 1 -64.33 1.21 -15.62
C MET M 1 -63.48 0.26 -14.78
N LEU M 2 -62.57 -0.45 -15.45
CA LEU M 2 -61.66 -1.38 -14.79
C LEU M 2 -60.48 -0.66 -14.13
N SER M 3 -60.33 0.63 -14.43
CA SER M 3 -59.19 1.40 -13.93
C SER M 3 -59.20 1.48 -12.41
N VAL M 4 -58.01 1.52 -11.82
CA VAL M 4 -57.87 1.58 -10.38
C VAL M 4 -58.48 2.86 -9.83
N ALA M 5 -58.53 3.90 -10.66
CA ALA M 5 -59.16 5.16 -10.29
C ALA M 5 -60.67 5.01 -10.21
N SER M 6 -61.25 4.38 -11.23
CA SER M 6 -62.70 4.13 -11.27
C SER M 6 -63.14 3.14 -10.21
N ARG M 7 -62.25 2.21 -9.87
CA ARG M 7 -62.52 1.19 -8.87
C ARG M 7 -61.27 0.97 -8.02
N SER M 8 -61.28 1.52 -6.81
CA SER M 8 -60.11 1.46 -5.94
C SER M 8 -59.74 0.02 -5.59
N GLY M 9 -58.45 -0.28 -5.59
CA GLY M 9 -57.99 -1.63 -5.33
C GLY M 9 -56.48 -1.79 -5.34
N PRO M 10 -55.98 -2.76 -6.12
CA PRO M 10 -54.54 -3.04 -6.27
C PRO M 10 -53.79 -1.87 -6.92
N PHE M 11 -52.55 -1.64 -6.51
CA PHE M 11 -51.72 -0.63 -7.13
C PHE M 11 -51.39 -1.00 -8.57
N ALA M 12 -51.22 0.02 -9.40
CA ALA M 12 -50.69 -0.17 -10.74
C ALA M 12 -49.38 0.60 -10.82
N PRO M 13 -48.25 -0.12 -10.72
CA PRO M 13 -46.93 0.51 -10.64
C PRO M 13 -46.58 1.33 -11.88
N VAL M 14 -45.89 2.45 -11.66
CA VAL M 14 -45.53 3.37 -12.72
C VAL M 14 -44.00 3.31 -12.83
N LEU M 15 -43.45 2.17 -12.40
CA LEU M 15 -42.00 1.99 -12.33
C LEU M 15 -41.36 2.17 -13.69
N SER M 16 -40.28 2.95 -13.74
CA SER M 16 -39.66 3.31 -15.01
C SER M 16 -38.27 3.89 -14.81
N ALA M 17 -37.51 3.98 -15.89
CA ALA M 17 -36.16 4.53 -15.86
C ALA M 17 -36.14 6.03 -15.53
N THR M 18 -37.24 6.72 -15.82
CA THR M 18 -37.28 8.17 -15.64
C THR M 18 -38.19 8.64 -14.51
N SER M 19 -38.89 7.72 -13.85
CA SER M 19 -39.81 8.12 -12.79
C SER M 19 -40.09 7.00 -11.78
N ARG M 20 -40.42 7.39 -10.55
CA ARG M 20 -40.82 6.45 -9.51
C ARG M 20 -42.21 5.90 -9.77
N GLY M 21 -42.48 4.71 -9.24
CA GLY M 21 -43.73 4.02 -9.51
C GLY M 21 -44.91 4.38 -8.63
N VAL M 22 -44.72 5.35 -7.73
CA VAL M 22 -45.79 5.70 -6.79
C VAL M 22 -47.04 6.19 -7.51
N ALA M 23 -48.18 5.62 -7.13
CA ALA M 23 -49.50 5.97 -7.66
C ALA M 23 -50.56 5.12 -6.97
N GLY M 24 -51.23 4.29 -7.76
CA GLY M 24 -52.10 3.25 -7.23
C GLY M 24 -53.44 3.70 -6.70
N ALA M 25 -54.12 2.78 -6.01
CA ALA M 25 -55.41 3.04 -5.41
C ALA M 25 -55.52 2.31 -4.08
N LEU M 26 -56.37 2.80 -3.18
CA LEU M 26 -56.49 2.23 -1.84
C LEU M 26 -57.04 0.80 -1.82
N ARG M 27 -56.49 -0.13 -1.03
CA ARG M 27 -55.23 -0.08 -0.25
C ARG M 27 -55.03 1.09 0.74
N PRO M 28 -55.36 0.87 2.02
CA PRO M 28 -55.35 1.93 3.04
C PRO M 28 -53.99 2.58 3.21
N LEU M 29 -53.99 3.90 3.41
CA LEU M 29 -52.77 4.68 3.60
C LEU M 29 -53.09 5.94 4.39
N VAL M 30 -52.09 6.48 5.09
CA VAL M 30 -52.19 7.76 5.80
C VAL M 30 -53.23 7.74 6.94
N GLN M 31 -54.39 7.12 6.69
CA GLN M 31 -55.45 7.04 7.67
C GLN M 31 -55.02 6.29 8.92
N ALA M 32 -54.06 5.38 8.76
CA ALA M 32 -53.55 4.59 9.87
C ALA M 32 -52.79 5.45 10.87
N THR M 33 -52.32 6.61 10.44
CA THR M 33 -51.52 7.47 11.28
C THR M 33 -52.25 8.03 12.51
N VAL M 34 -53.55 8.31 12.37
CA VAL M 34 -54.34 8.75 13.53
C VAL M 34 -54.33 7.66 14.61
N PRO M 35 -54.61 6.39 14.22
CA PRO M 35 -54.32 5.30 15.15
C PRO M 35 -52.82 5.16 15.44
N ALA M 36 -52.49 4.70 16.63
CA ALA M 36 -51.10 4.62 17.08
C ALA M 36 -50.23 3.72 16.22
N THR M 37 -49.00 4.16 15.98
CA THR M 37 -47.92 3.37 15.37
C THR M 37 -48.24 2.82 13.97
N PRO M 38 -48.01 3.63 12.92
CA PRO M 38 -47.81 3.16 11.55
C PRO M 38 -46.34 3.32 11.16
N GLU M 39 -45.47 2.55 11.81
CA GLU M 39 -44.04 2.87 11.87
C GLU M 39 -43.33 2.91 10.51
N GLN M 40 -43.79 2.10 9.56
CA GLN M 40 -43.22 2.04 8.20
C GLN M 40 -41.77 1.53 8.16
N PRO M 41 -41.46 0.64 7.20
CA PRO M 41 -40.13 0.03 7.07
C PRO M 41 -39.03 1.07 6.81
N VAL M 42 -37.85 0.83 7.36
CA VAL M 42 -36.78 1.82 7.33
C VAL M 42 -35.51 1.33 6.63
N LEU M 43 -35.14 2.04 5.57
CA LEU M 43 -33.83 1.91 4.92
C LEU M 43 -33.40 0.50 4.50
N ASP M 44 -34.30 -0.23 3.86
CA ASP M 44 -33.88 -1.41 3.09
C ASP M 44 -33.56 -0.94 1.69
N LEU M 45 -32.44 -0.25 1.53
CA LEU M 45 -32.07 0.48 0.30
C LEU M 45 -33.26 1.31 -0.19
N LYS M 46 -33.94 1.93 0.76
CA LYS M 46 -35.16 2.70 0.51
C LYS M 46 -34.93 3.96 -0.34
N ARG M 47 -35.83 4.19 -1.28
CA ARG M 47 -35.86 5.45 -2.02
C ARG M 47 -36.52 6.54 -1.18
N PRO M 48 -36.18 7.81 -1.44
CA PRO M 48 -37.00 8.87 -0.87
C PRO M 48 -38.43 8.80 -1.40
N PHE M 49 -39.41 9.13 -0.57
CA PHE M 49 -40.81 9.01 -0.94
C PHE M 49 -41.31 10.19 -1.77
N LEU M 50 -42.63 10.31 -1.86
CA LEU M 50 -43.31 11.43 -2.51
C LEU M 50 -43.03 11.54 -4.01
N SER M 51 -41.76 11.57 -4.38
CA SER M 51 -41.32 11.83 -5.76
C SER M 51 -41.80 13.21 -6.22
N ARG M 52 -40.87 14.16 -6.28
CA ARG M 52 -41.24 15.56 -6.45
C ARG M 52 -41.70 15.90 -7.85
N GLU M 53 -42.86 15.36 -8.23
CA GLU M 53 -43.56 15.84 -9.42
C GLU M 53 -44.30 17.11 -9.06
N SER M 54 -44.39 17.38 -7.76
CA SER M 54 -45.01 18.60 -7.25
C SER M 54 -43.96 19.61 -6.82
N LEU M 55 -43.12 20.03 -7.76
CA LEU M 55 -42.05 20.98 -7.48
C LEU M 55 -42.56 22.38 -7.14
N SER M 56 -41.80 23.09 -6.33
CA SER M 56 -42.12 24.46 -5.95
C SER M 56 -40.84 25.24 -5.66
N GLY M 57 -40.91 26.56 -5.83
CA GLY M 57 -39.76 27.41 -5.62
C GLY M 57 -39.51 27.73 -4.16
N SER N 1 -36.58 13.10 20.26
CA SER N 1 -37.43 13.13 19.07
C SER N 1 -36.74 13.86 17.93
N HIS N 2 -37.47 14.04 16.84
CA HIS N 2 -36.94 14.68 15.64
C HIS N 2 -37.01 16.20 15.68
N THR N 3 -37.64 16.75 16.71
CA THR N 3 -37.81 18.19 16.83
C THR N 3 -37.22 18.76 18.12
N ASP N 4 -37.02 17.89 19.11
CA ASP N 4 -36.59 18.31 20.43
C ASP N 4 -35.23 18.98 20.44
N ILE N 5 -34.38 18.60 19.49
CA ILE N 5 -33.05 19.18 19.40
C ILE N 5 -33.09 20.65 19.01
N LYS N 6 -32.17 21.42 19.59
CA LYS N 6 -31.97 22.81 19.20
C LYS N 6 -30.53 23.18 19.47
N VAL N 7 -29.99 24.07 18.64
CA VAL N 7 -28.60 24.48 18.78
C VAL N 7 -28.39 25.37 20.00
N PRO N 8 -27.44 25.01 20.85
CA PRO N 8 -27.01 25.81 22.00
C PRO N 8 -26.41 27.13 21.53
N ASP N 9 -26.59 28.19 22.32
CA ASP N 9 -26.16 29.51 21.90
C ASP N 9 -24.64 29.56 21.71
N PHE N 10 -24.22 30.18 20.61
CA PHE N 10 -22.81 30.41 20.33
C PHE N 10 -22.44 31.88 20.34
N SER N 11 -23.29 32.71 20.94
CA SER N 11 -23.11 34.16 20.88
C SER N 11 -21.80 34.62 21.50
N GLU N 12 -21.29 33.85 22.46
CA GLU N 12 -20.04 34.19 23.12
C GLU N 12 -18.85 34.15 22.17
N TYR N 13 -18.92 33.28 21.17
CA TYR N 13 -17.81 33.08 20.24
C TYR N 13 -17.94 33.91 18.98
N ARG N 14 -19.16 34.36 18.68
CA ARG N 14 -19.46 34.96 17.39
C ARG N 14 -18.80 36.32 17.21
N ARG N 15 -18.53 36.66 15.96
CA ARG N 15 -18.01 37.99 15.62
C ARG N 15 -19.02 39.05 16.00
N LEU N 16 -18.52 40.23 16.37
CA LEU N 16 -19.36 41.29 16.89
C LEU N 16 -20.40 41.79 15.87
N GLU N 17 -20.02 41.78 14.59
CA GLU N 17 -20.88 42.32 13.55
C GLU N 17 -22.17 41.54 13.32
N VAL N 18 -22.11 40.23 13.51
CA VAL N 18 -23.24 39.36 13.15
C VAL N 18 -24.03 38.87 14.36
N LEU N 19 -23.76 39.45 15.52
CA LEU N 19 -24.31 38.96 16.77
C LEU N 19 -25.84 39.02 16.84
N ASP N 20 -26.43 40.05 16.25
CA ASP N 20 -27.88 40.20 16.30
C ASP N 20 -28.60 39.27 15.33
N SER N 21 -29.83 38.89 15.68
CA SER N 21 -30.66 38.08 14.81
C SER N 21 -31.64 38.93 14.03
N THR N 22 -31.11 39.95 13.34
CA THR N 22 -31.95 40.88 12.59
C THR N 22 -31.32 41.27 11.26
N LYS N 23 -30.15 41.88 11.31
CA LYS N 23 -29.46 42.33 10.10
C LYS N 23 -29.02 41.18 9.19
N SER N 24 -29.13 41.40 7.88
CA SER N 24 -28.67 40.42 6.90
C SER N 24 -27.15 40.27 6.92
N SER N 25 -26.69 39.02 6.83
CA SER N 25 -25.26 38.72 6.86
C SER N 25 -24.61 38.85 5.48
N ARG N 26 -25.43 39.01 4.46
CA ARG N 26 -24.95 38.98 3.07
C ARG N 26 -23.98 40.11 2.75
N GLU N 27 -24.14 41.24 3.42
CA GLU N 27 -23.23 42.36 3.23
C GLU N 27 -21.98 42.24 4.10
N SER N 28 -22.17 41.79 5.33
CA SER N 28 -21.09 41.66 6.28
C SER N 28 -20.11 40.54 5.93
N SER N 29 -20.58 39.57 5.16
CA SER N 29 -19.78 38.39 4.84
C SER N 29 -18.52 38.71 4.07
N GLU N 30 -18.61 39.71 3.19
CA GLU N 30 -17.43 40.14 2.44
C GLU N 30 -16.39 40.76 3.36
N ALA N 31 -16.85 41.38 4.44
CA ALA N 31 -15.95 41.99 5.40
C ALA N 31 -15.31 40.93 6.29
N ARG N 32 -16.12 40.00 6.76
CA ARG N 32 -15.63 38.93 7.62
C ARG N 32 -14.60 38.08 6.88
N LYS N 33 -14.95 37.65 5.67
CA LYS N 33 -14.02 36.86 4.87
C LYS N 33 -12.84 37.71 4.41
N GLY N 34 -13.08 39.00 4.19
CA GLY N 34 -12.07 39.88 3.65
C GLY N 34 -10.95 40.14 4.63
N PHE N 35 -11.29 40.18 5.91
CA PHE N 35 -10.29 40.36 6.95
C PHE N 35 -9.31 39.20 6.98
N SER N 36 -9.84 37.99 7.06
CA SER N 36 -9.01 36.80 7.15
C SER N 36 -8.21 36.56 5.87
N TYR N 37 -8.82 36.82 4.72
CA TYR N 37 -8.10 36.68 3.48
C TYR N 37 -6.99 37.72 3.39
N LEU N 38 -7.22 38.89 3.99
CA LEU N 38 -6.18 39.89 4.08
C LEU N 38 -5.02 39.40 4.94
N VAL N 39 -5.36 38.69 6.01
CA VAL N 39 -4.32 38.15 6.90
C VAL N 39 -3.46 37.12 6.18
N THR N 40 -4.12 36.17 5.53
CA THR N 40 -3.40 35.13 4.79
C THR N 40 -2.60 35.76 3.67
N GLY N 41 -3.13 36.85 3.11
CA GLY N 41 -2.48 37.53 2.01
C GLY N 41 -1.20 38.22 2.45
N VAL N 42 -1.20 38.78 3.65
CA VAL N 42 0.02 39.38 4.17
C VAL N 42 1.04 38.30 4.52
N THR N 43 0.56 37.21 5.12
CA THR N 43 1.44 36.12 5.52
C THR N 43 2.15 35.51 4.32
N THR N 44 1.43 35.40 3.22
CA THR N 44 2.01 34.86 2.00
C THR N 44 3.11 35.78 1.48
N VAL N 45 2.92 37.08 1.69
CA VAL N 45 3.92 38.07 1.31
C VAL N 45 5.19 37.89 2.11
N GLY N 46 5.02 37.67 3.42
CA GLY N 46 6.18 37.49 4.26
C GLY N 46 6.95 36.23 3.90
N VAL N 47 6.22 35.14 3.72
CA VAL N 47 6.86 33.87 3.39
C VAL N 47 7.56 33.98 2.04
N ALA N 48 6.97 34.71 1.10
CA ALA N 48 7.57 34.89 -0.22
C ALA N 48 8.87 35.69 -0.14
N TYR N 49 8.88 36.70 0.73
CA TYR N 49 10.06 37.54 0.87
C TYR N 49 11.21 36.76 1.50
N ALA N 50 10.92 36.06 2.60
CA ALA N 50 11.95 35.26 3.25
C ALA N 50 12.43 34.15 2.33
N ALA N 51 11.52 33.60 1.52
CA ALA N 51 11.87 32.52 0.61
C ALA N 51 12.83 33.01 -0.47
N LYS N 52 12.51 34.16 -1.07
CA LYS N 52 13.42 34.69 -2.07
C LYS N 52 14.77 35.01 -1.47
N ASN N 53 14.77 35.55 -0.25
CA ASN N 53 16.04 35.89 0.36
C ASN N 53 16.90 34.66 0.58
N ALA N 54 16.29 33.58 1.08
CA ALA N 54 17.05 32.36 1.35
C ALA N 54 17.57 31.73 0.06
N VAL N 55 16.70 31.58 -0.93
CA VAL N 55 17.10 30.94 -2.17
C VAL N 55 18.19 31.76 -2.87
N THR N 56 18.08 33.07 -2.80
CA THR N 56 19.13 33.92 -3.35
C THR N 56 20.44 33.79 -2.57
N GLN N 57 20.35 33.51 -1.27
CA GLN N 57 21.55 33.24 -0.49
C GLN N 57 22.26 32.02 -1.03
N PHE N 58 21.55 30.89 -1.03
CA PHE N 58 22.17 29.63 -1.43
C PHE N 58 22.61 29.62 -2.89
N VAL N 59 21.88 30.29 -3.76
CA VAL N 59 22.30 30.39 -5.16
C VAL N 59 23.51 31.30 -5.31
N SER N 60 23.54 32.40 -4.57
CA SER N 60 24.66 33.34 -4.66
C SER N 60 25.94 32.69 -4.17
N SER N 61 25.81 31.74 -3.25
CA SER N 61 26.97 31.06 -2.71
C SER N 61 27.75 30.28 -3.76
N MET N 62 27.05 29.81 -4.79
CA MET N 62 27.68 29.03 -5.86
C MET N 62 28.27 29.87 -6.98
N SER N 63 28.04 31.17 -6.95
CA SER N 63 28.45 32.07 -8.02
C SER N 63 29.95 32.00 -8.27
N ALA N 64 30.69 32.88 -7.61
CA ALA N 64 32.15 32.83 -7.67
C ALA N 64 32.75 33.43 -6.42
N SER N 65 33.79 32.78 -5.90
CA SER N 65 34.46 33.23 -4.69
C SER N 65 35.20 34.53 -4.94
N ALA N 66 35.30 35.37 -3.91
CA ALA N 66 35.91 36.68 -4.05
C ALA N 66 37.38 36.60 -4.44
N ASP N 67 38.08 35.59 -3.94
CA ASP N 67 39.49 35.40 -4.28
C ASP N 67 39.66 35.05 -5.75
N VAL N 68 38.69 34.31 -6.28
CA VAL N 68 38.73 33.94 -7.69
C VAL N 68 38.57 35.19 -8.56
N LEU N 69 37.73 36.12 -8.12
CA LEU N 69 37.62 37.41 -8.78
C LEU N 69 38.89 38.23 -8.58
N ALA N 70 39.57 37.98 -7.47
CA ALA N 70 40.75 38.74 -7.12
C ALA N 70 41.93 38.40 -8.01
N LEU N 71 42.20 37.11 -8.19
CA LEU N 71 43.27 36.66 -9.06
C LEU N 71 42.96 36.93 -10.53
N ALA N 72 41.68 36.94 -10.86
CA ALA N 72 41.23 37.18 -12.22
C ALA N 72 41.09 38.68 -12.52
N LYS N 73 41.10 39.02 -13.80
CA LYS N 73 40.87 40.39 -14.27
C LYS N 73 41.99 41.36 -13.88
N ILE N 74 42.67 41.06 -12.79
CA ILE N 74 43.65 41.99 -12.24
C ILE N 74 44.90 42.02 -13.13
N GLU N 75 44.72 42.57 -14.32
CA GLU N 75 45.84 42.72 -15.23
C GLU N 75 45.92 44.20 -15.61
N ILE N 76 45.82 45.05 -14.60
CA ILE N 76 46.03 46.48 -14.78
C ILE N 76 47.48 46.68 -15.22
N LYS N 77 47.67 47.54 -16.23
CA LYS N 77 48.96 47.63 -16.90
C LYS N 77 49.24 49.05 -17.38
N LEU N 78 50.49 49.47 -17.23
CA LEU N 78 50.92 50.78 -17.69
C LEU N 78 51.02 50.80 -19.22
N SER N 79 50.71 51.94 -19.82
CA SER N 79 50.82 52.10 -21.27
C SER N 79 52.21 52.63 -21.64
N ASP N 80 53.08 52.74 -20.64
CA ASP N 80 54.38 53.36 -20.81
C ASP N 80 55.36 52.49 -21.60
N ILE N 81 54.99 51.23 -21.81
CA ILE N 81 55.89 50.26 -22.42
C ILE N 81 56.31 50.68 -23.83
N PRO N 82 57.64 50.71 -24.07
CA PRO N 82 58.31 51.12 -25.32
C PRO N 82 57.98 50.22 -26.51
N GLU N 83 57.94 50.80 -27.69
CA GLU N 83 57.62 50.05 -28.91
C GLU N 83 58.61 48.92 -29.12
N GLY N 84 58.07 47.74 -29.46
CA GLY N 84 58.89 46.57 -29.72
C GLY N 84 59.15 45.75 -28.47
N LYS N 85 58.94 46.36 -27.32
CA LYS N 85 59.09 45.65 -26.05
C LYS N 85 57.91 44.72 -25.84
N ASN N 86 58.16 43.60 -25.16
CA ASN N 86 57.11 42.62 -24.92
C ASN N 86 57.33 41.85 -23.63
N MET N 87 57.15 42.53 -22.51
CA MET N 87 57.37 41.94 -21.19
C MET N 87 56.40 40.80 -20.89
N ALA N 88 56.93 39.72 -20.33
CA ALA N 88 56.09 38.58 -19.92
C ALA N 88 55.19 38.94 -18.74
N PHE N 89 53.93 38.51 -18.81
CA PHE N 89 52.95 38.73 -17.75
C PHE N 89 52.29 37.42 -17.36
N LYS N 90 51.47 37.46 -16.32
CA LYS N 90 50.68 36.29 -15.94
C LYS N 90 49.21 36.68 -15.79
N TRP N 91 48.33 35.82 -16.28
CA TRP N 91 46.90 36.12 -16.33
C TRP N 91 46.07 34.86 -16.48
N ARG N 92 45.43 34.45 -15.37
CA ARG N 92 44.65 33.22 -15.29
C ARG N 92 45.49 31.98 -15.59
N GLY N 93 46.77 32.04 -15.26
CA GLY N 93 47.68 30.93 -15.50
C GLY N 93 48.19 30.96 -16.92
N LYS N 94 47.74 31.95 -17.67
CA LYS N 94 48.14 32.14 -19.05
C LYS N 94 49.19 33.24 -19.12
N PRO N 95 50.41 32.91 -19.60
CA PRO N 95 51.39 33.97 -19.79
C PRO N 95 50.88 35.00 -20.80
N LEU N 96 51.18 36.28 -20.57
CA LEU N 96 50.57 37.32 -21.38
C LEU N 96 51.59 38.30 -21.96
N PHE N 97 51.59 38.41 -23.28
CA PHE N 97 52.44 39.35 -23.99
C PHE N 97 51.72 40.65 -24.33
N VAL N 98 52.37 41.76 -23.98
CA VAL N 98 51.88 43.09 -24.34
C VAL N 98 52.95 43.79 -25.16
N ARG N 99 52.71 43.96 -26.45
CA ARG N 99 53.72 44.49 -27.34
C ARG N 99 53.29 45.77 -28.03
N HIS N 100 53.70 46.91 -27.47
CA HIS N 100 53.62 48.17 -28.19
C HIS N 100 54.62 48.05 -29.32
N ARG N 101 54.31 48.59 -30.49
CA ARG N 101 55.17 48.34 -31.65
C ARG N 101 55.25 49.49 -32.63
N THR N 102 56.30 49.45 -33.44
CA THR N 102 56.55 50.45 -34.47
C THR N 102 55.50 50.39 -35.58
N GLN N 103 55.25 51.53 -36.21
CA GLN N 103 54.29 51.62 -37.29
C GLN N 103 54.69 50.76 -38.49
N LYS N 104 55.99 50.54 -38.67
CA LYS N 104 56.47 49.73 -39.77
C LYS N 104 55.98 48.29 -39.66
N GLU N 105 55.90 47.78 -38.43
CA GLU N 105 55.33 46.45 -38.23
C GLU N 105 53.85 46.44 -38.58
N ILE N 106 53.17 47.56 -38.33
CA ILE N 106 51.77 47.68 -38.69
C ILE N 106 51.66 47.60 -40.21
N GLU N 107 52.67 48.15 -40.87
CA GLU N 107 52.71 48.17 -42.32
C GLU N 107 52.92 46.78 -42.88
N GLN N 108 53.92 46.07 -42.35
CA GLN N 108 54.22 44.73 -42.84
C GLN N 108 53.10 43.74 -42.51
N GLU N 109 52.41 43.96 -41.40
CA GLU N 109 51.30 43.10 -41.03
C GLU N 109 50.08 43.35 -41.91
N ALA N 110 49.79 44.62 -42.18
CA ALA N 110 48.69 44.96 -43.07
C ALA N 110 48.96 44.50 -44.49
N ALA N 111 50.24 44.50 -44.86
CA ALA N 111 50.66 44.19 -46.23
C ALA N 111 50.44 42.73 -46.63
N VAL N 112 50.46 41.83 -45.65
CA VAL N 112 50.42 40.40 -45.92
C VAL N 112 49.12 39.96 -46.57
N GLU N 113 49.21 39.08 -47.57
CA GLU N 113 48.04 38.50 -48.21
C GLU N 113 47.28 37.65 -47.21
N LEU N 114 45.95 37.75 -47.24
CA LEU N 114 45.12 37.08 -46.24
C LEU N 114 44.88 35.60 -46.57
N SER N 115 44.68 35.31 -47.85
CA SER N 115 44.37 33.94 -48.28
C SER N 115 45.51 32.96 -48.02
N GLN N 116 46.74 33.47 -48.06
CA GLN N 116 47.92 32.63 -47.88
C GLN N 116 48.05 32.07 -46.47
N LEU N 117 47.46 32.76 -45.50
CA LEU N 117 47.68 32.43 -44.08
C LEU N 117 47.18 31.04 -43.72
N ARG N 118 47.95 30.35 -42.88
CA ARG N 118 47.56 29.04 -42.39
C ARG N 118 46.30 29.13 -41.53
N ASP N 119 46.19 30.24 -40.81
CA ASP N 119 45.02 30.53 -39.99
C ASP N 119 44.57 31.96 -40.25
N PRO N 120 43.87 32.19 -41.38
CA PRO N 120 43.62 33.55 -41.86
C PRO N 120 42.82 34.42 -40.90
N GLN N 121 43.18 35.70 -40.87
CA GLN N 121 42.56 36.69 -39.99
C GLN N 121 43.13 38.07 -40.31
N HIS N 122 42.26 39.01 -40.67
CA HIS N 122 42.69 40.35 -41.05
C HIS N 122 43.39 41.06 -39.90
N ASP N 123 44.46 41.79 -40.22
CA ASP N 123 45.31 42.39 -39.21
C ASP N 123 44.64 43.50 -38.40
N LEU N 124 44.07 44.48 -39.10
CA LEU N 124 43.44 45.62 -38.44
C LEU N 124 42.19 45.19 -37.68
N ASP N 125 41.56 44.12 -38.15
CA ASP N 125 40.35 43.61 -37.52
C ASP N 125 40.62 42.99 -36.15
N ARG N 126 41.87 42.59 -35.92
CA ARG N 126 42.22 41.99 -34.64
C ARG N 126 42.36 43.05 -33.56
N VAL N 127 43.56 43.60 -33.44
CA VAL N 127 43.87 44.57 -32.38
C VAL N 127 43.03 45.83 -32.49
N LYS N 128 42.60 46.34 -31.35
CA LYS N 128 41.81 47.56 -31.29
C LYS N 128 42.61 48.77 -31.76
N LYS N 129 43.90 48.77 -31.46
CA LYS N 129 44.81 49.83 -31.89
C LYS N 129 46.12 49.20 -32.35
N PRO N 130 46.47 49.37 -33.64
CA PRO N 130 47.52 48.62 -34.32
C PRO N 130 48.91 48.70 -33.67
N GLU N 131 49.23 49.84 -33.06
CA GLU N 131 50.53 50.00 -32.42
C GLU N 131 50.66 49.12 -31.18
N TRP N 132 49.52 48.74 -30.60
CA TRP N 132 49.51 47.81 -29.49
C TRP N 132 49.05 46.43 -29.93
N VAL N 133 49.71 45.38 -29.46
CA VAL N 133 49.22 44.03 -29.68
C VAL N 133 49.31 43.20 -28.40
N ILE N 134 48.15 42.82 -27.89
CA ILE N 134 48.06 42.02 -26.67
C ILE N 134 47.68 40.59 -27.02
N LEU N 135 48.43 39.62 -26.52
CA LEU N 135 48.24 38.23 -26.91
C LEU N 135 48.55 37.27 -25.76
N ILE N 136 47.89 36.13 -25.72
CA ILE N 136 48.30 35.08 -24.80
C ILE N 136 49.70 34.63 -25.18
N GLY N 137 50.54 34.39 -24.19
CA GLY N 137 51.94 34.11 -24.42
C GLY N 137 52.25 32.66 -24.73
N VAL N 138 51.22 31.83 -24.76
CA VAL N 138 51.39 30.41 -25.08
C VAL N 138 51.17 30.13 -26.56
N CYS N 139 52.07 29.32 -27.15
CA CYS N 139 51.89 28.89 -28.53
C CYS N 139 50.71 27.92 -28.64
N THR N 140 50.04 27.96 -29.78
CA THR N 140 48.82 27.19 -29.97
C THR N 140 49.10 25.73 -30.33
N HIS N 141 50.36 25.40 -30.56
CA HIS N 141 50.73 24.06 -30.99
C HIS N 141 50.84 23.08 -29.81
N LEU N 142 51.93 23.17 -29.06
CA LEU N 142 52.15 22.23 -27.95
C LEU N 142 52.43 22.92 -26.62
N GLY N 143 52.04 24.19 -26.50
CA GLY N 143 52.10 24.88 -25.23
C GLY N 143 53.41 25.56 -24.84
N CYS N 144 54.42 25.47 -25.71
CA CYS N 144 55.67 26.19 -25.47
C CYS N 144 55.44 27.69 -25.62
N VAL N 145 56.26 28.49 -24.94
CA VAL N 145 56.13 29.93 -25.02
C VAL N 145 57.03 30.51 -26.11
N PRO N 146 56.42 31.19 -27.10
CA PRO N 146 57.14 31.84 -28.20
C PRO N 146 58.06 32.97 -27.74
N ILE N 147 59.19 33.13 -28.42
CA ILE N 147 60.16 34.17 -28.09
C ILE N 147 59.74 35.52 -28.66
N ALA N 148 59.73 36.54 -27.81
CA ALA N 148 59.41 37.90 -28.24
C ALA N 148 60.55 38.54 -29.01
N ASN N 149 60.20 39.47 -29.91
CA ASN N 149 61.18 40.25 -30.66
C ASN N 149 62.14 39.36 -31.44
N ALA N 150 61.57 38.42 -32.20
CA ALA N 150 62.37 37.48 -32.97
C ALA N 150 61.60 36.96 -34.18
N GLY N 151 62.19 36.03 -34.92
CA GLY N 151 61.52 35.41 -36.05
C GLY N 151 61.76 36.14 -37.36
N ASP N 152 61.40 35.48 -38.45
CA ASP N 152 61.62 36.03 -39.80
C ASP N 152 60.83 37.30 -40.03
N PHE N 153 59.64 37.38 -39.43
CA PHE N 153 58.78 38.55 -39.58
C PHE N 153 59.11 39.62 -38.56
N GLY N 154 60.02 39.31 -37.64
CA GLY N 154 60.38 40.23 -36.58
C GLY N 154 59.37 40.19 -35.46
N GLY N 155 58.46 39.23 -35.53
CA GLY N 155 57.41 39.09 -34.54
C GLY N 155 57.78 38.11 -33.43
N TYR N 156 57.29 36.89 -33.54
CA TYR N 156 57.52 35.88 -32.51
C TYR N 156 58.11 34.60 -33.10
N TYR N 157 58.80 33.85 -32.26
CA TYR N 157 59.40 32.59 -32.66
C TYR N 157 59.33 31.56 -31.54
N CYS N 158 59.03 30.32 -31.88
CA CYS N 158 58.96 29.25 -30.89
C CYS N 158 60.06 28.24 -31.13
N PRO N 159 61.07 28.24 -30.23
CA PRO N 159 62.24 27.36 -30.20
C PRO N 159 61.90 25.88 -30.11
N CYS N 160 60.78 25.56 -29.46
CA CYS N 160 60.43 24.17 -29.17
C CYS N 160 60.32 23.33 -30.42
N HIS N 161 59.84 23.93 -31.50
CA HIS N 161 59.70 23.24 -32.78
C HIS N 161 59.81 24.19 -33.98
N GLY N 162 60.47 25.31 -33.79
CA GLY N 162 60.80 26.20 -34.90
C GLY N 162 59.68 27.05 -35.44
N SER N 163 58.60 27.21 -34.67
CA SER N 163 57.42 27.92 -35.15
C SER N 163 57.69 29.41 -35.41
N HIS N 164 57.06 29.96 -36.45
CA HIS N 164 57.22 31.37 -36.79
C HIS N 164 55.91 32.16 -36.72
N TYR N 165 55.80 33.02 -35.72
CA TYR N 165 54.67 33.95 -35.64
C TYR N 165 55.05 35.34 -36.14
N ASP N 166 54.08 36.03 -36.72
CA ASP N 166 54.29 37.40 -37.21
C ASP N 166 54.15 38.41 -36.08
N ALA N 167 54.40 39.68 -36.39
CA ALA N 167 54.34 40.74 -35.39
C ALA N 167 52.94 40.88 -34.79
N SER N 168 51.92 40.51 -35.57
CA SER N 168 50.55 40.51 -35.07
C SER N 168 50.25 39.21 -34.32
N GLY N 169 51.21 38.29 -34.34
CA GLY N 169 51.06 37.04 -33.62
C GLY N 169 50.37 35.92 -34.38
N ARG N 170 49.97 36.18 -35.62
CA ARG N 170 49.45 35.12 -36.49
C ARG N 170 50.55 34.14 -36.86
N ILE N 171 50.21 32.86 -36.87
CA ILE N 171 51.15 31.83 -37.27
C ILE N 171 51.32 31.84 -38.78
N ARG N 172 52.51 31.46 -39.24
CA ARG N 172 52.79 31.37 -40.68
C ARG N 172 53.61 30.12 -40.96
N LEU N 173 54.93 30.25 -40.84
CA LEU N 173 55.83 29.12 -40.97
C LEU N 173 55.79 28.25 -39.73
N GLY N 174 56.10 26.96 -39.90
CA GLY N 174 56.16 26.04 -38.78
C GLY N 174 54.90 25.23 -38.56
N PRO N 175 55.01 24.19 -37.72
CA PRO N 175 54.00 23.18 -37.39
C PRO N 175 52.71 23.73 -36.77
N ALA N 176 52.80 24.84 -36.04
CA ALA N 176 51.67 25.34 -35.25
C ALA N 176 50.46 25.68 -36.11
N PRO N 177 49.27 25.19 -35.71
CA PRO N 177 48.03 25.33 -36.48
C PRO N 177 47.43 26.74 -36.49
N LEU N 178 46.70 27.11 -35.44
CA LEU N 178 45.98 28.39 -35.43
C LEU N 178 46.75 29.52 -34.76
N ASN N 179 46.30 30.75 -35.01
CA ASN N 179 46.96 31.97 -34.56
C ASN N 179 46.95 32.15 -33.04
N LEU N 180 47.91 32.89 -32.51
CA LEU N 180 47.95 33.16 -31.08
C LEU N 180 46.66 33.85 -30.63
N GLU N 181 46.11 33.38 -29.52
CA GLU N 181 44.80 33.83 -29.06
C GLU N 181 44.82 35.27 -28.56
N VAL N 182 43.75 36.01 -28.85
CA VAL N 182 43.63 37.38 -28.39
C VAL N 182 42.73 37.49 -27.18
N PRO N 183 43.29 37.89 -26.03
CA PRO N 183 42.53 38.12 -24.80
C PRO N 183 41.52 39.23 -24.97
N THR N 184 40.37 39.11 -24.32
CA THR N 184 39.45 40.24 -24.22
C THR N 184 40.06 41.30 -23.31
N TYR N 185 39.93 42.57 -23.69
CA TYR N 185 40.47 43.66 -22.89
C TYR N 185 39.89 45.00 -23.28
N GLU N 186 40.11 46.01 -22.45
CA GLU N 186 39.69 47.36 -22.78
C GLU N 186 40.63 48.40 -22.20
N PHE N 187 40.90 49.44 -22.97
CA PHE N 187 41.55 50.64 -22.46
C PHE N 187 40.55 51.42 -21.60
N THR N 188 41.03 52.02 -20.53
CA THR N 188 40.19 52.88 -19.70
C THR N 188 40.79 54.27 -19.67
N SER N 189 41.48 54.60 -18.57
CA SER N 189 42.34 55.76 -18.55
C SER N 189 43.47 55.49 -19.53
N ASP N 190 43.93 56.53 -20.21
CA ASP N 190 44.86 56.36 -21.33
C ASP N 190 46.16 55.70 -20.92
N ASP N 191 46.54 55.85 -19.66
CA ASP N 191 47.76 55.23 -19.14
C ASP N 191 47.55 53.77 -18.71
N MET N 192 46.31 53.30 -18.71
CA MET N 192 46.00 51.98 -18.16
C MET N 192 45.18 51.11 -19.12
N VAL N 193 45.29 49.80 -18.94
CA VAL N 193 44.55 48.84 -19.77
C VAL N 193 44.06 47.62 -18.98
N ILE N 194 42.75 47.56 -18.74
CA ILE N 194 42.14 46.40 -18.10
C ILE N 194 42.13 45.20 -19.04
N VAL N 195 42.38 44.01 -18.49
CA VAL N 195 42.32 42.80 -19.27
C VAL N 195 41.53 41.72 -18.54
N GLY N 196 40.51 41.20 -19.20
CA GLY N 196 39.67 40.17 -18.62
C GLY N 196 38.55 40.73 -17.76
N ALA O 1 -24.71 49.94 6.04
CA ALA O 1 -25.19 49.99 4.67
C ALA O 1 -24.04 50.12 3.68
N ALA O 2 -23.25 51.19 3.84
CA ALA O 2 -22.10 51.43 2.98
C ALA O 2 -21.07 50.31 3.14
N ALA O 3 -20.46 49.91 2.03
CA ALA O 3 -19.49 48.82 2.04
C ALA O 3 -18.25 49.18 2.86
N THR O 4 -17.78 48.21 3.63
CA THR O 4 -16.55 48.36 4.41
C THR O 4 -15.37 48.34 3.43
N LEU O 5 -14.28 49.02 3.78
CA LEU O 5 -13.11 49.06 2.91
C LEU O 5 -12.54 47.66 2.71
N THR O 6 -12.68 46.80 3.71
CA THR O 6 -12.25 45.40 3.58
C THR O 6 -13.09 44.67 2.54
N SER O 7 -14.36 45.06 2.41
CA SER O 7 -15.26 44.41 1.46
C SER O 7 -14.97 44.86 0.03
N LYS O 8 -14.74 46.15 -0.14
CA LYS O 8 -14.36 46.68 -1.43
C LYS O 8 -13.01 46.10 -1.84
N LEU O 9 -12.17 45.86 -0.85
CA LEU O 9 -10.90 45.17 -1.07
C LEU O 9 -11.14 43.72 -1.42
N TYR O 10 -12.25 43.17 -0.93
CA TYR O 10 -12.57 41.76 -1.11
C TYR O 10 -13.11 41.43 -2.50
N SER O 11 -14.32 41.91 -2.78
CA SER O 11 -15.05 41.48 -3.97
C SER O 11 -14.32 41.87 -5.26
N LEU O 12 -13.59 42.97 -5.20
CA LEU O 12 -12.81 43.44 -6.34
C LEU O 12 -11.58 42.56 -6.58
N LEU O 13 -11.15 41.82 -5.55
CA LEU O 13 -9.89 41.09 -5.64
C LEU O 13 -9.95 39.66 -5.11
N PHE O 14 -10.24 39.52 -3.81
CA PHE O 14 -10.05 38.25 -3.13
C PHE O 14 -10.93 37.11 -3.63
N ARG O 15 -12.09 37.42 -4.19
CA ARG O 15 -13.04 36.37 -4.57
C ARG O 15 -12.46 35.44 -5.63
N ARG O 16 -11.63 35.98 -6.52
CA ARG O 16 -10.93 35.18 -7.50
C ARG O 16 -9.49 34.96 -7.07
N THR O 17 -9.11 33.70 -6.88
CA THR O 17 -7.82 33.37 -6.26
C THR O 17 -6.59 33.79 -7.08
N SER O 18 -6.74 33.85 -8.40
CA SER O 18 -5.62 34.27 -9.24
C SER O 18 -5.29 35.75 -9.04
N THR O 19 -6.33 36.58 -8.91
CA THR O 19 -6.14 37.98 -8.59
C THR O 19 -5.53 38.12 -7.21
N PHE O 20 -5.86 37.18 -6.35
CA PHE O 20 -5.33 37.16 -4.99
C PHE O 20 -3.83 36.88 -5.01
N ALA O 21 -3.41 35.92 -5.82
CA ALA O 21 -1.99 35.64 -5.97
C ALA O 21 -1.28 36.82 -6.61
N LEU O 22 -1.97 37.49 -7.52
CA LEU O 22 -1.39 38.62 -8.24
C LEU O 22 -1.13 39.78 -7.30
N THR O 23 -2.14 40.13 -6.50
CA THR O 23 -1.98 41.22 -5.54
C THR O 23 -0.97 40.82 -4.47
N ILE O 24 -0.86 39.53 -4.17
CA ILE O 24 0.18 39.08 -3.26
C ILE O 24 1.57 39.37 -3.82
N ILE O 25 1.81 38.99 -5.07
CA ILE O 25 3.13 39.21 -5.65
C ILE O 25 3.45 40.70 -5.83
N VAL O 26 2.46 41.51 -6.18
CA VAL O 26 2.71 42.96 -6.28
C VAL O 26 3.01 43.55 -4.91
N GLY O 27 2.32 43.01 -3.91
CA GLY O 27 2.51 43.47 -2.54
C GLY O 27 3.91 43.12 -2.08
N VAL O 28 4.41 41.96 -2.51
CA VAL O 28 5.79 41.60 -2.25
C VAL O 28 6.72 42.55 -3.00
N MET O 29 6.30 42.94 -4.20
CA MET O 29 7.06 43.82 -5.07
C MET O 29 7.32 45.18 -4.43
N PHE O 30 6.37 45.66 -3.64
CA PHE O 30 6.61 46.92 -2.93
C PHE O 30 7.25 46.70 -1.55
N PHE O 31 6.79 45.66 -0.88
CA PHE O 31 7.21 45.39 0.50
C PHE O 31 8.68 45.06 0.61
N GLU O 32 9.24 44.46 -0.44
CA GLU O 32 10.67 44.13 -0.42
C GLU O 32 11.50 45.40 -0.32
N ARG O 33 11.20 46.35 -1.19
CA ARG O 33 11.95 47.61 -1.25
C ARG O 33 11.71 48.44 0.00
N ALA O 34 10.47 48.46 0.45
CA ALA O 34 10.10 49.27 1.60
C ALA O 34 10.77 48.76 2.87
N PHE O 35 10.66 47.46 3.11
CA PHE O 35 11.28 46.84 4.27
C PHE O 35 12.79 46.96 4.19
N ASP O 36 13.32 46.91 2.97
CA ASP O 36 14.76 47.01 2.77
C ASP O 36 15.27 48.37 3.23
N GLN O 37 14.82 49.44 2.58
CA GLN O 37 15.33 50.76 2.91
C GLN O 37 14.97 51.16 4.33
N GLY O 38 13.84 50.65 4.82
CA GLY O 38 13.44 50.97 6.18
C GLY O 38 14.39 50.38 7.20
N ALA O 39 14.61 49.07 7.12
CA ALA O 39 15.47 48.40 8.08
C ALA O 39 16.91 48.88 7.96
N ASP O 40 17.34 49.19 6.74
CA ASP O 40 18.68 49.74 6.55
C ASP O 40 18.80 51.13 7.17
N ALA O 41 17.73 51.92 7.07
CA ALA O 41 17.73 53.25 7.68
C ALA O 41 17.81 53.13 9.20
N ILE O 42 17.16 52.10 9.74
CA ILE O 42 17.21 51.87 11.17
C ILE O 42 18.62 51.50 11.62
N TYR O 43 19.18 50.50 10.95
CA TYR O 43 20.50 49.99 11.33
C TYR O 43 21.55 51.06 11.16
N ASP O 44 21.37 51.92 10.16
CA ASP O 44 22.21 53.09 10.01
C ASP O 44 22.00 54.06 11.17
N HIS O 45 20.76 54.15 11.64
CA HIS O 45 20.44 55.10 12.71
C HIS O 45 21.09 54.70 14.04
N ILE O 46 21.19 53.40 14.32
CA ILE O 46 21.78 52.99 15.60
C ILE O 46 23.25 53.39 15.77
N ASN O 47 24.01 53.39 14.68
CA ASN O 47 25.46 53.57 14.80
C ASN O 47 26.06 54.54 13.81
N GLU O 48 25.59 55.79 13.82
CA GLU O 48 26.17 56.80 12.96
C GLU O 48 27.63 57.04 13.34
N GLY O 49 28.50 57.11 12.34
CA GLY O 49 29.91 57.37 12.56
C GLY O 49 30.74 56.10 12.68
N LYS O 50 30.09 54.98 13.00
CA LYS O 50 30.78 53.70 13.09
C LYS O 50 30.92 53.06 11.72
N LEU O 51 29.84 53.06 10.94
CA LEU O 51 29.86 52.47 9.61
C LEU O 51 30.75 53.26 8.67
N TRP O 52 31.55 52.56 7.88
CA TRP O 52 32.53 53.19 7.01
C TRP O 52 31.92 53.97 5.84
N LYS O 53 30.71 53.62 5.42
CA LYS O 53 30.12 54.26 4.25
C LYS O 53 29.91 55.75 4.47
N HIS O 54 29.72 56.15 5.72
CA HIS O 54 29.69 57.57 6.06
C HIS O 54 31.06 58.07 6.54
N ILE O 55 31.99 57.14 6.75
CA ILE O 55 33.36 57.50 7.14
C ILE O 55 34.18 57.81 5.88
N LYS O 56 33.59 57.54 4.72
CA LYS O 56 34.31 57.67 3.46
C LYS O 56 34.80 59.08 3.19
N HIS O 57 34.08 60.08 3.72
CA HIS O 57 34.36 61.47 3.41
C HIS O 57 35.75 61.95 3.86
N LYS O 58 36.29 61.35 4.92
CA LYS O 58 37.61 61.74 5.38
C LYS O 58 38.68 61.35 4.37
N TYR O 59 38.37 60.35 3.55
CA TYR O 59 39.28 59.94 2.48
C TYR O 59 38.54 59.26 1.33
N GLU O 60 38.15 60.07 0.34
CA GLU O 60 37.55 59.54 -0.88
C GLU O 60 37.68 60.54 -2.03
N ASN O 61 37.71 60.01 -3.24
CA ASN O 61 37.70 60.82 -4.47
C ASN O 61 38.81 61.88 -4.45
N LYS O 62 40.05 61.42 -4.40
CA LYS O 62 41.22 62.30 -4.34
C LYS O 62 41.16 63.21 -3.10
N GLU P 2 59.77 67.34 25.90
CA GLU P 2 58.70 67.93 25.13
C GLU P 2 57.68 66.87 24.68
N GLU P 3 57.97 66.22 23.56
CA GLU P 3 57.09 65.19 23.03
C GLU P 3 57.00 64.00 23.99
N GLU P 4 58.09 63.75 24.72
CA GLU P 4 58.08 62.73 25.76
C GLU P 4 57.42 63.29 27.01
N GLU P 5 57.65 64.57 27.26
CA GLU P 5 57.01 65.25 28.37
C GLU P 5 55.51 65.32 28.12
N GLU P 6 55.13 65.38 26.85
CA GLU P 6 53.73 65.28 26.47
C GLU P 6 53.16 63.90 26.76
N GLU P 7 54.02 62.89 26.68
CA GLU P 7 53.61 61.52 26.98
C GLU P 7 53.42 61.34 28.48
N GLU P 8 54.31 61.94 29.27
CA GLU P 8 54.16 61.94 30.72
C GLU P 8 52.92 62.74 31.11
N GLU P 9 52.64 63.80 30.35
CA GLU P 9 51.47 64.63 30.57
C GLU P 9 50.20 63.87 30.22
N LEU P 10 50.33 62.91 29.31
CA LEU P 10 49.21 62.06 28.93
C LEU P 10 48.77 61.24 30.12
N VAL P 11 49.75 60.88 30.96
CA VAL P 11 49.50 60.23 32.25
C VAL P 11 48.53 59.06 32.11
N ASP P 12 48.77 58.22 31.11
CA ASP P 12 47.89 57.13 30.67
C ASP P 12 46.69 56.81 31.56
N PRO P 13 45.47 56.99 31.03
CA PRO P 13 44.21 56.87 31.76
C PRO P 13 44.06 55.50 32.39
N LEU P 14 44.63 54.50 31.75
CA LEU P 14 44.76 53.16 32.33
C LEU P 14 45.22 53.24 33.77
N THR P 15 46.37 53.86 34.01
CA THR P 15 46.93 53.97 35.35
C THR P 15 46.10 54.86 36.28
N THR P 16 45.44 55.88 35.75
CA THR P 16 44.68 56.79 36.59
C THR P 16 43.47 56.07 37.17
N VAL P 17 42.72 55.40 36.29
CA VAL P 17 41.60 54.59 36.73
C VAL P 17 42.11 53.45 37.60
N ARG P 18 43.31 52.98 37.27
CA ARG P 18 43.93 51.89 38.00
C ARG P 18 44.16 52.27 39.45
N GLU P 19 44.48 53.55 39.67
CA GLU P 19 44.79 54.03 41.00
C GLU P 19 43.53 54.42 41.76
N GLN P 20 42.60 55.05 41.05
CA GLN P 20 41.33 55.43 41.66
C GLN P 20 40.58 54.20 42.13
N CYS P 21 40.71 53.11 41.38
CA CYS P 21 40.15 51.83 41.81
C CYS P 21 40.89 51.27 43.03
N GLU P 22 42.18 51.54 43.11
CA GLU P 22 42.96 51.11 44.27
C GLU P 22 42.57 51.88 45.51
N GLN P 23 42.02 53.09 45.32
CA GLN P 23 41.54 53.89 46.44
C GLN P 23 40.36 53.21 47.14
N LEU P 24 39.62 52.39 46.39
CA LEU P 24 38.47 51.69 46.95
C LEU P 24 38.88 50.53 47.86
N GLU P 25 38.02 50.24 48.82
CA GLU P 25 38.37 49.40 49.98
C GLU P 25 38.74 47.94 49.68
N LYS P 26 38.12 47.33 48.68
CA LYS P 26 38.34 45.91 48.41
C LYS P 26 39.76 45.69 47.93
N CYS P 27 40.22 46.58 47.06
CA CYS P 27 41.59 46.53 46.56
C CYS P 27 42.56 46.79 47.70
N VAL P 28 42.13 47.59 48.68
CA VAL P 28 42.97 47.94 49.80
C VAL P 28 43.18 46.73 50.72
N LYS P 29 42.09 46.09 51.11
CA LYS P 29 42.19 44.93 51.99
C LYS P 29 42.91 43.78 51.29
N ALA P 30 42.65 43.63 50.00
CA ALA P 30 43.36 42.60 49.23
C ALA P 30 44.85 42.92 49.16
N ARG P 31 45.16 44.22 49.12
CA ARG P 31 46.53 44.67 48.97
C ARG P 31 47.30 44.45 50.26
N GLU P 32 46.69 44.80 51.38
CA GLU P 32 47.34 44.59 52.68
C GLU P 32 47.47 43.10 52.98
N ARG P 33 46.51 42.30 52.50
CA ARG P 33 46.63 40.86 52.65
C ARG P 33 47.81 40.35 51.82
N LEU P 34 48.01 40.98 50.66
CA LEU P 34 49.11 40.61 49.78
C LEU P 34 50.45 40.96 50.43
N GLU P 35 50.52 42.15 51.01
CA GLU P 35 51.72 42.59 51.69
C GLU P 35 52.01 41.73 52.91
N LEU P 36 50.96 41.26 53.55
CA LEU P 36 51.10 40.38 54.70
C LEU P 36 51.70 39.06 54.26
N CYS P 37 51.22 38.54 53.14
CA CYS P 37 51.79 37.31 52.59
C CYS P 37 53.23 37.53 52.15
N ASP P 38 53.54 38.73 51.66
CA ASP P 38 54.92 39.06 51.33
C ASP P 38 55.79 39.06 52.56
N GLU P 39 55.23 39.48 53.69
CA GLU P 39 55.94 39.43 54.96
C GLU P 39 56.16 37.98 55.37
N ARG P 40 55.17 37.15 55.11
CA ARG P 40 55.29 35.72 55.41
C ARG P 40 56.34 35.02 54.57
N VAL P 41 56.50 35.48 53.33
CA VAL P 41 57.48 34.85 52.43
C VAL P 41 58.88 35.36 52.74
N SER P 42 59.00 36.66 52.93
CA SER P 42 60.31 37.27 53.21
C SER P 42 60.89 36.80 54.54
N SER P 43 60.02 36.50 55.50
CA SER P 43 60.48 36.07 56.82
C SER P 43 60.99 34.63 56.78
N ARG P 44 60.23 33.76 56.14
CA ARG P 44 60.61 32.36 56.01
C ARG P 44 61.79 32.20 55.07
N SER P 45 62.65 31.23 55.35
CA SER P 45 63.87 31.04 54.57
C SER P 45 63.74 30.02 53.44
N HIS P 46 62.76 29.12 53.53
CA HIS P 46 62.69 28.03 52.56
C HIS P 46 61.30 27.39 52.45
N THR P 47 60.26 28.21 52.41
CA THR P 47 58.92 27.69 52.14
C THR P 47 58.71 27.40 50.66
N GLU P 48 57.87 26.40 50.40
CA GLU P 48 57.41 26.10 49.04
C GLU P 48 56.26 27.03 48.68
N GLU P 49 55.70 27.68 49.71
CA GLU P 49 54.53 28.54 49.56
C GLU P 49 54.79 29.76 48.68
N ASP P 50 53.77 30.17 47.92
CA ASP P 50 53.84 31.38 47.12
C ASP P 50 52.57 32.21 47.32
N CYS P 51 52.68 33.51 47.10
CA CYS P 51 51.59 34.44 47.39
C CYS P 51 50.76 34.83 46.17
N THR P 52 50.89 34.07 45.09
CA THR P 52 50.22 34.41 43.84
C THR P 52 48.69 34.40 43.95
N GLU P 53 48.15 33.51 44.77
CA GLU P 53 46.71 33.39 44.90
C GLU P 53 46.11 34.67 45.48
N GLU P 54 46.83 35.28 46.41
CA GLU P 54 46.42 36.57 46.96
C GLU P 54 46.53 37.67 45.91
N LEU P 55 47.50 37.52 45.02
CA LEU P 55 47.64 38.48 43.93
C LEU P 55 46.44 38.42 43.01
N PHE P 56 45.91 37.21 42.81
CA PHE P 56 44.69 37.07 42.02
C PHE P 56 43.48 37.57 42.81
N ASP P 57 43.52 37.41 44.13
CA ASP P 57 42.44 37.91 44.98
C ASP P 57 42.38 39.43 44.88
N PHE P 58 43.56 40.05 44.84
CA PHE P 58 43.66 41.48 44.61
C PHE P 58 43.29 41.86 43.19
N LEU P 59 43.82 41.10 42.24
CA LEU P 59 43.69 41.44 40.83
C LEU P 59 42.28 41.34 40.29
N HIS P 60 41.58 40.28 40.67
CA HIS P 60 40.26 40.08 40.13
C HIS P 60 39.36 41.22 40.52
N ALA P 61 39.42 41.60 41.80
CA ALA P 61 38.60 42.70 42.29
C ALA P 61 38.99 44.03 41.68
N ARG P 62 40.29 44.26 41.56
CA ARG P 62 40.77 45.55 41.09
C ARG P 62 40.32 45.77 39.67
N ASP P 63 40.43 44.73 38.87
CA ASP P 63 40.04 44.79 37.47
C ASP P 63 38.55 45.00 37.27
N HIS P 64 37.75 44.35 38.10
CA HIS P 64 36.32 44.40 37.89
C HIS P 64 35.86 45.84 37.95
N CYS P 65 36.36 46.58 38.93
CA CYS P 65 36.11 48.02 38.99
C CYS P 65 36.76 48.78 37.84
N VAL P 66 37.99 48.42 37.50
CA VAL P 66 38.72 49.09 36.43
C VAL P 66 38.02 48.90 35.09
N ALA P 67 37.50 47.70 34.87
CA ALA P 67 36.86 47.37 33.61
C ALA P 67 35.66 48.25 33.40
N HIS P 68 34.96 48.53 34.49
CA HIS P 68 33.76 49.34 34.44
C HIS P 68 34.04 50.75 33.94
N LYS P 69 35.14 51.36 34.38
CA LYS P 69 35.40 52.75 34.02
C LYS P 69 36.45 53.07 32.97
N LEU P 70 37.27 52.10 32.55
CA LEU P 70 38.40 52.44 31.69
C LEU P 70 38.08 53.02 30.32
N PHE P 71 37.11 52.43 29.62
CA PHE P 71 36.75 52.88 28.28
C PHE P 71 36.09 54.24 28.26
N ASN P 72 35.66 54.71 29.44
CA ASN P 72 35.04 56.03 29.53
C ASN P 72 36.04 57.15 29.20
N ASN P 73 37.30 56.92 29.52
CA ASN P 73 38.35 57.91 29.26
C ASN P 73 38.87 57.81 27.83
N LEU P 74 38.94 56.59 27.31
CA LEU P 74 39.27 56.38 25.90
C LEU P 74 38.07 56.79 25.04
N LYS P 75 38.32 57.21 23.81
CA LYS P 75 37.22 57.64 22.95
C LYS P 75 36.37 56.44 22.54
N ALA Q 1 -4.39 -6.42 56.34
CA ALA Q 1 -5.29 -6.92 57.36
C ALA Q 1 -5.52 -5.87 58.45
N VAL Q 2 -4.93 -4.69 58.26
CA VAL Q 2 -5.06 -3.60 59.21
C VAL Q 2 -6.49 -3.05 59.26
N SER Q 3 -6.89 -2.57 60.42
CA SER Q 3 -8.26 -2.07 60.62
C SER Q 3 -8.35 -0.57 60.34
N ALA Q 4 -8.14 0.23 61.37
CA ALA Q 4 -8.21 1.69 61.23
C ALA Q 4 -7.13 2.19 60.27
N SER Q 5 -6.00 1.49 60.25
CA SER Q 5 -4.94 1.80 59.30
C SER Q 5 -5.41 1.50 57.88
N GLY Q 6 -6.39 0.60 57.77
CA GLY Q 6 -7.02 0.32 56.50
C GLY Q 6 -7.92 1.47 56.06
N LYS Q 7 -8.54 2.12 57.04
CA LYS Q 7 -9.28 3.34 56.76
C LYS Q 7 -8.31 4.44 56.34
N TRP Q 8 -7.11 4.39 56.92
CA TRP Q 8 -6.04 5.29 56.50
C TRP Q 8 -5.64 4.98 55.06
N LEU Q 9 -5.70 3.70 54.70
CA LEU Q 9 -5.44 3.30 53.33
C LEU Q 9 -6.53 3.81 52.40
N ASP Q 10 -7.76 3.86 52.89
CA ASP Q 10 -8.86 4.42 52.12
C ASP Q 10 -8.63 5.90 51.91
N GLY Q 11 -8.02 6.53 52.92
CA GLY Q 11 -7.75 7.95 52.84
C GLY Q 11 -6.66 8.26 51.83
N ILE Q 12 -5.55 7.54 51.89
CA ILE Q 12 -4.47 7.76 50.94
C ILE Q 12 -4.88 7.35 49.52
N ARG Q 13 -5.71 6.32 49.38
CA ARG Q 13 -6.24 5.98 48.08
C ARG Q 13 -7.16 7.05 47.55
N LYS Q 14 -7.89 7.71 48.44
CA LYS Q 14 -8.76 8.78 48.02
C LYS Q 14 -7.95 9.98 47.56
N TRP Q 15 -6.90 10.29 48.30
CA TRP Q 15 -6.04 11.40 47.96
C TRP Q 15 -5.31 11.16 46.65
N TYR Q 16 -4.80 9.95 46.47
CA TYR Q 16 -4.15 9.62 45.22
C TYR Q 16 -5.14 9.61 44.08
N TYR Q 17 -6.38 9.24 44.39
CA TYR Q 17 -7.45 9.24 43.41
C TYR Q 17 -7.73 10.65 42.93
N ASN Q 18 -7.62 11.61 43.84
CA ASN Q 18 -7.79 13.02 43.47
C ASN Q 18 -6.52 13.60 42.86
N ALA Q 19 -5.41 12.89 43.06
CA ALA Q 19 -4.14 13.29 42.47
C ALA Q 19 -4.13 12.97 40.98
N ALA Q 20 -4.75 11.85 40.62
CA ALA Q 20 -4.93 11.52 39.22
C ALA Q 20 -5.91 12.49 38.58
N GLY Q 21 -5.61 12.91 37.36
CA GLY Q 21 -6.34 13.99 36.74
C GLY Q 21 -7.62 13.64 35.99
N PHE Q 22 -7.95 12.37 35.89
CA PHE Q 22 -9.09 11.98 35.06
C PHE Q 22 -10.42 12.46 35.63
N ASN Q 23 -10.46 12.72 36.93
CA ASN Q 23 -11.65 13.30 37.54
C ASN Q 23 -11.94 14.67 36.96
N LYS Q 24 -10.88 15.36 36.54
CA LYS Q 24 -11.01 16.68 35.96
C LYS Q 24 -11.67 16.58 34.59
N LEU Q 25 -11.66 15.39 34.01
CA LEU Q 25 -12.21 15.19 32.67
C LEU Q 25 -13.48 14.34 32.66
N GLY Q 26 -13.95 13.97 33.83
CA GLY Q 26 -15.20 13.24 33.96
C GLY Q 26 -15.09 11.73 33.75
N LEU Q 27 -13.88 11.26 33.51
CA LEU Q 27 -13.68 9.85 33.20
C LEU Q 27 -13.90 8.93 34.40
N MET Q 28 -14.52 7.78 34.15
CA MET Q 28 -14.54 6.68 35.11
C MET Q 28 -13.17 6.05 35.12
N ARG Q 29 -12.87 5.33 36.19
CA ARG Q 29 -11.56 4.72 36.33
C ARG Q 29 -11.21 3.81 35.16
N ASP Q 30 -12.20 3.04 34.71
CA ASP Q 30 -11.96 2.01 33.72
C ASP Q 30 -11.72 2.56 32.32
N ASP Q 31 -12.08 3.81 32.09
CA ASP Q 31 -11.81 4.41 30.79
C ASP Q 31 -10.32 4.58 30.56
N THR Q 32 -9.59 4.80 31.64
CA THR Q 32 -8.18 5.15 31.57
C THR Q 32 -7.26 3.96 31.29
N ILE Q 33 -7.76 2.76 31.54
CA ILE Q 33 -6.92 1.56 31.44
C ILE Q 33 -6.40 1.38 30.02
N TYR Q 34 -5.13 0.98 29.90
CA TYR Q 34 -4.53 0.74 28.60
C TYR Q 34 -5.25 -0.39 27.87
N GLU Q 35 -5.49 -0.20 26.58
CA GLU Q 35 -6.29 -1.15 25.82
C GLU Q 35 -5.45 -2.13 25.01
N ASP Q 36 -4.90 -3.13 25.69
CA ASP Q 36 -4.29 -4.26 25.00
C ASP Q 36 -5.40 -5.23 24.61
N GLU Q 37 -5.03 -6.29 23.90
CA GLU Q 37 -6.02 -7.18 23.27
C GLU Q 37 -6.98 -7.80 24.27
N ASP Q 38 -6.50 -8.03 25.49
CA ASP Q 38 -7.36 -8.57 26.54
C ASP Q 38 -8.43 -7.55 26.91
N VAL Q 39 -8.00 -6.31 27.09
CA VAL Q 39 -8.93 -5.21 27.34
C VAL Q 39 -9.81 -4.98 26.13
N LYS Q 40 -9.28 -5.25 24.93
CA LYS Q 40 -10.06 -5.07 23.72
C LYS Q 40 -11.25 -6.01 23.72
N GLU Q 41 -10.98 -7.29 23.97
CA GLU Q 41 -12.04 -8.27 24.04
C GLU Q 41 -12.95 -7.98 25.23
N ALA Q 42 -12.39 -7.41 26.29
CA ALA Q 42 -13.19 -7.05 27.46
C ALA Q 42 -14.21 -5.96 27.12
N ILE Q 43 -13.81 -5.02 26.27
CA ILE Q 43 -14.68 -3.94 25.83
C ILE Q 43 -15.71 -4.46 24.82
N ARG Q 44 -15.31 -5.46 24.05
CA ARG Q 44 -16.20 -6.04 23.06
C ARG Q 44 -17.42 -6.68 23.72
N ARG Q 45 -17.25 -7.16 24.94
CA ARG Q 45 -18.29 -7.89 25.65
C ARG Q 45 -19.24 -6.99 26.42
N LEU Q 46 -18.99 -5.69 26.41
CA LEU Q 46 -19.79 -4.73 27.16
C LEU Q 46 -21.21 -4.60 26.61
N PRO Q 47 -22.19 -4.41 27.50
CA PRO Q 47 -23.57 -4.11 27.10
C PRO Q 47 -23.63 -2.78 26.37
N GLU Q 48 -24.55 -2.67 25.41
CA GLU Q 48 -24.55 -1.57 24.46
C GLU Q 48 -24.66 -0.18 25.09
N ASN Q 49 -25.57 -0.01 26.05
CA ASN Q 49 -25.72 1.29 26.68
C ASN Q 49 -24.48 1.72 27.48
N LEU Q 50 -23.84 0.73 28.09
CA LEU Q 50 -22.64 0.97 28.86
C LEU Q 50 -21.47 1.31 27.95
N TYR Q 51 -21.39 0.59 26.84
CA TYR Q 51 -20.36 0.84 25.84
C TYR Q 51 -20.53 2.23 25.24
N ASN Q 52 -21.79 2.63 25.08
CA ASN Q 52 -22.08 3.96 24.56
C ASN Q 52 -21.69 5.04 25.55
N ASP Q 53 -21.96 4.79 26.83
CA ASP Q 53 -21.59 5.74 27.87
C ASP Q 53 -20.07 5.91 27.90
N ARG Q 54 -19.38 4.79 27.70
CA ARG Q 54 -17.93 4.79 27.72
C ARG Q 54 -17.37 5.58 26.55
N MET Q 55 -17.87 5.30 25.35
CA MET Q 55 -17.38 6.00 24.17
C MET Q 55 -17.67 7.50 24.23
N PHE Q 56 -18.84 7.86 24.75
CA PHE Q 56 -19.15 9.28 24.86
C PHE Q 56 -18.28 9.99 25.88
N ARG Q 57 -18.07 9.36 27.04
CA ARG Q 57 -17.22 9.99 28.04
C ARG Q 57 -15.79 10.12 27.54
N ILE Q 58 -15.35 9.16 26.73
CA ILE Q 58 -14.04 9.26 26.12
C ILE Q 58 -13.99 10.44 25.14
N LYS Q 59 -15.04 10.63 24.35
CA LYS Q 59 -15.06 11.81 23.48
C LYS Q 59 -15.09 13.12 24.24
N ARG Q 60 -15.79 13.14 25.36
CA ARG Q 60 -15.87 14.34 26.15
C ARG Q 60 -14.50 14.66 26.72
N ALA Q 61 -13.76 13.61 27.07
CA ALA Q 61 -12.41 13.80 27.60
C ALA Q 61 -11.47 14.32 26.54
N LEU Q 62 -11.52 13.72 25.36
CA LEU Q 62 -10.65 14.14 24.26
C LEU Q 62 -11.00 15.57 23.82
N ASP Q 63 -12.27 15.91 23.88
CA ASP Q 63 -12.72 17.22 23.46
C ASP Q 63 -12.29 18.27 24.46
N LEU Q 64 -12.35 17.94 25.74
CA LEU Q 64 -11.82 18.86 26.75
C LEU Q 64 -10.32 19.02 26.61
N ASN Q 65 -9.65 17.95 26.21
CA ASN Q 65 -8.21 18.00 26.02
C ASN Q 65 -7.86 18.86 24.81
N LEU Q 66 -8.77 18.92 23.84
CA LEU Q 66 -8.58 19.76 22.65
C LEU Q 66 -8.34 21.22 22.96
N LYS Q 67 -9.20 21.75 23.81
CA LYS Q 67 -9.22 23.17 24.11
C LYS Q 67 -8.52 23.43 25.43
N HIS Q 68 -7.86 22.41 25.94
CA HIS Q 68 -7.08 22.47 27.17
C HIS Q 68 -7.89 22.98 28.34
N GLN Q 69 -9.18 22.70 28.34
CA GLN Q 69 -10.03 23.14 29.44
C GLN Q 69 -10.22 22.05 30.48
N ILE Q 70 -11.22 22.26 31.31
CA ILE Q 70 -11.47 21.41 32.45
C ILE Q 70 -12.97 21.32 32.69
N LEU Q 71 -13.43 20.15 33.11
CA LEU Q 71 -14.84 19.96 33.41
C LEU Q 71 -15.15 20.78 34.66
N PRO Q 72 -16.35 21.38 34.71
CA PRO Q 72 -16.74 22.19 35.87
C PRO Q 72 -16.77 21.40 37.17
N LYS Q 73 -16.39 22.06 38.26
CA LYS Q 73 -16.11 21.41 39.54
C LYS Q 73 -17.29 20.62 40.09
N GLU Q 74 -18.51 21.09 39.81
CA GLU Q 74 -19.70 20.38 40.22
C GLU Q 74 -19.81 19.03 39.50
N GLN Q 75 -19.31 18.98 38.28
CA GLN Q 75 -19.48 17.81 37.43
C GLN Q 75 -18.37 16.78 37.54
N TRP Q 76 -17.35 17.06 38.36
CA TRP Q 76 -16.22 16.13 38.49
C TRP Q 76 -16.66 14.79 39.06
N THR Q 77 -16.04 13.73 38.58
CA THR Q 77 -16.29 12.40 39.11
C THR Q 77 -15.84 12.33 40.57
N LYS Q 78 -16.66 11.71 41.41
CA LYS Q 78 -16.34 11.56 42.82
C LYS Q 78 -15.82 10.16 43.13
N TYR Q 79 -15.01 10.04 44.18
CA TYR Q 79 -14.38 8.77 44.51
C TYR Q 79 -15.38 7.68 44.87
N GLU Q 80 -16.49 8.06 45.48
CA GLU Q 80 -17.53 7.10 45.81
C GLU Q 80 -18.52 6.95 44.67
N GLU Q 81 -18.49 7.90 43.74
CA GLU Q 81 -19.40 7.92 42.59
C GLU Q 81 -19.15 6.78 41.61
N GLU Q 82 -17.90 6.35 41.49
CA GLU Q 82 -17.53 5.41 40.42
C GLU Q 82 -18.15 4.03 40.52
N ASN Q 83 -18.52 3.50 39.35
CA ASN Q 83 -18.90 2.10 39.22
C ASN Q 83 -17.83 1.37 38.41
N PHE Q 84 -17.25 0.34 39.01
CA PHE Q 84 -16.16 -0.40 38.37
C PHE Q 84 -16.71 -1.42 37.39
N TYR Q 85 -17.32 -0.93 36.31
CA TYR Q 85 -18.05 -1.77 35.37
C TYR Q 85 -17.23 -2.80 34.60
N LEU Q 86 -15.99 -2.47 34.24
CA LEU Q 86 -15.22 -3.32 33.34
C LEU Q 86 -14.53 -4.49 34.03
N GLU Q 87 -14.42 -4.43 35.35
CA GLU Q 87 -13.65 -5.45 36.09
C GLU Q 87 -14.13 -6.89 35.89
N PRO Q 88 -15.44 -7.18 36.08
CA PRO Q 88 -15.83 -8.59 35.95
C PRO Q 88 -15.50 -9.20 34.60
N TYR Q 89 -15.65 -8.40 33.54
CA TYR Q 89 -15.47 -8.88 32.20
C TYR Q 89 -14.00 -9.11 31.91
N LEU Q 90 -13.18 -8.15 32.32
CA LEU Q 90 -11.76 -8.23 32.11
C LEU Q 90 -11.16 -9.39 32.91
N LYS Q 91 -11.72 -9.64 34.09
CA LYS Q 91 -11.30 -10.78 34.89
C LYS Q 91 -11.70 -12.09 34.24
N GLU Q 92 -12.86 -12.11 33.60
CA GLU Q 92 -13.26 -13.32 32.90
C GLU Q 92 -12.32 -13.60 31.73
N VAL Q 93 -11.99 -12.55 30.99
CA VAL Q 93 -11.12 -12.70 29.83
C VAL Q 93 -9.72 -13.15 30.23
N ILE Q 94 -9.17 -12.48 31.24
CA ILE Q 94 -7.84 -12.82 31.71
C ILE Q 94 -7.79 -14.23 32.28
N ARG Q 95 -8.83 -14.61 33.01
CA ARG Q 95 -8.88 -15.96 33.56
C ARG Q 95 -8.97 -17.00 32.46
N GLU Q 96 -9.67 -16.67 31.39
CA GLU Q 96 -9.75 -17.57 30.24
C GLU Q 96 -8.39 -17.70 29.56
N ARG Q 97 -7.64 -16.61 29.52
CA ARG Q 97 -6.31 -16.66 28.90
C ARG Q 97 -5.38 -17.51 29.75
N LYS Q 98 -5.47 -17.34 31.08
CA LYS Q 98 -4.65 -18.12 31.99
C LYS Q 98 -5.00 -19.61 31.90
N GLU Q 99 -6.27 -19.89 31.66
CA GLU Q 99 -6.71 -21.26 31.52
C GLU Q 99 -6.14 -21.88 30.24
N ARG Q 100 -6.25 -21.13 29.14
CA ARG Q 100 -5.73 -21.61 27.87
C ARG Q 100 -4.22 -21.79 27.92
N GLU Q 101 -3.54 -20.94 28.68
CA GLU Q 101 -2.09 -21.02 28.80
C GLU Q 101 -1.67 -22.22 29.65
N GLU Q 102 -2.35 -22.40 30.78
CA GLU Q 102 -2.04 -23.53 31.65
C GLU Q 102 -2.33 -24.85 30.96
N TRP Q 103 -3.35 -24.88 30.13
CA TRP Q 103 -3.58 -26.04 29.28
C TRP Q 103 -2.49 -26.18 28.24
N ALA Q 104 -2.01 -25.05 27.74
CA ALA Q 104 -1.05 -25.04 26.63
C ALA Q 104 0.35 -25.42 27.05
N LYS Q 105 0.68 -25.30 28.34
CA LYS Q 105 2.03 -25.64 28.79
C LYS Q 105 2.14 -27.12 29.14
N LYS Q 106 1.01 -27.83 29.12
CA LYS Q 106 0.98 -29.22 29.54
C LYS Q 106 1.01 -30.17 28.34
N VAL R 1 -8.14 14.51 -30.11
CA VAL R 1 -7.59 15.65 -30.84
C VAL R 1 -8.66 16.34 -31.67
N THR R 2 -9.20 15.63 -32.65
CA THR R 2 -10.23 16.16 -33.52
C THR R 2 -11.50 16.48 -32.75
N ARG R 3 -11.78 15.68 -31.72
CA ARG R 3 -13.00 15.82 -30.94
C ARG R 3 -13.05 17.13 -30.15
N PHE R 4 -11.88 17.66 -29.80
CA PHE R 4 -11.82 18.86 -28.98
C PHE R 4 -12.35 20.09 -29.69
N LEU R 5 -12.35 20.07 -31.02
CA LEU R 5 -13.01 21.11 -31.78
C LEU R 5 -14.51 21.01 -31.50
N GLY R 6 -15.17 22.16 -31.40
CA GLY R 6 -16.60 22.17 -31.11
C GLY R 6 -17.02 23.47 -30.46
N PRO R 7 -18.23 23.95 -30.80
CA PRO R 7 -18.70 25.25 -30.33
C PRO R 7 -18.73 25.42 -28.82
N ARG R 8 -19.07 24.37 -28.08
CA ARG R 8 -19.06 24.47 -26.63
C ARG R 8 -17.64 24.54 -26.10
N TYR R 9 -16.70 23.92 -26.80
CA TYR R 9 -15.30 24.05 -26.42
C TYR R 9 -14.83 25.48 -26.66
N ARG R 10 -15.37 26.13 -27.68
CA ARG R 10 -15.06 27.52 -27.92
C ARG R 10 -15.63 28.39 -26.81
N GLU R 11 -16.86 28.08 -26.40
CA GLU R 11 -17.49 28.82 -25.32
C GLU R 11 -16.73 28.65 -24.02
N LEU R 12 -16.18 27.45 -23.84
CA LEU R 12 -15.50 27.10 -22.61
C LEU R 12 -14.14 27.80 -22.55
N VAL R 13 -13.42 27.76 -23.66
CA VAL R 13 -12.13 28.42 -23.73
C VAL R 13 -12.33 29.92 -23.54
N LYS R 14 -13.39 30.47 -24.11
CA LYS R 14 -13.70 31.88 -23.89
C LYS R 14 -14.03 32.15 -22.44
N ASN R 15 -14.66 31.20 -21.76
CA ASN R 15 -14.89 31.33 -20.32
C ASN R 15 -13.62 31.29 -19.48
N TRP R 16 -12.60 30.59 -19.95
CA TRP R 16 -11.38 30.42 -19.16
C TRP R 16 -10.17 31.28 -19.55
N VAL R 17 -10.28 32.04 -20.63
CA VAL R 17 -9.19 32.93 -21.05
C VAL R 17 -8.77 34.00 -20.00
N PRO R 18 -9.74 34.73 -19.40
CA PRO R 18 -9.29 35.75 -18.43
C PRO R 18 -8.47 35.18 -17.28
N THR R 19 -8.79 33.97 -16.85
CA THR R 19 -8.03 33.30 -15.82
C THR R 19 -6.59 33.08 -16.30
N ALA R 20 -6.45 32.80 -17.58
CA ALA R 20 -5.13 32.66 -18.19
C ALA R 20 -4.38 34.00 -18.25
N TYR R 21 -5.10 35.10 -18.46
CA TYR R 21 -4.46 36.41 -18.35
C TYR R 21 -3.95 36.64 -16.93
N THR R 22 -4.73 36.22 -15.95
CA THR R 22 -4.38 36.46 -14.58
C THR R 22 -3.16 35.65 -14.18
N TRP R 23 -3.20 34.34 -14.41
CA TRP R 23 -2.06 33.51 -14.07
C TRP R 23 -0.83 33.84 -14.90
N GLY R 24 -1.04 34.30 -16.13
CA GLY R 24 0.07 34.71 -16.96
C GLY R 24 0.74 35.94 -16.39
N ALA R 25 -0.08 36.87 -15.89
CA ALA R 25 0.45 38.06 -15.24
C ALA R 25 1.17 37.70 -13.95
N VAL R 26 0.66 36.67 -13.27
CA VAL R 26 1.25 36.20 -12.03
C VAL R 26 2.64 35.63 -12.27
N GLY R 27 2.74 34.78 -13.28
CA GLY R 27 4.02 34.17 -13.62
C GLY R 27 5.00 35.16 -14.17
N ALA R 28 4.51 36.12 -14.95
CA ALA R 28 5.40 37.11 -15.55
C ALA R 28 5.97 38.07 -14.52
N VAL R 29 5.09 38.68 -13.72
CA VAL R 29 5.54 39.61 -12.69
C VAL R 29 6.38 38.88 -11.64
N GLY R 30 6.01 37.64 -11.36
CA GLY R 30 6.73 36.86 -10.38
C GLY R 30 8.12 36.50 -10.88
N LEU R 31 8.22 36.18 -12.16
CA LEU R 31 9.52 35.86 -12.73
C LEU R 31 10.46 37.06 -12.71
N VAL R 32 9.93 38.23 -13.06
CA VAL R 32 10.73 39.44 -13.08
C VAL R 32 11.21 39.82 -11.69
N TRP R 33 10.33 39.73 -10.72
CA TRP R 33 10.67 40.07 -9.34
C TRP R 33 11.72 39.14 -8.74
N ALA R 34 11.58 37.85 -9.00
CA ALA R 34 12.52 36.87 -8.45
C ALA R 34 13.93 37.06 -8.95
N THR R 35 14.09 37.31 -10.24
CA THR R 35 15.42 37.50 -10.80
C THR R 35 15.89 38.94 -10.77
N ASP R 36 15.01 39.84 -10.32
CA ASP R 36 15.32 41.27 -10.24
C ASP R 36 15.84 41.79 -11.56
N TRP R 37 15.15 41.48 -12.64
CA TRP R 37 15.59 41.91 -13.95
C TRP R 37 15.69 43.43 -13.98
N ARG R 38 16.85 43.92 -14.38
CA ARG R 38 17.09 45.36 -14.45
C ARG R 38 16.27 46.07 -15.52
N LEU R 39 16.16 45.45 -16.69
CA LEU R 39 15.45 46.04 -17.80
C LEU R 39 13.96 46.25 -17.54
N ILE R 40 13.31 45.28 -16.92
CA ILE R 40 11.88 45.45 -16.74
C ILE R 40 11.53 46.26 -15.48
N LEU R 41 12.28 46.01 -14.41
CA LEU R 41 12.05 46.65 -13.12
C LEU R 41 12.23 48.16 -13.03
N ASP R 42 13.21 48.70 -13.75
CA ASP R 42 13.47 50.13 -13.69
C ASP R 42 12.27 50.96 -14.12
N TRP R 43 11.58 50.48 -15.15
CA TRP R 43 10.43 51.21 -15.66
C TRP R 43 9.41 51.54 -14.57
N VAL R 44 9.46 50.79 -13.48
CA VAL R 44 8.49 50.95 -12.39
C VAL R 44 8.69 52.26 -11.63
N PRO R 45 7.59 52.83 -11.10
CA PRO R 45 7.61 54.11 -10.38
C PRO R 45 8.51 54.15 -9.14
N TYR R 46 8.67 53.04 -8.43
CA TYR R 46 9.30 53.12 -7.12
C TYR R 46 10.43 52.10 -6.87
N ILE R 47 10.35 50.93 -7.50
CA ILE R 47 11.32 49.88 -7.21
C ILE R 47 12.66 50.18 -7.90
N ASN R 48 13.58 50.76 -7.14
CA ASN R 48 14.90 51.10 -7.65
C ASN R 48 16.01 50.67 -6.70
N GLY R 49 15.92 49.43 -6.21
CA GLY R 49 16.95 48.88 -5.34
C GLY R 49 18.25 48.68 -6.08
N LYS R 50 18.14 48.35 -7.36
CA LYS R 50 19.31 48.25 -8.22
C LYS R 50 19.88 49.61 -8.53
N PHE R 51 21.21 49.70 -8.65
CA PHE R 51 21.87 50.96 -8.97
C PHE R 51 22.57 50.86 -10.33
N SER S 1 49.66 24.96 38.44
CA SER S 1 48.71 24.34 39.35
C SER S 1 47.46 25.19 39.50
N ASP S 2 47.62 26.35 40.13
CA ASP S 2 46.50 27.28 40.28
C ASP S 2 46.05 27.78 38.91
N LEU S 3 44.75 27.89 38.73
CA LEU S 3 44.20 28.31 37.44
C LEU S 3 44.47 29.79 37.19
N GLU S 4 44.58 30.14 35.91
CA GLU S 4 44.84 31.51 35.49
C GLU S 4 43.69 32.43 35.86
N LEU S 5 44.00 33.69 36.11
CA LEU S 5 43.00 34.68 36.50
C LEU S 5 41.98 34.88 35.39
N HIS S 6 40.71 34.91 35.77
CA HIS S 6 39.63 35.12 34.82
C HIS S 6 39.54 36.58 34.39
N PRO S 7 39.59 36.83 33.07
CA PRO S 7 39.51 38.21 32.58
C PRO S 7 38.17 38.88 32.92
N PRO S 8 38.21 40.18 33.28
CA PRO S 8 37.06 41.04 33.49
C PRO S 8 36.26 41.29 32.22
N SER S 9 34.95 41.40 32.31
CA SER S 9 34.15 41.85 31.17
C SER S 9 34.38 43.34 30.93
N TYR S 10 34.33 43.76 29.68
CA TYR S 10 34.50 45.17 29.33
C TYR S 10 33.35 45.68 28.47
N PRO S 11 33.05 46.98 28.57
CA PRO S 11 31.99 47.61 27.77
C PRO S 11 32.46 47.90 26.35
N TRP S 12 32.72 46.85 25.57
CA TRP S 12 33.14 47.02 24.20
C TRP S 12 32.03 47.67 23.37
N SER S 13 32.42 48.51 22.42
CA SER S 13 31.48 49.30 21.65
C SER S 13 30.52 48.44 20.82
N HIS S 14 30.99 47.27 20.40
CA HIS S 14 30.23 46.39 19.52
C HIS S 14 29.57 45.23 20.24
N ARG S 15 29.64 45.22 21.56
CA ARG S 15 29.09 44.12 22.34
C ARG S 15 27.57 44.04 22.25
N GLY S 16 26.94 45.16 21.93
CA GLY S 16 25.48 45.22 21.87
C GLY S 16 24.92 44.44 20.70
N LEU S 17 23.63 44.10 20.78
CA LEU S 17 22.99 43.26 19.76
C LEU S 17 22.94 43.92 18.39
N LEU S 18 22.86 45.25 18.36
CA LEU S 18 22.78 45.97 17.10
C LEU S 18 24.02 46.83 16.89
N SER S 19 24.91 46.80 17.87
CA SER S 19 26.15 47.57 17.83
C SER S 19 27.08 47.00 16.77
N SER S 20 27.95 47.85 16.24
CA SER S 20 28.89 47.44 15.21
C SER S 20 30.27 48.01 15.45
N LEU S 21 31.27 47.39 14.83
CA LEU S 21 32.65 47.82 14.98
C LEU S 21 32.86 49.23 14.45
N ASP S 22 33.64 50.04 15.15
CA ASP S 22 34.03 51.34 14.64
C ASP S 22 35.27 51.20 13.76
N HIS S 23 35.11 51.52 12.49
CA HIS S 23 36.11 51.20 11.48
C HIS S 23 37.40 51.99 11.64
N THR S 24 37.34 53.13 12.29
CA THR S 24 38.54 53.92 12.55
C THR S 24 39.48 53.20 13.49
N SER S 25 38.92 52.53 14.49
CA SER S 25 39.71 51.75 15.43
C SER S 25 40.33 50.55 14.71
N ILE S 26 39.63 50.02 13.72
CA ILE S 26 40.16 48.95 12.90
C ILE S 26 41.32 49.46 12.06
N ARG S 27 41.20 50.71 11.62
CA ARG S 27 42.24 51.33 10.80
C ARG S 27 43.51 51.51 11.60
N ARG S 28 43.37 52.18 12.75
CA ARG S 28 44.49 52.49 13.60
C ARG S 28 45.10 51.22 14.19
N GLY S 29 44.25 50.23 14.42
CA GLY S 29 44.70 48.96 14.96
C GLY S 29 45.50 48.20 13.92
N PHE S 30 45.07 48.28 12.67
CA PHE S 30 45.86 47.72 11.58
C PHE S 30 47.19 48.45 11.44
N GLN S 31 47.17 49.75 11.70
CA GLN S 31 48.39 50.54 11.63
C GLN S 31 49.34 50.09 12.72
N VAL S 32 48.79 49.64 13.85
CA VAL S 32 49.63 49.04 14.87
C VAL S 32 50.14 47.68 14.41
N TYR S 33 49.29 46.94 13.71
CA TYR S 33 49.64 45.60 13.26
C TYR S 33 50.79 45.59 12.25
N LYS S 34 50.90 46.64 11.44
CA LYS S 34 51.79 46.59 10.28
C LYS S 34 53.27 46.42 10.63
N GLN S 35 53.68 46.86 11.81
CA GLN S 35 55.07 46.69 12.21
C GLN S 35 55.26 46.20 13.65
N VAL S 36 54.47 46.72 14.58
CA VAL S 36 54.58 46.30 15.97
C VAL S 36 54.21 44.82 16.13
N CYS S 37 53.28 44.37 15.29
CA CYS S 37 52.80 42.99 15.37
C CYS S 37 53.44 42.10 14.33
N ALA S 38 53.62 42.65 13.14
CA ALA S 38 53.94 41.85 11.96
C ALA S 38 55.41 41.47 11.89
N SER S 39 56.19 41.99 12.82
CA SER S 39 57.61 41.68 12.88
C SER S 39 57.84 40.19 13.15
N CYS S 40 56.88 39.54 13.77
CA CYS S 40 56.97 38.10 14.04
C CYS S 40 55.65 37.35 13.86
N HIS S 41 54.56 37.99 14.24
CA HIS S 41 53.23 37.40 14.05
C HIS S 41 52.74 37.49 12.62
N SER S 42 51.87 36.55 12.26
CA SER S 42 51.39 36.44 10.89
C SER S 42 49.87 36.39 10.84
N MET S 43 49.32 36.72 9.68
CA MET S 43 47.92 36.47 9.37
C MET S 43 47.82 35.78 8.03
N ASP S 44 47.75 34.46 8.05
CA ASP S 44 47.77 33.66 6.85
C ASP S 44 46.55 33.85 5.97
N PHE S 45 45.43 34.23 6.60
CA PHE S 45 44.15 34.16 5.91
C PHE S 45 43.56 35.52 5.55
N VAL S 46 44.32 36.59 5.79
CA VAL S 46 43.81 37.92 5.48
C VAL S 46 44.67 38.53 4.35
N ALA S 47 44.00 39.20 3.42
CA ALA S 47 44.66 39.73 2.23
C ALA S 47 44.60 41.25 2.18
N TYR S 48 45.26 41.83 1.18
CA TYR S 48 45.21 43.28 0.99
C TYR S 48 43.92 43.69 0.29
N ARG S 49 43.16 42.70 -0.16
CA ARG S 49 41.74 42.94 -0.41
C ARG S 49 41.06 42.95 0.96
N HIS S 50 39.83 42.48 1.06
CA HIS S 50 39.10 42.52 2.34
C HIS S 50 38.95 43.93 2.89
N LEU S 51 40.08 44.61 3.08
CA LEU S 51 40.14 45.96 3.63
C LEU S 51 39.43 46.97 2.73
N VAL S 52 39.30 46.63 1.46
CA VAL S 52 38.77 47.56 0.46
C VAL S 52 37.35 48.00 0.80
N GLY S 53 36.57 47.10 1.42
CA GLY S 53 35.22 47.44 1.80
C GLY S 53 35.02 47.89 3.24
N VAL S 54 36.01 47.65 4.09
CA VAL S 54 35.83 47.92 5.51
C VAL S 54 36.46 49.26 5.94
N CYS S 55 37.52 49.67 5.25
CA CYS S 55 38.23 50.89 5.63
C CYS S 55 38.85 51.58 4.42
N TYR S 56 39.96 51.03 3.93
CA TYR S 56 40.68 51.63 2.83
C TYR S 56 39.89 51.58 1.52
N THR S 57 39.97 52.66 0.73
CA THR S 57 39.45 52.63 -0.63
C THR S 57 40.42 51.82 -1.48
N GLU S 58 39.94 51.28 -2.60
CA GLU S 58 40.72 50.30 -3.35
C GLU S 58 42.06 50.84 -3.83
N ASP S 59 42.11 52.12 -4.17
CA ASP S 59 43.36 52.74 -4.54
C ASP S 59 44.32 52.79 -3.37
N GLU S 60 43.78 53.05 -2.19
CA GLU S 60 44.59 53.12 -0.98
C GLU S 60 45.17 51.75 -0.64
N ALA S 61 44.37 50.71 -0.84
CA ALA S 61 44.83 49.35 -0.61
C ALA S 61 45.87 48.95 -1.65
N LYS S 62 45.69 49.42 -2.88
CA LYS S 62 46.65 49.15 -3.95
C LYS S 62 47.97 49.86 -3.70
N GLU S 63 47.93 51.00 -3.02
CA GLU S 63 49.15 51.69 -2.65
C GLU S 63 49.83 51.01 -1.48
N LEU S 64 49.04 50.66 -0.47
CA LEU S 64 49.56 50.03 0.73
C LEU S 64 50.15 48.64 0.48
N ALA S 65 49.56 47.91 -0.45
CA ALA S 65 50.05 46.57 -0.79
C ALA S 65 51.42 46.63 -1.45
N ALA S 66 51.66 47.70 -2.20
CA ALA S 66 52.93 47.86 -2.91
C ALA S 66 54.10 48.11 -1.98
N GLU S 67 53.81 48.67 -0.81
CA GLU S 67 54.88 49.08 0.11
C GLU S 67 55.68 47.90 0.62
N VAL S 68 55.04 46.73 0.74
CA VAL S 68 55.74 45.51 1.10
C VAL S 68 55.80 44.61 -0.13
N GLU S 69 56.87 43.81 -0.24
CA GLU S 69 57.06 42.99 -1.43
C GLU S 69 57.27 41.52 -1.09
N VAL S 70 56.89 40.64 -2.02
CA VAL S 70 56.98 39.20 -1.83
C VAL S 70 57.54 38.52 -3.07
N GLN S 71 58.11 37.33 -2.89
CA GLN S 71 58.68 36.56 -4.00
C GLN S 71 57.59 36.08 -4.94
N ASP S 72 57.96 35.88 -6.21
CA ASP S 72 57.01 35.49 -7.24
C ASP S 72 57.41 34.13 -7.83
N GLY S 73 56.68 33.66 -8.83
CA GLY S 73 57.00 32.41 -9.48
C GLY S 73 58.24 32.56 -10.33
N PRO S 74 58.83 31.42 -10.73
CA PRO S 74 60.15 31.40 -11.39
C PRO S 74 60.20 32.10 -12.74
N ASN S 75 61.32 32.76 -12.99
CA ASN S 75 61.64 33.31 -14.30
C ASN S 75 62.00 32.22 -15.29
N GLU S 76 61.88 32.51 -16.57
CA GLU S 76 62.41 31.60 -17.56
C GLU S 76 63.92 31.50 -17.31
N ASP S 77 64.44 30.28 -17.29
CA ASP S 77 65.82 30.03 -16.92
C ASP S 77 66.18 30.79 -15.63
N GLY S 78 65.26 30.77 -14.67
CA GLY S 78 65.43 31.52 -13.43
C GLY S 78 64.45 31.07 -12.35
N GLU S 79 64.53 31.71 -11.19
CA GLU S 79 63.67 31.31 -10.08
C GLU S 79 63.44 32.40 -9.03
N MET S 80 62.24 32.40 -8.44
CA MET S 80 61.94 33.07 -7.18
C MET S 80 62.32 34.55 -7.07
N PHE S 81 62.06 35.34 -8.11
CA PHE S 81 62.37 36.76 -8.04
C PHE S 81 61.33 37.47 -7.17
N MET S 82 61.72 38.55 -6.51
CA MET S 82 60.79 39.31 -5.67
C MET S 82 59.80 40.12 -6.51
N ARG S 83 58.61 40.33 -5.98
CA ARG S 83 57.57 41.08 -6.67
C ARG S 83 56.97 42.14 -5.76
N PRO S 84 56.60 43.31 -6.33
CA PRO S 84 56.04 44.42 -5.55
C PRO S 84 54.77 44.06 -4.78
N GLY S 85 53.95 43.17 -5.33
CA GLY S 85 52.76 42.71 -4.64
C GLY S 85 51.49 43.44 -5.05
N LYS S 86 50.35 42.79 -4.84
CA LYS S 86 49.06 43.33 -5.29
C LYS S 86 47.99 43.11 -4.23
N LEU S 87 46.74 43.40 -4.59
CA LEU S 87 45.61 43.25 -3.68
C LEU S 87 45.37 41.81 -3.24
N PHE S 88 45.65 40.86 -4.13
CA PHE S 88 45.29 39.47 -3.85
C PHE S 88 46.28 38.80 -2.90
N ASP S 89 47.41 39.45 -2.65
CA ASP S 89 48.40 38.93 -1.73
C ASP S 89 47.95 38.98 -0.28
N TYR S 90 48.28 37.94 0.46
CA TYR S 90 48.01 37.86 1.90
C TYR S 90 49.08 38.63 2.66
N PHE S 91 48.81 38.93 3.93
CA PHE S 91 49.78 39.61 4.75
C PHE S 91 51.05 38.78 4.86
N PRO S 92 52.22 39.43 4.83
CA PRO S 92 53.51 38.76 4.76
C PRO S 92 53.78 37.86 5.95
N LYS S 93 54.43 36.73 5.69
CA LYS S 93 54.79 35.80 6.74
C LYS S 93 56.21 36.10 7.20
N PRO S 94 56.35 36.44 8.49
CA PRO S 94 57.62 36.86 9.10
C PRO S 94 58.74 35.83 8.99
N TYR S 95 58.39 34.55 9.03
CA TYR S 95 59.41 33.50 8.96
C TYR S 95 59.06 32.47 7.90
N PRO S 96 60.08 31.88 7.26
CA PRO S 96 59.86 30.83 6.26
C PRO S 96 59.10 29.63 6.82
N ASN S 97 59.32 29.33 8.09
CA ASN S 97 58.68 28.20 8.74
C ASN S 97 58.63 28.36 10.25
N SER S 98 57.81 27.53 10.90
CA SER S 98 57.61 27.62 12.34
C SER S 98 58.90 27.36 13.11
N GLU S 99 59.77 26.54 12.53
CA GLU S 99 61.03 26.20 13.19
C GLU S 99 61.93 27.40 13.36
N ALA S 100 62.03 28.22 12.32
CA ALA S 100 62.83 29.43 12.40
C ALA S 100 62.21 30.42 13.37
N ALA S 101 60.88 30.42 13.45
CA ALA S 101 60.18 31.30 14.37
C ALA S 101 60.46 30.91 15.80
N ARG S 102 60.54 29.60 16.06
CA ARG S 102 60.88 29.12 17.39
C ARG S 102 62.33 29.44 17.71
N ALA S 103 63.20 29.27 16.73
CA ALA S 103 64.62 29.53 16.93
C ALA S 103 64.88 31.00 17.21
N ALA S 104 64.06 31.86 16.64
CA ALA S 104 64.19 33.31 16.84
C ALA S 104 63.57 33.76 18.15
N ASN S 105 62.82 32.87 18.80
CA ASN S 105 62.01 33.26 19.95
C ASN S 105 62.11 32.30 21.12
N ASN S 106 63.33 31.85 21.42
CA ASN S 106 63.59 30.96 22.55
C ASN S 106 62.75 29.68 22.51
N GLY S 107 62.44 29.23 21.30
CA GLY S 107 61.70 27.99 21.12
C GLY S 107 60.20 28.20 21.08
N ALA S 108 59.76 29.36 21.52
CA ALA S 108 58.34 29.70 21.48
C ALA S 108 57.88 29.98 20.06
N LEU S 109 56.64 29.59 19.76
CA LEU S 109 56.07 29.83 18.44
C LEU S 109 54.96 30.87 18.50
N PRO S 110 55.18 32.03 17.86
CA PRO S 110 54.14 33.06 17.84
C PRO S 110 52.92 32.60 17.04
N PRO S 111 51.75 32.55 17.70
CA PRO S 111 50.49 32.08 17.12
C PRO S 111 50.02 32.93 15.96
N ASP S 112 49.37 32.33 14.97
CA ASP S 112 48.70 33.08 13.92
C ASP S 112 47.57 33.91 14.54
N LEU S 113 47.49 35.18 14.15
CA LEU S 113 46.51 36.09 14.74
C LEU S 113 45.17 36.15 14.01
N SER S 114 45.05 35.40 12.93
CA SER S 114 43.84 35.42 12.12
C SER S 114 42.61 34.95 12.89
N TYR S 115 42.80 34.00 13.81
CA TYR S 115 41.70 33.50 14.62
C TYR S 115 41.95 33.68 16.11
N ILE S 116 42.92 34.51 16.47
CA ILE S 116 43.37 34.59 17.85
C ILE S 116 42.27 35.07 18.80
N VAL S 117 41.34 35.88 18.31
CA VAL S 117 40.25 36.35 19.16
C VAL S 117 39.26 35.24 19.48
N ARG S 118 38.77 34.58 18.45
CA ARG S 118 37.79 33.51 18.61
C ARG S 118 38.42 32.27 19.22
N ALA S 119 39.74 32.13 19.11
CA ALA S 119 40.40 30.93 19.59
C ALA S 119 40.44 30.87 21.12
N ARG S 120 40.89 31.94 21.75
CA ARG S 120 41.02 31.98 23.20
C ARG S 120 39.68 32.22 23.88
N HIS S 121 39.52 31.67 25.09
CA HIS S 121 38.31 31.93 25.87
C HIS S 121 38.25 33.39 26.27
N GLY S 122 37.05 33.95 26.22
CA GLY S 122 36.83 35.35 26.56
C GLY S 122 37.03 36.26 25.37
N GLY S 123 37.48 35.70 24.26
CA GLY S 123 37.64 36.45 23.03
C GLY S 123 38.62 37.59 23.12
N GLU S 124 38.27 38.71 22.49
CA GLU S 124 39.12 39.89 22.45
C GLU S 124 39.38 40.42 23.85
N ASP S 125 38.42 40.15 24.73
CA ASP S 125 38.49 40.56 26.12
C ASP S 125 39.71 39.93 26.78
N TYR S 126 40.05 38.70 26.38
CA TYR S 126 41.24 38.04 26.88
C TYR S 126 42.52 38.72 26.40
N VAL S 127 42.48 39.30 25.20
CA VAL S 127 43.68 39.83 24.59
C VAL S 127 44.09 41.17 25.21
N PHE S 128 43.13 42.05 25.40
CA PHE S 128 43.41 43.36 25.97
C PHE S 128 43.99 43.19 27.36
N SER S 129 43.34 42.34 28.14
CA SER S 129 43.80 42.06 29.48
C SER S 129 45.17 41.41 29.46
N LEU S 130 45.46 40.68 28.38
CA LEU S 130 46.78 40.07 28.22
C LEU S 130 47.82 41.14 27.95
N LEU S 131 47.44 42.16 27.19
CA LEU S 131 48.38 43.19 26.76
C LEU S 131 48.61 44.23 27.85
N THR S 132 47.75 44.22 28.87
CA THR S 132 47.82 45.22 29.92
C THR S 132 48.62 44.75 31.11
N GLY S 133 48.18 43.64 31.71
CA GLY S 133 48.80 43.13 32.91
C GLY S 133 50.24 42.68 32.72
N TYR S 134 51.14 43.33 33.45
CA TYR S 134 52.54 42.93 33.53
C TYR S 134 53.14 43.27 34.87
N CYS S 135 52.45 42.86 35.93
CA CYS S 135 52.92 43.06 37.29
C CYS S 135 54.24 42.31 37.50
N GLU S 136 55.14 42.90 38.28
CA GLU S 136 56.38 42.22 38.62
C GLU S 136 56.06 40.99 39.45
N PRO S 137 56.86 39.94 39.31
CA PRO S 137 56.52 38.65 39.94
C PRO S 137 56.42 38.74 41.45
N PRO S 138 55.46 38.01 42.03
CA PRO S 138 55.25 37.95 43.47
C PRO S 138 56.46 37.37 44.18
N THR S 139 56.73 37.82 45.39
CA THR S 139 57.86 37.31 46.15
C THR S 139 57.65 35.81 46.38
N GLY S 140 58.73 35.04 46.29
CA GLY S 140 58.64 33.60 46.44
C GLY S 140 58.55 32.81 45.15
N VAL S 141 58.64 33.48 44.02
CA VAL S 141 58.67 32.78 42.73
C VAL S 141 59.63 33.48 41.77
N SER S 142 60.26 32.68 40.90
CA SER S 142 61.22 33.20 39.93
C SER S 142 61.10 32.43 38.61
N LEU S 143 61.70 32.96 37.56
CA LEU S 143 61.49 32.43 36.22
C LEU S 143 62.69 32.61 35.29
N ARG S 144 62.67 31.88 34.18
CA ARG S 144 63.74 31.95 33.19
C ARG S 144 63.84 33.35 32.62
N GLU S 145 65.07 33.80 32.35
CA GLU S 145 65.32 35.20 32.03
C GLU S 145 64.57 35.63 30.79
N GLY S 146 64.33 34.70 29.87
CA GLY S 146 63.56 35.00 28.68
C GLY S 146 62.07 35.08 28.95
N LEU S 147 61.63 34.47 30.03
CA LEU S 147 60.22 34.48 30.41
C LEU S 147 59.81 35.81 31.03
N TYR S 148 58.53 36.15 30.90
CA TYR S 148 57.99 37.39 31.45
C TYR S 148 56.67 37.11 32.15
N PHE S 149 56.45 37.75 33.30
CA PHE S 149 55.32 37.38 34.13
C PHE S 149 54.04 38.12 33.78
N ASN S 150 53.18 37.46 33.01
CA ASN S 150 51.84 37.97 32.76
C ASN S 150 50.83 36.99 33.37
N PRO S 151 50.15 37.43 34.44
CA PRO S 151 49.24 36.57 35.21
C PRO S 151 48.09 35.99 34.40
N TYR S 152 47.59 36.74 33.43
CA TYR S 152 46.45 36.27 32.63
C TYR S 152 46.81 35.10 31.72
N PHE S 153 48.07 34.99 31.36
CA PHE S 153 48.53 33.86 30.57
C PHE S 153 48.46 32.60 31.42
N PRO S 154 47.92 31.51 30.87
CA PRO S 154 47.70 30.27 31.64
C PRO S 154 48.97 29.69 32.24
N GLY S 155 50.10 29.82 31.57
CA GLY S 155 51.36 29.36 32.10
C GLY S 155 51.93 30.37 33.08
N GLN S 156 51.35 31.56 33.07
CA GLN S 156 51.74 32.65 33.96
C GLN S 156 53.23 32.96 33.84
N ALA S 157 53.77 32.78 32.64
CA ALA S 157 55.17 33.05 32.37
C ALA S 157 55.39 33.15 30.87
N ILE S 158 54.70 34.09 30.23
CA ILE S 158 54.71 34.20 28.77
C ILE S 158 56.10 34.54 28.22
N ALA S 159 56.47 33.90 27.12
CA ALA S 159 57.74 34.17 26.47
C ALA S 159 57.75 35.51 25.74
N MET S 160 56.57 36.05 25.46
CA MET S 160 56.48 37.33 24.77
C MET S 160 57.01 38.50 25.59
N ALA S 161 57.84 39.32 24.94
CA ALA S 161 58.29 40.57 25.55
C ALA S 161 57.16 41.58 25.47
N PRO S 162 57.05 42.46 26.48
CA PRO S 162 56.00 43.48 26.52
C PRO S 162 55.92 44.30 25.24
N PRO S 163 54.97 43.93 24.35
CA PRO S 163 54.85 44.43 22.98
C PRO S 163 54.66 45.94 22.86
N ILE S 164 53.97 46.54 23.83
CA ILE S 164 53.56 47.94 23.67
C ILE S 164 53.70 48.80 24.92
N TYR S 165 53.90 50.09 24.68
CA TYR S 165 54.00 51.11 25.71
C TYR S 165 53.68 52.46 25.08
N THR S 166 53.68 53.53 25.87
CA THR S 166 53.32 54.85 25.35
C THR S 166 54.27 55.31 24.25
N ASP S 167 53.68 55.87 23.19
CA ASP S 167 54.42 56.39 22.04
C ASP S 167 55.38 55.40 21.37
N VAL S 168 55.01 54.13 21.31
CA VAL S 168 55.71 53.18 20.44
C VAL S 168 55.45 53.54 18.99
N LEU S 169 54.32 54.20 18.77
CA LEU S 169 53.80 54.41 17.42
C LEU S 169 53.08 55.75 17.37
N GLU S 170 52.92 56.31 16.18
CA GLU S 170 52.11 57.51 16.03
C GLU S 170 51.03 57.32 14.96
N PHE S 171 49.78 57.35 15.41
CA PHE S 171 48.63 57.20 14.52
C PHE S 171 48.56 58.34 13.51
N ASP S 172 48.18 58.00 12.27
CA ASP S 172 48.05 59.01 11.22
C ASP S 172 46.89 59.95 11.56
N ASP S 173 45.96 59.44 12.35
CA ASP S 173 44.81 60.21 12.82
C ASP S 173 45.28 61.33 13.74
N GLY S 174 46.45 61.14 14.35
CA GLY S 174 47.01 62.13 15.25
C GLY S 174 46.55 62.00 16.69
N THR S 175 45.72 60.98 16.95
CA THR S 175 45.28 60.68 18.31
C THR S 175 46.46 60.18 19.14
N PRO S 176 46.46 60.49 20.45
CA PRO S 176 47.60 60.13 21.32
C PRO S 176 47.81 58.62 21.44
N ALA S 177 49.08 58.22 21.54
CA ALA S 177 49.44 56.81 21.54
C ALA S 177 49.60 56.24 22.95
N THR S 178 48.55 56.35 23.76
CA THR S 178 48.53 55.69 25.05
C THR S 178 48.51 54.19 24.81
N MET S 179 49.20 53.42 25.66
CA MET S 179 49.28 51.99 25.48
C MET S 179 47.90 51.34 25.61
N SER S 180 47.02 51.96 26.39
CA SER S 180 45.66 51.47 26.53
C SER S 180 44.88 51.68 25.23
N GLN S 181 45.06 52.85 24.62
CA GLN S 181 44.43 53.15 23.34
C GLN S 181 44.95 52.23 22.27
N ILE S 182 46.24 51.93 22.34
CA ILE S 182 46.87 51.06 21.36
C ILE S 182 46.34 49.64 21.49
N ALA S 183 46.28 49.15 22.73
CA ALA S 183 45.81 47.80 22.98
C ALA S 183 44.35 47.65 22.59
N LYS S 184 43.59 48.73 22.80
CA LYS S 184 42.18 48.72 22.42
C LYS S 184 42.03 48.64 20.91
N ASP S 185 42.84 49.43 20.20
CA ASP S 185 42.81 49.41 18.74
C ASP S 185 43.25 48.06 18.18
N VAL S 186 44.21 47.45 18.87
CA VAL S 186 44.70 46.14 18.46
C VAL S 186 43.62 45.09 18.63
N CYS S 187 42.98 45.07 19.79
CA CYS S 187 41.94 44.09 20.04
C CYS S 187 40.75 44.30 19.12
N THR S 188 40.49 45.56 18.75
CA THR S 188 39.40 45.85 17.83
C THR S 188 39.71 45.32 16.44
N PHE S 189 40.90 45.63 15.94
CA PHE S 189 41.30 45.16 14.62
C PHE S 189 41.41 43.65 14.55
N LEU S 190 41.85 43.03 15.63
CA LEU S 190 41.91 41.57 15.69
C LEU S 190 40.50 41.01 15.70
N ARG S 191 39.60 41.71 16.37
CA ARG S 191 38.21 41.26 16.44
C ARG S 191 37.59 41.28 15.06
N TRP S 192 37.97 42.27 14.26
CA TRP S 192 37.50 42.30 12.88
C TRP S 192 38.18 41.24 12.02
N ALA S 193 39.46 41.04 12.25
CA ALA S 193 40.22 40.06 11.48
C ALA S 193 39.67 38.67 11.71
N SER S 194 39.11 38.47 12.89
CA SER S 194 38.57 37.18 13.27
C SER S 194 37.10 37.01 12.89
N GLU S 195 36.36 38.11 12.84
CA GLU S 195 34.98 38.07 12.36
C GLU S 195 34.66 39.16 11.35
N PRO S 196 35.09 39.00 10.10
CA PRO S 196 34.84 39.95 9.03
C PRO S 196 33.34 40.19 8.76
N GLU S 197 32.51 39.18 8.97
CA GLU S 197 31.09 39.25 8.61
C GLU S 197 30.21 39.85 9.71
N HIS S 198 30.85 40.44 10.72
CA HIS S 198 30.16 40.94 11.91
C HIS S 198 29.03 41.93 11.59
N ASP S 199 29.33 42.93 10.78
CA ASP S 199 28.38 43.99 10.50
C ASP S 199 27.16 43.48 9.73
N HIS S 200 27.42 42.72 8.67
CA HIS S 200 26.36 42.20 7.83
C HIS S 200 25.47 41.27 8.63
N ARG S 201 26.10 40.54 9.56
CA ARG S 201 25.37 39.64 10.43
C ARG S 201 24.44 40.41 11.36
N LYS S 202 24.94 41.52 11.90
CA LYS S 202 24.08 42.33 12.75
C LYS S 202 22.91 42.92 11.96
N ARG S 203 23.19 43.26 10.69
CA ARG S 203 22.15 43.84 9.85
C ARG S 203 21.03 42.84 9.55
N MET S 204 21.43 41.66 9.11
CA MET S 204 20.46 40.61 8.80
C MET S 204 19.71 40.27 10.07
N GLY S 205 20.41 40.27 11.19
CA GLY S 205 19.79 39.95 12.46
C GLY S 205 18.69 40.96 12.73
N LEU S 206 18.96 42.23 12.46
CA LEU S 206 17.95 43.24 12.70
C LEU S 206 16.77 43.00 11.79
N LYS S 207 17.04 42.68 10.52
CA LYS S 207 15.99 42.41 9.54
C LYS S 207 15.14 41.22 9.91
N MET S 208 15.78 40.15 10.36
CA MET S 208 15.07 38.94 10.72
C MET S 208 14.17 39.11 11.94
N LEU S 209 14.61 39.86 12.94
CA LEU S 209 13.79 40.08 14.12
C LEU S 209 12.52 40.80 13.74
N MET S 210 12.66 41.83 12.91
CA MET S 210 11.53 42.58 12.45
C MET S 210 10.64 41.66 11.64
N MET S 211 11.29 40.82 10.85
CA MET S 211 10.55 39.94 9.96
C MET S 211 9.75 38.92 10.74
N MET S 212 10.42 38.25 11.67
CA MET S 212 9.76 37.27 12.54
C MET S 212 8.73 37.94 13.44
N ALA S 213 9.04 39.16 13.88
CA ALA S 213 8.12 39.90 14.74
C ALA S 213 6.84 40.17 13.98
N LEU S 214 6.97 40.33 12.66
CA LEU S 214 5.79 40.50 11.83
C LEU S 214 5.07 39.17 11.58
N LEU S 215 5.83 38.13 11.29
CA LEU S 215 5.24 36.85 10.86
C LEU S 215 4.54 36.05 11.96
N VAL S 216 5.10 36.02 13.16
CA VAL S 216 4.54 35.14 14.20
C VAL S 216 3.05 35.38 14.55
N PRO S 217 2.66 36.65 14.85
CA PRO S 217 1.25 36.86 15.17
C PRO S 217 0.31 36.45 14.04
N LEU S 218 0.76 36.62 12.80
CA LEU S 218 -0.08 36.34 11.65
C LEU S 218 -0.31 34.85 11.47
N VAL S 219 0.77 34.07 11.48
CA VAL S 219 0.65 32.63 11.30
C VAL S 219 -0.08 32.01 12.48
N TYR S 220 0.19 32.51 13.68
CA TYR S 220 -0.51 31.98 14.84
C TYR S 220 -1.99 32.30 14.76
N THR S 221 -2.31 33.48 14.26
CA THR S 221 -3.70 33.86 14.06
C THR S 221 -4.37 32.97 13.02
N ILE S 222 -3.60 32.57 12.01
CA ILE S 222 -4.12 31.66 11.01
C ILE S 222 -4.41 30.30 11.64
N LYS S 223 -3.56 29.87 12.56
CA LYS S 223 -3.79 28.61 13.23
C LYS S 223 -5.04 28.68 14.10
N ARG S 224 -5.22 29.83 14.76
CA ARG S 224 -6.39 30.03 15.60
C ARG S 224 -7.64 30.00 14.74
N HIS S 225 -7.50 30.51 13.52
CA HIS S 225 -8.60 30.55 12.57
C HIS S 225 -9.00 29.16 12.09
N LYS S 226 -8.01 28.37 11.68
CA LYS S 226 -8.29 27.02 11.20
C LYS S 226 -8.81 26.11 12.30
N TRP S 227 -8.29 26.30 13.51
CA TRP S 227 -8.66 25.48 14.66
C TRP S 227 -9.89 25.95 15.45
N SER S 228 -10.40 27.12 15.12
CA SER S 228 -11.48 27.71 15.90
C SER S 228 -12.74 26.84 15.88
N VAL S 229 -12.98 26.17 14.76
CA VAL S 229 -14.15 25.32 14.62
C VAL S 229 -14.10 24.12 15.58
N LEU S 230 -12.89 23.65 15.90
CA LEU S 230 -12.74 22.58 16.88
C LEU S 230 -12.74 23.13 18.30
N LYS S 231 -12.13 24.30 18.48
CA LYS S 231 -12.07 24.91 19.80
C LYS S 231 -13.46 25.31 20.31
N SER S 232 -14.36 25.65 19.39
CA SER S 232 -15.66 26.14 19.78
C SER S 232 -16.77 25.08 19.74
N ARG S 233 -16.50 23.94 19.12
CA ARG S 233 -17.58 22.99 18.85
C ARG S 233 -18.16 22.36 20.12
N LYS S 234 -19.49 22.27 20.15
CA LYS S 234 -20.21 21.58 21.20
C LYS S 234 -20.50 20.13 20.83
N LEU S 235 -20.79 19.31 21.83
CA LEU S 235 -21.28 17.97 21.58
C LEU S 235 -22.11 17.49 22.76
N ALA S 236 -23.14 16.70 22.46
CA ALA S 236 -24.12 16.29 23.46
C ALA S 236 -24.41 14.80 23.33
N TYR S 237 -25.09 14.24 24.31
CA TYR S 237 -25.38 12.81 24.31
C TYR S 237 -26.87 12.58 24.52
N ARG S 238 -27.48 11.87 23.57
CA ARG S 238 -28.93 11.76 23.52
C ARG S 238 -29.42 10.32 23.39
N PRO S 239 -29.41 9.57 24.50
CA PRO S 239 -29.94 8.21 24.47
C PRO S 239 -31.42 8.22 24.13
N PRO S 240 -31.89 7.21 23.37
CA PRO S 240 -33.26 7.17 22.86
C PRO S 240 -34.32 7.20 23.95
N LYS S 241 -34.03 6.61 25.10
CA LYS S 241 -34.99 6.54 26.19
C LYS S 241 -34.83 7.67 27.19
N THR T 1 -15.30 11.10 -7.46
CA THR T 1 -14.09 10.31 -7.67
C THR T 1 -12.86 11.21 -7.77
N PRO T 2 -12.34 11.64 -6.60
CA PRO T 2 -11.17 12.52 -6.54
C PRO T 2 -9.92 11.85 -7.11
N MET T 3 -9.06 12.64 -7.76
CA MET T 3 -7.87 12.11 -8.40
C MET T 3 -6.83 11.60 -7.41
N ARG T 4 -6.92 12.04 -6.17
CA ARG T 4 -5.99 11.59 -5.13
C ARG T 4 -6.10 10.09 -4.96
N LYS T 5 -7.32 9.59 -5.15
CA LYS T 5 -7.63 8.19 -4.92
C LYS T 5 -7.20 7.33 -6.10
N THR T 6 -6.82 7.97 -7.20
CA THR T 6 -6.53 7.25 -8.44
C THR T 6 -5.04 7.05 -8.67
N ASN T 7 -4.30 8.14 -8.89
CA ASN T 7 -2.87 8.04 -9.13
C ASN T 7 -2.11 7.61 -7.90
N PRO T 8 -1.26 6.58 -8.03
CA PRO T 8 -0.56 5.95 -6.91
C PRO T 8 0.34 6.88 -6.11
N LEU T 9 0.97 7.84 -6.75
CA LEU T 9 1.80 8.80 -6.03
C LEU T 9 0.89 9.70 -5.21
N MET T 10 -0.22 10.11 -5.83
CA MET T 10 -1.25 10.86 -5.13
C MET T 10 -1.94 10.00 -4.10
N LYS T 11 -1.94 8.69 -4.30
CA LYS T 11 -2.43 7.79 -3.27
C LYS T 11 -1.55 7.84 -2.04
N LEU T 12 -0.25 7.68 -2.23
CA LEU T 12 0.64 7.66 -1.08
C LEU T 12 0.69 9.00 -0.36
N ILE T 13 0.64 10.09 -1.11
CA ILE T 13 0.56 11.39 -0.48
C ILE T 13 -0.79 11.55 0.23
N ASN T 14 -1.84 10.95 -0.34
CA ASN T 14 -3.15 10.96 0.30
C ASN T 14 -3.12 10.20 1.63
N HIS T 15 -2.29 9.19 1.70
CA HIS T 15 -2.12 8.45 2.95
C HIS T 15 -1.29 9.23 3.94
N SER T 16 0.01 9.37 3.64
CA SER T 16 0.96 9.88 4.62
C SER T 16 0.65 11.30 5.09
N PHE T 17 0.01 12.09 4.24
CA PHE T 17 -0.18 13.50 4.56
C PHE T 17 -1.64 13.95 4.62
N ILE T 18 -2.28 14.03 3.45
CA ILE T 18 -3.55 14.75 3.33
C ILE T 18 -4.74 14.16 4.11
N ASP T 19 -4.77 12.85 4.30
CA ASP T 19 -6.02 12.23 4.74
C ASP T 19 -5.90 11.34 6.00
N LEU T 20 -4.70 10.94 6.38
CA LEU T 20 -4.58 9.98 7.48
C LEU T 20 -5.13 10.54 8.77
N PRO T 21 -5.97 9.76 9.46
CA PRO T 21 -6.53 10.18 10.74
C PRO T 21 -5.46 10.39 11.81
N THR T 22 -5.66 11.40 12.65
CA THR T 22 -4.81 11.63 13.81
C THR T 22 -5.71 11.94 15.00
N PRO T 23 -5.22 11.69 16.23
CA PRO T 23 -6.01 12.17 17.35
C PRO T 23 -6.15 13.67 17.29
N SER T 24 -7.33 14.18 17.63
CA SER T 24 -7.55 15.62 17.57
C SER T 24 -6.80 16.36 18.66
N ASN T 25 -6.61 15.71 19.81
CA ASN T 25 -6.10 16.36 21.01
C ASN T 25 -4.58 16.36 21.10
N ILE T 26 -3.91 16.05 20.00
CA ILE T 26 -2.46 16.08 19.96
C ILE T 26 -1.91 17.47 20.29
N SER T 27 -0.88 17.51 21.13
CA SER T 27 -0.32 18.78 21.60
C SER T 27 0.91 19.21 20.84
N ALA T 28 1.60 20.20 21.41
CA ALA T 28 2.76 20.82 20.81
C ALA T 28 4.00 19.93 20.79
N TRP T 29 4.01 18.90 21.63
CA TRP T 29 5.20 18.06 21.74
C TRP T 29 5.39 17.14 20.53
N TRP T 30 4.29 16.57 20.03
CA TRP T 30 4.35 15.70 18.87
C TRP T 30 4.90 16.43 17.65
N ASN T 31 4.73 17.75 17.64
CA ASN T 31 5.19 18.57 16.54
C ASN T 31 6.71 18.42 16.37
N PHE T 32 7.41 18.19 17.48
CA PHE T 32 8.85 18.08 17.42
C PHE T 32 9.29 16.96 16.49
N GLY T 33 8.48 15.91 16.43
CA GLY T 33 8.83 14.80 15.57
C GLY T 33 8.91 15.28 14.12
N SER T 34 7.88 15.99 13.69
CA SER T 34 7.87 16.50 12.33
C SER T 34 9.03 17.47 12.15
N LEU T 35 9.37 18.18 13.21
CA LEU T 35 10.45 19.15 13.13
C LEU T 35 11.74 18.44 12.80
N LEU T 36 11.91 17.24 13.35
CA LEU T 36 13.13 16.48 13.07
C LEU T 36 13.16 16.17 11.59
N GLY T 37 11.99 15.89 11.04
CA GLY T 37 11.90 15.54 9.64
C GLY T 37 12.35 16.73 8.84
N ALA T 38 12.01 17.92 9.31
CA ALA T 38 12.44 19.14 8.64
C ALA T 38 13.94 19.33 8.77
N CYS T 39 14.47 19.08 9.97
CA CYS T 39 15.84 19.47 10.26
C CYS T 39 16.80 18.75 9.34
N LEU T 40 16.45 17.51 9.04
CA LEU T 40 17.30 16.67 8.23
C LEU T 40 17.48 17.31 6.87
N ILE T 41 16.38 17.82 6.31
CA ILE T 41 16.47 18.49 5.01
C ILE T 41 17.46 19.62 5.08
N LEU T 42 17.36 20.42 6.15
CA LEU T 42 18.23 21.57 6.26
C LEU T 42 19.66 21.05 6.32
N GLN T 43 19.86 20.03 7.15
CA GLN T 43 21.19 19.51 7.39
C GLN T 43 21.76 18.91 6.12
N ILE T 44 20.88 18.53 5.21
CA ILE T 44 21.37 18.10 3.92
C ILE T 44 21.69 19.32 3.09
N THR T 45 20.69 20.16 2.87
CA THR T 45 20.79 21.21 1.86
C THR T 45 21.94 22.12 2.19
N THR T 46 21.92 22.63 3.41
CA THR T 46 22.98 23.49 3.90
C THR T 46 24.32 22.78 3.76
N GLY T 47 24.37 21.54 4.22
CA GLY T 47 25.61 20.79 4.24
C GLY T 47 26.07 20.55 2.84
N LEU T 48 25.12 20.42 1.92
CA LEU T 48 25.46 20.11 0.54
C LEU T 48 26.28 21.24 -0.05
N PHE T 49 26.07 22.46 0.46
CA PHE T 49 26.79 23.61 -0.06
C PHE T 49 28.08 23.89 0.69
N LEU T 50 28.35 23.11 1.74
CA LEU T 50 29.64 23.19 2.40
C LEU T 50 30.62 22.20 1.79
N ALA T 51 30.09 21.14 1.21
CA ALA T 51 30.92 20.10 0.62
C ALA T 51 31.52 20.57 -0.70
N MET T 52 31.00 21.66 -1.23
CA MET T 52 31.44 22.17 -2.51
C MET T 52 32.74 22.97 -2.40
N HIS T 53 33.17 23.23 -1.18
CA HIS T 53 34.41 23.97 -0.97
C HIS T 53 35.37 23.23 -0.04
N TYR T 54 34.81 22.39 0.84
CA TYR T 54 35.60 21.69 1.82
C TYR T 54 36.58 20.70 1.17
N SER T 55 37.82 20.69 1.64
CA SER T 55 38.82 19.74 1.18
C SER T 55 39.26 18.84 2.33
N PRO T 56 38.95 17.54 2.23
CA PRO T 56 39.12 16.58 3.34
C PRO T 56 40.57 16.14 3.60
N ASP T 57 41.55 16.79 2.98
CA ASP T 57 42.95 16.54 3.33
C ASP T 57 43.26 17.14 4.68
N ALA T 58 44.15 16.50 5.43
CA ALA T 58 44.53 17.02 6.75
C ALA T 58 45.32 18.32 6.64
N SER T 59 46.03 18.50 5.54
CA SER T 59 46.89 19.67 5.38
C SER T 59 46.12 20.90 4.94
N THR T 60 44.87 20.72 4.52
CA THR T 60 44.11 21.83 3.95
C THR T 60 42.66 21.89 4.43
N ALA T 61 42.28 21.00 5.33
CA ALA T 61 40.89 20.98 5.79
C ALA T 61 40.50 22.25 6.53
N PHE T 62 41.46 22.83 7.23
CA PHE T 62 41.19 24.02 8.02
C PHE T 62 41.15 25.26 7.14
N SER T 63 42.15 25.37 6.27
CA SER T 63 42.27 26.52 5.39
C SER T 63 41.11 26.60 4.42
N SER T 64 40.55 25.45 4.07
CA SER T 64 39.38 25.40 3.20
C SER T 64 38.17 25.99 3.89
N ILE T 65 38.02 25.71 5.18
CA ILE T 65 36.94 26.30 5.95
C ILE T 65 37.16 27.79 6.13
N ALA T 66 38.42 28.20 6.22
CA ALA T 66 38.70 29.63 6.25
C ALA T 66 38.29 30.24 4.92
N HIS T 67 38.46 29.46 3.85
CA HIS T 67 38.05 29.84 2.52
C HIS T 67 36.54 29.97 2.43
N ILE T 68 35.82 29.16 3.19
CA ILE T 68 34.37 29.20 3.18
C ILE T 68 33.84 30.39 3.97
N THR T 69 34.35 30.53 5.19
CA THR T 69 33.90 31.60 6.08
C THR T 69 34.32 32.97 5.56
N ARG T 70 35.41 33.04 4.81
CA ARG T 70 35.87 34.33 4.30
C ARG T 70 35.65 34.53 2.80
N ASP T 71 36.37 33.77 1.99
CA ASP T 71 36.41 34.02 0.55
C ASP T 71 35.07 33.81 -0.15
N VAL T 72 34.38 32.72 0.19
CA VAL T 72 33.09 32.44 -0.42
C VAL T 72 32.05 33.47 0.00
N ASN T 73 31.27 33.95 -0.95
CA ASN T 73 30.17 34.84 -0.64
C ASN T 73 29.07 34.10 0.13
N TYR T 74 28.54 34.75 1.16
CA TYR T 74 27.50 34.21 2.03
C TYR T 74 27.83 32.82 2.58
N GLY T 75 29.11 32.50 2.72
CA GLY T 75 29.49 31.19 3.22
C GLY T 75 29.32 31.03 4.71
N TRP T 76 29.53 32.12 5.45
CA TRP T 76 29.50 32.04 6.90
C TRP T 76 28.11 31.73 7.45
N ILE T 77 27.07 32.22 6.77
CA ILE T 77 25.71 31.93 7.19
C ILE T 77 25.40 30.46 7.00
N ILE T 78 25.96 29.86 5.94
CA ILE T 78 25.76 28.45 5.68
C ILE T 78 26.49 27.64 6.74
N ARG T 79 27.69 28.11 7.07
CA ARG T 79 28.53 27.48 8.08
C ARG T 79 27.82 27.43 9.43
N TYR T 80 27.31 28.58 9.86
CA TYR T 80 26.68 28.69 11.16
C TYR T 80 25.28 28.07 11.21
N LEU T 81 24.52 28.15 10.12
CA LEU T 81 23.24 27.46 10.05
C LEU T 81 23.45 25.96 10.14
N HIS T 82 24.56 25.50 9.60
CA HIS T 82 24.86 24.08 9.61
C HIS T 82 25.22 23.64 11.03
N ALA T 83 26.17 24.35 11.61
CA ALA T 83 26.70 23.98 12.93
C ALA T 83 25.65 24.12 14.03
N ASN T 84 24.95 25.25 14.07
CA ASN T 84 23.86 25.42 15.03
C ASN T 84 22.69 24.51 14.68
N GLY T 85 22.56 24.20 13.40
CA GLY T 85 21.48 23.37 12.93
C GLY T 85 21.57 21.96 13.49
N ALA T 86 22.80 21.44 13.60
CA ALA T 86 22.97 20.13 14.24
C ALA T 86 22.53 20.17 15.71
N SER T 87 22.78 21.30 16.36
CA SER T 87 22.45 21.44 17.77
C SER T 87 20.94 21.48 17.95
N MET T 88 20.25 22.20 17.08
CA MET T 88 18.80 22.24 17.13
C MET T 88 18.25 20.86 16.80
N PHE T 89 18.98 20.13 15.95
CA PHE T 89 18.58 18.80 15.55
C PHE T 89 18.57 17.87 16.76
N PHE T 90 19.64 17.90 17.54
CA PHE T 90 19.68 17.10 18.78
C PHE T 90 18.78 17.61 19.90
N ILE T 91 18.47 18.90 19.91
CA ILE T 91 17.52 19.39 20.90
C ILE T 91 16.11 18.85 20.61
N CYS T 92 15.69 18.97 19.35
CA CYS T 92 14.40 18.44 18.96
C CYS T 92 14.40 16.93 19.15
N LEU T 93 15.56 16.32 18.97
CA LEU T 93 15.69 14.89 19.13
C LEU T 93 15.48 14.44 20.58
N PHE T 94 16.15 15.11 21.50
CA PHE T 94 16.00 14.81 22.93
C PHE T 94 14.59 15.06 23.42
N LEU T 95 13.99 16.16 22.96
CA LEU T 95 12.61 16.45 23.34
C LEU T 95 11.66 15.41 22.77
N HIS T 96 12.01 14.89 21.60
CA HIS T 96 11.19 13.90 20.93
C HIS T 96 11.20 12.59 21.70
N ILE T 97 12.39 12.16 22.06
CA ILE T 97 12.56 10.93 22.83
C ILE T 97 11.93 11.06 24.22
N GLY T 98 12.01 12.26 24.80
CA GLY T 98 11.43 12.47 26.11
C GLY T 98 9.92 12.41 26.01
N ARG T 99 9.39 12.91 24.90
CA ARG T 99 7.97 12.83 24.64
C ARG T 99 7.53 11.38 24.52
N GLY T 100 8.37 10.57 23.88
CA GLY T 100 8.02 9.19 23.65
C GLY T 100 8.13 8.37 24.91
N LEU T 101 8.97 8.83 25.82
CA LEU T 101 9.18 8.14 27.08
C LEU T 101 8.07 8.52 28.07
N TYR T 102 7.56 9.73 27.93
CA TYR T 102 6.61 10.26 28.90
C TYR T 102 5.19 9.75 28.67
N TYR T 103 4.74 9.76 27.42
CA TYR T 103 3.35 9.45 27.11
C TYR T 103 3.12 7.97 26.82
N GLY T 104 4.12 7.14 27.06
CA GLY T 104 3.95 5.71 26.86
C GLY T 104 3.87 5.35 25.39
N SER T 105 4.59 6.11 24.58
CA SER T 105 4.63 5.88 23.14
C SER T 105 5.58 4.72 22.79
N PHE T 106 6.31 4.24 23.78
CA PHE T 106 7.29 3.16 23.56
C PHE T 106 6.62 1.82 23.34
N LEU T 107 5.31 1.74 23.59
CA LEU T 107 4.57 0.50 23.42
C LEU T 107 4.53 0.09 21.95
N TYR T 108 4.71 1.05 21.04
CA TYR T 108 4.90 0.71 19.63
C TYR T 108 6.33 0.26 19.44
N SER T 109 6.61 -0.96 19.86
CA SER T 109 7.99 -1.40 20.06
C SER T 109 8.84 -1.39 18.79
N GLU T 110 8.24 -1.71 17.65
CA GLU T 110 9.02 -1.76 16.42
C GLU T 110 9.45 -0.35 16.02
N THR T 111 8.51 0.59 16.12
CA THR T 111 8.78 1.99 15.81
C THR T 111 9.83 2.52 16.77
N TRP T 112 9.76 2.05 18.02
CA TRP T 112 10.68 2.47 19.06
C TRP T 112 12.08 2.04 18.70
N ASN T 113 12.22 0.78 18.31
CA ASN T 113 13.53 0.24 17.96
C ASN T 113 14.13 0.89 16.72
N ILE T 114 13.29 1.17 15.72
CA ILE T 114 13.77 1.86 14.54
C ILE T 114 14.23 3.26 14.93
N GLY T 115 13.56 3.83 15.92
CA GLY T 115 13.96 5.13 16.43
C GLY T 115 15.31 5.06 17.11
N ILE T 116 15.56 3.96 17.80
CA ILE T 116 16.84 3.80 18.47
C ILE T 116 17.99 3.65 17.47
N ILE T 117 17.77 2.83 16.45
CA ILE T 117 18.81 2.63 15.45
C ILE T 117 19.10 3.94 14.73
N LEU T 118 18.03 4.68 14.44
CA LEU T 118 18.16 5.94 13.75
C LEU T 118 18.89 6.94 14.65
N LEU T 119 18.69 6.80 15.95
CA LEU T 119 19.41 7.60 16.93
C LEU T 119 20.90 7.36 16.87
N LEU T 120 21.30 6.08 16.85
CA LEU T 120 22.71 5.76 16.78
C LEU T 120 23.32 6.27 15.47
N ALA T 121 22.52 6.23 14.40
CA ALA T 121 22.97 6.72 13.11
C ALA T 121 23.25 8.22 13.15
N THR T 122 22.30 8.97 13.73
CA THR T 122 22.48 10.42 13.85
C THR T 122 23.66 10.75 14.74
N MET T 123 23.89 9.95 15.76
CA MET T 123 25.03 10.17 16.65
C MET T 123 26.35 10.00 15.91
N ALA T 124 26.48 8.91 15.17
CA ALA T 124 27.72 8.70 14.42
C ALA T 124 27.92 9.79 13.38
N THR T 125 26.81 10.25 12.80
CA THR T 125 26.88 11.30 11.79
C THR T 125 27.41 12.60 12.39
N ALA T 126 26.85 12.96 13.54
CA ALA T 126 27.27 14.18 14.22
C ALA T 126 28.72 14.09 14.67
N PHE T 127 29.13 12.89 15.06
CA PHE T 127 30.51 12.72 15.51
C PHE T 127 31.49 12.92 14.37
N MET T 128 31.30 12.19 13.27
CA MET T 128 32.25 12.28 12.17
C MET T 128 32.23 13.69 11.55
N GLY T 129 31.06 14.30 11.58
CA GLY T 129 30.94 15.64 11.07
C GLY T 129 31.66 16.65 11.95
N TYR T 130 31.63 16.44 13.25
CA TYR T 130 32.36 17.30 14.17
C TYR T 130 33.86 17.07 14.01
N VAL T 131 34.24 15.87 13.58
CA VAL T 131 35.64 15.57 13.28
C VAL T 131 36.12 16.29 12.01
N LEU T 132 35.21 16.55 11.08
CA LEU T 132 35.59 17.20 9.81
C LEU T 132 36.33 18.55 9.87
N PRO T 133 35.90 19.50 10.73
CA PRO T 133 36.52 20.83 10.70
C PRO T 133 38.03 20.80 10.91
N TRP T 134 38.50 19.82 11.69
CA TRP T 134 39.91 19.55 11.87
C TRP T 134 40.55 20.68 12.68
N GLY T 135 39.98 20.93 13.85
CA GLY T 135 40.53 21.86 14.80
C GLY T 135 41.25 21.09 15.90
N GLN T 136 41.27 21.66 17.09
CA GLN T 136 41.98 21.03 18.20
C GLN T 136 41.08 19.99 18.84
N MET T 137 39.88 20.44 19.22
CA MET T 137 38.86 19.58 19.81
C MET T 137 38.40 18.50 18.84
N SER T 138 38.44 18.80 17.55
CA SER T 138 38.03 17.82 16.55
C SER T 138 39.03 16.68 16.49
N PHE T 139 40.29 17.02 16.33
CA PHE T 139 41.35 16.03 16.24
C PHE T 139 41.47 15.24 17.53
N TRP T 140 41.46 15.94 18.64
CA TRP T 140 41.59 15.29 19.94
C TRP T 140 40.40 14.43 20.31
N GLY T 141 39.21 14.90 19.97
CA GLY T 141 38.02 14.12 20.21
C GLY T 141 38.08 12.83 19.43
N ALA T 142 38.56 12.89 18.19
CA ALA T 142 38.68 11.70 17.37
C ALA T 142 39.65 10.71 17.99
N THR T 143 40.77 11.20 18.49
CA THR T 143 41.74 10.29 19.08
C THR T 143 41.14 9.64 20.31
N VAL T 144 40.49 10.43 21.15
CA VAL T 144 39.91 9.88 22.37
C VAL T 144 38.76 8.91 22.13
N ILE T 145 37.86 9.25 21.21
CA ILE T 145 36.74 8.37 20.92
C ILE T 145 37.19 7.07 20.26
N THR T 146 38.12 7.18 19.32
CA THR T 146 38.59 6.04 18.55
C THR T 146 39.28 5.00 19.42
N ASN T 147 40.02 5.47 20.42
CA ASN T 147 40.76 4.60 21.32
C ASN T 147 39.82 3.68 22.08
N LEU T 148 38.60 4.14 22.30
CA LEU T 148 37.61 3.37 23.05
C LEU T 148 37.39 2.05 22.34
N LEU T 149 37.41 2.10 21.02
CA LEU T 149 37.24 0.90 20.22
C LEU T 149 38.35 -0.04 20.60
N SER T 150 39.50 0.52 20.93
CA SER T 150 40.69 -0.25 21.28
C SER T 150 40.39 -1.07 22.52
N ALA T 151 39.37 -0.65 23.25
CA ALA T 151 38.98 -1.29 24.49
C ALA T 151 38.59 -2.74 24.29
N ILE T 152 37.97 -3.06 23.16
CA ILE T 152 37.42 -4.40 22.97
C ILE T 152 38.53 -5.41 23.17
N PRO T 153 38.16 -6.55 23.91
CA PRO T 153 39.32 -7.29 24.42
C PRO T 153 40.30 -7.96 23.46
N TYR T 154 39.85 -8.66 22.42
CA TYR T 154 40.80 -9.38 21.59
C TYR T 154 41.17 -8.69 20.28
N ILE T 155 40.16 -8.22 19.57
CA ILE T 155 40.34 -7.62 18.26
C ILE T 155 40.96 -6.22 18.36
N GLY T 156 40.43 -5.44 19.29
CA GLY T 156 40.97 -4.13 19.66
C GLY T 156 41.76 -3.31 18.67
N THR T 157 43.07 -3.31 18.85
CA THR T 157 43.96 -2.40 18.12
C THR T 157 43.99 -2.61 16.62
N ASP T 158 43.79 -3.84 16.15
CA ASP T 158 43.77 -4.09 14.72
C ASP T 158 42.56 -3.39 14.11
N LEU T 159 41.46 -3.43 14.84
CA LEU T 159 40.22 -2.80 14.43
C LEU T 159 40.35 -1.28 14.49
N VAL T 160 41.00 -0.78 15.53
CA VAL T 160 41.19 0.65 15.68
C VAL T 160 42.06 1.22 14.58
N GLN T 161 43.14 0.53 14.26
CA GLN T 161 43.98 0.94 13.15
C GLN T 161 43.23 0.79 11.84
N TRP T 162 42.29 -0.16 11.80
CA TRP T 162 41.45 -0.29 10.62
C TRP T 162 40.51 0.90 10.44
N ILE T 163 40.09 1.54 11.53
CA ILE T 163 39.36 2.80 11.41
C ILE T 163 40.28 3.95 11.04
N TRP T 164 41.43 4.04 11.71
CA TRP T 164 42.38 5.11 11.44
C TRP T 164 42.93 5.10 10.02
N GLY T 165 43.10 3.91 9.46
CA GLY T 165 43.74 3.78 8.17
C GLY T 165 45.23 3.95 8.31
N GLY T 166 45.68 3.92 9.56
CA GLY T 166 47.08 4.14 9.87
C GLY T 166 47.33 3.99 11.37
N TYR T 167 48.55 4.26 11.79
CA TYR T 167 48.89 4.16 13.18
C TYR T 167 48.12 5.18 13.99
N SER T 168 47.97 6.35 13.41
CA SER T 168 47.45 7.52 14.12
C SER T 168 46.45 8.25 13.26
N VAL T 169 45.62 9.09 13.89
CA VAL T 169 44.67 9.91 13.15
C VAL T 169 45.44 10.82 12.21
N ASP T 170 44.98 10.92 10.97
CA ASP T 170 45.70 11.66 9.95
C ASP T 170 44.75 11.93 8.78
N SER T 171 45.29 12.32 7.64
CA SER T 171 44.46 12.65 6.48
C SER T 171 43.53 11.53 6.00
N PRO T 172 44.03 10.28 5.86
CA PRO T 172 43.07 9.26 5.41
C PRO T 172 41.85 9.09 6.31
N THR T 173 42.06 9.24 7.62
CA THR T 173 40.95 9.13 8.58
C THR T 173 39.97 10.26 8.36
N LEU T 174 40.51 11.42 8.01
CA LEU T 174 39.68 12.58 7.79
C LEU T 174 38.85 12.40 6.53
N THR T 175 39.46 11.82 5.50
CA THR T 175 38.76 11.60 4.24
C THR T 175 37.66 10.56 4.41
N ARG T 176 37.99 9.50 5.15
CA ARG T 176 37.02 8.45 5.44
C ARG T 176 35.83 9.03 6.19
N PHE T 177 36.12 9.80 7.23
CA PHE T 177 35.06 10.42 8.01
C PHE T 177 34.24 11.37 7.17
N PHE T 178 34.86 12.04 6.19
CA PHE T 178 34.10 12.87 5.28
C PHE T 178 33.14 12.06 4.43
N THR T 179 33.57 10.86 4.04
CA THR T 179 32.72 10.01 3.22
C THR T 179 31.54 9.48 4.02
N PHE T 180 31.82 8.91 5.18
CA PHE T 180 30.72 8.35 5.97
C PHE T 180 29.78 9.44 6.44
N HIS T 181 30.34 10.60 6.76
CA HIS T 181 29.51 11.71 7.16
C HIS T 181 28.63 12.15 5.99
N PHE T 182 29.17 12.10 4.79
CA PHE T 182 28.39 12.41 3.61
C PHE T 182 27.26 11.42 3.41
N ILE T 183 27.52 10.14 3.66
CA ILE T 183 26.59 9.09 3.25
C ILE T 183 25.50 8.74 4.27
N LEU T 184 25.82 8.87 5.56
CA LEU T 184 24.92 8.41 6.59
C LEU T 184 23.55 9.07 6.67
N PRO T 185 23.45 10.38 6.51
CA PRO T 185 22.15 11.03 6.71
C PRO T 185 21.04 10.53 5.78
N PHE T 186 21.38 10.16 4.56
CA PHE T 186 20.37 9.64 3.65
C PHE T 186 19.86 8.27 4.10
N ILE T 187 20.75 7.49 4.70
CA ILE T 187 20.37 6.23 5.32
C ILE T 187 19.44 6.51 6.50
N ILE T 188 19.71 7.62 7.18
CA ILE T 188 18.86 8.08 8.27
C ILE T 188 17.49 8.43 7.73
N ALA T 189 17.46 8.94 6.49
CA ALA T 189 16.20 9.28 5.86
C ALA T 189 15.40 8.03 5.49
N ALA T 190 16.06 7.03 4.93
CA ALA T 190 15.37 5.79 4.60
C ALA T 190 14.84 5.10 5.85
N LEU T 191 15.62 5.15 6.93
CA LEU T 191 15.18 4.61 8.19
C LEU T 191 13.95 5.39 8.61
N ALA T 192 13.99 6.71 8.45
CA ALA T 192 12.85 7.53 8.83
C ALA T 192 11.60 7.10 8.04
N THR T 193 11.79 6.69 6.79
CA THR T 193 10.66 6.21 6.00
C THR T 193 10.13 4.90 6.58
N LEU T 194 11.03 4.04 7.03
CA LEU T 194 10.62 2.82 7.70
C LEU T 194 9.86 3.19 8.97
N HIS T 195 10.35 4.24 9.62
CA HIS T 195 9.89 4.65 10.93
C HIS T 195 8.41 5.05 10.83
N LEU T 196 8.14 5.92 9.87
CA LEU T 196 6.78 6.34 9.58
C LEU T 196 5.96 5.18 9.03
N LEU T 197 6.62 4.22 8.39
CA LEU T 197 5.92 3.07 7.84
C LEU T 197 5.33 2.21 8.93
N PHE T 198 6.14 1.85 9.91
CA PHE T 198 5.65 1.10 11.04
C PHE T 198 4.64 1.93 11.81
N LEU T 199 4.90 3.22 11.89
CA LEU T 199 4.05 4.09 12.72
C LEU T 199 2.59 4.14 12.30
N HIS T 200 2.32 4.22 11.00
CA HIS T 200 0.98 4.59 10.52
C HIS T 200 -0.08 3.49 10.49
N GLU T 201 0.29 2.24 10.67
CA GLU T 201 -0.72 1.18 10.65
C GLU T 201 -1.46 1.07 11.98
N THR T 202 -0.99 1.79 12.99
CA THR T 202 -1.64 1.81 14.29
C THR T 202 -2.19 3.21 14.57
N GLY T 203 -1.45 4.22 14.13
CA GLY T 203 -1.84 5.61 14.33
C GLY T 203 -1.11 6.27 15.49
N SER T 204 -1.03 7.60 15.44
CA SER T 204 -0.32 8.35 16.45
C SER T 204 -1.01 8.26 17.81
N ASN T 205 -0.22 8.23 18.87
CA ASN T 205 -0.73 8.22 20.23
C ASN T 205 -1.24 9.60 20.65
N ASN T 206 -2.12 9.61 21.64
CA ASN T 206 -2.68 10.85 22.18
C ASN T 206 -2.31 11.02 23.66
N PRO T 207 -2.24 12.27 24.15
CA PRO T 207 -1.73 12.50 25.50
C PRO T 207 -2.51 11.79 26.61
N LEU T 208 -3.82 11.64 26.48
CA LEU T 208 -4.58 10.95 27.51
C LEU T 208 -4.19 9.48 27.62
N GLY T 209 -3.78 8.91 26.49
CA GLY T 209 -3.39 7.52 26.43
C GLY T 209 -4.54 6.59 26.04
N ILE T 210 -5.76 7.11 26.12
CA ILE T 210 -6.93 6.37 25.65
C ILE T 210 -6.98 6.37 24.13
N THR T 211 -7.49 5.30 23.53
CA THR T 211 -7.60 5.23 22.09
C THR T 211 -8.53 6.31 21.55
N SER T 212 -8.15 6.91 20.44
CA SER T 212 -8.82 8.09 19.93
C SER T 212 -9.65 7.84 18.67
N HIS T 213 -10.01 6.59 18.43
CA HIS T 213 -10.74 6.22 17.21
C HIS T 213 -12.06 6.97 17.10
N SER T 214 -12.63 7.32 18.24
CA SER T 214 -13.88 8.08 18.27
C SER T 214 -13.69 9.51 17.79
N ASP T 215 -12.46 10.01 17.83
CA ASP T 215 -12.21 11.42 17.53
C ASP T 215 -11.01 11.60 16.59
N LYS T 216 -10.89 10.73 15.60
CA LYS T 216 -9.86 10.85 14.56
C LYS T 216 -10.19 12.01 13.63
N ILE T 217 -9.17 12.70 13.12
CA ILE T 217 -9.36 13.83 12.22
C ILE T 217 -8.27 13.90 11.15
N THR T 218 -8.62 14.35 9.95
CA THR T 218 -7.66 14.46 8.84
C THR T 218 -6.50 15.38 9.18
N PHE T 219 -5.32 15.00 8.71
CA PHE T 219 -4.08 15.70 9.01
C PHE T 219 -3.97 17.06 8.32
N HIS T 220 -4.39 17.14 7.06
CA HIS T 220 -4.18 18.35 6.25
C HIS T 220 -4.73 19.67 6.78
N PRO T 221 -6.02 19.72 7.17
CA PRO T 221 -6.58 21.02 7.57
C PRO T 221 -5.87 21.69 8.74
N TYR T 222 -5.36 20.90 9.67
CA TYR T 222 -5.01 21.42 10.99
C TYR T 222 -3.52 21.30 11.32
N TYR T 223 -3.01 20.09 11.25
CA TYR T 223 -1.64 19.84 11.66
C TYR T 223 -0.62 20.34 10.66
N THR T 224 -1.04 20.61 9.43
CA THR T 224 -0.12 21.21 8.47
C THR T 224 0.20 22.65 8.85
N ILE T 225 -0.79 23.38 9.35
CA ILE T 225 -0.56 24.76 9.75
C ILE T 225 -0.01 24.80 11.16
N LYS T 226 -0.34 23.78 11.96
CA LYS T 226 0.21 23.68 13.30
C LYS T 226 1.72 23.42 13.20
N ASP T 227 2.09 22.54 12.28
CA ASP T 227 3.49 22.25 12.01
C ASP T 227 4.15 23.35 11.20
N ALA T 228 3.35 24.17 10.52
CA ALA T 228 3.89 25.35 9.85
C ALA T 228 4.32 26.37 10.89
N LEU T 229 3.49 26.55 11.91
CA LEU T 229 3.82 27.43 13.01
C LEU T 229 5.00 26.89 13.82
N GLY T 230 5.04 25.57 14.01
CA GLY T 230 6.13 24.99 14.76
C GLY T 230 7.45 25.08 14.01
N LEU T 231 7.38 24.90 12.69
CA LEU T 231 8.55 25.05 11.84
C LEU T 231 9.01 26.50 11.79
N LEU T 232 8.05 27.42 11.87
CA LEU T 232 8.37 28.84 11.84
C LEU T 232 9.06 29.25 13.13
N LEU T 233 8.57 28.73 14.25
CA LEU T 233 9.21 28.99 15.54
C LEU T 233 10.58 28.33 15.58
N PHE T 234 10.72 27.20 14.91
CA PHE T 234 12.00 26.52 14.84
C PHE T 234 13.02 27.33 14.07
N LEU T 235 12.61 27.86 12.92
CA LEU T 235 13.48 28.70 12.13
C LEU T 235 13.78 29.98 12.89
N LEU T 236 12.83 30.42 13.70
CA LEU T 236 13.03 31.62 14.51
C LEU T 236 14.15 31.40 15.52
N SER T 237 14.03 30.34 16.30
CA SER T 237 15.04 30.05 17.33
C SER T 237 16.39 29.75 16.71
N LEU T 238 16.39 29.09 15.56
CA LEU T 238 17.64 28.76 14.90
C LEU T 238 18.35 30.00 14.36
N MET T 239 17.59 30.85 13.67
CA MET T 239 18.15 32.09 13.14
C MET T 239 18.60 33.02 14.26
N THR T 240 17.90 33.01 15.38
CA THR T 240 18.36 33.79 16.54
C THR T 240 19.65 33.24 17.12
N LEU T 241 19.79 31.92 17.15
CA LEU T 241 21.07 31.33 17.57
C LEU T 241 22.21 31.60 16.60
N THR T 242 21.91 31.73 15.32
CA THR T 242 22.97 31.92 14.34
C THR T 242 23.40 33.37 14.13
N LEU T 243 22.44 34.29 14.06
CA LEU T 243 22.74 35.67 13.70
C LEU T 243 23.10 36.59 14.86
N PHE T 244 22.93 36.11 16.08
CA PHE T 244 23.24 36.91 17.26
C PHE T 244 24.33 36.33 18.15
N SER T 245 24.23 35.04 18.45
CA SER T 245 25.25 34.34 19.23
C SER T 245 25.61 33.01 18.59
N PRO T 246 26.35 33.07 17.46
CA PRO T 246 26.79 31.89 16.71
C PRO T 246 27.65 30.93 17.53
N ASP T 247 28.43 31.47 18.46
CA ASP T 247 29.50 30.70 19.09
C ASP T 247 29.18 29.93 20.36
N LEU T 248 28.20 30.39 21.13
CA LEU T 248 28.12 29.97 22.53
C LEU T 248 27.81 28.46 22.68
N LEU T 249 27.09 27.87 21.73
CA LEU T 249 26.87 26.43 21.78
C LEU T 249 28.11 25.68 21.32
N GLY T 250 29.02 26.40 20.68
CA GLY T 250 30.26 25.83 20.19
C GLY T 250 31.37 25.92 21.21
N ASP T 251 32.59 25.64 20.78
CA ASP T 251 33.73 25.67 21.68
C ASP T 251 34.96 26.23 20.98
N PRO T 252 35.52 27.32 21.54
CA PRO T 252 36.81 27.86 21.09
C PRO T 252 37.93 26.85 21.31
N ASP T 253 38.90 26.83 20.40
CA ASP T 253 40.03 25.89 20.26
C ASP T 253 39.97 25.21 18.90
N ASN T 254 38.75 25.01 18.40
CA ASN T 254 38.58 24.47 17.06
C ASN T 254 39.15 25.40 16.00
N TYR T 255 39.21 26.68 16.32
CA TYR T 255 39.75 27.67 15.40
C TYR T 255 41.27 27.62 15.36
N THR T 256 41.87 26.90 16.31
CA THR T 256 43.29 26.60 16.24
C THR T 256 43.53 25.36 15.39
N LEU T 257 44.69 25.28 14.74
CA LEU T 257 45.07 24.09 13.99
C LEU T 257 45.29 22.90 14.89
N ALA T 258 44.97 21.71 14.39
CA ALA T 258 45.23 20.49 15.13
C ALA T 258 46.72 20.28 15.33
N ASN T 259 47.11 19.92 16.55
CA ASN T 259 48.48 19.52 16.83
C ASN T 259 48.58 18.10 17.35
N PRO T 260 49.15 17.20 16.55
CA PRO T 260 49.44 15.84 17.02
C PRO T 260 50.35 15.88 18.24
N LEU T 261 51.21 16.89 18.28
CA LEU T 261 52.18 17.04 19.35
C LEU T 261 51.55 17.63 20.61
N ASN T 262 51.12 18.88 20.50
CA ASN T 262 50.54 19.61 21.63
C ASN T 262 49.16 19.08 22.02
N THR T 263 48.84 19.16 23.31
CA THR T 263 47.54 18.71 23.82
C THR T 263 46.78 19.80 24.57
N PRO T 264 45.57 20.13 24.10
CA PRO T 264 44.64 21.11 24.71
C PRO T 264 44.17 20.72 26.10
N PRO T 265 43.93 21.72 26.97
CA PRO T 265 43.55 21.54 28.38
C PRO T 265 42.19 20.88 28.61
N HIS T 266 41.11 21.66 28.48
CA HIS T 266 39.78 21.23 28.90
C HIS T 266 39.22 20.02 28.14
N ILE T 267 39.65 19.87 26.89
CA ILE T 267 39.38 18.70 26.04
C ILE T 267 37.90 18.24 26.09
N LYS T 268 36.98 19.19 26.07
CA LYS T 268 35.56 18.86 26.14
C LYS T 268 34.88 18.69 24.77
N PRO T 269 34.27 17.52 24.55
CA PRO T 269 33.43 17.17 23.40
C PRO T 269 32.16 18.02 23.34
N GLU T 270 31.63 18.26 22.15
CA GLU T 270 30.46 19.11 21.97
C GLU T 270 29.26 18.60 22.75
N TRP T 271 28.41 19.52 23.19
CA TRP T 271 27.58 19.34 24.38
C TRP T 271 26.63 18.16 24.36
N TYR T 272 26.08 17.82 23.21
CA TYR T 272 25.11 16.72 23.17
C TYR T 272 25.72 15.37 23.54
N PHE T 273 27.01 15.18 23.32
CA PHE T 273 27.65 13.96 23.78
C PHE T 273 28.08 13.99 25.25
N LEU T 274 28.07 15.17 25.87
CA LEU T 274 28.74 15.33 27.17
C LEU T 274 28.31 14.35 28.24
N PHE T 275 27.01 14.12 28.37
CA PHE T 275 26.55 13.28 29.46
C PHE T 275 27.12 11.89 29.31
N ALA T 276 27.16 11.41 28.06
CA ALA T 276 27.65 10.06 27.81
C ALA T 276 29.11 10.01 28.19
N TYR T 277 29.79 11.11 27.90
CA TYR T 277 31.21 11.22 28.15
C TYR T 277 31.47 11.15 29.64
N THR T 278 30.52 11.67 30.43
CA THR T 278 30.70 11.66 31.89
C THR T 278 30.75 10.23 32.38
N ILE T 279 29.99 9.35 31.72
CA ILE T 279 29.96 7.97 32.14
C ILE T 279 31.34 7.34 31.93
N LEU T 280 32.03 7.76 30.88
CA LEU T 280 33.38 7.30 30.64
C LEU T 280 34.28 7.79 31.75
N ARG T 281 33.97 8.99 32.22
CA ARG T 281 34.72 9.61 33.30
C ARG T 281 34.39 8.94 34.62
N SER T 282 33.23 8.27 34.66
CA SER T 282 32.70 7.74 35.92
C SER T 282 33.26 6.37 36.30
N VAL T 283 33.39 5.49 35.31
CA VAL T 283 33.91 4.16 35.58
C VAL T 283 35.40 4.11 35.30
N PRO T 284 36.20 3.80 36.34
CA PRO T 284 37.66 3.79 36.24
C PRO T 284 38.19 2.83 35.18
N ASN T 285 37.50 1.72 34.98
CA ASN T 285 37.90 0.72 34.01
C ASN T 285 37.61 1.19 32.60
N LYS T 286 38.43 0.75 31.65
CA LYS T 286 38.28 1.16 30.26
C LYS T 286 37.08 0.46 29.62
N LEU T 287 37.16 -0.87 29.55
CA LEU T 287 36.12 -1.67 28.92
C LEU T 287 34.80 -1.53 29.67
N GLY T 288 34.88 -1.31 30.98
CA GLY T 288 33.69 -1.10 31.78
C GLY T 288 33.02 0.22 31.43
N GLY T 289 33.85 1.23 31.16
CA GLY T 289 33.33 2.51 30.75
C GLY T 289 32.70 2.43 29.38
N VAL T 290 33.29 1.61 28.51
CA VAL T 290 32.75 1.40 27.18
C VAL T 290 31.39 0.70 27.23
N LEU T 291 31.29 -0.37 28.01
CA LEU T 291 30.02 -1.07 28.16
C LEU T 291 28.97 -0.20 28.82
N ALA T 292 29.38 0.61 29.78
CA ALA T 292 28.43 1.51 30.42
C ALA T 292 27.96 2.56 29.42
N LEU T 293 28.84 2.92 28.50
CA LEU T 293 28.52 3.86 27.45
C LEU T 293 27.49 3.29 26.48
N LEU T 294 27.73 2.06 26.02
CA LEU T 294 26.80 1.41 25.11
C LEU T 294 25.46 1.16 25.80
N LEU T 295 25.49 0.84 27.08
CA LEU T 295 24.28 0.65 27.86
C LEU T 295 23.52 1.96 28.01
N SER T 296 24.24 3.07 27.99
CA SER T 296 23.62 4.38 28.20
C SER T 296 22.57 4.69 27.13
N ILE T 297 22.77 4.15 25.94
CA ILE T 297 21.84 4.41 24.84
C ILE T 297 21.02 3.15 24.54
N LEU T 298 21.60 1.98 24.67
CA LEU T 298 20.82 0.79 24.40
C LEU T 298 19.67 0.74 25.39
N ILE T 299 19.93 1.20 26.62
CA ILE T 299 19.00 1.02 27.72
C ILE T 299 17.56 1.35 27.33
N LEU T 300 17.41 2.18 26.30
CA LEU T 300 16.09 2.61 25.87
C LEU T 300 15.25 1.44 25.36
N ALA T 301 15.92 0.44 24.81
CA ALA T 301 15.24 -0.73 24.26
C ALA T 301 14.56 -1.55 25.35
N MET T 302 15.12 -1.51 26.55
CA MET T 302 14.60 -2.31 27.65
C MET T 302 13.37 -1.70 28.32
N ILE T 303 13.10 -0.44 28.02
CA ILE T 303 11.98 0.27 28.65
C ILE T 303 10.61 -0.41 28.47
N PRO T 304 10.26 -0.82 27.24
CA PRO T 304 8.96 -1.49 27.12
C PRO T 304 8.83 -2.74 27.98
N ILE T 305 9.93 -3.48 28.14
CA ILE T 305 9.93 -4.67 28.97
C ILE T 305 9.72 -4.31 30.43
N LEU T 306 10.24 -3.16 30.81
CA LEU T 306 10.21 -2.71 32.20
C LEU T 306 8.88 -2.05 32.56
N HIS T 307 8.06 -1.80 31.56
CA HIS T 307 6.76 -1.16 31.79
C HIS T 307 5.90 -2.10 32.63
N MET T 308 5.23 -1.55 33.63
CA MET T 308 4.47 -2.37 34.55
C MET T 308 3.07 -1.80 34.77
N SER T 309 2.94 -0.49 34.60
CA SER T 309 1.67 0.18 34.79
C SER T 309 0.65 -0.25 33.74
N LYS T 310 -0.62 -0.20 34.11
CA LYS T 310 -1.69 -0.61 33.23
C LYS T 310 -2.24 0.60 32.47
N GLN T 311 -1.38 1.60 32.29
CA GLN T 311 -1.72 2.84 31.62
C GLN T 311 -0.52 3.32 30.82
N GLN T 312 -0.74 4.23 29.86
CA GLN T 312 0.39 4.76 29.11
C GLN T 312 0.96 6.01 29.75
N SER T 313 0.25 7.13 29.59
CA SER T 313 0.78 8.44 29.95
C SER T 313 1.04 8.60 31.43
N MET T 314 2.09 9.34 31.76
CA MET T 314 2.43 9.62 33.15
C MET T 314 1.47 10.63 33.76
N MET T 315 0.72 11.35 32.92
CA MET T 315 -0.06 12.50 33.37
C MET T 315 -1.11 12.12 34.41
N PHE T 316 -1.60 10.90 34.31
CA PHE T 316 -2.53 10.37 35.30
C PHE T 316 -1.83 9.66 36.44
N ARG T 317 -0.51 9.61 36.38
CA ARG T 317 0.29 8.91 37.38
C ARG T 317 1.43 9.80 37.89
N PRO T 318 1.11 10.73 38.80
CA PRO T 318 2.00 11.82 39.24
C PRO T 318 3.34 11.38 39.84
N LEU T 319 3.36 10.24 40.54
CA LEU T 319 4.59 9.79 41.18
C LEU T 319 5.65 9.47 40.13
N SER T 320 5.24 8.72 39.12
CA SER T 320 6.12 8.36 38.03
C SER T 320 6.53 9.61 37.26
N GLN T 321 5.65 10.60 37.26
CA GLN T 321 5.95 11.88 36.64
C GLN T 321 7.09 12.57 37.38
N SER T 322 7.04 12.48 38.70
CA SER T 322 8.10 13.06 39.53
C SER T 322 9.41 12.33 39.32
N LEU T 323 9.34 11.00 39.14
CA LEU T 323 10.56 10.26 38.82
C LEU T 323 11.09 10.69 37.48
N TYR T 324 10.18 11.01 36.57
CA TYR T 324 10.56 11.39 35.23
C TYR T 324 11.33 12.71 35.26
N TRP T 325 10.81 13.68 36.01
CA TRP T 325 11.51 14.94 36.07
C TRP T 325 12.79 14.83 36.91
N LEU T 326 12.85 13.87 37.83
CA LEU T 326 14.12 13.59 38.49
C LEU T 326 15.12 13.09 37.48
N LEU T 327 14.65 12.30 36.52
CA LEU T 327 15.52 11.76 35.48
C LEU T 327 16.03 12.88 34.59
N ALA T 328 15.15 13.83 34.28
CA ALA T 328 15.56 14.96 33.44
C ALA T 328 16.58 15.83 34.16
N ALA T 329 16.34 16.07 35.44
CA ALA T 329 17.28 16.87 36.23
C ALA T 329 18.63 16.16 36.30
N ASP T 330 18.59 14.84 36.38
CA ASP T 330 19.81 14.05 36.43
C ASP T 330 20.57 14.16 35.12
N LEU T 331 19.85 14.17 34.00
CA LEU T 331 20.49 14.36 32.71
C LEU T 331 21.12 15.74 32.61
N LEU T 332 20.48 16.74 33.20
CA LEU T 332 21.09 18.07 33.25
C LEU T 332 22.35 18.05 34.09
N ILE T 333 22.35 17.23 35.13
CA ILE T 333 23.50 17.11 36.00
C ILE T 333 24.69 16.52 35.25
N LEU T 334 24.46 15.42 34.53
CA LEU T 334 25.54 14.82 33.77
C LEU T 334 26.01 15.76 32.67
N THR T 335 25.05 16.42 32.03
CA THR T 335 25.34 17.29 30.90
C THR T 335 26.20 18.47 31.35
N TRP T 336 25.99 18.91 32.58
CA TRP T 336 26.83 19.97 33.13
C TRP T 336 28.19 19.44 33.59
N ILE T 337 28.22 18.23 34.13
CA ILE T 337 29.45 17.64 34.61
C ILE T 337 30.42 17.34 33.46
N GLY T 338 29.90 17.16 32.26
CA GLY T 338 30.76 16.84 31.13
C GLY T 338 31.63 18.01 30.72
N GLY T 339 31.25 19.20 31.15
CA GLY T 339 31.98 20.42 30.83
C GLY T 339 33.08 20.75 31.83
N GLN T 340 33.34 19.86 32.76
CA GLN T 340 34.21 20.19 33.88
C GLN T 340 35.41 19.26 34.04
N PRO T 341 36.53 19.84 34.48
CA PRO T 341 37.77 19.12 34.71
C PRO T 341 37.64 18.21 35.92
N VAL T 342 38.29 17.06 35.92
CA VAL T 342 38.20 16.17 37.06
C VAL T 342 38.81 16.80 38.33
N SER T 343 38.07 16.71 39.42
CA SER T 343 38.44 17.31 40.70
C SER T 343 37.57 16.63 41.74
N TYR T 344 37.82 16.88 43.02
CA TYR T 344 37.12 16.10 44.03
C TYR T 344 35.61 16.29 43.88
N PRO T 345 35.18 17.62 43.73
CA PRO T 345 33.71 17.75 43.79
C PRO T 345 33.03 17.04 42.64
N PHE T 346 33.56 17.19 41.44
CA PHE T 346 32.96 16.63 40.24
C PHE T 346 32.94 15.12 40.13
N THR T 347 34.04 14.46 40.50
CA THR T 347 34.09 13.02 40.32
C THR T 347 33.05 12.29 41.16
N ILE T 348 32.86 12.74 42.40
CA ILE T 348 31.85 12.15 43.26
C ILE T 348 30.41 12.35 42.79
N ILE T 349 30.10 13.56 42.31
CA ILE T 349 28.79 13.89 41.81
C ILE T 349 28.52 13.18 40.49
N GLY T 350 29.55 12.98 39.69
CA GLY T 350 29.39 12.28 38.43
C GLY T 350 29.05 10.81 38.63
N GLN T 351 29.73 10.17 39.58
CA GLN T 351 29.47 8.76 39.84
C GLN T 351 28.08 8.58 40.42
N VAL T 352 27.73 9.42 41.39
CA VAL T 352 26.40 9.32 42.00
C VAL T 352 25.31 9.58 40.97
N ALA T 353 25.54 10.55 40.09
CA ALA T 353 24.57 10.88 39.07
C ALA T 353 24.40 9.75 38.07
N SER T 354 25.48 9.05 37.75
CA SER T 354 25.40 7.95 36.81
C SER T 354 24.66 6.77 37.41
N VAL T 355 25.03 6.42 38.63
CA VAL T 355 24.42 5.28 39.30
C VAL T 355 22.94 5.55 39.52
N LEU T 356 22.60 6.79 39.85
CA LEU T 356 21.21 7.17 40.00
C LEU T 356 20.51 7.09 38.65
N TYR T 357 21.23 7.44 37.58
CA TYR T 357 20.65 7.40 36.24
C TYR T 357 20.27 6.00 35.81
N PHE T 358 21.11 5.01 36.11
CA PHE T 358 20.74 3.60 35.92
C PHE T 358 19.70 2.99 36.87
N THR T 359 19.79 3.31 38.17
CA THR T 359 18.89 2.75 39.17
C THR T 359 17.47 3.29 39.10
N THR T 360 17.32 4.56 38.71
CA THR T 360 15.97 5.14 38.66
C THR T 360 15.08 4.53 37.60
N ILE T 361 15.68 4.03 36.51
CA ILE T 361 14.85 3.47 35.45
C ILE T 361 15.02 1.96 35.27
N LEU T 362 15.93 1.34 36.03
CA LEU T 362 15.97 -0.12 36.10
C LEU T 362 15.33 -0.69 37.37
N ILE T 363 14.97 0.18 38.31
CA ILE T 363 14.42 -0.31 39.57
C ILE T 363 13.22 0.50 40.05
N LEU T 364 13.44 1.78 40.32
CA LEU T 364 12.44 2.59 40.99
C LEU T 364 11.15 2.76 40.18
N MET T 365 11.29 2.99 38.88
CA MET T 365 10.12 3.25 38.05
C MET T 365 9.12 2.07 38.00
N PRO T 366 9.59 0.83 37.72
CA PRO T 366 8.63 -0.27 37.75
C PRO T 366 7.94 -0.47 39.10
N THR T 367 8.68 -0.22 40.17
CA THR T 367 8.16 -0.48 41.51
C THR T 367 7.11 0.55 41.90
N ILE T 368 7.42 1.81 41.67
CA ILE T 368 6.44 2.86 41.92
C ILE T 368 5.27 2.74 40.95
N SER T 369 5.51 2.15 39.79
CA SER T 369 4.41 1.84 38.88
C SER T 369 3.48 0.81 39.50
N LEU T 370 4.05 -0.21 40.13
CA LEU T 370 3.25 -1.21 40.83
C LEU T 370 2.51 -0.60 42.02
N ILE T 371 3.15 0.37 42.67
CA ILE T 371 2.52 1.05 43.79
C ILE T 371 1.34 1.86 43.30
N GLU T 372 1.50 2.52 42.15
CA GLU T 372 0.42 3.27 41.54
C GLU T 372 -0.70 2.34 41.12
N ASN T 373 -0.34 1.09 40.79
CA ASN T 373 -1.36 0.11 40.48
C ASN T 373 -2.17 -0.26 41.71
N LYS T 374 -1.48 -0.54 42.81
CA LYS T 374 -2.18 -0.91 44.04
C LYS T 374 -2.99 0.23 44.65
N MET T 375 -2.54 1.46 44.46
CA MET T 375 -3.27 2.62 44.98
C MET T 375 -4.62 2.81 44.29
N LEU T 376 -4.71 2.40 43.02
CA LEU T 376 -5.95 2.55 42.26
C LEU T 376 -6.82 1.30 42.27
N LYS T 377 -6.51 0.39 43.18
CA LYS T 377 -7.34 -0.79 43.41
C LYS T 377 -7.53 -1.68 42.18
N TRP T 378 -6.52 -1.83 41.34
CA TRP T 378 -6.54 -2.96 40.43
C TRP T 378 -5.10 -3.39 40.16
N PRO U 1 -63.56 22.54 -25.54
CA PRO U 1 -64.95 22.28 -25.91
C PRO U 1 -65.07 21.21 -26.99
N GLN U 2 -64.64 20.00 -26.67
CA GLN U 2 -64.68 18.91 -27.63
C GLN U 2 -64.74 17.55 -26.95
N ASP U 3 -65.58 16.66 -27.47
CA ASP U 3 -65.57 15.26 -27.07
C ASP U 3 -64.40 14.56 -27.74
N LEU U 4 -63.84 13.54 -27.10
CA LEU U 4 -62.69 12.85 -27.69
C LEU U 4 -63.07 12.13 -28.97
N GLU U 5 -62.19 12.18 -29.96
CA GLU U 5 -62.45 11.57 -31.26
C GLU U 5 -61.99 10.13 -31.31
N PHE U 6 -62.76 9.23 -30.72
CA PHE U 6 -62.46 7.81 -30.78
C PHE U 6 -62.51 7.30 -32.22
N THR U 7 -61.56 6.44 -32.57
CA THR U 7 -61.47 5.92 -33.93
C THR U 7 -60.75 4.57 -33.97
N LYS U 8 -61.28 3.64 -34.75
CA LYS U 8 -60.58 2.38 -35.01
C LYS U 8 -59.88 2.43 -36.37
N LEU U 9 -58.95 1.52 -36.59
CA LEU U 9 -58.19 1.47 -37.84
C LEU U 9 -58.18 0.06 -38.43
N PRO U 10 -58.00 -0.05 -39.76
CA PRO U 10 -58.01 -1.33 -40.47
C PRO U 10 -56.95 -2.31 -39.94
N ASN U 11 -55.85 -1.77 -39.47
CA ASN U 11 -54.80 -2.58 -38.84
C ASN U 11 -55.30 -3.22 -37.56
N GLY U 12 -56.38 -2.67 -37.02
CA GLY U 12 -56.93 -3.12 -35.76
C GLY U 12 -56.50 -2.22 -34.63
N LEU U 13 -55.55 -1.35 -34.91
CA LEU U 13 -55.10 -0.36 -33.94
C LEU U 13 -56.21 0.60 -33.61
N VAL U 14 -56.37 0.89 -32.32
CA VAL U 14 -57.36 1.86 -31.86
C VAL U 14 -56.65 3.19 -31.63
N ILE U 15 -57.33 4.30 -31.93
CA ILE U 15 -56.74 5.61 -31.75
C ILE U 15 -57.76 6.61 -31.21
N ALA U 16 -57.29 7.58 -30.43
CA ALA U 16 -58.17 8.60 -29.89
C ALA U 16 -57.42 9.90 -29.61
N SER U 17 -58.15 10.99 -29.46
CA SER U 17 -57.54 12.29 -29.18
C SER U 17 -58.53 13.19 -28.46
N LEU U 18 -58.02 14.10 -27.63
CA LEU U 18 -58.86 15.05 -26.91
C LEU U 18 -58.16 16.38 -26.79
N GLU U 19 -58.40 17.26 -27.76
CA GLU U 19 -57.69 18.53 -27.83
C GLU U 19 -57.92 19.41 -26.62
N ASN U 20 -56.82 19.96 -26.11
CA ASN U 20 -56.85 20.94 -25.02
C ASN U 20 -55.93 22.08 -25.39
N TYR U 21 -55.75 23.02 -24.48
CA TYR U 21 -54.86 24.13 -24.76
C TYR U 21 -53.83 24.32 -23.66
N SER U 22 -53.66 23.30 -22.84
CA SER U 22 -52.53 23.21 -21.94
C SER U 22 -51.29 22.86 -22.75
N PRO U 23 -50.19 23.59 -22.53
CA PRO U 23 -48.94 23.44 -23.29
C PRO U 23 -48.32 22.04 -23.22
N VAL U 24 -48.48 21.31 -22.11
CA VAL U 24 -47.91 19.96 -22.05
C VAL U 24 -48.77 18.94 -22.80
N SER U 25 -48.37 18.65 -24.02
CA SER U 25 -48.90 17.51 -24.74
C SER U 25 -48.48 16.24 -24.01
N ARG U 26 -49.37 15.27 -23.92
CA ARG U 26 -49.12 14.10 -23.10
C ARG U 26 -49.79 12.88 -23.72
N ILE U 27 -49.02 12.06 -24.42
CA ILE U 27 -49.63 10.93 -25.10
C ILE U 27 -49.34 9.62 -24.40
N GLY U 28 -50.16 8.61 -24.67
CA GLY U 28 -49.98 7.31 -24.07
C GLY U 28 -50.25 6.19 -25.04
N LEU U 29 -49.58 5.07 -24.82
CA LEU U 29 -49.79 3.89 -25.63
C LEU U 29 -50.09 2.70 -24.75
N PHE U 30 -51.19 2.03 -25.04
CA PHE U 30 -51.72 1.00 -24.16
C PHE U 30 -51.77 -0.36 -24.84
N ILE U 31 -50.91 -1.26 -24.41
CA ILE U 31 -50.94 -2.63 -24.90
C ILE U 31 -51.73 -3.48 -23.92
N LYS U 32 -52.52 -4.43 -24.43
CA LYS U 32 -53.33 -5.28 -23.59
C LYS U 32 -52.46 -6.25 -22.79
N ALA U 33 -51.22 -6.41 -23.22
CA ALA U 33 -50.29 -7.34 -22.58
C ALA U 33 -50.06 -6.97 -21.12
N GLY U 34 -49.90 -7.98 -20.28
CA GLY U 34 -49.68 -7.77 -18.86
C GLY U 34 -48.99 -8.95 -18.21
N SER U 35 -48.87 -8.91 -16.90
CA SER U 35 -48.20 -9.96 -16.15
C SER U 35 -48.94 -11.28 -16.23
N ARG U 36 -50.26 -11.22 -16.42
CA ARG U 36 -51.06 -12.43 -16.46
C ARG U 36 -50.74 -13.32 -17.66
N TYR U 37 -50.26 -12.72 -18.74
CA TYR U 37 -50.02 -13.47 -19.96
C TYR U 37 -48.73 -14.28 -19.86
N GLU U 38 -47.95 -13.99 -18.83
CA GLU U 38 -46.81 -14.83 -18.47
C GLU U 38 -47.32 -16.17 -17.96
N ASP U 39 -46.55 -17.22 -18.21
CA ASP U 39 -46.84 -18.51 -17.59
C ASP U 39 -45.63 -18.97 -16.80
N PHE U 40 -45.62 -20.23 -16.39
CA PHE U 40 -44.53 -20.75 -15.57
C PHE U 40 -43.20 -20.74 -16.33
N SER U 41 -43.27 -20.84 -17.65
CA SER U 41 -42.07 -20.91 -18.47
C SER U 41 -41.26 -19.62 -18.50
N ASN U 42 -41.93 -18.48 -18.55
CA ASN U 42 -41.24 -17.20 -18.68
C ASN U 42 -41.77 -16.16 -17.70
N LEU U 43 -42.01 -16.61 -16.48
CA LEU U 43 -42.56 -15.74 -15.44
C LEU U 43 -41.62 -14.60 -15.11
N GLY U 44 -42.19 -13.42 -14.85
CA GLY U 44 -41.41 -12.26 -14.45
C GLY U 44 -40.82 -11.45 -15.59
N THR U 45 -41.12 -11.85 -16.82
CA THR U 45 -40.59 -11.16 -17.99
C THR U 45 -41.08 -9.72 -18.12
N THR U 46 -42.33 -9.49 -17.73
CA THR U 46 -42.91 -8.14 -17.84
C THR U 46 -42.20 -7.15 -16.93
N HIS U 47 -41.77 -7.61 -15.76
CA HIS U 47 -41.14 -6.74 -14.78
C HIS U 47 -39.82 -6.19 -15.29
N LEU U 48 -39.13 -6.98 -16.11
CA LEU U 48 -37.91 -6.50 -16.75
C LEU U 48 -38.25 -5.67 -17.97
N LEU U 49 -39.26 -6.12 -18.71
CA LEU U 49 -39.60 -5.49 -19.97
C LEU U 49 -40.03 -4.04 -19.76
N ARG U 50 -40.65 -3.76 -18.61
CA ARG U 50 -41.01 -2.39 -18.27
C ARG U 50 -39.74 -1.55 -18.05
N LEU U 51 -38.67 -2.19 -17.62
CA LEU U 51 -37.41 -1.51 -17.33
C LEU U 51 -36.50 -1.48 -18.55
N THR U 52 -36.92 -2.14 -19.63
CA THR U 52 -36.13 -2.15 -20.86
C THR U 52 -36.44 -0.96 -21.75
N SER U 53 -37.22 -0.02 -21.22
CA SER U 53 -37.70 1.12 -22.01
C SER U 53 -36.58 2.01 -22.55
N SER U 54 -35.47 2.09 -21.80
CA SER U 54 -34.36 2.97 -22.18
C SER U 54 -33.25 2.26 -22.95
N LEU U 55 -33.39 0.96 -23.17
CA LEU U 55 -32.35 0.20 -23.87
C LEU U 55 -32.27 0.57 -25.35
N THR U 56 -31.11 0.36 -25.94
CA THR U 56 -30.91 0.69 -27.35
C THR U 56 -31.79 -0.15 -28.25
N THR U 57 -32.19 0.46 -29.37
CA THR U 57 -33.11 -0.16 -30.30
C THR U 57 -32.55 -0.08 -31.71
N LYS U 58 -33.25 -0.68 -32.66
CA LYS U 58 -32.76 -0.77 -34.03
C LYS U 58 -32.62 0.61 -34.69
N GLY U 59 -33.50 1.54 -34.31
CA GLY U 59 -33.50 2.85 -34.90
C GLY U 59 -32.80 3.93 -34.09
N ALA U 60 -32.44 3.61 -32.85
CA ALA U 60 -31.77 4.58 -31.99
C ALA U 60 -30.93 3.93 -30.90
N SER U 61 -29.78 4.54 -30.63
CA SER U 61 -28.93 4.13 -29.52
C SER U 61 -29.53 4.59 -28.20
N SER U 62 -29.27 3.86 -27.13
CA SER U 62 -29.87 4.16 -25.83
C SER U 62 -29.47 5.55 -25.33
N PHE U 63 -28.26 5.94 -25.69
CA PHE U 63 -27.75 7.27 -25.36
C PHE U 63 -28.61 8.32 -26.05
N LYS U 64 -29.04 8.01 -27.27
CA LYS U 64 -29.88 8.92 -28.02
C LYS U 64 -31.28 9.04 -27.40
N ILE U 65 -31.80 7.93 -26.88
CA ILE U 65 -33.10 7.97 -26.22
C ILE U 65 -33.05 8.77 -24.94
N THR U 66 -32.10 8.45 -24.07
CA THR U 66 -32.04 9.10 -22.77
C THR U 66 -31.69 10.58 -22.91
N ARG U 67 -30.61 10.86 -23.65
CA ARG U 67 -30.16 12.23 -23.83
C ARG U 67 -31.16 13.04 -24.65
N GLY U 68 -31.86 12.39 -25.57
CA GLY U 68 -32.85 13.09 -26.36
C GLY U 68 -34.05 13.50 -25.54
N ILE U 69 -34.61 12.53 -24.82
CA ILE U 69 -35.78 12.76 -24.00
C ILE U 69 -35.48 13.78 -22.91
N GLU U 70 -34.26 13.76 -22.38
CA GLU U 70 -33.89 14.72 -21.35
C GLU U 70 -33.60 16.11 -21.93
N ALA U 71 -32.90 16.16 -23.06
CA ALA U 71 -32.58 17.44 -23.68
C ALA U 71 -33.83 18.17 -24.10
N VAL U 72 -34.84 17.41 -24.53
CA VAL U 72 -36.14 18.00 -24.82
C VAL U 72 -36.80 18.51 -23.54
N GLY U 73 -36.50 17.87 -22.43
CA GLY U 73 -37.11 18.21 -21.15
C GLY U 73 -38.42 17.46 -20.92
N GLY U 74 -38.81 16.64 -21.88
CA GLY U 74 -39.97 15.78 -21.71
C GLY U 74 -39.56 14.53 -20.97
N LYS U 75 -40.50 13.63 -20.71
CA LYS U 75 -40.13 12.36 -20.08
C LYS U 75 -41.04 11.19 -20.43
N LEU U 76 -40.40 10.06 -20.68
CA LEU U 76 -41.09 8.79 -20.88
C LEU U 76 -41.41 8.15 -19.53
N SER U 77 -42.46 7.33 -19.48
CA SER U 77 -42.80 6.58 -18.28
C SER U 77 -43.52 5.30 -18.66
N VAL U 78 -43.41 4.28 -17.82
CA VAL U 78 -43.96 2.96 -18.13
C VAL U 78 -44.81 2.42 -16.99
N THR U 79 -46.10 2.71 -17.03
CA THR U 79 -47.06 2.14 -16.08
C THR U 79 -47.30 0.67 -16.46
N ALA U 80 -47.61 -0.17 -15.48
CA ALA U 80 -47.91 -1.56 -15.75
C ALA U 80 -48.86 -2.14 -14.71
N THR U 81 -49.63 -3.14 -15.10
CA THR U 81 -50.56 -3.80 -14.20
C THR U 81 -50.88 -5.20 -14.70
N ARG U 82 -51.61 -5.98 -13.91
CA ARG U 82 -51.89 -7.38 -14.23
C ARG U 82 -52.67 -7.51 -15.53
N GLU U 83 -53.44 -6.48 -15.86
CA GLU U 83 -54.14 -6.43 -17.14
C GLU U 83 -53.31 -5.74 -18.20
N ASN U 84 -53.51 -4.43 -18.32
CA ASN U 84 -52.85 -3.63 -19.32
C ASN U 84 -51.38 -3.32 -19.00
N MET U 85 -50.58 -3.11 -20.04
CA MET U 85 -49.29 -2.45 -19.88
C MET U 85 -49.38 -1.11 -20.60
N ALA U 86 -48.82 -0.07 -20.01
CA ALA U 86 -49.08 1.27 -20.52
C ALA U 86 -47.84 2.16 -20.59
N TYR U 87 -47.27 2.26 -21.79
CA TYR U 87 -46.24 3.26 -22.06
C TYR U 87 -46.88 4.63 -22.10
N THR U 88 -46.12 5.67 -21.79
CA THR U 88 -46.63 7.03 -21.77
C THR U 88 -45.47 8.00 -21.97
N VAL U 89 -45.73 9.17 -22.53
CA VAL U 89 -44.69 10.20 -22.58
C VAL U 89 -45.28 11.60 -22.54
N GLU U 90 -44.60 12.48 -21.83
CA GLU U 90 -45.01 13.87 -21.68
C GLU U 90 -44.00 14.77 -22.36
N CYS U 91 -44.50 15.82 -23.02
CA CYS U 91 -43.61 16.75 -23.71
C CYS U 91 -44.31 18.05 -24.06
N LEU U 92 -43.53 19.07 -24.39
CA LEU U 92 -44.07 20.32 -24.87
C LEU U 92 -44.62 20.11 -26.28
N ARG U 93 -45.58 20.94 -26.68
CA ARG U 93 -46.32 20.72 -27.93
C ARG U 93 -45.46 20.70 -29.19
N GLY U 94 -44.38 21.46 -29.19
CA GLY U 94 -43.56 21.58 -30.39
C GLY U 94 -42.53 20.47 -30.54
N ASP U 95 -42.46 19.59 -29.55
CA ASP U 95 -41.38 18.61 -29.49
C ASP U 95 -41.80 17.16 -29.76
N VAL U 96 -43.10 16.96 -29.95
CA VAL U 96 -43.66 15.62 -30.02
C VAL U 96 -43.03 14.82 -31.14
N ASP U 97 -42.72 15.53 -32.23
CA ASP U 97 -42.23 14.92 -33.45
C ASP U 97 -40.96 14.15 -33.17
N ILE U 98 -40.24 14.57 -32.13
CA ILE U 98 -39.09 13.81 -31.69
C ILE U 98 -39.53 12.64 -30.81
N LEU U 99 -40.15 12.95 -29.67
CA LEU U 99 -40.31 11.95 -28.62
C LEU U 99 -41.20 10.79 -29.03
N MET U 100 -42.22 11.08 -29.83
CA MET U 100 -43.14 10.03 -30.21
C MET U 100 -42.41 9.05 -31.11
N GLU U 101 -41.42 9.56 -31.85
CA GLU U 101 -40.60 8.71 -32.68
C GLU U 101 -39.81 7.71 -31.84
N PHE U 102 -39.46 8.11 -30.63
CA PHE U 102 -38.84 7.18 -29.70
C PHE U 102 -39.84 6.11 -29.31
N LEU U 103 -41.09 6.50 -29.11
CA LEU U 103 -42.12 5.56 -28.67
C LEU U 103 -42.34 4.52 -29.75
N LEU U 104 -42.37 4.98 -31.00
CA LEU U 104 -42.53 4.12 -32.15
C LEU U 104 -41.39 3.13 -32.20
N ASN U 105 -40.25 3.56 -31.69
CA ASN U 105 -39.06 2.74 -31.72
C ASN U 105 -39.02 1.81 -30.50
N VAL U 106 -39.65 2.23 -29.41
CA VAL U 106 -39.60 1.44 -28.17
C VAL U 106 -40.48 0.21 -28.22
N THR U 107 -41.70 0.36 -28.70
CA THR U 107 -42.66 -0.73 -28.63
C THR U 107 -42.64 -1.64 -29.87
N THR U 108 -42.38 -1.09 -31.04
CA THR U 108 -42.47 -1.87 -32.26
C THR U 108 -41.16 -2.58 -32.61
N ALA U 109 -40.04 -1.90 -32.41
CA ALA U 109 -38.74 -2.48 -32.76
C ALA U 109 -37.74 -2.33 -31.63
N PRO U 110 -37.90 -3.13 -30.58
CA PRO U 110 -36.99 -3.10 -29.44
C PRO U 110 -36.01 -4.27 -29.44
N GLU U 111 -34.88 -4.15 -30.13
CA GLU U 111 -33.89 -5.20 -30.04
C GLU U 111 -33.35 -5.25 -28.61
N PHE U 112 -33.07 -6.45 -28.13
CA PHE U 112 -32.55 -6.62 -26.77
C PHE U 112 -31.15 -7.19 -26.78
N ARG U 113 -30.15 -6.32 -26.84
CA ARG U 113 -28.76 -6.76 -26.76
C ARG U 113 -28.52 -7.37 -25.40
N ARG U 114 -28.01 -8.60 -25.39
CA ARG U 114 -28.03 -9.42 -24.18
C ARG U 114 -27.19 -8.91 -23.02
N TRP U 115 -26.06 -8.27 -23.30
CA TRP U 115 -25.23 -7.74 -22.22
C TRP U 115 -25.93 -6.58 -21.52
N GLU U 116 -26.68 -5.78 -22.28
CA GLU U 116 -27.42 -4.67 -21.70
C GLU U 116 -28.54 -5.18 -20.80
N VAL U 117 -29.07 -6.34 -21.15
CA VAL U 117 -30.13 -6.96 -20.39
C VAL U 117 -29.55 -7.54 -19.09
N ALA U 118 -28.40 -8.17 -19.22
CA ALA U 118 -27.69 -8.74 -18.09
C ALA U 118 -27.28 -7.65 -17.12
N ASP U 119 -26.98 -6.48 -17.64
CA ASP U 119 -26.67 -5.33 -16.80
C ASP U 119 -27.89 -4.89 -16.00
N LEU U 120 -29.07 -5.05 -16.57
CA LEU U 120 -30.31 -4.67 -15.89
C LEU U 120 -30.85 -5.75 -14.97
N GLN U 121 -30.31 -6.97 -15.08
CA GLN U 121 -30.79 -8.07 -14.24
C GLN U 121 -30.69 -7.80 -12.72
N PRO U 122 -29.54 -7.32 -12.22
CA PRO U 122 -29.47 -7.07 -10.77
C PRO U 122 -30.48 -6.06 -10.25
N GLN U 123 -30.86 -5.09 -11.07
CA GLN U 123 -31.72 -3.98 -10.65
C GLN U 123 -33.11 -4.42 -10.21
N LEU U 124 -33.55 -5.57 -10.71
CA LEU U 124 -34.88 -6.07 -10.44
C LEU U 124 -35.10 -6.29 -8.96
N LYS U 125 -34.04 -6.72 -8.26
CA LYS U 125 -34.12 -6.93 -6.83
C LYS U 125 -34.29 -5.60 -6.08
N ILE U 126 -33.62 -4.56 -6.57
CA ILE U 126 -33.72 -3.25 -5.94
C ILE U 126 -35.12 -2.69 -6.11
N ASP U 127 -35.64 -2.79 -7.33
CA ASP U 127 -36.96 -2.25 -7.61
C ASP U 127 -38.04 -3.03 -6.85
N LYS U 128 -37.85 -4.34 -6.76
CA LYS U 128 -38.76 -5.20 -6.02
C LYS U 128 -38.73 -4.87 -4.53
N ALA U 129 -37.55 -4.50 -4.04
CA ALA U 129 -37.38 -4.20 -2.63
C ALA U 129 -38.01 -2.87 -2.25
N VAL U 130 -37.71 -1.84 -3.03
CA VAL U 130 -38.30 -0.53 -2.76
C VAL U 130 -39.81 -0.60 -2.97
N ALA U 131 -40.25 -1.48 -3.86
CA ALA U 131 -41.67 -1.75 -4.01
C ALA U 131 -42.26 -2.45 -2.78
N PHE U 132 -41.45 -3.28 -2.13
CA PHE U 132 -41.92 -3.99 -0.94
C PHE U 132 -41.71 -3.20 0.34
N GLN U 133 -41.18 -1.99 0.22
CA GLN U 133 -41.17 -1.06 1.34
C GLN U 133 -42.59 -0.66 1.75
N ASN U 134 -43.53 -0.81 0.82
CA ASN U 134 -44.94 -0.49 1.09
C ASN U 134 -45.68 -1.75 1.55
N PRO U 135 -46.14 -1.75 2.80
CA PRO U 135 -46.72 -2.93 3.48
C PRO U 135 -47.93 -3.59 2.83
N GLN U 136 -48.83 -2.83 2.20
CA GLN U 136 -50.02 -3.42 1.59
C GLN U 136 -49.71 -4.29 0.39
N THR U 137 -48.70 -3.89 -0.37
CA THR U 137 -48.36 -4.56 -1.60
C THR U 137 -47.92 -5.98 -1.28
N HIS U 138 -47.06 -6.10 -0.29
CA HIS U 138 -46.46 -7.38 0.04
C HIS U 138 -47.51 -8.38 0.43
N VAL U 139 -48.62 -7.91 0.99
CA VAL U 139 -49.75 -8.80 1.26
C VAL U 139 -50.56 -9.09 0.01
N ILE U 140 -50.90 -8.05 -0.75
CA ILE U 140 -51.86 -8.23 -1.84
C ILE U 140 -51.31 -8.98 -3.06
N GLU U 141 -50.02 -8.84 -3.40
CA GLU U 141 -49.50 -9.72 -4.43
C GLU U 141 -49.51 -11.18 -3.98
N ASN U 142 -49.29 -11.41 -2.70
CA ASN U 142 -49.51 -12.76 -2.16
C ASN U 142 -50.99 -13.13 -2.14
N LEU U 143 -51.85 -12.13 -2.04
CA LEU U 143 -53.29 -12.37 -2.02
C LEU U 143 -53.78 -12.89 -3.37
N HIS U 144 -53.30 -12.29 -4.46
CA HIS U 144 -53.65 -12.79 -5.79
C HIS U 144 -53.09 -14.19 -6.02
N ALA U 145 -51.92 -14.45 -5.45
CA ALA U 145 -51.32 -15.78 -5.57
C ALA U 145 -52.14 -16.79 -4.79
N ALA U 146 -52.79 -16.33 -3.73
CA ALA U 146 -53.67 -17.17 -2.92
C ALA U 146 -55.08 -17.27 -3.49
N ALA U 147 -55.40 -16.43 -4.47
CA ALA U 147 -56.77 -16.36 -4.96
C ALA U 147 -56.99 -16.95 -6.36
N TYR U 148 -55.92 -17.34 -7.04
CA TYR U 148 -56.07 -17.86 -8.41
C TYR U 148 -55.16 -19.04 -8.72
N ARG U 149 -55.69 -20.05 -9.36
CA ARG U 149 -54.86 -21.13 -9.86
C ARG U 149 -53.91 -20.65 -10.94
N ASN U 150 -54.39 -19.75 -11.79
CA ASN U 150 -53.82 -19.55 -13.12
C ASN U 150 -53.28 -18.15 -13.40
N ALA U 151 -53.94 -17.43 -14.30
CA ALA U 151 -53.37 -16.25 -14.95
C ALA U 151 -53.11 -15.06 -14.03
N LEU U 152 -54.10 -14.72 -13.21
CA LEU U 152 -54.00 -13.52 -12.39
C LEU U 152 -53.09 -13.73 -11.19
N ALA U 153 -52.76 -14.99 -10.91
CA ALA U 153 -51.91 -15.31 -9.77
C ALA U 153 -50.49 -14.80 -9.96
N ASN U 154 -50.10 -14.59 -11.22
CA ASN U 154 -48.74 -14.20 -11.55
C ASN U 154 -48.39 -12.82 -11.00
N PRO U 155 -47.31 -12.74 -10.22
CA PRO U 155 -46.83 -11.50 -9.60
C PRO U 155 -46.42 -10.42 -10.61
N LEU U 156 -46.66 -9.16 -10.30
CA LEU U 156 -46.14 -8.06 -11.11
C LEU U 156 -44.62 -8.02 -11.06
N TYR U 157 -44.07 -8.41 -9.92
CA TYR U 157 -42.63 -8.32 -9.68
C TYR U 157 -41.95 -9.66 -9.93
N CYS U 158 -40.70 -9.60 -10.38
CA CYS U 158 -39.95 -10.80 -10.70
C CYS U 158 -39.65 -11.63 -9.46
N PRO U 159 -39.90 -12.95 -9.55
CA PRO U 159 -39.56 -13.89 -8.48
C PRO U 159 -38.06 -13.94 -8.27
N ASP U 160 -37.64 -14.16 -7.03
CA ASP U 160 -36.24 -14.00 -6.65
C ASP U 160 -35.30 -14.94 -7.41
N TYR U 161 -35.75 -16.14 -7.73
CA TYR U 161 -34.91 -17.09 -8.45
C TYR U 161 -34.76 -16.71 -9.92
N ARG U 162 -35.68 -15.92 -10.44
CA ARG U 162 -35.63 -15.49 -11.84
C ARG U 162 -34.84 -14.21 -12.06
N ILE U 163 -34.33 -13.60 -11.00
CA ILE U 163 -33.69 -12.30 -11.12
C ILE U 163 -32.48 -12.34 -12.04
N GLY U 164 -31.74 -13.45 -12.04
CA GLY U 164 -30.58 -13.56 -12.89
C GLY U 164 -30.76 -14.36 -14.16
N LYS U 165 -31.89 -15.04 -14.30
CA LYS U 165 -32.06 -16.00 -15.39
C LYS U 165 -32.92 -15.53 -16.55
N VAL U 166 -33.49 -14.33 -16.45
CA VAL U 166 -34.28 -13.79 -17.56
C VAL U 166 -33.36 -13.54 -18.75
N THR U 167 -33.81 -13.86 -19.95
CA THR U 167 -32.97 -13.75 -21.13
C THR U 167 -33.65 -12.94 -22.23
N SER U 168 -32.84 -12.40 -23.14
CA SER U 168 -33.36 -11.55 -24.21
C SER U 168 -34.31 -12.30 -25.14
N GLU U 169 -34.07 -13.59 -25.35
CA GLU U 169 -34.91 -14.40 -26.22
C GLU U 169 -36.33 -14.52 -25.68
N GLU U 170 -36.44 -14.63 -24.36
CA GLU U 170 -37.75 -14.67 -23.71
C GLU U 170 -38.44 -13.32 -23.86
N LEU U 171 -37.63 -12.27 -23.88
CA LEU U 171 -38.14 -10.92 -24.08
C LEU U 171 -38.74 -10.78 -25.47
N HIS U 172 -38.02 -11.22 -26.49
CA HIS U 172 -38.55 -11.15 -27.84
C HIS U 172 -39.79 -12.00 -27.96
N TYR U 173 -39.75 -13.22 -27.42
CA TYR U 173 -40.88 -14.13 -27.53
C TYR U 173 -42.11 -13.53 -26.87
N PHE U 174 -41.91 -12.75 -25.81
CA PHE U 174 -43.02 -12.06 -25.20
C PHE U 174 -43.45 -10.84 -26.03
N VAL U 175 -42.51 -10.27 -26.79
CA VAL U 175 -42.82 -9.08 -27.57
C VAL U 175 -43.62 -9.35 -28.84
N GLN U 176 -43.18 -10.30 -29.68
CA GLN U 176 -43.95 -10.55 -30.89
C GLN U 176 -45.32 -11.16 -30.59
N ASN U 177 -45.41 -11.90 -29.49
CA ASN U 177 -46.65 -12.60 -29.18
C ASN U 177 -47.68 -11.75 -28.43
N HIS U 178 -47.27 -10.57 -27.96
CA HIS U 178 -48.16 -9.79 -27.11
C HIS U 178 -48.19 -8.30 -27.41
N PHE U 179 -47.28 -7.82 -28.26
CA PHE U 179 -47.37 -6.44 -28.71
C PHE U 179 -48.03 -6.38 -30.07
N THR U 180 -49.07 -7.18 -30.22
CA THR U 180 -49.91 -7.17 -31.41
C THR U 180 -50.59 -5.82 -31.57
N SER U 181 -50.66 -5.32 -32.80
CA SER U 181 -51.26 -4.02 -33.07
C SER U 181 -52.74 -4.00 -32.75
N ALA U 182 -53.41 -5.13 -32.88
CA ALA U 182 -54.82 -5.21 -32.54
C ALA U 182 -55.06 -4.99 -31.05
N ARG U 183 -54.11 -5.43 -30.24
CA ARG U 183 -54.15 -5.19 -28.79
C ARG U 183 -53.91 -3.72 -28.43
N MET U 184 -53.17 -3.03 -29.28
CA MET U 184 -52.68 -1.69 -28.97
C MET U 184 -53.77 -0.63 -29.08
N ALA U 185 -53.63 0.43 -28.29
CA ALA U 185 -54.49 1.60 -28.43
C ALA U 185 -53.69 2.86 -28.12
N LEU U 186 -53.92 3.91 -28.88
CA LEU U 186 -53.12 5.12 -28.75
C LEU U 186 -53.99 6.29 -28.31
N ILE U 187 -53.56 6.97 -27.25
CA ILE U 187 -54.38 8.03 -26.65
C ILE U 187 -53.60 9.34 -26.52
N GLY U 188 -53.86 10.26 -27.43
CA GLY U 188 -53.29 11.59 -27.35
C GLY U 188 -54.13 12.51 -26.50
N LEU U 189 -53.65 13.74 -26.32
CA LEU U 189 -54.42 14.76 -25.59
C LEU U 189 -54.32 16.12 -26.28
N GLY U 190 -53.33 16.91 -25.89
CA GLY U 190 -53.19 18.25 -26.43
C GLY U 190 -52.73 18.20 -27.87
N VAL U 191 -52.21 17.05 -28.28
CA VAL U 191 -51.86 16.82 -29.67
C VAL U 191 -53.11 16.78 -30.54
N SER U 192 -53.06 17.44 -31.70
CA SER U 192 -54.18 17.47 -32.62
C SER U 192 -54.42 16.09 -33.24
N HIS U 193 -55.68 15.80 -33.54
CA HIS U 193 -56.03 14.49 -34.06
C HIS U 193 -55.39 14.10 -35.42
N PRO U 194 -55.45 14.98 -36.44
CA PRO U 194 -54.90 14.55 -37.74
C PRO U 194 -53.42 14.15 -37.76
N VAL U 195 -52.60 14.82 -36.96
CA VAL U 195 -51.19 14.44 -36.93
C VAL U 195 -51.04 13.09 -36.24
N LEU U 196 -51.99 12.78 -35.35
CA LEU U 196 -52.10 11.42 -34.82
C LEU U 196 -52.52 10.46 -35.92
N LYS U 197 -53.32 10.94 -36.87
CA LYS U 197 -53.67 10.11 -38.03
C LYS U 197 -52.43 9.80 -38.83
N GLN U 198 -51.45 10.71 -38.79
CA GLN U 198 -50.18 10.47 -39.47
C GLN U 198 -49.28 9.50 -38.70
N VAL U 199 -48.93 9.86 -37.47
CA VAL U 199 -48.00 9.07 -36.68
C VAL U 199 -48.50 7.69 -36.32
N ALA U 200 -49.81 7.55 -36.12
CA ALA U 200 -50.38 6.22 -35.92
C ALA U 200 -50.25 5.42 -37.21
N GLU U 201 -50.40 6.12 -38.33
CA GLU U 201 -50.27 5.48 -39.63
C GLU U 201 -48.84 4.96 -39.77
N GLN U 202 -47.91 5.64 -39.13
CA GLN U 202 -46.55 5.13 -39.04
C GLN U 202 -46.47 3.83 -38.21
N PHE U 203 -47.31 3.72 -37.18
CA PHE U 203 -47.45 2.47 -36.42
C PHE U 203 -48.08 1.33 -37.20
N LEU U 204 -48.94 1.67 -38.17
CA LEU U 204 -49.71 0.64 -38.87
C LEU U 204 -48.89 -0.35 -39.69
N ASN U 205 -47.73 0.07 -40.18
CA ASN U 205 -46.91 -0.82 -41.00
C ASN U 205 -46.40 -2.03 -40.23
N MET U 206 -46.15 -1.87 -38.94
CA MET U 206 -45.71 -2.98 -38.09
C MET U 206 -46.83 -3.94 -37.69
N ARG U 207 -46.46 -5.21 -37.56
CA ARG U 207 -47.20 -6.23 -36.81
C ARG U 207 -48.57 -6.63 -37.37
N GLY U 208 -48.85 -7.93 -37.34
CA GLY U 208 -50.16 -8.46 -37.68
C GLY U 208 -51.12 -8.43 -36.50
N GLY U 209 -52.37 -8.84 -36.72
CA GLY U 209 -53.37 -8.83 -35.68
C GLY U 209 -53.42 -10.05 -34.76
N LEU U 210 -54.23 -9.94 -33.70
CA LEU U 210 -54.46 -11.00 -32.70
C LEU U 210 -53.21 -11.55 -32.01
N GLY U 211 -53.16 -11.38 -30.69
CA GLY U 211 -52.10 -11.92 -29.87
C GLY U 211 -52.32 -13.37 -29.47
N LEU U 212 -51.41 -13.91 -28.68
CA LEU U 212 -51.48 -15.31 -28.26
C LEU U 212 -52.71 -15.59 -27.40
N SER U 213 -53.10 -14.61 -26.58
CA SER U 213 -54.36 -14.62 -25.83
C SER U 213 -54.76 -15.94 -25.16
N GLY U 214 -53.96 -16.41 -24.20
CA GLY U 214 -54.29 -17.63 -23.48
C GLY U 214 -54.96 -17.42 -22.13
N ALA U 215 -55.06 -18.52 -21.37
CA ALA U 215 -55.46 -18.49 -19.95
C ALA U 215 -56.89 -18.02 -19.67
N LYS U 216 -57.32 -18.18 -18.43
CA LYS U 216 -58.67 -17.79 -17.99
C LYS U 216 -58.69 -17.38 -16.52
N ALA U 217 -57.67 -17.82 -15.77
CA ALA U 217 -57.54 -17.53 -14.34
C ALA U 217 -58.71 -18.06 -13.51
N ASN U 218 -58.63 -19.34 -13.18
CA ASN U 218 -59.61 -19.97 -12.29
C ASN U 218 -59.46 -19.55 -10.84
N TYR U 219 -60.57 -19.49 -10.11
CA TYR U 219 -60.54 -19.13 -8.70
C TYR U 219 -60.11 -20.29 -7.80
N ARG U 220 -59.63 -19.96 -6.61
CA ARG U 220 -59.22 -20.97 -5.64
C ARG U 220 -59.40 -20.37 -4.23
N GLY U 221 -59.40 -21.20 -3.21
CA GLY U 221 -59.58 -20.75 -1.85
C GLY U 221 -58.40 -20.81 -0.90
N GLY U 222 -57.20 -20.99 -1.44
CA GLY U 222 -56.03 -21.22 -0.60
C GLY U 222 -55.50 -20.04 0.18
N GLU U 223 -54.76 -20.33 1.25
CA GLU U 223 -54.10 -19.32 2.07
C GLU U 223 -52.65 -19.07 1.71
N ILE U 224 -52.12 -17.94 2.16
CA ILE U 224 -50.69 -17.70 2.24
C ILE U 224 -50.38 -16.93 3.52
N ARG U 225 -49.40 -17.39 4.29
CA ARG U 225 -49.01 -16.72 5.52
C ARG U 225 -47.50 -16.58 5.57
N GLU U 226 -47.00 -15.59 6.31
CA GLU U 226 -45.57 -15.29 6.28
C GLU U 226 -44.87 -15.48 7.62
N GLN U 227 -45.56 -15.12 8.70
CA GLN U 227 -45.00 -15.17 10.04
C GLN U 227 -43.76 -14.29 10.19
N ASN U 228 -43.94 -13.09 10.74
CA ASN U 228 -42.84 -12.17 10.97
C ASN U 228 -42.78 -11.71 12.42
N GLY U 229 -41.75 -10.95 12.77
CA GLY U 229 -41.63 -10.41 14.11
C GLY U 229 -42.38 -9.10 14.33
N ASP U 230 -42.89 -8.53 13.24
CA ASP U 230 -43.55 -7.22 13.31
C ASP U 230 -44.82 -7.25 14.16
N SER U 231 -44.97 -6.25 15.02
CA SER U 231 -46.16 -6.13 15.86
C SER U 231 -47.41 -5.84 15.05
N LEU U 232 -47.24 -5.12 13.95
CA LEU U 232 -48.36 -4.70 13.12
C LEU U 232 -48.73 -5.78 12.11
N VAL U 233 -49.48 -6.78 12.56
CA VAL U 233 -49.97 -7.79 11.64
C VAL U 233 -50.94 -7.14 10.68
N HIS U 234 -50.92 -7.56 9.43
CA HIS U 234 -51.80 -6.98 8.42
C HIS U 234 -52.18 -8.02 7.38
N ALA U 235 -53.45 -8.02 7.00
CA ALA U 235 -54.00 -9.15 6.24
C ALA U 235 -55.30 -8.81 5.52
N ALA U 236 -55.65 -9.63 4.53
CA ALA U 236 -56.90 -9.43 3.80
C ALA U 236 -57.59 -10.75 3.52
N PHE U 237 -58.92 -10.74 3.54
CA PHE U 237 -59.66 -11.93 3.14
C PHE U 237 -60.68 -11.56 2.07
N VAL U 238 -60.82 -12.45 1.08
CA VAL U 238 -61.50 -12.10 -0.16
C VAL U 238 -62.40 -13.19 -0.73
N ALA U 239 -63.62 -12.82 -1.08
CA ALA U 239 -64.52 -13.66 -1.86
C ALA U 239 -64.58 -13.20 -3.31
N GLU U 240 -65.03 -14.12 -4.17
CA GLU U 240 -65.21 -13.91 -5.60
C GLU U 240 -66.27 -12.84 -5.90
N SER U 241 -66.07 -12.07 -6.96
CA SER U 241 -67.09 -11.11 -7.38
C SER U 241 -67.17 -10.94 -8.89
N ALA U 242 -68.39 -10.83 -9.40
CA ALA U 242 -68.61 -10.66 -10.84
C ALA U 242 -68.08 -9.32 -11.33
N VAL U 243 -67.38 -9.37 -12.45
CA VAL U 243 -66.68 -8.22 -13.04
C VAL U 243 -66.44 -8.48 -14.52
N ALA U 244 -66.63 -7.47 -15.39
CA ALA U 244 -67.21 -6.18 -15.05
C ALA U 244 -68.34 -5.82 -16.00
N GLY U 245 -68.86 -4.61 -15.85
CA GLY U 245 -69.91 -4.10 -16.71
C GLY U 245 -71.27 -4.50 -16.20
N SER U 246 -71.28 -5.39 -15.23
CA SER U 246 -72.51 -5.80 -14.57
C SER U 246 -72.97 -4.73 -13.59
N ALA U 247 -74.26 -4.67 -13.35
CA ALA U 247 -74.79 -3.82 -12.29
C ALA U 247 -74.28 -4.35 -10.96
N GLU U 248 -73.99 -5.64 -10.93
CA GLU U 248 -73.47 -6.29 -9.73
C GLU U 248 -72.11 -5.72 -9.32
N ALA U 249 -71.28 -5.40 -10.30
CA ALA U 249 -69.96 -4.83 -10.01
C ALA U 249 -70.10 -3.46 -9.40
N ASN U 250 -71.05 -2.70 -9.93
CA ASN U 250 -71.34 -1.39 -9.37
C ASN U 250 -71.87 -1.56 -7.97
N ALA U 251 -72.58 -2.66 -7.75
CA ALA U 251 -73.09 -2.98 -6.42
C ALA U 251 -71.95 -3.27 -5.45
N PHE U 252 -70.88 -3.89 -5.93
CA PHE U 252 -69.69 -4.08 -5.09
C PHE U 252 -68.95 -2.79 -4.83
N SER U 253 -68.97 -1.86 -5.78
CA SER U 253 -68.31 -0.58 -5.56
C SER U 253 -69.06 0.26 -4.54
N VAL U 254 -70.38 0.33 -4.72
CA VAL U 254 -71.23 1.04 -3.80
C VAL U 254 -71.18 0.35 -2.45
N LEU U 255 -70.97 -0.96 -2.47
CA LEU U 255 -70.84 -1.72 -1.24
C LEU U 255 -69.57 -1.33 -0.49
N GLN U 256 -68.44 -1.30 -1.17
CA GLN U 256 -67.20 -0.96 -0.45
C GLN U 256 -67.28 0.47 0.05
N HIS U 257 -67.97 1.34 -0.68
CA HIS U 257 -68.11 2.71 -0.21
C HIS U 257 -69.21 2.91 0.83
N VAL U 258 -70.06 1.91 1.03
CA VAL U 258 -70.89 1.89 2.23
C VAL U 258 -70.01 1.54 3.42
N LEU U 259 -69.04 0.66 3.17
CA LEU U 259 -68.13 0.19 4.20
C LEU U 259 -67.03 1.20 4.47
N GLY U 260 -66.93 2.22 3.62
CA GLY U 260 -65.91 3.24 3.76
C GLY U 260 -64.56 2.75 3.27
N ALA U 261 -64.36 2.82 1.97
CA ALA U 261 -63.12 2.34 1.35
C ALA U 261 -61.91 3.14 1.80
N GLY U 262 -62.12 4.42 2.13
CA GLY U 262 -61.03 5.28 2.54
C GLY U 262 -61.47 6.57 3.21
N PRO U 263 -60.56 7.19 3.97
CA PRO U 263 -60.78 8.45 4.69
C PRO U 263 -61.05 9.63 3.76
N HIS U 264 -61.86 10.57 4.21
CA HIS U 264 -62.04 11.83 3.49
C HIS U 264 -61.46 12.97 4.31
N VAL U 265 -61.33 12.72 5.61
CA VAL U 265 -60.84 13.72 6.54
C VAL U 265 -59.44 13.38 7.05
N LYS U 266 -58.48 14.26 6.78
CA LYS U 266 -57.14 14.08 7.32
C LYS U 266 -57.13 14.19 8.83
N ARG U 267 -56.31 13.38 9.47
CA ARG U 267 -56.06 13.44 10.92
C ARG U 267 -57.37 13.28 11.71
N GLY U 268 -58.32 12.54 11.15
CA GLY U 268 -59.60 12.35 11.80
C GLY U 268 -60.09 10.92 11.79
N SER U 269 -60.53 10.45 12.95
CA SER U 269 -61.10 9.11 13.06
C SER U 269 -62.35 9.04 12.20
N ASN U 270 -62.50 7.96 11.44
CA ASN U 270 -63.56 7.87 10.44
C ASN U 270 -64.90 7.54 11.09
N THR U 271 -65.65 8.58 11.42
CA THR U 271 -66.89 8.45 12.17
C THR U 271 -68.01 7.69 11.44
N THR U 272 -68.03 7.76 10.12
CA THR U 272 -69.18 7.22 9.39
C THR U 272 -69.00 5.77 8.96
N SER U 273 -67.76 5.33 8.71
CA SER U 273 -67.54 3.97 8.22
C SER U 273 -67.94 2.94 9.26
N HIS U 274 -68.67 1.92 8.83
CA HIS U 274 -69.16 0.89 9.73
C HIS U 274 -68.04 0.01 10.29
N LEU U 275 -67.02 -0.19 9.47
CA LEU U 275 -65.91 -1.06 9.84
C LEU U 275 -65.01 -0.41 10.88
N HIS U 276 -64.67 0.86 10.68
CA HIS U 276 -63.89 1.59 11.67
C HIS U 276 -64.67 1.74 12.97
N GLN U 277 -65.99 1.90 12.87
CA GLN U 277 -66.81 2.09 14.04
C GLN U 277 -67.16 0.78 14.72
N ALA U 278 -66.84 -0.33 14.06
CA ALA U 278 -66.99 -1.63 14.69
C ALA U 278 -65.70 -1.99 15.41
N VAL U 279 -64.59 -1.92 14.68
CA VAL U 279 -63.29 -2.27 15.24
C VAL U 279 -62.89 -1.32 16.37
N ALA U 280 -63.23 -0.04 16.25
CA ALA U 280 -62.85 0.93 17.28
C ALA U 280 -63.51 0.63 18.61
N LYS U 281 -64.74 0.15 18.58
CA LYS U 281 -65.42 -0.23 19.81
C LYS U 281 -65.08 -1.68 20.17
N ALA U 282 -64.43 -2.38 19.24
CA ALA U 282 -64.02 -3.75 19.51
C ALA U 282 -62.72 -3.79 20.32
N THR U 283 -61.75 -2.97 19.92
CA THR U 283 -60.43 -2.99 20.56
C THR U 283 -59.80 -1.61 20.68
N GLN U 284 -58.47 -1.60 20.77
CA GLN U 284 -57.68 -0.38 20.86
C GLN U 284 -57.72 0.40 19.56
N GLN U 285 -57.52 1.72 19.64
CA GLN U 285 -57.49 2.58 18.47
C GLN U 285 -56.46 2.19 17.38
N PRO U 286 -55.22 1.79 17.75
CA PRO U 286 -54.29 1.55 16.64
C PRO U 286 -54.69 0.41 15.70
N PHE U 287 -55.34 0.77 14.59
CA PHE U 287 -55.66 -0.15 13.51
C PHE U 287 -56.03 0.62 12.25
N ASP U 288 -56.35 -0.10 11.19
CA ASP U 288 -56.93 0.50 10.00
C ASP U 288 -57.65 -0.57 9.21
N VAL U 289 -58.93 -0.35 8.90
CA VAL U 289 -59.76 -1.38 8.28
C VAL U 289 -60.56 -0.82 7.12
N SER U 290 -60.52 -1.50 5.97
CA SER U 290 -61.33 -1.03 4.83
C SER U 290 -61.58 -2.11 3.79
N ALA U 291 -62.63 -1.93 3.01
CA ALA U 291 -62.99 -2.85 1.95
C ALA U 291 -62.03 -2.76 0.76
N PHE U 292 -61.91 -3.86 0.02
CA PHE U 292 -61.01 -3.96 -1.12
C PHE U 292 -61.75 -4.59 -2.28
N ASN U 293 -61.49 -4.11 -3.50
CA ASN U 293 -62.22 -4.59 -4.66
C ASN U 293 -61.40 -4.62 -5.94
N ALA U 294 -60.80 -5.76 -6.23
CA ALA U 294 -60.11 -5.97 -7.50
C ALA U 294 -61.13 -6.17 -8.62
N SER U 295 -60.78 -5.74 -9.83
CA SER U 295 -61.71 -5.76 -10.94
C SER U 295 -61.02 -6.08 -12.27
N TYR U 296 -61.12 -7.34 -12.70
CA TYR U 296 -60.44 -7.80 -13.91
C TYR U 296 -61.41 -8.47 -14.85
N SER U 297 -61.10 -8.45 -16.15
CA SER U 297 -62.06 -8.86 -17.18
C SER U 297 -62.54 -10.29 -17.04
N ASP U 298 -61.70 -11.18 -16.53
CA ASP U 298 -62.11 -12.55 -16.29
C ASP U 298 -62.86 -12.70 -14.97
N SER U 299 -62.41 -11.98 -13.95
CA SER U 299 -62.99 -12.09 -12.62
C SER U 299 -62.65 -10.90 -11.74
N GLY U 300 -63.48 -10.67 -10.73
CA GLY U 300 -63.18 -9.65 -9.75
C GLY U 300 -63.08 -10.24 -8.36
N LEU U 301 -62.58 -9.44 -7.42
CA LEU U 301 -62.41 -9.88 -6.05
C LEU U 301 -62.91 -8.82 -5.08
N PHE U 302 -63.44 -9.25 -3.94
CA PHE U 302 -63.91 -8.28 -2.95
C PHE U 302 -63.66 -8.78 -1.55
N GLY U 303 -63.31 -7.88 -0.63
CA GLY U 303 -63.11 -8.29 0.75
C GLY U 303 -62.32 -7.34 1.62
N ILE U 304 -62.50 -7.49 2.93
CA ILE U 304 -61.87 -6.62 3.90
C ILE U 304 -60.35 -6.80 3.98
N TYR U 305 -59.67 -5.67 4.10
CA TYR U 305 -58.25 -5.60 4.39
C TYR U 305 -58.02 -4.81 5.67
N THR U 306 -57.05 -5.25 6.47
CA THR U 306 -56.81 -4.68 7.80
C THR U 306 -55.34 -4.59 8.19
N ILE U 307 -55.04 -3.63 9.05
CA ILE U 307 -53.76 -3.54 9.74
C ILE U 307 -54.07 -3.39 11.23
N SER U 308 -53.38 -4.14 12.08
CA SER U 308 -53.70 -4.14 13.50
C SER U 308 -52.59 -4.71 14.36
N GLN U 309 -52.72 -4.51 15.67
CA GLN U 309 -51.82 -5.12 16.65
C GLN U 309 -51.96 -6.62 16.58
N ALA U 310 -50.86 -7.34 16.76
CA ALA U 310 -50.84 -8.78 16.55
C ALA U 310 -51.76 -9.52 17.51
N THR U 311 -51.86 -9.04 18.74
CA THR U 311 -52.76 -9.64 19.72
C THR U 311 -54.23 -9.42 19.36
N ALA U 312 -54.49 -8.28 18.73
CA ALA U 312 -55.87 -7.87 18.47
C ALA U 312 -56.41 -8.35 17.13
N ALA U 313 -55.58 -9.02 16.33
CA ALA U 313 -55.95 -9.32 14.95
C ALA U 313 -57.20 -10.18 14.85
N GLY U 314 -57.32 -11.17 15.73
CA GLY U 314 -58.46 -12.07 15.67
C GLY U 314 -59.68 -11.39 16.21
N ASP U 315 -59.48 -10.30 16.94
CA ASP U 315 -60.57 -9.48 17.41
C ASP U 315 -61.04 -8.53 16.32
N VAL U 316 -60.18 -8.27 15.35
CA VAL U 316 -60.48 -7.23 14.37
C VAL U 316 -61.19 -7.79 13.15
N ILE U 317 -60.59 -8.76 12.49
CA ILE U 317 -61.17 -9.29 11.26
C ILE U 317 -62.38 -10.18 11.52
N LYS U 318 -62.55 -10.63 12.77
CA LYS U 318 -63.78 -11.32 13.13
C LYS U 318 -64.89 -10.32 13.46
N ALA U 319 -64.51 -9.05 13.55
CA ALA U 319 -65.49 -8.00 13.84
C ALA U 319 -66.00 -7.37 12.56
N ALA U 320 -65.07 -6.87 11.75
CA ALA U 320 -65.43 -6.20 10.51
C ALA U 320 -66.18 -7.12 9.56
N TYR U 321 -65.81 -8.40 9.56
CA TYR U 321 -66.49 -9.37 8.73
C TYR U 321 -67.94 -9.49 9.16
N ASN U 322 -68.17 -9.42 10.47
CA ASN U 322 -69.52 -9.48 11.00
C ASN U 322 -70.34 -8.31 10.51
N GLN U 323 -69.66 -7.19 10.26
CA GLN U 323 -70.36 -6.02 9.77
C GLN U 323 -70.98 -6.35 8.42
N VAL U 324 -70.23 -7.07 7.59
CA VAL U 324 -70.74 -7.46 6.29
C VAL U 324 -71.92 -8.38 6.48
N LYS U 325 -71.86 -9.21 7.52
CA LYS U 325 -72.93 -10.14 7.81
C LYS U 325 -74.20 -9.37 8.13
N THR U 326 -74.04 -8.20 8.75
CA THR U 326 -75.20 -7.39 9.08
C THR U 326 -75.89 -6.91 7.81
N ILE U 327 -75.10 -6.68 6.76
CA ILE U 327 -75.68 -6.28 5.49
C ILE U 327 -76.38 -7.47 4.83
N ALA U 328 -75.91 -8.68 5.16
CA ALA U 328 -76.53 -9.89 4.63
C ALA U 328 -77.91 -10.07 5.24
N GLN U 329 -78.12 -9.44 6.39
CA GLN U 329 -79.38 -9.53 7.10
C GLN U 329 -80.42 -8.59 6.50
N GLY U 330 -79.98 -7.76 5.55
CA GLY U 330 -80.85 -6.76 4.96
C GLY U 330 -80.91 -5.49 5.76
N ASN U 331 -80.07 -5.39 6.79
CA ASN U 331 -80.00 -4.20 7.62
C ASN U 331 -79.23 -3.09 6.93
N LEU U 332 -79.94 -2.26 6.17
CA LEU U 332 -79.30 -1.20 5.40
C LEU U 332 -80.25 -0.05 5.07
N SER U 333 -80.02 1.11 5.68
CA SER U 333 -80.82 2.30 5.42
C SER U 333 -80.51 2.88 4.04
N ASN U 334 -81.48 3.56 3.45
CA ASN U 334 -81.26 4.23 2.16
C ASN U 334 -80.29 5.40 2.22
N THR U 335 -80.23 6.07 3.36
CA THR U 335 -79.50 7.33 3.48
C THR U 335 -77.99 7.18 3.33
N ASP U 336 -77.42 6.27 4.10
CA ASP U 336 -75.97 6.05 4.05
C ASP U 336 -75.59 5.47 2.69
N VAL U 337 -76.53 4.76 2.07
CA VAL U 337 -76.34 4.28 0.71
C VAL U 337 -76.23 5.46 -0.25
N GLN U 338 -77.08 6.46 -0.04
CA GLN U 338 -77.02 7.66 -0.87
C GLN U 338 -75.71 8.38 -0.64
N ALA U 339 -75.24 8.35 0.60
CA ALA U 339 -73.97 8.96 0.94
C ALA U 339 -72.82 8.25 0.24
N ALA U 340 -72.94 6.93 0.12
CA ALA U 340 -71.92 6.12 -0.51
C ALA U 340 -71.91 6.31 -2.03
N LYS U 341 -73.10 6.42 -2.60
CA LYS U 341 -73.23 6.65 -4.03
C LYS U 341 -72.64 8.01 -4.34
N ASN U 342 -72.86 8.96 -3.44
CA ASN U 342 -72.26 10.28 -3.58
C ASN U 342 -70.74 10.20 -3.44
N LYS U 343 -70.26 9.29 -2.60
CA LYS U 343 -68.82 9.10 -2.44
C LYS U 343 -68.16 8.54 -3.69
N LEU U 344 -68.84 7.62 -4.37
CA LEU U 344 -68.35 7.19 -5.68
C LEU U 344 -68.43 8.23 -6.76
N LYS U 345 -69.48 9.04 -6.76
CA LYS U 345 -69.59 10.06 -7.79
C LYS U 345 -68.47 11.09 -7.61
N ALA U 346 -68.34 11.59 -6.38
CA ALA U 346 -67.33 12.59 -6.08
C ALA U 346 -65.91 12.04 -6.23
N GLY U 347 -65.70 10.81 -5.76
CA GLY U 347 -64.38 10.24 -5.78
C GLY U 347 -63.93 9.88 -7.18
N TYR U 348 -64.88 9.40 -7.99
CA TYR U 348 -64.57 9.09 -9.37
C TYR U 348 -64.28 10.35 -10.14
N LEU U 349 -65.07 11.40 -9.92
CA LEU U 349 -64.81 12.65 -10.62
C LEU U 349 -63.48 13.24 -10.20
N MET U 350 -63.09 13.02 -8.94
CA MET U 350 -61.78 13.46 -8.49
C MET U 350 -60.65 12.71 -9.17
N SER U 351 -60.74 11.39 -9.19
CA SER U 351 -59.68 10.59 -9.78
C SER U 351 -59.56 10.87 -11.29
N VAL U 352 -60.70 11.12 -11.92
CA VAL U 352 -60.70 11.54 -13.32
C VAL U 352 -60.13 12.95 -13.52
N GLU U 353 -60.27 13.80 -12.51
CA GLU U 353 -60.04 15.23 -12.69
C GLU U 353 -58.61 15.58 -13.11
N SER U 354 -57.63 14.80 -12.66
CA SER U 354 -56.26 14.97 -13.14
C SER U 354 -56.15 14.45 -14.58
N SER U 355 -55.35 15.13 -15.39
CA SER U 355 -55.21 14.75 -16.80
C SER U 355 -54.54 13.39 -17.00
N GLU U 356 -53.58 13.07 -16.13
CA GLU U 356 -52.80 11.85 -16.29
C GLU U 356 -53.65 10.63 -15.97
N CYS U 357 -54.34 10.69 -14.85
CA CYS U 357 -55.25 9.61 -14.46
C CYS U 357 -56.42 9.53 -15.43
N PHE U 358 -56.77 10.66 -16.02
CA PHE U 358 -57.78 10.66 -17.07
C PHE U 358 -57.31 9.86 -18.27
N LEU U 359 -56.04 10.05 -18.62
CA LEU U 359 -55.45 9.29 -19.71
C LEU U 359 -55.38 7.82 -19.35
N GLU U 360 -55.17 7.54 -18.07
CA GLU U 360 -55.20 6.15 -17.60
C GLU U 360 -56.60 5.57 -17.74
N GLU U 361 -57.62 6.40 -17.57
CA GLU U 361 -59.01 5.96 -17.67
C GLU U 361 -59.38 5.65 -19.11
N VAL U 362 -59.08 6.60 -19.98
CA VAL U 362 -59.40 6.47 -21.40
C VAL U 362 -58.63 5.30 -21.98
N GLY U 363 -57.40 5.14 -21.55
CA GLY U 363 -56.56 4.06 -22.05
C GLY U 363 -56.89 2.73 -21.42
N SER U 364 -57.58 2.76 -20.29
CA SER U 364 -58.01 1.54 -19.63
C SER U 364 -59.23 0.98 -20.33
N GLN U 365 -60.20 1.85 -20.60
CA GLN U 365 -61.45 1.40 -21.21
C GLN U 365 -61.42 1.45 -22.74
N ALA U 366 -60.31 1.91 -23.32
CA ALA U 366 -60.15 1.86 -24.76
C ALA U 366 -60.02 0.42 -25.28
N LEU U 367 -59.59 -0.47 -24.41
CA LEU U 367 -59.30 -1.84 -24.82
C LEU U 367 -60.48 -2.79 -24.64
N VAL U 368 -61.29 -2.56 -23.62
CA VAL U 368 -62.40 -3.45 -23.32
C VAL U 368 -63.47 -3.45 -24.40
N ALA U 369 -63.58 -2.34 -25.12
CA ALA U 369 -64.55 -2.18 -26.20
C ALA U 369 -64.14 -0.97 -27.01
N GLY U 370 -63.68 0.06 -26.31
CA GLY U 370 -63.17 1.27 -26.93
C GLY U 370 -64.18 2.38 -26.99
N SER U 371 -65.46 2.05 -26.91
CA SER U 371 -66.47 3.09 -26.91
C SER U 371 -66.34 3.87 -25.62
N TYR U 372 -65.98 5.15 -25.73
CA TYR U 372 -65.74 5.95 -24.56
C TYR U 372 -67.03 6.13 -23.77
N MET U 373 -66.92 6.08 -22.45
CA MET U 373 -68.08 6.21 -21.59
C MET U 373 -67.92 7.45 -20.73
N PRO U 374 -68.66 8.51 -21.05
CA PRO U 374 -68.57 9.80 -20.36
C PRO U 374 -68.97 9.67 -18.90
N PRO U 375 -68.35 10.46 -18.02
CA PRO U 375 -68.56 10.28 -16.58
C PRO U 375 -70.02 10.41 -16.17
N SER U 376 -70.78 11.25 -16.86
CA SER U 376 -72.20 11.41 -16.55
C SER U 376 -72.95 10.10 -16.78
N THR U 377 -72.53 9.35 -17.79
CA THR U 377 -73.13 8.05 -18.07
C THR U 377 -72.81 7.07 -16.95
N VAL U 378 -71.58 7.17 -16.42
CA VAL U 378 -71.18 6.32 -15.30
C VAL U 378 -72.02 6.65 -14.09
N LEU U 379 -72.32 7.94 -13.94
CA LEU U 379 -73.20 8.40 -12.88
C LEU U 379 -74.62 7.87 -13.06
N GLN U 380 -75.04 7.71 -14.31
CA GLN U 380 -76.33 7.08 -14.55
C GLN U 380 -76.27 5.63 -14.11
N GLN U 381 -75.13 4.99 -14.40
CA GLN U 381 -74.94 3.59 -14.07
C GLN U 381 -74.87 3.33 -12.57
N ILE U 382 -74.39 4.29 -11.80
CA ILE U 382 -74.39 4.12 -10.34
C ILE U 382 -75.75 4.49 -9.76
N ASP U 383 -76.38 5.52 -10.33
CA ASP U 383 -77.69 5.95 -9.86
C ASP U 383 -78.73 4.87 -10.11
N SER U 384 -78.46 4.03 -11.10
CA SER U 384 -79.35 2.91 -11.41
C SER U 384 -79.39 1.88 -10.29
N VAL U 385 -78.32 1.79 -9.51
CA VAL U 385 -78.17 0.74 -8.50
C VAL U 385 -79.21 0.81 -7.38
N ALA U 386 -79.79 -0.34 -7.03
CA ALA U 386 -80.77 -0.43 -5.95
C ALA U 386 -80.16 -1.02 -4.69
N ASN U 387 -80.82 -0.81 -3.55
CA ASN U 387 -80.34 -1.35 -2.28
C ASN U 387 -80.31 -2.88 -2.28
N ALA U 388 -81.29 -3.47 -2.96
CA ALA U 388 -81.41 -4.92 -3.02
C ALA U 388 -80.23 -5.55 -3.76
N ASP U 389 -79.70 -4.84 -4.76
CA ASP U 389 -78.55 -5.32 -5.49
C ASP U 389 -77.33 -5.33 -4.58
N ILE U 390 -77.25 -4.33 -3.71
CA ILE U 390 -76.17 -4.25 -2.74
C ILE U 390 -76.26 -5.41 -1.76
N ILE U 391 -77.49 -5.69 -1.33
CA ILE U 391 -77.71 -6.79 -0.41
C ILE U 391 -77.37 -8.11 -1.09
N ASN U 392 -77.62 -8.21 -2.38
CA ASN U 392 -77.22 -9.40 -3.13
C ASN U 392 -75.71 -9.53 -3.23
N ALA U 393 -75.02 -8.39 -3.30
CA ALA U 393 -73.57 -8.42 -3.39
C ALA U 393 -72.95 -8.88 -2.07
N ALA U 394 -73.43 -8.31 -0.98
CA ALA U 394 -72.94 -8.71 0.34
C ALA U 394 -73.31 -10.16 0.62
N LYS U 395 -74.46 -10.57 0.10
CA LYS U 395 -74.92 -11.94 0.26
C LYS U 395 -74.01 -12.89 -0.50
N LYS U 396 -73.56 -12.47 -1.68
CA LYS U 396 -72.62 -13.27 -2.44
C LYS U 396 -71.27 -13.33 -1.73
N PHE U 397 -70.91 -12.27 -1.03
CA PHE U 397 -69.66 -12.28 -0.28
C PHE U 397 -69.73 -13.26 0.89
N VAL U 398 -70.81 -13.16 1.67
CA VAL U 398 -70.96 -14.01 2.85
C VAL U 398 -71.13 -15.48 2.47
N SER U 399 -71.83 -15.74 1.37
CA SER U 399 -72.10 -17.11 0.97
C SER U 399 -70.96 -17.73 0.17
N GLY U 400 -70.06 -16.91 -0.33
CA GLY U 400 -69.00 -17.40 -1.20
C GLY U 400 -67.84 -18.07 -0.49
N GLN U 401 -67.04 -18.80 -1.25
CA GLN U 401 -65.79 -19.35 -0.74
C GLN U 401 -64.79 -18.23 -0.58
N LYS U 402 -63.94 -18.32 0.44
CA LYS U 402 -63.03 -17.22 0.76
C LYS U 402 -61.56 -17.63 0.74
N SER U 403 -60.73 -16.70 0.31
CA SER U 403 -59.28 -16.83 0.38
C SER U 403 -58.73 -15.82 1.37
N MET U 404 -57.50 -15.99 1.82
CA MET U 404 -56.91 -15.04 2.75
C MET U 404 -55.39 -14.95 2.57
N ALA U 405 -54.85 -13.77 2.84
CA ALA U 405 -53.40 -13.60 2.87
C ALA U 405 -53.04 -12.76 4.10
N ALA U 406 -51.89 -13.06 4.70
CA ALA U 406 -51.54 -12.44 5.97
C ALA U 406 -50.04 -12.24 6.15
N SER U 407 -49.68 -11.22 6.92
CA SER U 407 -48.28 -10.92 7.18
C SER U 407 -48.08 -10.21 8.52
N GLY U 408 -47.36 -10.85 9.43
CA GLY U 408 -47.13 -10.29 10.75
C GLY U 408 -46.73 -11.36 11.75
N ASN U 409 -46.90 -11.07 13.02
CA ASN U 409 -46.61 -12.06 14.04
C ASN U 409 -47.42 -13.31 13.73
N LEU U 410 -48.73 -13.12 13.57
CA LEU U 410 -49.61 -14.21 13.18
C LEU U 410 -49.90 -15.14 14.32
N GLY U 411 -49.58 -14.72 15.54
CA GLY U 411 -49.91 -15.54 16.69
C GLY U 411 -51.40 -15.70 16.86
N HIS U 412 -52.15 -14.62 16.67
CA HIS U 412 -53.58 -14.65 16.93
C HIS U 412 -54.50 -14.60 15.72
N THR U 413 -53.97 -14.40 14.52
CA THR U 413 -54.84 -14.27 13.36
C THR U 413 -55.58 -15.56 13.06
N PRO U 414 -56.93 -15.41 12.69
CA PRO U 414 -57.60 -16.69 12.40
C PRO U 414 -57.17 -17.26 11.05
N PHE U 415 -57.24 -18.58 10.92
CA PHE U 415 -57.02 -19.25 9.64
C PHE U 415 -58.21 -19.00 8.74
N VAL U 416 -58.03 -19.15 7.44
CA VAL U 416 -59.05 -18.75 6.50
C VAL U 416 -60.37 -19.48 6.68
N ASP U 417 -60.32 -20.79 6.93
CA ASP U 417 -61.57 -21.54 7.04
C ASP U 417 -62.45 -21.08 8.20
N GLU U 418 -61.86 -20.88 9.37
CA GLU U 418 -62.61 -20.39 10.52
C GLU U 418 -63.10 -18.96 10.32
N LEU U 419 -62.23 -18.13 9.76
CA LEU U 419 -62.45 -16.69 9.56
C LEU U 419 -63.48 -16.06 10.48
N THR V 1 -52.21 25.19 -36.01
CA THR V 1 -51.66 24.20 -35.10
C THR V 1 -51.37 24.80 -33.74
N ALA V 2 -51.44 23.97 -32.70
CA ALA V 2 -51.16 24.42 -31.34
C ALA V 2 -49.68 24.81 -31.19
N THR V 3 -49.43 25.90 -30.49
CA THR V 3 -48.08 26.42 -30.30
C THR V 3 -48.10 27.34 -29.08
N PHE V 4 -46.94 27.57 -28.47
CA PHE V 4 -46.83 28.42 -27.28
C PHE V 4 -47.27 29.86 -27.54
N ALA V 5 -47.21 30.28 -28.80
CA ALA V 5 -47.71 31.60 -29.19
C ALA V 5 -49.20 31.69 -28.91
N GLN V 6 -49.87 30.54 -28.93
CA GLN V 6 -51.28 30.47 -28.63
C GLN V 6 -51.56 29.79 -27.30
N ALA V 7 -50.97 28.61 -27.10
CA ALA V 7 -51.32 27.73 -26.00
C ALA V 7 -51.09 28.32 -24.62
N LEU V 8 -50.07 29.17 -24.48
CA LEU V 8 -49.79 29.81 -23.20
C LEU V 8 -50.89 30.75 -22.78
N GLN V 9 -51.58 31.33 -23.77
CA GLN V 9 -52.57 32.37 -23.51
C GLN V 9 -53.94 31.84 -23.12
N PHE V 10 -54.22 30.58 -23.43
CA PHE V 10 -55.57 30.05 -23.20
C PHE V 10 -55.87 29.66 -21.76
N VAL V 11 -54.84 29.59 -20.91
CA VAL V 11 -55.10 29.28 -19.51
C VAL V 11 -55.76 30.50 -18.87
N PRO V 12 -56.95 30.30 -18.28
CA PRO V 12 -57.74 31.42 -17.76
C PRO V 12 -57.05 32.17 -16.63
N GLU V 13 -57.23 33.49 -16.59
CA GLU V 13 -56.73 34.30 -15.49
C GLU V 13 -57.66 34.24 -14.29
N THR V 14 -57.08 34.36 -13.10
CA THR V 14 -57.87 34.46 -11.87
C THR V 14 -58.43 35.87 -11.73
N GLN V 15 -59.58 35.99 -11.06
CA GLN V 15 -60.12 37.31 -10.78
C GLN V 15 -60.02 37.65 -9.30
N VAL V 16 -59.08 38.53 -8.97
CA VAL V 16 -58.86 38.98 -7.60
C VAL V 16 -59.94 39.96 -7.16
N SER V 17 -60.30 39.95 -5.87
CA SER V 17 -61.23 40.93 -5.33
C SER V 17 -61.01 41.13 -3.83
N LEU V 18 -61.40 42.30 -3.33
CA LEU V 18 -61.18 42.63 -1.92
C LEU V 18 -62.47 42.85 -1.15
N LEU V 19 -62.64 42.08 -0.07
CA LEU V 19 -63.71 42.31 0.88
C LEU V 19 -63.39 43.53 1.75
N ASP V 20 -64.42 44.14 2.31
CA ASP V 20 -64.25 45.35 3.13
C ASP V 20 -63.41 45.09 4.38
N ASN V 21 -63.39 43.84 4.85
CA ASN V 21 -62.56 43.48 5.99
C ASN V 21 -61.15 43.11 5.53
N GLY V 22 -60.89 43.32 4.25
CA GLY V 22 -59.55 43.18 3.70
C GLY V 22 -59.19 41.77 3.29
N LEU V 23 -60.09 40.83 3.53
CA LEU V 23 -59.92 39.47 3.03
C LEU V 23 -59.96 39.52 1.51
N ARG V 24 -59.03 38.82 0.86
CA ARG V 24 -59.03 38.81 -0.60
C ARG V 24 -59.53 37.47 -1.13
N VAL V 25 -60.46 37.55 -2.07
CA VAL V 25 -60.98 36.36 -2.73
C VAL V 25 -60.38 36.25 -4.12
N ALA V 26 -59.95 35.05 -4.48
CA ALA V 26 -59.45 34.80 -5.82
C ALA V 26 -60.10 33.54 -6.37
N SER V 27 -60.38 33.54 -7.67
CA SER V 27 -61.04 32.39 -8.28
C SER V 27 -60.64 32.24 -9.73
N GLU V 28 -60.66 30.98 -10.19
CA GLU V 28 -60.34 30.68 -11.59
C GLU V 28 -61.30 29.67 -12.19
N GLN V 29 -62.21 30.14 -13.02
CA GLN V 29 -63.12 29.24 -13.74
C GLN V 29 -62.30 28.37 -14.69
N SER V 30 -62.61 27.08 -14.73
CA SER V 30 -61.82 26.14 -15.50
C SER V 30 -62.67 25.13 -16.25
N SER V 31 -63.98 25.39 -16.33
CA SER V 31 -64.92 24.49 -16.98
C SER V 31 -64.81 23.07 -16.43
N GLN V 32 -64.88 22.95 -15.11
CA GLN V 32 -64.65 21.67 -14.45
C GLN V 32 -65.87 21.35 -13.58
N PRO V 33 -66.26 20.08 -13.52
CA PRO V 33 -67.27 19.63 -12.56
C PRO V 33 -66.90 19.91 -11.10
N THR V 34 -65.60 19.83 -10.80
CA THR V 34 -65.15 19.83 -9.41
C THR V 34 -64.28 21.06 -9.10
N CYS V 35 -64.28 21.48 -7.83
CA CYS V 35 -63.51 22.64 -7.40
C CYS V 35 -63.02 22.47 -5.97
N THR V 36 -61.98 23.21 -5.59
CA THR V 36 -61.41 23.09 -4.24
C THR V 36 -61.16 24.44 -3.56
N VAL V 37 -62.16 24.91 -2.84
CA VAL V 37 -62.04 26.12 -2.03
C VAL V 37 -61.12 25.90 -0.82
N GLY V 38 -60.36 26.92 -0.45
CA GLY V 38 -59.51 26.85 0.72
C GLY V 38 -59.11 28.22 1.24
N VAL V 39 -58.48 28.23 2.41
CA VAL V 39 -58.03 29.47 3.03
C VAL V 39 -56.55 29.40 3.38
N TRP V 40 -55.72 30.05 2.57
CA TRP V 40 -54.29 30.04 2.76
C TRP V 40 -53.81 31.15 3.69
N ILE V 41 -53.88 30.88 4.98
CA ILE V 41 -53.46 31.80 6.02
C ILE V 41 -51.96 32.03 5.97
N ASP V 42 -51.51 33.25 6.23
CA ASP V 42 -50.09 33.57 6.15
C ASP V 42 -49.37 33.26 7.47
N VAL V 43 -50.12 32.82 8.48
CA VAL V 43 -49.52 32.42 9.73
C VAL V 43 -48.61 31.21 9.51
N GLY V 44 -47.47 31.18 10.19
CA GLY V 44 -46.55 30.08 10.08
C GLY V 44 -45.87 29.76 11.40
N SER V 45 -44.97 28.79 11.39
CA SER V 45 -44.27 28.38 12.60
C SER V 45 -43.21 29.37 13.04
N ARG V 46 -42.79 30.26 12.14
CA ARG V 46 -41.76 31.23 12.49
C ARG V 46 -42.28 32.37 13.34
N PHE V 47 -43.60 32.54 13.36
CA PHE V 47 -44.20 33.63 14.12
C PHE V 47 -44.33 33.35 15.62
N GLU V 48 -44.29 32.08 16.01
CA GLU V 48 -44.36 31.74 17.43
C GLU V 48 -43.07 32.08 18.15
N THR V 49 -43.22 32.49 19.40
CA THR V 49 -42.09 32.55 20.33
C THR V 49 -41.88 31.16 20.90
N GLU V 50 -40.79 30.97 21.63
CA GLU V 50 -40.49 29.68 22.23
C GLU V 50 -41.56 29.26 23.24
N LYS V 51 -42.25 30.26 23.80
CA LYS V 51 -43.30 30.02 24.78
C LYS V 51 -44.49 29.24 24.22
N ASN V 52 -44.79 29.42 22.94
CA ASN V 52 -46.00 28.86 22.34
C ASN V 52 -45.77 28.23 20.98
N ASN V 53 -44.70 27.44 20.87
CA ASN V 53 -44.26 26.90 19.59
C ASN V 53 -45.29 25.99 18.92
N GLY V 54 -46.01 25.22 19.73
CA GLY V 54 -46.89 24.18 19.21
C GLY V 54 -48.34 24.56 18.92
N ALA V 55 -48.67 25.84 19.04
CA ALA V 55 -50.06 26.27 18.94
C ALA V 55 -50.68 26.04 17.55
N GLY V 56 -49.99 26.48 16.52
CA GLY V 56 -50.53 26.43 15.17
C GLY V 56 -50.68 25.00 14.69
N TYR V 57 -49.67 24.20 14.99
CA TYR V 57 -49.68 22.80 14.61
C TYR V 57 -50.80 22.11 15.34
N PHE V 58 -50.95 22.45 16.60
CA PHE V 58 -51.96 21.84 17.43
C PHE V 58 -53.33 22.16 16.89
N LEU V 59 -53.51 23.39 16.41
CA LEU V 59 -54.79 23.81 15.89
C LEU V 59 -55.16 22.94 14.70
N GLU V 60 -54.17 22.66 13.87
CA GLU V 60 -54.41 21.87 12.68
C GLU V 60 -54.92 20.50 13.08
N HIS V 61 -54.34 19.95 14.15
CA HIS V 61 -54.79 18.64 14.62
C HIS V 61 -56.24 18.63 15.11
N LEU V 62 -56.63 19.67 15.85
CA LEU V 62 -57.97 19.70 16.43
C LEU V 62 -58.96 20.58 15.70
N ALA V 63 -58.58 21.08 14.53
CA ALA V 63 -59.46 21.99 13.81
C ALA V 63 -60.77 21.33 13.42
N PHE V 64 -60.70 20.08 12.97
CA PHE V 64 -61.90 19.37 12.52
C PHE V 64 -62.60 18.61 13.63
N LYS V 65 -62.00 18.61 14.81
CA LYS V 65 -62.59 17.90 15.95
C LYS V 65 -63.93 18.49 16.38
N GLY V 66 -64.04 19.82 16.37
CA GLY V 66 -65.23 20.44 16.89
C GLY V 66 -65.35 21.91 16.49
N THR V 67 -66.57 22.43 16.57
CA THR V 67 -66.82 23.84 16.27
C THR V 67 -68.06 24.30 17.03
N LYS V 68 -68.21 25.61 17.18
CA LYS V 68 -69.33 26.14 17.96
C LYS V 68 -70.67 25.79 17.33
N ASN V 69 -70.73 25.75 16.00
CA ASN V 69 -71.97 25.40 15.31
C ASN V 69 -72.40 23.96 15.54
N ARG V 70 -71.42 23.06 15.67
CA ARG V 70 -71.72 21.64 15.83
C ARG V 70 -70.55 20.86 16.40
N PRO V 71 -70.83 19.73 17.07
CA PRO V 71 -69.77 18.82 17.48
C PRO V 71 -69.06 18.26 16.26
N GLY V 72 -67.76 18.01 16.37
CA GLY V 72 -66.94 17.69 15.21
C GLY V 72 -67.35 16.43 14.50
N SER V 73 -68.00 15.52 15.22
CA SER V 73 -68.53 14.32 14.61
C SER V 73 -69.59 14.66 13.56
N ALA V 74 -70.39 15.69 13.84
CA ALA V 74 -71.39 16.16 12.88
C ALA V 74 -70.71 16.81 11.68
N LEU V 75 -69.59 17.47 11.92
CA LEU V 75 -68.85 18.15 10.87
C LEU V 75 -68.27 17.13 9.91
N GLU V 76 -67.57 16.14 10.47
CA GLU V 76 -66.99 15.09 9.66
C GLU V 76 -68.08 14.26 8.98
N LYS V 77 -69.20 14.08 9.67
CA LYS V 77 -70.31 13.33 9.09
C LYS V 77 -70.86 14.08 7.89
N GLU V 78 -70.83 15.40 7.97
CA GLU V 78 -71.34 16.23 6.88
C GLU V 78 -70.39 16.24 5.69
N VAL V 79 -69.11 16.41 5.96
CA VAL V 79 -68.10 16.43 4.90
C VAL V 79 -68.02 15.07 4.20
N GLU V 80 -68.21 14.01 4.97
CA GLU V 80 -68.18 12.67 4.42
C GLU V 80 -69.46 12.35 3.66
N SER V 81 -70.59 12.87 4.13
CA SER V 81 -71.85 12.66 3.44
C SER V 81 -71.85 13.34 2.07
N MET V 82 -71.11 14.45 1.96
CA MET V 82 -71.04 15.18 0.70
C MET V 82 -70.03 14.55 -0.26
N GLY V 83 -69.22 13.63 0.24
CA GLY V 83 -68.18 13.03 -0.56
C GLY V 83 -66.97 13.94 -0.62
N ALA V 84 -67.00 15.00 0.17
CA ALA V 84 -65.92 15.98 0.20
C ALA V 84 -64.67 15.45 0.89
N HIS V 85 -63.50 15.88 0.42
CA HIS V 85 -62.24 15.55 1.07
C HIS V 85 -61.63 16.78 1.73
N LEU V 86 -61.99 17.08 2.97
CA LEU V 86 -61.37 18.21 3.65
C LEU V 86 -59.92 17.85 3.92
N ASN V 87 -59.05 18.85 3.86
CA ASN V 87 -57.63 18.63 4.07
C ASN V 87 -56.95 19.89 4.59
N ALA V 88 -55.85 19.70 5.32
CA ALA V 88 -55.17 20.83 5.95
C ALA V 88 -53.70 20.54 6.14
N TYR V 89 -52.88 21.58 6.14
CA TYR V 89 -51.46 21.40 6.44
C TYR V 89 -50.85 22.69 6.94
N SER V 90 -49.68 22.56 7.57
CA SER V 90 -48.99 23.71 8.13
C SER V 90 -47.55 23.73 7.66
N THR V 91 -46.94 24.90 7.72
CA THR V 91 -45.59 25.09 7.20
C THR V 91 -44.94 26.13 8.10
N ARG V 92 -43.63 26.29 8.00
CA ARG V 92 -42.91 27.25 8.83
C ARG V 92 -43.41 28.67 8.57
N GLU V 93 -43.97 28.90 7.39
CA GLU V 93 -44.47 30.23 7.05
C GLU V 93 -45.95 30.23 6.64
N HIS V 94 -46.41 29.16 6.01
CA HIS V 94 -47.76 29.18 5.41
C HIS V 94 -48.70 28.07 5.90
N THR V 95 -49.58 28.41 6.83
CA THR V 95 -50.66 27.50 7.24
C THR V 95 -51.75 27.48 6.17
N ALA V 96 -52.44 26.37 6.00
CA ALA V 96 -53.51 26.30 5.01
C ALA V 96 -54.58 25.24 5.29
N TYR V 97 -55.82 25.63 5.03
CA TYR V 97 -56.98 24.74 5.04
C TYR V 97 -57.56 24.71 3.63
N TYR V 98 -58.10 23.57 3.20
CA TYR V 98 -58.87 23.54 1.95
C TYR V 98 -59.81 22.35 1.86
N ILE V 99 -60.90 22.52 1.10
CA ILE V 99 -61.92 21.50 0.96
C ILE V 99 -61.93 20.99 -0.47
N LYS V 100 -62.41 19.77 -0.68
CA LYS V 100 -62.36 19.11 -1.97
C LYS V 100 -63.69 18.44 -2.33
N ALA V 101 -64.50 19.12 -3.13
CA ALA V 101 -65.84 18.62 -3.48
C ALA V 101 -66.35 19.19 -4.80
N LEU V 102 -67.48 18.65 -5.27
CA LEU V 102 -68.13 19.08 -6.50
C LEU V 102 -68.61 20.53 -6.44
N SER V 103 -68.64 21.18 -7.59
CA SER V 103 -69.13 22.56 -7.68
C SER V 103 -70.60 22.64 -7.29
N LYS V 104 -71.35 21.58 -7.56
CA LYS V 104 -72.75 21.52 -7.15
C LYS V 104 -72.86 21.60 -5.63
N ASP V 105 -71.85 21.08 -4.96
CA ASP V 105 -71.79 21.08 -3.51
C ASP V 105 -71.09 22.34 -2.98
N LEU V 106 -70.65 23.21 -3.89
CA LEU V 106 -69.75 24.30 -3.53
C LEU V 106 -70.18 25.23 -2.39
N PRO V 107 -71.41 25.78 -2.44
CA PRO V 107 -71.74 26.70 -1.34
C PRO V 107 -71.67 26.07 0.04
N LYS V 108 -72.09 24.81 0.13
CA LYS V 108 -72.26 24.15 1.42
C LYS V 108 -70.91 23.99 2.09
N ALA V 109 -69.87 23.85 1.28
CA ALA V 109 -68.52 23.76 1.80
C ALA V 109 -68.06 25.10 2.35
N VAL V 110 -68.34 26.18 1.64
CA VAL V 110 -67.67 27.45 1.91
C VAL V 110 -67.98 27.98 3.31
N GLU V 111 -69.23 27.84 3.72
CA GLU V 111 -69.63 28.36 5.02
C GLU V 111 -68.85 27.65 6.10
N LEU V 112 -68.58 26.37 5.86
CA LEU V 112 -67.90 25.55 6.85
C LEU V 112 -66.52 26.11 7.09
N LEU V 113 -65.89 26.63 6.03
CA LEU V 113 -64.54 27.15 6.19
C LEU V 113 -64.60 28.29 7.20
N GLY V 114 -65.61 29.14 7.04
CA GLY V 114 -65.70 30.31 7.88
C GLY V 114 -65.89 29.84 9.30
N ASP V 115 -66.67 28.77 9.45
CA ASP V 115 -66.93 28.22 10.77
C ASP V 115 -65.58 27.83 11.34
N ILE V 116 -64.85 27.04 10.57
CA ILE V 116 -63.55 26.54 10.97
C ILE V 116 -62.59 27.71 11.15
N VAL V 117 -62.82 28.80 10.43
CA VAL V 117 -61.98 29.96 10.60
C VAL V 117 -62.43 30.81 11.80
N GLN V 118 -63.74 30.94 12.00
CA GLN V 118 -64.21 31.97 12.92
C GLN V 118 -64.49 31.49 14.33
N ASN V 119 -64.70 30.20 14.51
CA ASN V 119 -65.05 29.67 15.83
C ASN V 119 -64.94 28.16 15.99
N CYS V 120 -63.71 27.65 15.99
CA CYS V 120 -63.47 26.27 16.36
C CYS V 120 -63.81 26.05 17.83
N SER V 121 -64.47 24.95 18.14
CA SER V 121 -64.69 24.58 19.53
C SER V 121 -63.37 24.11 20.10
N LEU V 122 -63.14 24.39 21.37
CA LEU V 122 -61.88 24.01 22.00
C LEU V 122 -62.13 23.33 23.33
N GLU V 123 -62.73 22.15 23.28
CA GLU V 123 -63.01 21.39 24.50
C GLU V 123 -61.69 21.03 25.16
N ASP V 124 -61.62 21.21 26.47
CA ASP V 124 -60.39 20.92 27.19
C ASP V 124 -60.06 19.43 27.15
N SER V 125 -61.09 18.59 27.17
CA SER V 125 -60.89 17.15 27.05
C SER V 125 -60.37 16.78 25.67
N GLN V 126 -60.84 17.50 24.67
CA GLN V 126 -60.38 17.25 23.30
C GLN V 126 -58.91 17.61 23.20
N ILE V 127 -58.51 18.68 23.87
CA ILE V 127 -57.12 19.06 23.94
C ILE V 127 -56.34 17.96 24.64
N GLU V 128 -56.95 17.40 25.69
CA GLU V 128 -56.31 16.39 26.51
C GLU V 128 -56.03 15.13 25.70
N LYS V 129 -56.91 14.83 24.75
CA LYS V 129 -56.71 13.68 23.87
C LYS V 129 -55.68 13.99 22.78
N GLU V 130 -55.81 15.18 22.20
CA GLU V 130 -54.93 15.54 21.10
C GLU V 130 -53.48 15.64 21.58
N ARG V 131 -53.29 15.91 22.86
CA ARG V 131 -51.93 15.95 23.42
C ARG V 131 -51.22 14.61 23.27
N ASP V 132 -51.82 13.54 23.78
CA ASP V 132 -51.17 12.24 23.69
C ASP V 132 -51.14 11.77 22.23
N VAL V 133 -52.12 12.22 21.44
CA VAL V 133 -52.07 11.89 20.01
C VAL V 133 -50.83 12.50 19.35
N ILE V 134 -50.49 13.71 19.76
CA ILE V 134 -49.27 14.33 19.26
C ILE V 134 -48.05 13.62 19.80
N LEU V 135 -48.09 13.26 21.08
CA LEU V 135 -46.94 12.63 21.73
C LEU V 135 -46.61 11.29 21.09
N ARG V 136 -47.63 10.60 20.59
CA ARG V 136 -47.40 9.36 19.88
C ARG V 136 -46.97 9.65 18.45
N GLU V 137 -47.55 10.71 17.89
CA GLU V 137 -47.28 11.09 16.52
C GLU V 137 -45.81 11.49 16.32
N MET V 138 -45.20 11.99 17.38
CA MET V 138 -43.80 12.42 17.32
C MET V 138 -42.88 11.23 17.10
N GLN V 139 -43.04 10.21 17.94
CA GLN V 139 -42.24 9.01 17.82
C GLN V 139 -42.60 8.27 16.54
N GLU V 140 -43.84 8.41 16.10
CA GLU V 140 -44.25 7.84 14.82
C GLU V 140 -43.51 8.49 13.65
N ASN V 141 -43.21 9.78 13.78
CA ASN V 141 -42.43 10.47 12.76
C ASN V 141 -40.92 10.36 12.98
N ASP V 142 -40.52 9.82 14.13
CA ASP V 142 -39.10 9.60 14.39
C ASP V 142 -38.55 8.54 13.45
N ALA V 143 -39.42 7.67 12.95
CA ALA V 143 -39.03 6.63 12.00
C ALA V 143 -38.54 7.23 10.70
N SER V 144 -39.01 8.44 10.39
CA SER V 144 -38.56 9.17 9.21
C SER V 144 -37.09 9.58 9.31
N MET V 145 -36.39 9.58 8.18
CA MET V 145 -34.99 9.97 8.14
C MET V 145 -34.81 11.37 7.57
N ARG V 146 -35.43 11.59 6.41
CA ARG V 146 -35.28 12.83 5.64
C ARG V 146 -35.76 14.08 6.40
N ASP V 147 -36.89 13.93 7.07
CA ASP V 147 -37.50 15.05 7.78
C ASP V 147 -36.61 15.49 8.93
N VAL V 148 -35.97 14.51 9.57
CA VAL V 148 -35.09 14.80 10.69
C VAL V 148 -33.91 15.60 10.18
N VAL V 149 -33.48 15.27 8.96
CA VAL V 149 -32.32 15.89 8.34
C VAL V 149 -32.57 17.33 7.90
N PHE V 150 -33.73 17.59 7.30
CA PHE V 150 -34.06 18.99 7.02
C PHE V 150 -34.30 19.78 8.30
N ASN V 151 -34.79 19.12 9.34
CA ASN V 151 -34.94 19.80 10.62
C ASN V 151 -33.60 20.20 11.21
N TYR V 152 -32.60 19.33 11.09
CA TYR V 152 -31.26 19.72 11.48
C TYR V 152 -30.76 20.83 10.57
N LEU V 153 -31.17 20.80 9.30
CA LEU V 153 -30.70 21.80 8.35
C LEU V 153 -31.19 23.20 8.68
N HIS V 154 -32.44 23.30 9.13
CA HIS V 154 -32.98 24.61 9.54
C HIS V 154 -32.39 25.03 10.88
N ALA V 155 -32.36 24.10 11.82
CA ALA V 155 -31.84 24.39 13.15
C ALA V 155 -30.39 24.85 13.08
N THR V 156 -29.67 24.28 12.12
CA THR V 156 -28.30 24.67 11.84
C THR V 156 -28.20 26.02 11.17
N ALA V 157 -28.97 26.18 10.10
CA ALA V 157 -28.86 27.36 9.26
C ALA V 157 -29.24 28.63 10.00
N PHE V 158 -30.17 28.53 10.94
CA PHE V 158 -30.71 29.75 11.52
C PHE V 158 -30.49 29.87 13.03
N GLN V 159 -30.49 28.75 13.73
CA GLN V 159 -30.18 28.71 15.16
C GLN V 159 -31.06 29.63 16.00
N GLY V 160 -30.60 30.85 16.23
CA GLY V 160 -31.30 31.79 17.10
C GLY V 160 -32.48 32.47 16.42
N THR V 161 -32.57 32.31 15.12
CA THR V 161 -33.66 32.88 14.33
C THR V 161 -34.98 32.19 14.66
N PRO V 162 -36.09 32.95 14.69
CA PRO V 162 -37.41 32.36 14.92
C PRO V 162 -37.76 31.33 13.87
N LEU V 163 -37.22 31.49 12.68
CA LEU V 163 -37.47 30.56 11.59
C LEU V 163 -36.97 29.15 11.95
N ALA V 164 -35.94 29.09 12.79
CA ALA V 164 -35.25 27.84 13.05
C ALA V 164 -36.04 26.72 13.75
N GLN V 165 -36.96 27.05 14.66
CA GLN V 165 -37.63 25.98 15.40
C GLN V 165 -38.66 25.24 14.56
N ALA V 166 -38.79 23.95 14.84
CA ALA V 166 -39.65 23.05 14.05
C ALA V 166 -41.13 23.37 14.20
N VAL V 167 -41.89 23.09 13.15
CA VAL V 167 -43.32 23.34 13.14
C VAL V 167 -44.03 22.50 14.20
N GLU V 168 -43.55 21.28 14.42
CA GLU V 168 -44.16 20.37 15.37
C GLU V 168 -44.01 20.86 16.80
N GLY V 169 -42.93 21.57 17.08
CA GLY V 169 -42.66 22.08 18.41
C GLY V 169 -41.94 21.07 19.27
N PRO V 170 -41.34 21.53 20.38
CA PRO V 170 -40.61 20.66 21.31
C PRO V 170 -41.52 19.62 21.96
N SER V 171 -40.97 18.42 22.21
CA SER V 171 -41.72 17.37 22.88
C SER V 171 -42.00 17.72 24.33
N GLU V 172 -41.18 18.59 24.90
CA GLU V 172 -41.39 19.06 26.27
C GLU V 172 -42.44 20.17 26.33
N ASN V 173 -42.38 21.09 25.38
CA ASN V 173 -43.29 22.22 25.35
C ASN V 173 -44.75 21.85 25.14
N VAL V 174 -44.97 20.75 24.41
CA VAL V 174 -46.31 20.41 23.93
C VAL V 174 -47.30 20.16 25.06
N ARG V 175 -46.83 19.61 26.18
CA ARG V 175 -47.71 19.31 27.30
C ARG V 175 -47.96 20.54 28.18
N LYS V 176 -47.17 21.59 27.97
CA LYS V 176 -47.25 22.77 28.81
C LYS V 176 -48.31 23.77 28.30
N LEU V 177 -48.82 23.52 27.10
CA LEU V 177 -49.81 24.42 26.50
C LEU V 177 -51.16 24.38 27.20
N SER V 178 -51.90 25.48 27.10
CA SER V 178 -53.24 25.60 27.66
C SER V 178 -54.16 26.25 26.64
N ARG V 179 -55.47 26.11 26.85
CA ARG V 179 -56.46 26.60 25.90
C ARG V 179 -56.39 28.12 25.72
N ALA V 180 -56.07 28.83 26.79
CA ALA V 180 -56.00 30.29 26.74
C ALA V 180 -54.87 30.76 25.81
N ASP V 181 -53.78 30.00 25.79
CA ASP V 181 -52.66 30.30 24.91
C ASP V 181 -53.08 30.11 23.45
N LEU V 182 -53.90 29.09 23.21
CA LEU V 182 -54.39 28.81 21.88
C LEU V 182 -55.34 29.89 21.41
N THR V 183 -56.24 30.31 22.29
CA THR V 183 -57.21 31.36 21.95
C THR V 183 -56.51 32.69 21.74
N GLU V 184 -55.47 32.95 22.53
CA GLU V 184 -54.69 34.16 22.35
C GLU V 184 -54.00 34.09 20.99
N TYR V 185 -53.59 32.89 20.62
CA TYR V 185 -52.91 32.70 19.34
C TYR V 185 -53.88 32.97 18.20
N LEU V 186 -55.14 32.56 18.41
CA LEU V 186 -56.18 32.75 17.43
C LEU V 186 -56.47 34.22 17.23
N SER V 187 -56.71 34.93 18.34
CA SER V 187 -57.05 36.34 18.28
C SER V 187 -55.91 37.18 17.73
N THR V 188 -54.68 36.77 18.02
CA THR V 188 -53.53 37.55 17.59
C THR V 188 -53.02 37.20 16.19
N HIS V 189 -53.45 36.08 15.63
CA HIS V 189 -52.92 35.69 14.32
C HIS V 189 -53.95 35.51 13.21
N TYR V 190 -55.09 34.91 13.50
CA TYR V 190 -56.07 34.67 12.45
C TYR V 190 -57.00 35.85 12.21
N LYS V 191 -56.64 36.67 11.22
CA LYS V 191 -57.48 37.79 10.81
C LYS V 191 -57.09 38.30 9.44
N ALA V 192 -58.07 38.80 8.69
CA ALA V 192 -57.79 39.48 7.42
C ALA V 192 -57.15 40.83 7.73
N PRO V 193 -56.36 41.39 6.82
CA PRO V 193 -55.97 41.08 5.44
C PRO V 193 -55.26 39.73 5.26
N ARG V 194 -54.62 39.26 6.32
CA ARG V 194 -53.77 38.08 6.27
C ARG V 194 -54.48 36.83 5.74
N MET V 195 -55.79 36.74 5.96
CA MET V 195 -56.60 35.70 5.35
C MET V 195 -56.67 35.85 3.83
N VAL V 196 -56.69 34.72 3.12
CA VAL V 196 -56.83 34.75 1.66
C VAL V 196 -57.69 33.60 1.14
N LEU V 197 -58.93 33.90 0.75
CA LEU V 197 -59.78 32.88 0.16
C LEU V 197 -59.44 32.67 -1.32
N ALA V 198 -59.52 31.42 -1.78
CA ALA V 198 -59.17 31.10 -3.16
C ALA V 198 -59.87 29.85 -3.64
N ALA V 199 -60.08 29.77 -4.96
CA ALA V 199 -60.72 28.60 -5.56
C ALA V 199 -60.43 28.51 -7.06
N ALA V 200 -60.59 27.31 -7.61
CA ALA V 200 -60.42 27.10 -9.04
C ALA V 200 -61.24 25.90 -9.48
N GLY V 201 -61.47 25.81 -10.79
CA GLY V 201 -62.25 24.73 -11.34
C GLY V 201 -63.60 25.18 -11.85
N GLY V 202 -64.67 24.63 -11.28
CA GLY V 202 -66.02 24.96 -11.69
C GLY V 202 -66.60 26.19 -11.03
N VAL V 203 -65.84 26.80 -10.12
CA VAL V 203 -66.31 27.98 -9.42
C VAL V 203 -66.50 29.16 -10.37
N GLU V 204 -67.62 29.86 -10.22
CA GLU V 204 -67.77 31.16 -10.85
C GLU V 204 -67.37 32.19 -9.81
N HIS V 205 -66.62 33.20 -10.22
CA HIS V 205 -66.03 34.14 -9.26
C HIS V 205 -67.05 34.88 -8.42
N GLN V 206 -68.03 35.49 -9.07
CA GLN V 206 -68.96 36.38 -8.39
C GLN V 206 -69.84 35.61 -7.39
N GLN V 207 -70.11 34.34 -7.69
CA GLN V 207 -70.83 33.49 -6.75
C GLN V 207 -69.99 33.27 -5.50
N LEU V 208 -68.70 33.00 -5.72
CA LEU V 208 -67.77 32.76 -4.63
C LEU V 208 -67.59 34.00 -3.77
N LEU V 209 -67.64 35.17 -4.40
CA LEU V 209 -67.44 36.42 -3.69
C LEU V 209 -68.67 36.80 -2.89
N ASP V 210 -69.83 36.73 -3.55
CA ASP V 210 -71.09 37.06 -2.92
C ASP V 210 -71.37 36.11 -1.77
N LEU V 211 -70.92 34.87 -1.92
CA LEU V 211 -71.04 33.89 -0.85
C LEU V 211 -70.03 34.14 0.25
N ALA V 212 -68.84 34.59 -0.13
CA ALA V 212 -67.79 34.87 0.84
C ALA V 212 -68.17 36.03 1.75
N GLN V 213 -68.95 36.95 1.22
CA GLN V 213 -69.38 38.11 1.99
C GLN V 213 -70.27 37.72 3.18
N LYS V 214 -71.00 36.63 3.02
CA LYS V 214 -71.96 36.20 4.04
C LYS V 214 -71.35 35.38 5.17
N HIS V 215 -70.08 35.01 5.05
CA HIS V 215 -69.46 34.15 6.06
C HIS V 215 -68.11 34.65 6.55
N LEU V 216 -67.26 35.03 5.61
CA LEU V 216 -65.91 35.49 5.95
C LEU V 216 -65.92 36.97 6.35
N GLY V 217 -67.07 37.60 6.25
CA GLY V 217 -67.18 39.01 6.56
C GLY V 217 -67.17 39.26 8.05
N GLY V 218 -67.35 38.20 8.83
CA GLY V 218 -67.36 38.31 10.27
C GLY V 218 -65.98 38.33 10.89
N ILE V 219 -64.97 38.11 10.05
CA ILE V 219 -63.58 38.13 10.50
C ILE V 219 -63.15 39.55 10.84
N PRO V 220 -62.53 39.74 12.01
CA PRO V 220 -62.02 41.05 12.40
C PRO V 220 -60.94 41.53 11.43
N TRP V 221 -60.89 42.83 11.18
CA TRP V 221 -59.96 43.37 10.19
C TRP V 221 -59.00 44.39 10.82
N THR V 222 -59.53 45.35 11.55
CA THR V 222 -58.69 46.22 12.35
C THR V 222 -58.03 45.35 13.41
N TYR V 223 -56.74 45.53 13.63
CA TYR V 223 -56.00 44.68 14.55
C TYR V 223 -56.50 44.85 15.98
N ALA V 224 -56.69 43.74 16.67
CA ALA V 224 -56.96 43.80 18.11
C ALA V 224 -55.69 44.26 18.81
N GLU V 225 -55.84 45.16 19.77
CA GLU V 225 -54.71 45.75 20.50
C GLU V 225 -53.74 46.44 19.53
N ASP V 226 -54.19 46.61 18.28
CA ASP V 226 -53.38 47.19 17.22
C ASP V 226 -52.02 46.50 17.08
N ALA V 227 -52.00 45.19 17.30
CA ALA V 227 -50.76 44.41 17.22
C ALA V 227 -50.23 44.34 15.80
N VAL V 228 -48.91 44.47 15.66
CA VAL V 228 -48.25 44.35 14.37
C VAL V 228 -47.02 43.44 14.48
N PRO V 229 -46.96 42.40 13.63
CA PRO V 229 -45.81 41.50 13.59
C PRO V 229 -44.52 42.22 13.20
N THR V 230 -43.39 41.82 13.76
CA THR V 230 -42.13 42.50 13.49
C THR V 230 -41.11 41.57 12.83
N LEU V 231 -41.25 41.40 11.52
CA LEU V 231 -40.34 40.56 10.75
C LEU V 231 -38.96 41.18 10.58
N THR V 232 -37.94 40.33 10.46
CA THR V 232 -36.56 40.79 10.29
C THR V 232 -35.87 40.05 9.15
N PRO V 233 -34.90 40.70 8.49
CA PRO V 233 -34.09 40.02 7.46
C PRO V 233 -33.05 39.10 8.12
N CYS V 234 -33.53 37.98 8.64
CA CYS V 234 -32.77 37.17 9.60
C CYS V 234 -31.46 36.58 9.06
N ARG V 235 -30.52 36.41 9.98
CA ARG V 235 -29.15 35.97 9.68
C ARG V 235 -29.06 34.51 9.25
N PHE V 236 -28.01 34.20 8.49
CA PHE V 236 -27.72 32.83 8.08
C PHE V 236 -26.36 32.38 8.61
N THR V 237 -26.36 31.51 9.61
CA THR V 237 -25.13 30.96 10.17
C THR V 237 -24.49 29.91 9.25
N GLY V 238 -23.18 29.75 9.37
CA GLY V 238 -22.45 28.77 8.59
C GLY V 238 -22.18 27.46 9.31
N SER V 239 -22.89 27.25 10.41
CA SER V 239 -22.63 26.11 11.30
C SER V 239 -22.90 24.75 10.67
N GLU V 240 -22.75 23.69 11.47
CA GLU V 240 -23.21 22.36 11.07
C GLU V 240 -23.58 21.49 12.26
N ILE V 241 -24.53 20.58 12.05
CA ILE V 241 -24.87 19.59 13.06
C ILE V 241 -24.55 18.19 12.54
N ARG V 242 -24.11 17.30 13.42
CA ARG V 242 -23.68 15.98 12.98
C ARG V 242 -24.11 14.88 13.96
N HIS V 243 -25.37 14.47 13.86
CA HIS V 243 -25.90 13.37 14.65
C HIS V 243 -25.38 12.04 14.10
N ARG V 244 -25.33 11.00 14.94
CA ARG V 244 -24.68 9.76 14.52
C ARG V 244 -25.62 8.54 14.46
N ASP V 245 -25.58 7.69 15.48
CA ASP V 245 -26.20 6.34 15.42
C ASP V 245 -25.61 5.54 14.27
N ASP V 246 -24.53 4.81 14.54
CA ASP V 246 -23.81 4.10 13.48
C ASP V 246 -24.53 2.84 13.00
N ALA V 247 -25.51 2.35 13.76
CA ALA V 247 -26.19 1.11 13.40
C ALA V 247 -27.14 1.29 12.21
N LEU V 248 -27.46 2.54 11.86
CA LEU V 248 -28.33 2.80 10.73
C LEU V 248 -27.67 2.37 9.42
N PRO V 249 -28.47 1.78 8.52
CA PRO V 249 -27.94 1.20 7.27
C PRO V 249 -27.19 2.20 6.38
N PHE V 250 -27.66 3.45 6.37
CA PHE V 250 -27.16 4.45 5.42
C PHE V 250 -26.93 5.81 6.07
N ALA V 251 -25.86 6.48 5.67
CA ALA V 251 -25.69 7.88 6.04
C ALA V 251 -26.70 8.67 5.26
N HIS V 252 -27.14 9.79 5.81
CA HIS V 252 -28.16 10.57 5.13
C HIS V 252 -27.92 12.04 5.41
N VAL V 253 -27.45 12.78 4.41
CA VAL V 253 -27.00 14.14 4.68
C VAL V 253 -27.57 15.18 3.73
N ALA V 254 -27.51 16.44 4.17
CA ALA V 254 -27.98 17.55 3.37
C ALA V 254 -27.06 18.74 3.54
N ILE V 255 -26.71 19.37 2.44
CA ILE V 255 -25.86 20.56 2.49
C ILE V 255 -26.60 21.72 1.86
N ALA V 256 -26.43 22.91 2.42
CA ALA V 256 -27.23 24.05 1.98
C ALA V 256 -26.48 25.36 2.09
N VAL V 257 -26.87 26.34 1.28
CA VAL V 257 -26.29 27.67 1.31
C VAL V 257 -27.40 28.72 1.27
N GLU V 258 -27.04 29.94 1.66
CA GLU V 258 -27.97 31.06 1.68
C GLU V 258 -28.58 31.32 0.30
N GLY V 259 -29.87 31.57 0.27
CA GLY V 259 -30.56 31.75 -0.98
C GLY V 259 -31.35 33.03 -1.05
N PRO V 260 -31.57 33.54 -2.27
CA PRO V 260 -32.37 34.74 -2.54
C PRO V 260 -33.80 34.53 -2.08
N GLY V 261 -34.43 35.60 -1.62
CA GLY V 261 -35.69 35.49 -0.91
C GLY V 261 -36.86 35.02 -1.75
N TRP V 262 -38.04 35.04 -1.14
CA TRP V 262 -39.24 34.47 -1.71
C TRP V 262 -39.82 35.43 -2.74
N ALA V 263 -39.18 36.59 -2.87
CA ALA V 263 -39.61 37.61 -3.82
C ALA V 263 -38.43 38.25 -4.57
N SER V 264 -37.60 37.44 -5.21
CA SER V 264 -36.53 37.98 -6.05
C SER V 264 -36.43 37.25 -7.39
N PRO V 265 -36.01 37.96 -8.44
CA PRO V 265 -35.81 37.39 -9.78
C PRO V 265 -34.82 36.23 -9.83
N ASP V 266 -33.79 36.34 -9.01
CA ASP V 266 -32.62 35.46 -9.11
C ASP V 266 -33.01 34.00 -8.96
N ASN V 267 -34.08 33.79 -8.19
CA ASN V 267 -34.54 32.44 -7.90
C ASN V 267 -34.74 31.66 -9.18
N VAL V 268 -35.28 32.34 -10.18
CA VAL V 268 -35.59 31.67 -11.43
C VAL V 268 -34.33 31.05 -12.00
N ALA V 269 -33.26 31.82 -12.06
CA ALA V 269 -32.03 31.31 -12.64
C ALA V 269 -31.50 30.16 -11.80
N LEU V 270 -31.69 30.26 -10.48
CA LEU V 270 -31.20 29.21 -9.60
C LEU V 270 -31.93 27.91 -9.89
N GLN V 271 -33.21 28.04 -10.24
CA GLN V 271 -33.99 26.87 -10.54
C GLN V 271 -33.37 26.18 -11.72
N VAL V 272 -32.92 26.97 -12.69
CA VAL V 272 -32.30 26.42 -13.88
C VAL V 272 -31.03 25.69 -13.49
N ALA V 273 -30.30 26.28 -12.56
CA ALA V 273 -29.07 25.65 -12.10
C ALA V 273 -29.40 24.32 -11.45
N ASN V 274 -30.51 24.29 -10.71
CA ASN V 274 -30.90 23.07 -10.05
C ASN V 274 -31.23 22.03 -11.09
N ALA V 275 -31.83 22.49 -12.19
CA ALA V 275 -32.23 21.59 -13.26
C ALA V 275 -31.00 20.97 -13.89
N ILE V 276 -29.88 21.69 -13.82
CA ILE V 276 -28.63 21.16 -14.34
C ILE V 276 -28.09 20.09 -13.41
N ILE V 277 -28.23 20.31 -12.11
CA ILE V 277 -27.66 19.40 -11.12
C ILE V 277 -28.31 18.02 -11.18
N GLY V 278 -29.61 17.99 -11.47
CA GLY V 278 -30.32 16.75 -11.75
C GLY V 278 -30.45 15.73 -10.63
N HIS V 279 -31.68 15.29 -10.39
CA HIS V 279 -31.96 14.23 -9.42
C HIS V 279 -31.64 12.83 -9.95
N TYR V 280 -31.41 11.87 -9.05
CA TYR V 280 -31.24 10.48 -9.45
C TYR V 280 -31.59 9.48 -8.33
N ASP V 281 -31.95 8.26 -8.75
CA ASP V 281 -32.15 7.14 -7.84
C ASP V 281 -31.68 5.85 -8.51
N CYS V 282 -31.17 4.91 -7.72
CA CYS V 282 -30.66 3.64 -8.24
C CYS V 282 -31.78 2.79 -8.85
N THR V 283 -33.01 3.02 -8.38
CA THR V 283 -34.18 2.30 -8.91
C THR V 283 -34.39 2.61 -10.38
N TYR V 284 -33.99 3.81 -10.80
CA TYR V 284 -34.10 4.20 -12.20
C TYR V 284 -33.18 3.36 -13.09
N GLY V 285 -33.68 3.02 -14.27
CA GLY V 285 -32.90 2.30 -15.25
C GLY V 285 -32.08 3.22 -16.14
N GLY V 286 -32.18 4.52 -15.87
CA GLY V 286 -31.53 5.53 -16.67
C GLY V 286 -30.17 5.92 -16.12
N GLY V 287 -29.60 5.04 -15.30
CA GLY V 287 -28.33 5.31 -14.63
C GLY V 287 -27.12 5.23 -15.54
N VAL V 288 -26.08 4.55 -15.07
CA VAL V 288 -24.80 4.44 -15.75
C VAL V 288 -24.28 5.89 -15.92
N HIS V 289 -23.60 6.21 -17.02
CA HIS V 289 -23.05 7.55 -17.21
C HIS V 289 -24.11 8.50 -17.76
N LEU V 290 -25.28 7.96 -18.04
CA LEU V 290 -26.38 8.71 -18.62
C LEU V 290 -26.94 9.76 -17.66
N SER V 291 -27.80 10.63 -18.19
CA SER V 291 -28.51 11.66 -17.44
C SER V 291 -27.61 12.77 -16.92
N SER V 292 -28.08 13.46 -15.88
CA SER V 292 -27.42 14.65 -15.34
C SER V 292 -26.03 14.31 -14.80
N PRO V 293 -25.07 15.24 -14.95
CA PRO V 293 -23.68 14.95 -14.58
C PRO V 293 -23.49 14.53 -13.12
N LEU V 294 -24.27 15.08 -12.19
CA LEU V 294 -24.21 14.60 -10.82
C LEU V 294 -24.90 13.25 -10.74
N ALA V 295 -26.02 13.12 -11.46
CA ALA V 295 -26.72 11.85 -11.55
C ALA V 295 -25.85 10.84 -12.28
N SER V 296 -25.06 11.33 -13.24
CA SER V 296 -24.08 10.50 -13.92
C SER V 296 -22.97 10.09 -12.96
N GLY V 297 -22.69 10.95 -11.98
CA GLY V 297 -21.67 10.67 -10.98
C GLY V 297 -22.17 9.69 -9.95
N ALA V 298 -23.49 9.61 -9.79
CA ALA V 298 -24.08 8.68 -8.84
C ALA V 298 -23.80 7.24 -9.24
N VAL V 299 -23.68 7.01 -10.55
CA VAL V 299 -23.38 5.68 -11.05
C VAL V 299 -22.27 5.69 -12.10
N ALA V 300 -21.12 5.18 -11.69
CA ALA V 300 -19.97 4.94 -12.56
C ALA V 300 -19.13 3.89 -11.86
N ASN V 301 -18.79 4.21 -10.62
CA ASN V 301 -18.31 3.23 -9.66
C ASN V 301 -19.36 3.06 -8.57
N LYS V 302 -20.59 3.46 -8.90
CA LYS V 302 -21.76 3.36 -8.02
C LYS V 302 -21.63 4.20 -6.75
N LEU V 303 -21.76 5.51 -6.89
CA LEU V 303 -21.70 6.41 -5.73
C LEU V 303 -23.05 6.57 -5.05
N CYS V 304 -23.70 7.71 -5.27
CA CYS V 304 -24.92 8.05 -4.55
C CYS V 304 -26.03 7.05 -4.78
N GLN V 305 -26.73 6.69 -3.71
CA GLN V 305 -27.85 5.77 -3.80
C GLN V 305 -29.11 6.49 -4.29
N SER V 306 -29.34 7.68 -3.73
CA SER V 306 -30.49 8.51 -4.11
C SER V 306 -30.29 9.93 -3.59
N PHE V 307 -30.74 10.92 -4.37
CA PHE V 307 -30.54 12.32 -4.00
C PHE V 307 -31.44 13.30 -4.74
N GLN V 308 -31.41 14.55 -4.32
CA GLN V 308 -32.15 15.61 -4.99
C GLN V 308 -31.59 16.97 -4.66
N THR V 309 -31.80 17.93 -5.57
CA THR V 309 -31.43 19.33 -5.35
C THR V 309 -32.68 20.09 -4.91
N PHE V 310 -32.50 21.06 -4.01
CA PHE V 310 -33.66 21.78 -3.47
C PHE V 310 -33.37 23.26 -3.21
N SER V 311 -34.44 24.06 -3.19
CA SER V 311 -34.34 25.48 -2.88
C SER V 311 -35.54 25.92 -2.06
N ILE V 312 -35.46 25.74 -0.75
CA ILE V 312 -36.57 26.08 0.14
C ILE V 312 -36.53 27.57 0.47
N CYS V 313 -37.06 28.38 -0.44
CA CYS V 313 -37.06 29.84 -0.26
C CYS V 313 -38.06 30.30 0.80
N TYR V 314 -37.68 31.35 1.53
CA TYR V 314 -38.55 31.99 2.50
C TYR V 314 -38.63 33.49 2.22
N ALA V 315 -39.58 34.17 2.86
CA ALA V 315 -39.82 35.58 2.57
C ALA V 315 -38.60 36.43 2.87
N GLU V 316 -37.78 35.96 3.79
CA GLU V 316 -36.62 36.69 4.27
C GLU V 316 -35.30 36.16 3.68
N THR V 317 -35.18 34.84 3.55
CA THR V 317 -33.94 34.23 3.04
C THR V 317 -34.24 33.06 2.09
N GLY V 318 -33.70 31.90 2.42
CA GLY V 318 -33.89 30.70 1.62
C GLY V 318 -32.76 29.71 1.81
N LEU V 319 -32.89 28.53 1.21
CA LEU V 319 -31.85 27.51 1.33
C LEU V 319 -31.62 26.74 0.04
N LEU V 320 -30.64 27.18 -0.74
CA LEU V 320 -30.21 26.40 -1.89
C LEU V 320 -29.50 25.17 -1.39
N GLY V 321 -29.47 24.09 -2.16
CA GLY V 321 -28.67 22.97 -1.72
C GLY V 321 -28.97 21.60 -2.29
N ALA V 322 -28.38 20.59 -1.66
CA ALA V 322 -28.51 19.23 -2.11
C ALA V 322 -28.75 18.28 -0.94
N HIS V 323 -29.28 17.12 -1.25
CA HIS V 323 -29.72 16.16 -0.25
C HIS V 323 -29.48 14.75 -0.74
N PHE V 324 -28.63 13.98 -0.05
CA PHE V 324 -28.33 12.65 -0.55
C PHE V 324 -28.07 11.57 0.49
N VAL V 325 -28.45 10.35 0.11
CA VAL V 325 -28.19 9.15 0.88
C VAL V 325 -26.79 8.64 0.56
N CYS V 326 -26.17 7.95 1.49
CA CYS V 326 -24.78 7.52 1.36
C CYS V 326 -24.54 6.13 1.91
N ASP V 327 -23.70 5.38 1.21
CA ASP V 327 -23.05 4.23 1.83
C ASP V 327 -21.97 4.79 2.73
N ARG V 328 -21.60 4.05 3.77
CA ARG V 328 -20.68 4.58 4.77
C ARG V 328 -19.32 4.95 4.16
N MET V 329 -18.89 4.18 3.17
CA MET V 329 -17.56 4.32 2.62
C MET V 329 -17.45 5.35 1.50
N LYS V 330 -18.59 5.87 1.05
CA LYS V 330 -18.59 6.71 -0.14
C LYS V 330 -18.95 8.16 0.14
N ILE V 331 -19.17 8.47 1.42
CA ILE V 331 -19.71 9.77 1.83
C ILE V 331 -18.81 10.91 1.38
N ASP V 332 -17.51 10.66 1.35
CA ASP V 332 -16.57 11.65 0.88
C ASP V 332 -16.70 11.84 -0.63
N ASP V 333 -16.70 10.72 -1.36
CA ASP V 333 -16.68 10.81 -2.82
C ASP V 333 -17.94 11.50 -3.33
N MET V 334 -19.07 11.18 -2.71
CA MET V 334 -20.35 11.73 -3.12
C MET V 334 -20.35 13.24 -2.93
N MET V 335 -19.55 13.69 -1.98
CA MET V 335 -19.39 15.12 -1.76
C MET V 335 -18.52 15.74 -2.84
N PHE V 336 -17.41 15.06 -3.18
CA PHE V 336 -16.42 15.66 -4.07
C PHE V 336 -17.01 15.96 -5.44
N VAL V 337 -17.95 15.12 -5.87
CA VAL V 337 -18.61 15.35 -7.13
C VAL V 337 -19.56 16.54 -7.01
N LEU V 338 -20.34 16.53 -5.93
CA LEU V 338 -21.42 17.50 -5.76
C LEU V 338 -20.92 18.93 -5.80
N GLN V 339 -19.96 19.24 -4.94
CA GLN V 339 -19.42 20.58 -4.88
C GLN V 339 -18.79 20.92 -6.21
N GLY V 340 -18.22 19.91 -6.86
CA GLY V 340 -17.54 20.13 -8.11
C GLY V 340 -18.55 20.59 -9.13
N GLN V 341 -19.75 20.01 -9.07
CA GLN V 341 -20.80 20.39 -10.00
C GLN V 341 -21.15 21.83 -9.77
N TRP V 342 -21.20 22.25 -8.50
CA TRP V 342 -21.47 23.63 -8.19
C TRP V 342 -20.38 24.48 -8.78
N MET V 343 -19.14 24.02 -8.61
CA MET V 343 -18.01 24.78 -9.10
C MET V 343 -18.11 24.83 -10.61
N ARG V 344 -18.60 23.74 -11.19
CA ARG V 344 -18.66 23.65 -12.63
C ARG V 344 -19.67 24.65 -13.17
N LEU V 345 -20.65 25.00 -12.35
CA LEU V 345 -21.64 25.99 -12.74
C LEU V 345 -21.19 27.40 -12.37
N CYS V 346 -20.25 27.51 -11.43
CA CYS V 346 -19.69 28.80 -11.05
C CYS V 346 -18.88 29.35 -12.20
N THR V 347 -18.37 28.45 -13.03
CA THR V 347 -17.71 28.80 -14.27
C THR V 347 -18.29 27.91 -15.35
N SER V 348 -17.48 27.60 -16.36
CA SER V 348 -17.73 26.56 -17.36
C SER V 348 -19.19 26.13 -17.55
N ALA V 349 -20.06 27.09 -17.83
CA ALA V 349 -21.47 26.77 -18.05
C ALA V 349 -21.83 26.92 -19.52
N THR V 350 -21.81 25.80 -20.24
CA THR V 350 -22.16 25.77 -21.65
C THR V 350 -23.63 26.14 -21.87
N GLU V 351 -23.92 26.81 -22.98
CA GLU V 351 -25.27 27.28 -23.28
C GLU V 351 -26.29 26.14 -23.43
N SER V 352 -25.85 25.02 -23.99
CA SER V 352 -26.76 23.91 -24.24
C SER V 352 -27.28 23.27 -22.95
N GLU V 353 -26.41 23.23 -21.94
CA GLU V 353 -26.78 22.66 -20.66
C GLU V 353 -27.82 23.55 -20.00
N VAL V 354 -27.61 24.86 -20.13
CA VAL V 354 -28.53 25.84 -19.61
C VAL V 354 -29.87 25.76 -20.34
N ALA V 355 -29.82 25.45 -21.64
CA ALA V 355 -31.02 25.31 -22.43
C ALA V 355 -31.82 24.11 -21.99
N ARG V 356 -31.11 23.01 -21.73
CA ARG V 356 -31.75 21.80 -21.27
C ARG V 356 -32.35 22.01 -19.90
N GLY V 357 -31.69 22.83 -19.09
CA GLY V 357 -32.17 23.13 -17.76
C GLY V 357 -33.42 23.99 -17.82
N LYS V 358 -33.45 24.91 -18.80
CA LYS V 358 -34.63 25.72 -19.00
C LYS V 358 -35.80 24.86 -19.47
N ASN V 359 -35.51 23.87 -20.30
CA ASN V 359 -36.57 22.99 -20.78
C ASN V 359 -37.16 22.15 -19.66
N ILE V 360 -36.28 21.61 -18.83
CA ILE V 360 -36.72 20.83 -17.69
C ILE V 360 -37.53 21.71 -16.72
N LEU V 361 -37.11 22.97 -16.61
CA LEU V 361 -37.77 23.89 -15.71
C LEU V 361 -39.17 24.25 -16.21
N ARG V 362 -39.30 24.44 -17.52
CA ARG V 362 -40.59 24.75 -18.12
C ARG V 362 -41.52 23.57 -17.93
N ASN V 363 -41.01 22.38 -18.23
CA ASN V 363 -41.83 21.18 -18.15
C ASN V 363 -42.28 20.97 -16.71
N ALA V 364 -41.42 21.32 -15.76
CA ALA V 364 -41.76 21.16 -14.35
C ALA V 364 -42.85 22.14 -13.92
N LEU V 365 -42.64 23.43 -14.21
CA LEU V 365 -43.61 24.45 -13.81
C LEU V 365 -44.96 24.28 -14.48
N VAL V 366 -44.99 23.72 -15.67
CA VAL V 366 -46.28 23.51 -16.31
C VAL V 366 -46.94 22.22 -15.83
N SER V 367 -46.15 21.15 -15.73
CA SER V 367 -46.69 19.85 -15.33
C SER V 367 -47.21 19.86 -13.89
N HIS V 368 -46.62 20.71 -13.06
CA HIS V 368 -47.07 20.80 -11.67
C HIS V 368 -48.51 21.28 -11.53
N LEU V 369 -48.95 22.13 -12.45
CA LEU V 369 -50.21 22.84 -12.29
C LEU V 369 -51.44 22.07 -12.73
N ASP V 370 -51.26 20.88 -13.31
CA ASP V 370 -52.40 20.08 -13.72
C ASP V 370 -53.23 19.69 -12.50
N GLY V 371 -54.55 19.75 -12.64
CA GLY V 371 -55.45 19.48 -11.54
C GLY V 371 -55.88 20.74 -10.82
N THR V 372 -56.96 20.63 -10.05
CA THR V 372 -57.53 21.79 -9.35
C THR V 372 -56.77 22.14 -8.08
N THR V 373 -56.41 21.12 -7.31
CA THR V 373 -55.66 21.34 -6.07
C THR V 373 -54.34 22.08 -6.28
N PRO V 374 -53.51 21.65 -7.25
CA PRO V 374 -52.27 22.41 -7.45
C PRO V 374 -52.47 23.87 -7.81
N VAL V 375 -53.51 24.21 -8.56
CA VAL V 375 -53.68 25.61 -8.96
C VAL V 375 -54.33 26.42 -7.85
N CYS V 376 -55.18 25.80 -7.04
CA CYS V 376 -55.72 26.51 -5.87
C CYS V 376 -54.61 26.81 -4.88
N GLU V 377 -53.77 25.81 -4.65
CA GLU V 377 -52.65 25.96 -3.72
C GLU V 377 -51.68 26.99 -4.29
N ASP V 378 -51.56 27.01 -5.62
CA ASP V 378 -50.70 27.98 -6.30
C ASP V 378 -51.26 29.39 -6.10
N ILE V 379 -52.56 29.54 -6.24
CA ILE V 379 -53.20 30.81 -5.96
C ILE V 379 -53.05 31.14 -4.48
N GLY V 380 -53.29 30.15 -3.63
CA GLY V 380 -53.20 30.38 -2.20
C GLY V 380 -51.81 30.69 -1.69
N ARG V 381 -50.83 29.93 -2.14
CA ARG V 381 -49.45 30.24 -1.78
C ARG V 381 -48.99 31.53 -2.45
N SER V 382 -49.31 31.66 -3.73
CA SER V 382 -48.81 32.74 -4.54
C SER V 382 -49.25 34.12 -4.10
N LEU V 383 -50.51 34.25 -3.71
CA LEU V 383 -51.02 35.55 -3.35
C LEU V 383 -50.27 36.07 -2.14
N LEU V 384 -50.08 35.20 -1.15
CA LEU V 384 -49.38 35.58 0.06
C LEU V 384 -47.93 35.94 -0.19
N THR V 385 -47.24 35.10 -0.96
CA THR V 385 -45.84 35.33 -1.24
C THR V 385 -45.56 36.55 -2.12
N TYR V 386 -46.36 36.71 -3.17
CA TYR V 386 -46.09 37.75 -4.15
C TYR V 386 -47.13 38.86 -4.16
N GLY V 387 -48.36 38.47 -3.85
CA GLY V 387 -49.50 39.29 -4.19
C GLY V 387 -49.65 38.92 -5.66
N ARG V 388 -50.70 39.38 -6.32
CA ARG V 388 -50.85 39.09 -7.74
C ARG V 388 -51.00 37.60 -7.94
N ARG V 389 -50.72 37.14 -9.16
CA ARG V 389 -50.76 35.71 -9.42
C ARG V 389 -49.43 35.18 -9.93
N ILE V 390 -49.06 35.55 -11.16
CA ILE V 390 -47.82 35.12 -11.85
C ILE V 390 -48.09 34.29 -13.12
N PRO V 391 -48.88 34.92 -14.10
CA PRO V 391 -49.30 34.00 -15.17
C PRO V 391 -48.14 33.37 -15.93
N LEU V 392 -48.31 32.10 -16.29
CA LEU V 392 -47.26 31.29 -16.88
C LEU V 392 -46.52 32.03 -17.98
N ALA V 393 -47.22 32.92 -18.66
CA ALA V 393 -46.61 33.70 -19.73
C ALA V 393 -45.51 34.58 -19.17
N GLU V 394 -45.71 35.06 -17.95
CA GLU V 394 -44.69 35.85 -17.28
C GLU V 394 -43.49 34.98 -16.95
N TRP V 395 -43.77 33.73 -16.55
CA TRP V 395 -42.70 32.82 -16.18
C TRP V 395 -41.82 32.50 -17.36
N GLU V 396 -42.41 32.04 -18.46
CA GLU V 396 -41.59 31.69 -19.61
C GLU V 396 -41.03 32.91 -20.33
N SER V 397 -41.68 34.07 -20.17
CA SER V 397 -41.10 35.29 -20.69
C SER V 397 -39.83 35.61 -19.91
N ARG V 398 -39.83 35.21 -18.64
CA ARG V 398 -38.70 35.49 -17.76
C ARG V 398 -37.58 34.47 -17.94
N ILE V 399 -37.96 33.21 -18.12
CA ILE V 399 -37.01 32.12 -18.31
C ILE V 399 -36.23 32.26 -19.61
N ALA V 400 -36.89 32.80 -20.64
CA ALA V 400 -36.24 33.00 -21.92
C ALA V 400 -35.10 34.02 -21.81
N GLU V 401 -35.25 34.94 -20.88
CA GLU V 401 -34.25 35.97 -20.64
C GLU V 401 -32.98 35.37 -20.03
N VAL V 402 -33.13 34.23 -19.36
CA VAL V 402 -32.02 33.58 -18.69
C VAL V 402 -30.96 33.14 -19.71
N ASP V 403 -29.70 33.32 -19.33
CA ASP V 403 -28.58 33.02 -20.22
C ASP V 403 -27.49 32.32 -19.40
N ALA V 404 -26.59 31.63 -20.07
CA ALA V 404 -25.53 30.90 -19.38
C ALA V 404 -24.65 31.86 -18.59
N SER V 405 -24.45 33.06 -19.13
CA SER V 405 -23.69 34.09 -18.43
C SER V 405 -24.43 34.53 -17.18
N VAL V 406 -25.74 34.57 -17.25
CA VAL V 406 -26.57 34.95 -16.11
C VAL V 406 -26.49 33.90 -15.03
N VAL V 407 -26.53 32.64 -15.45
CA VAL V 407 -26.43 31.52 -14.53
C VAL V 407 -25.06 31.50 -13.87
N ARG V 408 -24.02 31.86 -14.62
CA ARG V 408 -22.69 31.92 -14.03
C ARG V 408 -22.58 33.07 -13.04
N GLU V 409 -23.16 34.22 -13.38
CA GLU V 409 -23.08 35.37 -12.49
C GLU V 409 -23.82 35.11 -11.18
N ILE V 410 -25.01 34.54 -11.28
CA ILE V 410 -25.83 34.34 -10.11
C ILE V 410 -25.35 33.17 -9.25
N CYS V 411 -24.98 32.06 -9.89
CA CYS V 411 -24.44 30.94 -9.13
C CYS V 411 -23.11 31.31 -8.48
N SER V 412 -22.32 32.14 -9.17
CA SER V 412 -21.09 32.64 -8.57
C SER V 412 -21.43 33.59 -7.42
N LYS V 413 -22.59 34.21 -7.52
CA LYS V 413 -22.99 35.19 -6.52
C LYS V 413 -23.48 34.56 -5.22
N TYR V 414 -24.26 33.47 -5.33
CA TYR V 414 -24.87 32.89 -4.15
C TYR V 414 -24.30 31.55 -3.71
N ILE V 415 -23.40 30.97 -4.50
CA ILE V 415 -22.87 29.66 -4.15
C ILE V 415 -21.36 29.68 -3.95
N TYR V 416 -20.66 30.37 -4.84
CA TYR V 416 -19.20 30.36 -4.83
C TYR V 416 -18.64 30.96 -3.54
N ASP V 417 -17.67 30.27 -2.96
CA ASP V 417 -16.94 30.74 -1.80
C ASP V 417 -17.86 31.18 -0.67
N GLN V 418 -18.89 30.38 -0.39
CA GLN V 418 -19.80 30.69 0.70
C GLN V 418 -19.41 29.91 1.95
N CYS V 419 -20.28 29.97 2.96
CA CYS V 419 -20.07 29.26 4.22
C CYS V 419 -21.31 28.46 4.55
N PRO V 420 -21.48 27.30 3.90
CA PRO V 420 -22.69 26.49 3.90
C PRO V 420 -23.13 25.98 5.27
N ALA V 421 -24.44 25.95 5.49
CA ALA V 421 -25.00 25.14 6.56
C ALA V 421 -24.90 23.68 6.16
N VAL V 422 -24.59 22.80 7.11
CA VAL V 422 -24.45 21.39 6.79
C VAL V 422 -25.16 20.54 7.84
N ALA V 423 -25.84 19.50 7.39
CA ALA V 423 -26.54 18.60 8.29
C ALA V 423 -26.24 17.16 7.91
N GLY V 424 -26.12 16.30 8.89
CA GLY V 424 -25.79 14.91 8.64
C GLY V 424 -26.32 13.94 9.67
N TYR V 425 -27.25 13.09 9.25
CA TYR V 425 -27.79 12.09 10.16
C TYR V 425 -27.13 10.76 9.82
N GLY V 426 -26.60 10.09 10.83
CA GLY V 426 -25.57 9.07 10.64
C GLY V 426 -25.99 7.79 9.96
N PRO V 427 -25.06 6.84 9.79
CA PRO V 427 -23.67 6.75 10.29
C PRO V 427 -22.60 7.56 9.56
N ILE V 428 -22.59 8.88 9.74
CA ILE V 428 -21.46 9.72 9.32
C ILE V 428 -20.19 9.46 10.09
N GLU V 429 -19.07 9.41 9.38
CA GLU V 429 -17.75 9.50 10.00
C GLU V 429 -16.72 9.83 8.93
N GLN V 430 -16.98 9.38 7.70
CA GLN V 430 -16.11 9.72 6.58
C GLN V 430 -16.48 11.08 6.01
N LEU V 431 -17.59 11.64 6.49
CA LEU V 431 -18.00 12.95 6.01
C LEU V 431 -16.93 13.95 6.41
N PRO V 432 -16.49 14.76 5.44
CA PRO V 432 -15.35 15.67 5.64
C PRO V 432 -15.60 16.70 6.74
N ASP V 433 -14.55 17.03 7.47
CA ASP V 433 -14.64 18.03 8.52
C ASP V 433 -14.92 19.37 7.86
N TYR V 434 -15.52 20.29 8.60
CA TYR V 434 -16.13 21.46 7.99
C TYR V 434 -15.13 22.30 7.21
N ASN V 435 -13.87 22.28 7.61
CA ASN V 435 -12.82 22.96 6.85
C ASN V 435 -12.59 22.35 5.47
N ARG V 436 -12.76 21.04 5.36
CA ARG V 436 -12.61 20.36 4.07
C ARG V 436 -13.74 20.74 3.11
N ILE V 437 -14.94 20.89 3.67
CA ILE V 437 -16.10 21.31 2.91
C ILE V 437 -15.99 22.77 2.47
N ARG V 438 -15.63 23.61 3.43
CA ARG V 438 -15.47 25.04 3.18
C ARG V 438 -14.36 25.29 2.18
N SER V 439 -13.32 24.47 2.25
CA SER V 439 -12.26 24.48 1.25
C SER V 439 -12.77 23.97 -0.08
N GLY V 440 -13.76 23.08 -0.02
CA GLY V 440 -14.29 22.47 -1.21
C GLY V 440 -15.31 23.37 -1.88
N MET V 441 -15.60 24.50 -1.26
CA MET V 441 -16.52 25.46 -1.86
C MET V 441 -15.86 26.39 -2.89
N PHE V 442 -14.54 26.33 -3.03
CA PHE V 442 -13.86 27.18 -4.00
C PHE V 442 -12.65 26.49 -4.65
N TRP V 443 -12.51 26.68 -5.96
CA TRP V 443 -11.33 26.22 -6.70
C TRP V 443 -10.12 27.12 -6.53
N LEU V 444 -8.93 26.54 -6.69
CA LEU V 444 -7.71 27.32 -6.74
C LEU V 444 -7.28 27.56 -8.19
N ARG V 445 -7.77 26.71 -9.09
CA ARG V 445 -7.45 26.86 -10.51
C ARG V 445 -8.11 28.10 -11.09
N PHE V 446 -9.18 28.56 -10.45
CA PHE V 446 -9.93 29.71 -10.93
C PHE V 446 -9.74 30.93 -10.03
#